data_5MJS
#
_entry.id   5MJS
#
_cell.length_a   1.0
_cell.length_b   1.0
_cell.length_c   1.0
_cell.angle_alpha   90.00
_cell.angle_beta   90.00
_cell.angle_gamma   90.00
#
_symmetry.space_group_name_H-M   'P 1'
#
loop_
_entity.id
_entity.type
_entity.pdbx_description
1 polymer 'Tubulin beta chain'
2 polymer 'Microtubule integrity protein mal3'
3 polymer 'Tubulin alpha-1 chain'
4 non-polymer "GUANOSINE-5'-DIPHOSPHATE"
5 non-polymer "GUANOSINE-5'-TRIPHOSPHATE"
#
loop_
_entity_poly.entity_id
_entity_poly.type
_entity_poly.pdbx_seq_one_letter_code
_entity_poly.pdbx_strand_id
1 'polypeptide(L)'
;MREIVHIQAGQCGNQVGAAFWSTIADEHGLDSAGIYHGTSEAQHERLNVYFNEAAGGKYVPRAVLVDLEPGTMDAVKSGK
FGNLFRPDNIIYGQSGAGNIWAKGHYTEGAELADAVLDVVRREAEACDALQGFQLTHSLGGGTGSGMGTLLLSKIREEYP
DRMMATFSVAPAPKSSDTVVEPYNATLSMHQLVENSDETFCIDNEALSSIFANTLKIKSPSYDDLNHLVSAVMAGVTTSF
RFPGELNSDLRKLAVNMVPFPRLHFFMVGFAPLAAIGSSSFQAVSVPELTQQMFDANNMMVAADPRHGRYLTVAALFRGK
VSMKEVDEQIRSVQTKNSAYFVEWIPDNVLKAVCSVPPKDLKMSATFIGNSTSIQEIFRRLGDQFSAMFRRKAFLHWYTG
EGMDEMEFTEAESNMNDLVSEYQQYQEAG
;
A,J,B,C
2 'polypeptide(L)'
;MSESRQELLAWINQVTSLGLTRIEDCGKGYAMIQIFDSIYQDIPLKKVNFECNNEYQYINNWKVLQQVFLKKGIDKVVDP
ERLSRCKMQDNLEFVQWAKRFWDQYYPGGDYDALARRGNRGPANTRVMNSSAGATGPSRRRQV
;
D
3 'polypeptide(L)'
;MREVISVHVGQAGVQIGNACWELYCLEHGIGPDGFPTENSEVHKNNSYLNDGFGTFFSETGQGKFVPRSIYVDLEPNVID
QVRTGPYKDLFHPEQMVTGKEDASNNYARGHYTVGKEMIDSVLERIRRMADNCSGLQGFLVFHSFGGGTGSGLGALLLER
LNMEYGKKSNLQFSVYPAPQVSTSVVEPYNSVLTTHATLDNSDCTFMVDNEACYDICRRNLDIERPTYENLNRLIAQVVS
SITASLRFAGSLNVDLNEFQTNLVPYPRIHFPLVTYSPIVSAAKAFHESNSVQEITNQCFEPYNQMVKCDPRTGRYMATC
LLYRGDVIPRDVQAAVTSIKSRRTIQFVDWCPTGFKIGICYEPPQHVPGSGIAKVNRAVCMLSNTTSIAEAWSRLDHKFD
LMYSKRAFVHWYVGEGMEEGEFSEAREDLAALERDYEEVGQDSM
;
E,F,G,H
#
# COMPACT_ATOMS: atom_id res chain seq x y z
N MET A 1 -14.77 50.24 -4.93
CA MET A 1 -13.41 49.85 -5.29
C MET A 1 -13.30 48.37 -5.54
N ARG A 2 -14.30 47.82 -6.24
CA ARG A 2 -14.23 46.51 -6.86
C ARG A 2 -14.09 45.40 -5.83
N GLU A 3 -15.10 45.26 -4.98
CA GLU A 3 -14.95 44.55 -3.72
C GLU A 3 -15.94 43.39 -3.60
N ILE A 4 -15.61 42.44 -2.72
CA ILE A 4 -16.30 41.17 -2.62
C ILE A 4 -16.79 40.97 -1.19
N VAL A 5 -18.02 40.47 -1.04
CA VAL A 5 -18.56 40.05 0.24
C VAL A 5 -18.69 38.53 0.23
N HIS A 6 -18.28 37.90 1.32
CA HIS A 6 -17.96 36.48 1.37
C HIS A 6 -19.07 35.69 2.06
N ILE A 7 -19.39 34.52 1.53
CA ILE A 7 -20.46 33.66 2.05
C ILE A 7 -19.98 32.22 2.12
N GLN A 8 -20.11 31.62 3.30
CA GLN A 8 -19.84 30.20 3.52
C GLN A 8 -21.12 29.52 3.95
N ALA A 9 -21.12 28.18 3.83
CA ALA A 9 -22.28 27.40 4.25
C ALA A 9 -21.85 25.96 4.49
N GLY A 10 -22.28 25.39 5.60
CA GLY A 10 -21.95 24.01 5.93
C GLY A 10 -20.72 23.92 6.80
N GLN A 11 -20.52 22.73 7.37
CA GLN A 11 -19.46 22.52 8.37
C GLN A 11 -18.10 22.71 7.76
N CYS A 12 -17.76 21.86 6.80
CA CYS A 12 -16.51 22.04 6.08
C CYS A 12 -16.59 23.24 5.16
N GLY A 13 -17.80 23.65 4.77
CA GLY A 13 -17.96 24.93 4.12
C GLY A 13 -17.60 26.10 4.99
N ASN A 14 -17.63 25.93 6.30
CA ASN A 14 -17.07 26.93 7.19
C ASN A 14 -15.64 26.65 7.59
N GLN A 15 -15.17 25.41 7.40
CA GLN A 15 -13.80 25.07 7.78
C GLN A 15 -12.79 25.77 6.88
N VAL A 16 -13.19 26.03 5.63
CA VAL A 16 -12.30 26.66 4.66
C VAL A 16 -12.00 28.11 4.95
N GLY A 17 -12.67 28.71 5.94
CA GLY A 17 -12.40 30.09 6.25
C GLY A 17 -10.99 30.30 6.77
N ALA A 18 -10.56 29.45 7.68
CA ALA A 18 -9.27 29.65 8.34
C ALA A 18 -8.12 29.45 7.37
N ALA A 19 -8.26 28.50 6.45
CA ALA A 19 -7.27 28.39 5.40
C ALA A 19 -7.38 29.54 4.43
N PHE A 20 -8.58 30.07 4.23
CA PHE A 20 -8.68 31.28 3.42
C PHE A 20 -8.16 32.47 4.21
N TRP A 21 -8.81 32.79 5.32
CA TRP A 21 -8.66 34.11 5.90
C TRP A 21 -7.32 34.33 6.57
N SER A 22 -6.71 33.29 7.11
CA SER A 22 -5.38 33.49 7.67
C SER A 22 -4.33 33.66 6.58
N THR A 23 -4.59 33.10 5.39
CA THR A 23 -3.68 33.35 4.28
C THR A 23 -3.85 34.73 3.71
N ILE A 24 -5.10 35.16 3.47
CA ILE A 24 -5.33 36.46 2.85
C ILE A 24 -4.92 37.59 3.78
N ALA A 25 -4.94 37.36 5.10
CA ALA A 25 -4.32 38.30 5.99
C ALA A 25 -2.81 38.27 5.83
N ASP A 26 -2.24 37.07 5.77
CA ASP A 26 -0.80 36.91 5.60
C ASP A 26 -0.39 37.34 4.22
N GLU A 27 -1.26 37.15 3.22
CA GLU A 27 -0.98 37.70 1.90
C GLU A 27 -1.07 39.22 1.90
N HIS A 28 -1.81 39.80 2.82
CA HIS A 28 -1.88 41.25 2.91
C HIS A 28 -1.13 41.80 4.10
N GLY A 29 -0.38 40.96 4.81
CA GLY A 29 0.40 41.44 5.94
C GLY A 29 -0.50 41.86 7.08
N LEU A 30 -1.15 40.89 7.69
CA LEU A 30 -2.15 41.22 8.69
C LEU A 30 -2.17 40.10 9.71
N ASP A 31 -2.30 40.48 10.98
CA ASP A 31 -2.07 39.56 12.09
C ASP A 31 -3.34 38.81 12.47
N SER A 32 -3.29 38.13 13.61
CA SER A 32 -4.49 37.56 14.18
C SER A 32 -5.35 38.62 14.82
N ALA A 33 -4.73 39.66 15.38
CA ALA A 33 -5.49 40.68 16.09
C ALA A 33 -6.19 41.66 15.17
N GLY A 34 -5.97 41.58 13.87
CA GLY A 34 -6.62 42.46 12.95
C GLY A 34 -5.88 43.75 12.70
N ILE A 35 -5.03 44.17 13.63
CA ILE A 35 -4.36 45.46 13.50
C ILE A 35 -3.16 45.29 12.58
N TYR A 36 -2.72 46.38 11.98
CA TYR A 36 -1.91 46.25 10.77
C TYR A 36 -0.44 46.01 11.07
N HIS A 37 0.15 45.06 10.33
CA HIS A 37 1.59 44.83 10.34
C HIS A 37 1.99 44.37 8.94
N GLY A 38 2.44 45.30 8.11
CA GLY A 38 2.83 44.96 6.76
C GLY A 38 4.16 45.59 6.40
N THR A 39 4.89 44.91 5.51
CA THR A 39 6.25 45.34 5.20
C THR A 39 6.25 46.36 4.08
N SER A 40 5.83 45.94 2.89
CA SER A 40 5.88 46.83 1.75
C SER A 40 4.71 47.79 1.77
N GLU A 41 4.81 48.83 0.96
CA GLU A 41 3.65 49.65 0.63
C GLU A 41 2.87 49.08 -0.54
N ALA A 42 3.30 47.94 -1.06
CA ALA A 42 2.63 47.36 -2.22
C ALA A 42 1.28 46.77 -1.87
N GLN A 43 1.10 46.35 -0.62
CA GLN A 43 -0.07 45.61 -0.23
C GLN A 43 -1.17 46.48 0.39
N HIS A 44 -1.47 47.63 -0.21
CA HIS A 44 -2.56 48.44 0.31
C HIS A 44 -3.56 48.93 -0.71
N GLU A 45 -3.14 49.16 -1.95
CA GLU A 45 -3.94 49.96 -2.86
C GLU A 45 -5.20 49.21 -3.29
N ARG A 46 -5.19 47.90 -3.14
CA ARG A 46 -6.35 47.06 -3.39
C ARG A 46 -6.69 46.23 -2.15
N LEU A 47 -6.31 46.71 -0.96
CA LEU A 47 -6.62 46.01 0.29
C LEU A 47 -8.11 46.01 0.59
N ASN A 48 -8.87 46.94 0.01
CA ASN A 48 -10.26 47.15 0.37
C ASN A 48 -11.19 46.05 -0.08
N VAL A 49 -10.69 45.02 -0.78
CA VAL A 49 -11.57 44.08 -1.44
C VAL A 49 -12.26 43.18 -0.42
N TYR A 50 -11.48 42.38 0.29
CA TYR A 50 -12.02 41.42 1.24
C TYR A 50 -12.10 41.97 2.64
N PHE A 51 -12.08 43.28 2.81
CA PHE A 51 -12.04 43.86 4.14
C PHE A 51 -12.80 45.17 4.18
N ASN A 52 -13.62 45.32 5.21
CA ASN A 52 -14.23 46.58 5.54
C ASN A 52 -13.35 47.29 6.55
N GLU A 53 -13.09 48.56 6.28
CA GLU A 53 -12.26 49.39 7.13
C GLU A 53 -12.90 49.56 8.50
N ALA A 54 -12.09 49.76 9.52
CA ALA A 54 -12.66 49.84 10.85
C ALA A 54 -12.02 51.00 11.61
N ALA A 55 -12.48 51.16 12.85
CA ALA A 55 -11.98 52.20 13.75
C ALA A 55 -10.84 51.60 14.58
N GLY A 56 -9.66 52.17 14.38
CA GLY A 56 -8.48 51.71 15.09
C GLY A 56 -7.80 50.57 14.39
N GLY A 57 -7.94 50.52 13.07
CA GLY A 57 -7.10 49.65 12.26
C GLY A 57 -7.53 48.20 12.26
N LYS A 58 -8.74 47.92 12.75
CA LYS A 58 -9.14 46.54 13.03
C LYS A 58 -9.29 45.74 11.76
N TYR A 59 -9.84 46.35 10.71
CA TYR A 59 -9.93 45.80 9.36
C TYR A 59 -10.68 44.46 9.34
N VAL A 60 -11.98 44.58 9.58
CA VAL A 60 -12.81 43.39 9.76
C VAL A 60 -12.90 42.61 8.45
N PRO A 61 -12.80 41.29 8.49
CA PRO A 61 -13.10 40.49 7.31
C PRO A 61 -14.58 40.53 7.00
N ARG A 62 -14.89 40.97 5.79
CA ARG A 62 -16.27 40.98 5.34
C ARG A 62 -16.71 39.56 5.06
N ALA A 63 -17.34 38.93 6.03
CA ALA A 63 -17.73 37.55 5.83
C ALA A 63 -18.97 37.28 6.64
N VAL A 64 -19.71 36.26 6.24
CA VAL A 64 -20.84 35.77 7.02
C VAL A 64 -20.72 34.26 7.03
N LEU A 65 -20.36 33.70 8.19
CA LEU A 65 -20.16 32.27 8.34
C LEU A 65 -21.52 31.67 8.72
N VAL A 66 -22.05 30.80 7.86
CA VAL A 66 -23.42 30.35 7.99
C VAL A 66 -23.43 28.84 8.16
N ASP A 67 -24.30 28.35 9.05
CA ASP A 67 -24.42 26.92 9.30
C ASP A 67 -25.80 26.66 9.90
N LEU A 68 -26.19 25.39 9.89
CA LEU A 68 -27.41 24.96 10.55
C LEU A 68 -27.18 24.30 11.90
N GLU A 69 -25.96 23.88 12.23
CA GLU A 69 -25.81 23.26 13.52
C GLU A 69 -24.61 23.81 14.26
N PRO A 70 -24.75 24.04 15.57
CA PRO A 70 -23.71 24.77 16.32
C PRO A 70 -22.58 23.87 16.78
N GLY A 71 -22.42 22.72 16.14
CA GLY A 71 -21.28 21.90 16.43
C GLY A 71 -20.00 22.62 16.11
N THR A 72 -19.72 22.79 14.83
CA THR A 72 -18.40 23.27 14.42
C THR A 72 -18.29 24.78 14.40
N MET A 73 -19.38 25.51 14.66
CA MET A 73 -19.32 26.96 14.58
C MET A 73 -18.53 27.56 15.73
N ASP A 74 -18.70 27.00 16.94
CA ASP A 74 -17.93 27.48 18.08
C ASP A 74 -16.47 27.13 17.99
N ALA A 75 -16.12 26.13 17.18
CA ALA A 75 -14.76 25.62 17.14
C ALA A 75 -13.78 26.69 16.65
N VAL A 76 -14.15 27.43 15.61
CA VAL A 76 -13.32 28.55 15.20
C VAL A 76 -13.61 29.77 16.07
N LYS A 77 -14.77 29.83 16.73
CA LYS A 77 -14.98 30.87 17.71
C LYS A 77 -14.11 30.65 18.93
N SER A 78 -14.25 29.51 19.58
CA SER A 78 -13.51 29.25 20.81
C SER A 78 -12.04 28.95 20.57
N GLY A 79 -11.65 28.63 19.35
CA GLY A 79 -10.25 28.42 19.03
C GLY A 79 -9.54 29.74 18.85
N LYS A 80 -8.44 29.69 18.11
CA LYS A 80 -7.81 30.96 17.79
C LYS A 80 -8.56 31.68 16.68
N PHE A 81 -8.09 32.90 16.39
CA PHE A 81 -8.70 33.84 15.44
C PHE A 81 -10.13 34.17 15.82
N GLY A 82 -10.41 34.19 17.12
CA GLY A 82 -11.74 34.49 17.60
C GLY A 82 -12.07 35.96 17.64
N ASN A 83 -11.12 36.81 17.25
CA ASN A 83 -11.36 38.23 17.20
C ASN A 83 -11.25 38.78 15.79
N LEU A 84 -11.25 37.94 14.77
CA LEU A 84 -11.28 38.46 13.42
C LEU A 84 -12.70 38.79 12.99
N PHE A 85 -13.58 37.81 13.02
CA PHE A 85 -14.92 38.06 12.53
C PHE A 85 -15.76 38.80 13.56
N ARG A 86 -16.64 39.62 13.07
CA ARG A 86 -17.58 40.25 13.99
C ARG A 86 -18.79 39.34 14.20
N PRO A 87 -19.17 39.11 15.47
CA PRO A 87 -20.14 38.07 15.77
C PRO A 87 -21.54 38.40 15.34
N ASP A 88 -21.79 39.63 14.91
CA ASP A 88 -23.07 39.96 14.32
C ASP A 88 -23.28 39.19 13.04
N ASN A 89 -22.21 38.91 12.31
CA ASN A 89 -22.30 38.12 11.11
C ASN A 89 -22.19 36.63 11.36
N ILE A 90 -21.79 36.22 12.55
CA ILE A 90 -21.85 34.81 12.90
C ILE A 90 -23.31 34.49 13.18
N ILE A 91 -23.97 33.75 12.29
CA ILE A 91 -25.29 33.21 12.57
C ILE A 91 -25.28 31.72 12.32
N TYR A 92 -26.13 31.01 13.06
CA TYR A 92 -26.19 29.56 13.04
C TYR A 92 -27.42 29.10 13.79
N GLY A 93 -28.10 28.12 13.25
CA GLY A 93 -29.22 27.52 13.92
C GLY A 93 -28.79 26.40 14.82
N GLN A 94 -29.74 25.88 15.59
CA GLN A 94 -29.43 24.82 16.55
C GLN A 94 -29.89 23.44 16.12
N SER A 95 -31.08 23.33 15.54
CA SER A 95 -31.60 22.02 15.17
C SER A 95 -30.80 21.45 14.02
N GLY A 96 -30.60 20.13 14.06
CA GLY A 96 -29.76 19.48 13.08
C GLY A 96 -30.32 19.53 11.68
N ALA A 97 -29.41 19.55 10.71
CA ALA A 97 -29.80 19.51 9.31
C ALA A 97 -29.99 18.08 8.84
N GLY A 98 -29.33 17.13 9.50
CA GLY A 98 -29.38 15.73 9.10
C GLY A 98 -28.77 15.45 7.76
N ASN A 99 -27.99 16.39 7.22
CA ASN A 99 -27.50 16.57 5.86
C ASN A 99 -28.43 16.01 4.79
N ILE A 100 -29.68 16.44 4.85
CA ILE A 100 -30.72 16.12 3.87
C ILE A 100 -31.12 17.40 3.18
N TRP A 101 -31.19 17.36 1.84
CA TRP A 101 -31.12 18.58 1.03
C TRP A 101 -32.29 19.50 1.27
N ALA A 102 -33.51 19.02 1.01
CA ALA A 102 -34.70 19.85 1.15
C ALA A 102 -34.98 20.20 2.61
N LYS A 103 -34.47 19.42 3.54
CA LYS A 103 -34.46 19.84 4.93
C LYS A 103 -33.55 21.05 5.10
N GLY A 104 -32.43 21.08 4.37
CA GLY A 104 -31.52 22.20 4.46
C GLY A 104 -31.81 23.29 3.45
N HIS A 105 -32.26 22.90 2.27
CA HIS A 105 -32.63 23.89 1.26
C HIS A 105 -33.97 24.51 1.60
N TYR A 106 -35.01 23.69 1.68
CA TYR A 106 -36.34 24.25 1.55
C TYR A 106 -36.88 24.74 2.89
N THR A 107 -36.67 23.99 3.98
CA THR A 107 -37.43 24.32 5.18
C THR A 107 -36.63 24.87 6.35
N GLU A 108 -35.52 24.26 6.76
CA GLU A 108 -34.85 24.78 7.95
C GLU A 108 -34.06 26.03 7.67
N GLY A 109 -33.52 26.17 6.46
CA GLY A 109 -32.94 27.43 6.07
C GLY A 109 -33.96 28.54 6.00
N ALA A 110 -35.21 28.20 5.67
CA ALA A 110 -36.29 29.16 5.71
C ALA A 110 -36.60 29.63 7.12
N GLU A 111 -36.19 28.87 8.14
CA GLU A 111 -36.20 29.45 9.47
C GLU A 111 -35.10 30.49 9.60
N LEU A 112 -34.03 30.37 8.85
CA LEU A 112 -32.91 31.27 9.05
C LEU A 112 -32.67 32.23 7.90
N ALA A 113 -33.38 32.07 6.78
CA ALA A 113 -33.17 32.96 5.64
C ALA A 113 -33.56 34.40 5.94
N ASP A 114 -34.57 34.59 6.79
CA ASP A 114 -35.02 35.93 7.15
C ASP A 114 -33.96 36.67 7.92
N ALA A 115 -33.13 35.97 8.66
CA ALA A 115 -31.98 36.61 9.28
C ALA A 115 -30.79 36.69 8.34
N VAL A 116 -30.80 35.94 7.24
CA VAL A 116 -29.65 35.98 6.35
C VAL A 116 -29.62 37.26 5.56
N LEU A 117 -30.73 37.60 4.92
CA LEU A 117 -30.68 38.62 3.88
C LEU A 117 -30.54 40.01 4.46
N ASP A 118 -31.11 40.25 5.65
CA ASP A 118 -30.89 41.52 6.33
C ASP A 118 -29.45 41.67 6.82
N VAL A 119 -28.68 40.59 6.85
CA VAL A 119 -27.27 40.77 7.11
C VAL A 119 -26.54 41.19 5.85
N VAL A 120 -26.79 40.52 4.74
CA VAL A 120 -25.96 40.82 3.58
C VAL A 120 -26.40 42.09 2.86
N ARG A 121 -27.63 42.56 3.07
CA ARG A 121 -28.05 43.79 2.42
C ARG A 121 -27.31 45.00 2.98
N ARG A 122 -27.35 45.18 4.30
CA ARG A 122 -26.60 46.26 4.94
C ARG A 122 -25.10 46.11 4.77
N GLU A 123 -24.62 44.90 4.50
CA GLU A 123 -23.24 44.75 4.10
C GLU A 123 -23.04 45.21 2.68
N ALA A 124 -24.03 45.02 1.82
CA ALA A 124 -23.85 45.30 0.41
C ALA A 124 -23.81 46.80 0.13
N GLU A 125 -24.78 47.54 0.63
CA GLU A 125 -24.84 48.96 0.33
C GLU A 125 -23.85 49.77 1.15
N ALA A 126 -23.23 49.16 2.16
CA ALA A 126 -22.11 49.82 2.80
C ALA A 126 -20.82 49.68 2.01
N CYS A 127 -20.75 48.71 1.10
CA CYS A 127 -19.63 48.64 0.18
C CYS A 127 -19.71 49.73 -0.86
N ASP A 128 -18.56 50.06 -1.44
CA ASP A 128 -18.52 51.05 -2.52
C ASP A 128 -19.19 50.49 -3.76
N ALA A 129 -18.56 49.50 -4.38
CA ALA A 129 -19.11 48.87 -5.55
C ALA A 129 -18.78 47.39 -5.47
N LEU A 130 -19.81 46.56 -5.44
CA LEU A 130 -19.61 45.13 -5.30
C LEU A 130 -18.97 44.57 -6.55
N GLN A 131 -17.91 43.81 -6.38
CA GLN A 131 -17.41 43.08 -7.52
C GLN A 131 -18.13 41.75 -7.66
N GLY A 132 -18.39 41.09 -6.55
CA GLY A 132 -19.16 39.86 -6.60
C GLY A 132 -19.32 39.23 -5.23
N PHE A 133 -19.81 38.00 -5.25
CA PHE A 133 -20.04 37.22 -4.06
C PHE A 133 -19.42 35.85 -4.22
N GLN A 134 -18.86 35.33 -3.13
CA GLN A 134 -18.27 33.99 -3.12
C GLN A 134 -19.15 33.08 -2.29
N LEU A 135 -19.50 31.93 -2.83
CA LEU A 135 -20.15 30.87 -2.07
C LEU A 135 -19.24 29.66 -2.03
N THR A 136 -18.81 29.30 -0.84
CA THR A 136 -18.04 28.09 -0.64
C THR A 136 -18.84 27.19 0.28
N HIS A 137 -19.02 25.95 -0.16
CA HIS A 137 -19.90 25.01 0.52
C HIS A 137 -19.52 23.62 0.05
N SER A 138 -20.44 22.69 0.23
CA SER A 138 -20.24 21.32 -0.21
C SER A 138 -21.28 20.96 -1.25
N LEU A 139 -20.97 19.97 -2.07
CA LEU A 139 -22.02 19.37 -2.88
C LEU A 139 -22.69 18.22 -2.16
N GLY A 140 -21.98 17.57 -1.24
CA GLY A 140 -22.46 16.31 -0.70
C GLY A 140 -23.37 16.46 0.48
N GLY A 141 -23.18 17.49 1.30
CA GLY A 141 -23.87 17.58 2.56
C GLY A 141 -25.28 18.09 2.41
N GLY A 142 -25.80 18.64 3.50
CA GLY A 142 -27.10 19.25 3.43
C GLY A 142 -27.14 20.75 3.64
N THR A 143 -26.39 21.22 4.63
CA THR A 143 -26.41 22.63 5.00
C THR A 143 -25.79 23.48 3.91
N GLY A 144 -24.53 23.21 3.59
CA GLY A 144 -23.88 23.91 2.49
C GLY A 144 -24.48 23.60 1.14
N SER A 145 -24.98 22.39 0.96
CA SER A 145 -25.52 22.05 -0.36
C SER A 145 -26.91 22.61 -0.53
N GLY A 146 -27.66 22.70 0.54
CA GLY A 146 -29.04 23.13 0.43
C GLY A 146 -29.25 24.59 0.74
N MET A 147 -28.79 25.03 1.90
CA MET A 147 -29.20 26.34 2.38
C MET A 147 -28.54 27.46 1.59
N GLY A 148 -27.32 27.24 1.13
CA GLY A 148 -26.65 28.26 0.32
C GLY A 148 -27.29 28.45 -1.03
N THR A 149 -27.92 27.42 -1.58
CA THR A 149 -28.55 27.54 -2.88
C THR A 149 -29.81 28.39 -2.82
N LEU A 150 -30.65 28.14 -1.81
CA LEU A 150 -31.78 29.04 -1.59
C LEU A 150 -31.29 30.43 -1.22
N LEU A 151 -30.17 30.49 -0.51
CA LEU A 151 -29.54 31.77 -0.23
C LEU A 151 -29.06 32.42 -1.50
N LEU A 152 -28.60 31.61 -2.46
CA LEU A 152 -28.07 32.16 -3.69
C LEU A 152 -29.17 32.75 -4.55
N SER A 153 -30.27 32.01 -4.69
CA SER A 153 -31.32 32.38 -5.64
C SER A 153 -32.04 33.64 -5.21
N LYS A 154 -32.03 33.97 -3.92
CA LYS A 154 -32.54 35.27 -3.52
C LYS A 154 -31.57 36.38 -3.89
N ILE A 155 -30.27 36.13 -3.78
CA ILE A 155 -29.31 37.18 -4.10
C ILE A 155 -29.25 37.43 -5.59
N ARG A 156 -29.30 36.35 -6.38
CA ARG A 156 -29.38 36.47 -7.82
C ARG A 156 -30.71 37.07 -8.25
N GLU A 157 -31.75 36.92 -7.42
CA GLU A 157 -32.95 37.73 -7.61
C GLU A 157 -32.85 39.10 -6.97
N GLU A 158 -31.72 39.48 -6.39
CA GLU A 158 -31.67 40.88 -6.04
C GLU A 158 -30.65 41.68 -6.85
N TYR A 159 -29.55 41.08 -7.27
CA TYR A 159 -28.47 41.84 -7.87
C TYR A 159 -28.10 41.24 -9.22
N PRO A 160 -28.93 41.47 -10.26
CA PRO A 160 -28.75 40.75 -11.52
C PRO A 160 -27.52 41.16 -12.31
N ASP A 161 -26.93 42.31 -12.00
CA ASP A 161 -25.70 42.68 -12.68
C ASP A 161 -24.49 42.11 -11.95
N ARG A 162 -24.58 41.99 -10.64
CA ARG A 162 -23.43 41.58 -9.83
C ARG A 162 -23.09 40.11 -10.06
N MET A 163 -21.81 39.82 -10.18
CA MET A 163 -21.39 38.48 -10.55
C MET A 163 -21.50 37.54 -9.36
N MET A 164 -21.98 36.33 -9.61
CA MET A 164 -22.08 35.29 -8.60
C MET A 164 -21.08 34.20 -8.94
N ALA A 165 -20.08 34.01 -8.08
CA ALA A 165 -19.03 33.03 -8.31
C ALA A 165 -18.96 32.09 -7.13
N THR A 166 -18.88 30.79 -7.39
CA THR A 166 -18.96 29.78 -6.34
C THR A 166 -17.80 28.80 -6.40
N PHE A 167 -17.36 28.41 -5.20
CA PHE A 167 -16.48 27.27 -5.01
C PHE A 167 -17.26 26.15 -4.35
N SER A 168 -17.01 24.92 -4.78
CA SER A 168 -17.63 23.78 -4.13
C SER A 168 -16.75 22.57 -4.29
N VAL A 169 -17.04 21.55 -3.51
CA VAL A 169 -16.23 20.34 -3.45
C VAL A 169 -17.08 19.14 -3.83
N ALA A 170 -16.45 18.20 -4.49
CA ALA A 170 -17.14 17.17 -5.26
C ALA A 170 -17.50 15.97 -4.41
N PRO A 171 -18.47 15.17 -4.85
CA PRO A 171 -18.59 13.82 -4.33
C PRO A 171 -17.41 12.99 -4.81
N ALA A 172 -17.10 12.05 -4.08
CA ALA A 172 -15.92 11.29 -4.46
C ALA A 172 -16.29 10.15 -5.40
N PRO A 173 -15.38 9.75 -6.27
CA PRO A 173 -15.59 8.49 -7.00
C PRO A 173 -15.54 7.28 -6.12
N LYS A 174 -14.78 7.31 -5.05
CA LYS A 174 -14.64 6.12 -4.21
C LYS A 174 -14.78 6.40 -2.73
N SER A 175 -14.37 7.58 -2.26
CA SER A 175 -14.23 7.88 -0.83
C SER A 175 -15.40 8.71 -0.31
N SER A 176 -16.61 8.36 -0.72
CA SER A 176 -17.79 9.16 -0.46
C SER A 176 -18.12 9.29 1.02
N ASP A 177 -18.84 10.35 1.36
CA ASP A 177 -19.25 10.59 2.73
C ASP A 177 -20.53 9.82 3.06
N THR A 178 -21.65 10.20 2.46
CA THR A 178 -22.93 9.59 2.79
C THR A 178 -23.57 9.02 1.54
N VAL A 179 -24.74 8.43 1.72
CA VAL A 179 -25.40 7.76 0.61
C VAL A 179 -26.40 8.65 -0.08
N VAL A 180 -26.79 9.78 0.53
CA VAL A 180 -27.62 10.73 -0.18
C VAL A 180 -26.78 11.74 -0.92
N GLU A 181 -25.47 11.69 -0.77
CA GLU A 181 -24.47 12.43 -1.53
C GLU A 181 -24.67 12.34 -3.06
N PRO A 182 -25.24 11.27 -3.62
CA PRO A 182 -25.79 11.42 -4.97
C PRO A 182 -26.94 12.40 -5.09
N TYR A 183 -27.89 12.39 -4.16
CA TYR A 183 -29.05 13.27 -4.31
C TYR A 183 -28.66 14.72 -4.12
N ASN A 184 -27.82 14.99 -3.12
CA ASN A 184 -27.40 16.35 -2.82
C ASN A 184 -26.61 16.95 -3.97
N ALA A 185 -25.84 16.13 -4.67
CA ALA A 185 -25.04 16.63 -5.78
C ALA A 185 -25.92 17.06 -6.94
N THR A 186 -26.91 16.23 -7.28
CA THR A 186 -27.81 16.56 -8.37
C THR A 186 -28.64 17.78 -8.05
N LEU A 187 -29.13 17.84 -6.80
CA LEU A 187 -30.01 18.94 -6.42
C LEU A 187 -29.24 20.24 -6.27
N SER A 188 -27.96 20.16 -5.93
CA SER A 188 -27.16 21.36 -5.87
C SER A 188 -26.89 21.92 -7.26
N MET A 189 -26.63 21.04 -8.23
CA MET A 189 -26.35 21.50 -9.58
C MET A 189 -27.56 22.11 -10.25
N HIS A 190 -28.76 21.82 -9.74
CA HIS A 190 -29.95 22.40 -10.32
C HIS A 190 -30.05 23.89 -10.04
N GLN A 191 -29.43 24.35 -8.97
CA GLN A 191 -29.42 25.77 -8.67
C GLN A 191 -28.16 26.49 -9.09
N LEU A 192 -27.02 25.79 -9.11
CA LEU A 192 -25.77 26.44 -9.50
C LEU A 192 -25.80 26.87 -10.95
N VAL A 193 -26.29 25.99 -11.83
CA VAL A 193 -26.26 26.28 -13.25
C VAL A 193 -27.28 27.35 -13.59
N GLU A 194 -28.43 27.32 -12.94
CA GLU A 194 -29.49 28.23 -13.30
C GLU A 194 -29.24 29.62 -12.76
N ASN A 195 -28.61 29.74 -11.60
CA ASN A 195 -28.46 31.05 -11.01
C ASN A 195 -27.07 31.64 -11.21
N SER A 196 -26.06 30.98 -10.67
CA SER A 196 -24.74 31.58 -10.71
C SER A 196 -24.02 31.26 -11.99
N ASP A 197 -22.93 31.98 -12.23
CA ASP A 197 -22.17 31.74 -13.44
C ASP A 197 -21.29 30.51 -13.28
N GLU A 198 -20.30 30.60 -12.42
CA GLU A 198 -19.20 29.67 -12.44
C GLU A 198 -19.08 28.91 -11.14
N THR A 199 -18.72 27.63 -11.26
CA THR A 199 -18.52 26.77 -10.12
C THR A 199 -17.36 25.84 -10.45
N PHE A 200 -16.56 25.55 -9.45
CA PHE A 200 -15.40 24.70 -9.64
C PHE A 200 -15.61 23.46 -8.79
N CYS A 201 -14.92 22.38 -9.13
CA CYS A 201 -15.22 21.08 -8.56
C CYS A 201 -13.95 20.43 -8.05
N ILE A 202 -13.90 20.18 -6.75
CA ILE A 202 -12.68 19.75 -6.07
C ILE A 202 -12.99 18.41 -5.41
N ASP A 203 -12.35 17.35 -5.88
CA ASP A 203 -12.45 16.06 -5.20
C ASP A 203 -11.51 16.03 -4.03
N ASN A 204 -12.04 15.66 -2.86
CA ASN A 204 -11.21 15.39 -1.71
C ASN A 204 -10.32 14.19 -1.96
N GLU A 205 -10.82 13.20 -2.69
CA GLU A 205 -10.02 12.01 -2.96
C GLU A 205 -8.89 12.32 -3.91
N ALA A 206 -9.16 13.15 -4.92
CA ALA A 206 -8.05 13.60 -5.76
C ALA A 206 -7.16 14.57 -5.01
N LEU A 207 -7.73 15.36 -4.10
CA LEU A 207 -6.91 16.13 -3.18
C LEU A 207 -6.09 15.24 -2.29
N SER A 208 -6.66 14.11 -1.87
CA SER A 208 -5.89 13.14 -1.09
C SER A 208 -4.79 12.50 -1.92
N SER A 209 -4.96 12.48 -3.24
CA SER A 209 -3.91 11.99 -4.09
C SER A 209 -2.72 12.94 -4.14
N ILE A 210 -2.96 14.23 -3.88
CA ILE A 210 -1.92 15.24 -4.10
C ILE A 210 -0.79 15.07 -3.09
N PHE A 211 -1.14 15.03 -1.82
CA PHE A 211 -0.12 14.75 -0.82
C PHE A 211 0.38 13.31 -0.91
N ALA A 212 -0.43 12.43 -1.47
CA ALA A 212 0.02 11.06 -1.67
C ALA A 212 1.01 10.98 -2.83
N ASN A 213 0.62 11.51 -3.99
CA ASN A 213 1.48 11.37 -5.14
C ASN A 213 2.61 12.38 -5.13
N THR A 214 2.34 13.64 -4.80
CA THR A 214 3.33 14.67 -5.01
C THR A 214 4.10 15.02 -3.74
N LEU A 215 3.42 15.40 -2.67
CA LEU A 215 4.15 15.89 -1.51
C LEU A 215 4.67 14.77 -0.63
N LYS A 216 4.19 13.53 -0.83
CA LYS A 216 4.65 12.34 -0.11
C LYS A 216 4.48 12.48 1.40
N ILE A 217 3.22 12.56 1.82
CA ILE A 217 2.88 12.42 3.22
C ILE A 217 1.81 11.34 3.32
N LYS A 218 2.07 10.32 4.14
CA LYS A 218 1.14 9.20 4.26
C LYS A 218 -0.17 9.61 4.92
N SER A 219 -0.12 10.58 5.83
CA SER A 219 -1.25 10.88 6.71
C SER A 219 -1.46 12.39 6.90
N PRO A 220 -1.92 13.11 5.89
CA PRO A 220 -2.34 14.47 6.14
C PRO A 220 -3.75 14.53 6.68
N SER A 221 -4.07 15.67 7.28
CA SER A 221 -5.40 15.93 7.77
C SER A 221 -5.98 17.10 7.02
N TYR A 222 -7.25 17.36 7.32
CA TYR A 222 -8.05 18.33 6.59
C TYR A 222 -7.50 19.74 6.72
N ASP A 223 -6.83 20.03 7.83
CA ASP A 223 -6.17 21.30 7.98
C ASP A 223 -4.92 21.42 7.13
N ASP A 224 -4.47 20.32 6.54
CA ASP A 224 -3.57 20.41 5.39
C ASP A 224 -4.32 20.37 4.08
N LEU A 225 -5.51 19.76 4.05
CA LEU A 225 -6.25 19.69 2.80
C LEU A 225 -6.80 21.04 2.40
N ASN A 226 -7.50 21.73 3.31
CA ASN A 226 -8.00 23.05 2.96
C ASN A 226 -6.88 24.04 2.82
N HIS A 227 -5.76 23.81 3.50
CA HIS A 227 -4.62 24.71 3.41
C HIS A 227 -4.04 24.74 2.01
N LEU A 228 -4.09 23.62 1.31
CA LEU A 228 -3.61 23.61 -0.07
C LEU A 228 -4.60 24.32 -0.98
N VAL A 229 -5.86 23.85 -1.01
CA VAL A 229 -6.86 24.45 -1.89
C VAL A 229 -7.32 25.81 -1.43
N SER A 230 -6.81 26.30 -0.30
CA SER A 230 -6.98 27.71 0.03
C SER A 230 -6.43 28.60 -1.04
N ALA A 231 -5.19 28.38 -1.44
CA ALA A 231 -4.40 29.36 -2.16
C ALA A 231 -4.88 29.59 -3.59
N VAL A 232 -5.86 28.83 -4.07
CA VAL A 232 -6.45 29.15 -5.35
C VAL A 232 -7.51 30.22 -5.17
N MET A 233 -8.17 30.26 -4.00
CA MET A 233 -8.95 31.44 -3.66
C MET A 233 -8.04 32.63 -3.49
N ALA A 234 -6.82 32.41 -3.01
CA ALA A 234 -5.82 33.45 -3.12
C ALA A 234 -5.41 33.63 -4.57
N GLY A 235 -5.31 32.53 -5.32
CA GLY A 235 -4.78 32.61 -6.67
C GLY A 235 -5.69 33.28 -7.65
N VAL A 236 -7.00 33.14 -7.47
CA VAL A 236 -7.91 33.79 -8.40
C VAL A 236 -7.93 35.29 -8.13
N THR A 237 -7.65 35.71 -6.91
CA THR A 237 -7.57 37.13 -6.61
C THR A 237 -6.13 37.63 -6.55
N THR A 238 -5.15 36.74 -6.71
CA THR A 238 -3.72 37.12 -6.76
C THR A 238 -3.47 38.18 -7.81
N SER A 239 -4.05 37.98 -9.00
CA SER A 239 -4.01 38.97 -10.06
C SER A 239 -4.62 40.29 -9.62
N PHE A 240 -5.62 40.23 -8.76
CA PHE A 240 -6.48 41.36 -8.51
C PHE A 240 -6.00 42.21 -7.36
N ARG A 241 -5.62 41.58 -6.26
CA ARG A 241 -5.63 42.22 -4.95
C ARG A 241 -4.40 43.07 -4.65
N PHE A 242 -3.38 43.06 -5.51
CA PHE A 242 -2.25 43.98 -5.41
C PHE A 242 -1.62 44.07 -6.79
N PRO A 243 -0.83 45.15 -7.12
CA PRO A 243 -0.58 45.45 -8.53
C PRO A 243 0.29 44.48 -9.28
N GLY A 244 0.46 44.75 -10.56
CA GLY A 244 1.23 43.90 -11.44
C GLY A 244 1.49 44.59 -12.76
N GLU A 245 1.41 43.85 -13.85
CA GLU A 245 1.67 44.42 -15.17
C GLU A 245 0.48 44.37 -16.10
N LEU A 246 -0.40 43.38 -15.94
CA LEU A 246 -1.40 43.10 -16.95
C LEU A 246 -2.78 42.80 -16.42
N ASN A 247 -2.91 42.44 -15.14
CA ASN A 247 -3.90 41.47 -14.69
C ASN A 247 -5.34 41.92 -14.86
N SER A 248 -6.21 40.93 -15.00
CA SER A 248 -7.64 41.08 -15.14
C SER A 248 -8.33 40.46 -13.93
N ASP A 249 -9.66 40.40 -13.99
CA ASP A 249 -10.50 40.09 -12.85
C ASP A 249 -11.33 38.84 -13.17
N LEU A 250 -12.07 38.39 -12.16
CA LEU A 250 -12.89 37.20 -12.28
C LEU A 250 -14.03 37.37 -13.27
N ARG A 251 -14.60 38.58 -13.39
CA ARG A 251 -15.56 38.79 -14.47
C ARG A 251 -14.86 38.80 -15.81
N LYS A 252 -13.65 39.32 -15.85
CA LYS A 252 -12.88 39.15 -17.06
C LYS A 252 -12.37 37.73 -17.20
N LEU A 253 -12.28 36.99 -16.10
CA LEU A 253 -12.04 35.55 -16.20
C LEU A 253 -13.31 34.75 -16.42
N ALA A 254 -14.45 35.41 -16.53
CA ALA A 254 -15.69 34.70 -16.81
C ALA A 254 -16.04 34.73 -18.28
N VAL A 255 -15.90 35.90 -18.90
CA VAL A 255 -16.38 36.06 -20.26
C VAL A 255 -15.40 35.45 -21.26
N ASN A 256 -14.14 35.32 -20.88
CA ASN A 256 -13.14 34.75 -21.77
C ASN A 256 -13.23 33.25 -21.87
N MET A 257 -13.72 32.60 -20.81
CA MET A 257 -13.64 31.15 -20.73
C MET A 257 -14.64 30.48 -21.66
N VAL A 258 -15.93 30.66 -21.41
CA VAL A 258 -16.89 29.74 -21.99
C VAL A 258 -17.65 30.41 -23.13
N PRO A 259 -17.88 29.74 -24.25
CA PRO A 259 -18.69 30.28 -25.34
C PRO A 259 -20.19 30.12 -25.15
N PHE A 260 -20.67 29.78 -23.97
CA PHE A 260 -22.06 29.43 -23.73
C PHE A 260 -22.36 29.83 -22.30
N PRO A 261 -23.59 29.73 -21.81
CA PRO A 261 -23.81 29.92 -20.38
C PRO A 261 -23.42 28.77 -19.46
N ARG A 262 -22.52 27.88 -19.87
CA ARG A 262 -22.30 26.62 -19.18
C ARG A 262 -20.89 26.56 -18.61
N HIS A 264 -20.73 26.91 -17.33
CA HIS A 264 -19.43 27.32 -16.78
C HIS A 264 -18.95 26.36 -15.70
N PHE A 265 -18.04 25.46 -16.04
CA PHE A 265 -17.29 24.65 -15.09
C PHE A 265 -15.91 24.39 -15.68
N PHE A 266 -14.87 24.49 -14.86
CA PHE A 266 -13.49 24.21 -15.30
C PHE A 266 -12.61 23.96 -14.07
N MET A 267 -11.32 23.74 -14.31
CA MET A 267 -10.43 23.06 -13.38
C MET A 267 -9.54 24.01 -12.57
N VAL A 268 -8.81 23.42 -11.62
CA VAL A 268 -8.00 24.13 -10.64
C VAL A 268 -6.70 23.37 -10.43
N GLY A 269 -5.56 24.08 -10.46
CA GLY A 269 -4.30 23.48 -10.07
C GLY A 269 -3.31 24.53 -9.61
N PHE A 270 -2.23 24.05 -9.00
CA PHE A 270 -1.19 24.92 -8.49
C PHE A 270 0.12 24.72 -9.20
N ALA A 271 0.99 25.69 -9.00
CA ALA A 271 2.38 25.67 -9.43
C ALA A 271 3.11 26.74 -8.63
N PRO A 272 4.25 26.43 -8.02
CA PRO A 272 4.89 25.11 -8.02
C PRO A 272 4.37 24.27 -6.89
N LEU A 273 5.01 23.12 -6.66
CA LEU A 273 4.61 22.20 -5.61
C LEU A 273 5.74 21.20 -5.40
N ALA A 274 6.09 20.94 -4.14
CA ALA A 274 7.15 19.98 -3.86
C ALA A 274 6.95 19.40 -2.46
N ALA A 275 7.83 18.48 -2.09
CA ALA A 275 7.80 17.84 -0.80
C ALA A 275 8.67 18.60 0.19
N ILE A 276 8.98 17.96 1.32
CA ILE A 276 9.85 18.57 2.32
C ILE A 276 11.29 18.60 1.80
N GLY A 277 11.87 17.42 1.61
CA GLY A 277 13.22 17.33 1.09
C GLY A 277 13.33 17.55 -0.39
N SER A 278 12.20 17.60 -1.09
CA SER A 278 12.19 17.87 -2.52
C SER A 278 12.29 19.34 -2.85
N SER A 279 12.54 20.19 -1.86
CA SER A 279 12.46 21.62 -2.05
C SER A 279 13.63 22.12 -2.88
N SER A 280 14.83 22.00 -2.35
CA SER A 280 15.95 22.71 -2.95
C SER A 280 16.56 21.97 -4.12
N PHE A 281 16.13 20.75 -4.42
CA PHE A 281 16.78 20.00 -5.49
C PHE A 281 16.29 20.36 -6.88
N GLN A 282 15.56 21.44 -7.03
CA GLN A 282 15.10 21.85 -8.34
C GLN A 282 15.65 23.21 -8.72
N ALA A 283 15.22 23.67 -9.88
CA ALA A 283 15.43 25.03 -10.34
C ALA A 283 14.04 25.58 -10.58
N VAL A 284 13.50 26.30 -9.62
CA VAL A 284 12.11 26.72 -9.69
C VAL A 284 11.99 27.88 -10.69
N SER A 285 11.20 27.65 -11.73
CA SER A 285 11.08 28.57 -12.85
C SER A 285 9.79 28.25 -13.58
N VAL A 286 9.54 28.97 -14.66
CA VAL A 286 8.35 28.74 -15.48
C VAL A 286 8.34 27.38 -16.19
N PRO A 287 9.45 26.87 -16.77
CA PRO A 287 9.42 25.46 -17.20
C PRO A 287 9.22 24.48 -16.06
N GLU A 288 9.68 24.82 -14.86
CA GLU A 288 9.25 24.08 -13.69
C GLU A 288 7.77 24.33 -13.40
N LEU A 289 7.26 25.54 -13.70
CA LEU A 289 5.85 25.83 -13.42
C LEU A 289 4.94 25.15 -14.41
N THR A 290 5.30 25.19 -15.70
CA THR A 290 4.38 24.77 -16.75
C THR A 290 4.10 23.29 -16.72
N GLN A 291 5.05 22.48 -16.28
CA GLN A 291 4.82 21.05 -16.33
C GLN A 291 4.01 20.56 -15.14
N GLN A 292 4.02 21.30 -14.04
CA GLN A 292 3.01 21.13 -13.01
C GLN A 292 1.73 21.91 -13.32
N MET A 293 1.61 22.42 -14.53
CA MET A 293 0.35 22.89 -15.07
C MET A 293 -0.07 22.06 -16.27
N PHE A 294 0.31 20.81 -16.31
CA PHE A 294 -0.06 19.93 -17.41
C PHE A 294 -0.71 18.63 -16.98
N ASP A 295 -0.19 17.99 -15.94
CA ASP A 295 -0.65 16.65 -15.59
C ASP A 295 -2.04 16.71 -14.99
N ALA A 296 -2.73 15.58 -15.06
CA ALA A 296 -3.92 15.42 -14.23
C ALA A 296 -3.55 15.31 -12.76
N ASN A 297 -2.30 14.96 -12.47
CA ASN A 297 -1.83 14.76 -11.12
C ASN A 297 -1.77 16.06 -10.34
N ASN A 298 -1.60 17.19 -11.01
CA ASN A 298 -1.67 18.48 -10.34
C ASN A 298 -3.03 19.12 -10.47
N MET A 299 -4.04 18.36 -10.86
CA MET A 299 -5.36 18.94 -10.96
C MET A 299 -6.13 18.69 -9.67
N MET A 300 -7.41 19.04 -9.70
CA MET A 300 -8.28 18.75 -8.57
C MET A 300 -9.45 17.85 -8.96
N VAL A 301 -9.91 17.97 -10.20
CA VAL A 301 -11.07 17.20 -10.63
C VAL A 301 -10.66 15.75 -10.83
N ALA A 302 -11.53 14.83 -10.42
CA ALA A 302 -11.27 13.40 -10.62
C ALA A 302 -11.71 12.98 -12.02
N ALA A 303 -11.14 13.63 -13.02
CA ALA A 303 -11.49 13.38 -14.41
C ALA A 303 -10.27 13.66 -15.26
N ASP A 304 -10.20 12.97 -16.38
CA ASP A 304 -9.00 13.00 -17.19
C ASP A 304 -9.12 14.09 -18.24
N PRO A 305 -8.22 15.06 -18.24
CA PRO A 305 -8.09 15.91 -19.42
C PRO A 305 -7.60 15.17 -20.63
N ARG A 306 -6.87 14.07 -20.46
CA ARG A 306 -6.51 13.26 -21.61
C ARG A 306 -7.72 12.56 -22.19
N HIS A 307 -8.72 12.27 -21.36
CA HIS A 307 -10.02 11.87 -21.92
C HIS A 307 -10.76 13.08 -22.45
N GLY A 308 -10.40 14.28 -22.02
CA GLY A 308 -11.12 15.47 -22.39
C GLY A 308 -10.42 16.27 -23.46
N ARG A 309 -10.80 17.55 -23.55
CA ARG A 309 -10.21 18.47 -24.51
C ARG A 309 -10.31 19.87 -23.95
N TYR A 310 -9.22 20.63 -24.05
CA TYR A 310 -9.15 21.94 -23.44
C TYR A 310 -9.91 22.97 -24.25
N LEU A 311 -11.01 23.50 -23.69
CA LEU A 311 -11.73 24.60 -24.33
C LEU A 311 -10.93 25.89 -24.28
N THR A 312 -10.69 26.42 -23.08
CA THR A 312 -9.93 27.64 -22.91
C THR A 312 -9.06 27.55 -21.67
N VAL A 313 -7.94 28.28 -21.68
CA VAL A 313 -6.95 28.24 -20.61
C VAL A 313 -6.63 29.66 -20.19
N ALA A 314 -6.70 29.93 -18.89
CA ALA A 314 -6.12 31.14 -18.34
C ALA A 314 -5.05 30.79 -17.31
N ALA A 315 -3.95 31.52 -17.35
CA ALA A 315 -2.83 31.30 -16.44
C ALA A 315 -2.58 32.56 -15.64
N LEU A 316 -2.33 32.38 -14.35
CA LEU A 316 -2.19 33.50 -13.44
C LEU A 316 -0.87 33.33 -12.70
N PHE A 317 0.16 34.05 -13.13
CA PHE A 317 1.46 33.95 -12.51
C PHE A 317 1.64 35.05 -11.49
N ARG A 318 2.42 34.78 -10.46
CA ARG A 318 2.99 35.83 -9.63
C ARG A 318 4.47 35.56 -9.38
N GLY A 319 5.23 36.64 -9.25
CA GLY A 319 6.68 36.59 -9.17
C GLY A 319 7.32 37.35 -10.32
N LYS A 320 8.64 37.42 -10.27
CA LYS A 320 9.40 37.91 -11.42
C LYS A 320 9.26 36.89 -12.54
N VAL A 321 8.56 37.28 -13.59
CA VAL A 321 8.31 36.37 -14.70
C VAL A 321 8.09 37.20 -15.95
N SER A 322 8.71 36.78 -17.04
CA SER A 322 8.53 37.42 -18.33
C SER A 322 7.23 36.99 -18.97
N MET A 323 7.13 37.29 -20.26
CA MET A 323 6.12 36.63 -21.07
C MET A 323 6.73 35.54 -21.93
N LYS A 324 7.89 35.82 -22.52
CA LYS A 324 8.49 34.88 -23.46
C LYS A 324 8.91 33.60 -22.78
N GLU A 325 9.24 33.66 -21.49
CA GLU A 325 9.47 32.43 -20.76
C GLU A 325 8.20 31.61 -20.66
N VAL A 326 7.05 32.26 -20.66
CA VAL A 326 5.81 31.50 -20.76
C VAL A 326 5.48 31.21 -22.22
N ASP A 327 5.75 32.19 -23.11
CA ASP A 327 5.36 32.08 -24.52
C ASP A 327 6.02 30.90 -25.20
N GLU A 328 7.35 30.85 -25.11
CA GLU A 328 8.10 29.76 -25.70
C GLU A 328 7.76 28.44 -25.02
N GLN A 329 7.32 28.50 -23.76
CA GLN A 329 7.02 27.26 -23.07
C GLN A 329 5.59 26.81 -23.35
N ILE A 330 4.63 27.74 -23.46
CA ILE A 330 3.27 27.36 -23.82
C ILE A 330 3.24 26.84 -25.25
N ARG A 331 4.01 27.48 -26.13
CA ARG A 331 4.15 26.97 -27.48
C ARG A 331 4.85 25.63 -27.52
N SER A 332 5.71 25.35 -26.54
CA SER A 332 6.38 24.05 -26.52
C SER A 332 5.44 22.94 -26.11
N VAL A 333 4.35 23.25 -25.42
CA VAL A 333 3.43 22.22 -24.99
C VAL A 333 2.10 22.25 -25.75
N GLN A 334 1.76 23.37 -26.39
CA GLN A 334 0.55 23.35 -27.19
C GLN A 334 0.77 22.65 -28.51
N THR A 335 2.02 22.42 -28.92
CA THR A 335 2.27 21.79 -30.22
C THR A 335 2.22 20.28 -30.10
N LYS A 336 2.88 19.72 -29.08
CA LYS A 336 2.86 18.29 -28.83
C LYS A 336 1.48 17.83 -28.40
N ASN A 337 0.68 18.74 -27.87
CA ASN A 337 -0.65 18.45 -27.39
C ASN A 337 -1.68 19.29 -28.14
N SER A 338 -1.52 19.37 -29.46
CA SER A 338 -2.40 20.20 -30.28
C SER A 338 -3.77 19.60 -30.45
N ALA A 339 -3.86 18.26 -30.53
CA ALA A 339 -5.16 17.61 -30.54
C ALA A 339 -5.88 17.75 -29.21
N TYR A 340 -5.16 18.05 -28.14
CA TYR A 340 -5.78 18.27 -26.85
C TYR A 340 -6.49 19.61 -26.75
N PHE A 341 -6.24 20.52 -27.67
CA PHE A 341 -6.96 21.78 -27.67
C PHE A 341 -8.24 21.67 -28.50
N VAL A 342 -9.08 22.67 -28.36
CA VAL A 342 -10.32 22.78 -29.09
C VAL A 342 -10.06 23.60 -30.35
N GLU A 343 -10.42 23.05 -31.50
CA GLU A 343 -10.19 23.76 -32.75
C GLU A 343 -11.28 24.78 -33.07
N TRP A 344 -12.27 24.97 -32.20
CA TRP A 344 -13.18 26.11 -32.37
C TRP A 344 -12.42 27.41 -32.18
N ILE A 345 -11.44 27.41 -31.31
CA ILE A 345 -10.69 28.61 -30.95
C ILE A 345 -9.22 28.33 -31.16
N PRO A 346 -8.57 28.99 -32.09
CA PRO A 346 -7.12 29.08 -32.04
C PRO A 346 -6.70 30.07 -30.96
N ASP A 347 -5.70 29.63 -30.18
CA ASP A 347 -5.07 30.39 -29.11
C ASP A 347 -6.09 30.81 -28.04
N ASN A 348 -6.61 29.80 -27.35
CA ASN A 348 -7.46 29.92 -26.18
C ASN A 348 -6.68 30.07 -24.89
N VAL A 349 -5.49 30.59 -24.98
CA VAL A 349 -4.61 30.77 -23.85
C VAL A 349 -4.82 32.17 -23.32
N LEU A 350 -4.99 32.33 -22.00
CA LEU A 350 -4.97 33.65 -21.39
C LEU A 350 -3.82 33.81 -20.42
N LYS A 351 -3.05 34.85 -20.66
CA LYS A 351 -1.86 35.13 -19.88
C LYS A 351 -2.16 36.28 -18.95
N ALA A 352 -1.75 36.15 -17.69
CA ALA A 352 -1.87 37.24 -16.73
C ALA A 352 -0.76 37.13 -15.71
N VAL A 353 -0.03 38.22 -15.56
CA VAL A 353 1.23 38.27 -14.85
C VAL A 353 1.09 39.20 -13.65
N CYS A 354 1.22 38.65 -12.45
CA CYS A 354 1.14 39.45 -11.23
C CYS A 354 2.52 39.57 -10.61
N SER A 355 2.64 40.54 -9.71
CA SER A 355 3.96 41.03 -9.31
C SER A 355 4.62 40.24 -8.19
N VAL A 356 4.04 40.28 -6.99
CA VAL A 356 4.90 39.91 -5.85
C VAL A 356 4.80 38.41 -5.64
N PRO A 357 5.84 37.77 -5.12
CA PRO A 357 5.77 36.34 -4.88
C PRO A 357 5.05 36.02 -3.59
N PRO A 358 4.64 34.76 -3.38
CA PRO A 358 4.16 34.37 -2.05
C PRO A 358 5.27 34.17 -1.05
N LYS A 359 4.88 33.62 0.10
CA LYS A 359 5.81 33.36 1.18
C LYS A 359 6.81 32.27 0.81
N ASP A 360 8.10 32.62 0.81
CA ASP A 360 9.24 31.72 0.67
C ASP A 360 9.26 30.98 -0.66
N LEU A 361 8.63 31.53 -1.70
CA LEU A 361 8.67 30.90 -3.02
C LEU A 361 8.86 31.99 -4.04
N LYS A 362 9.81 31.81 -4.96
CA LYS A 362 10.16 32.89 -5.87
C LYS A 362 9.13 33.09 -6.97
N MET A 363 8.40 32.06 -7.33
CA MET A 363 7.35 32.19 -8.32
C MET A 363 6.13 31.44 -7.82
N SER A 364 5.00 31.72 -8.43
CA SER A 364 3.79 30.94 -8.22
C SER A 364 2.84 31.13 -9.37
N ALA A 365 2.09 30.07 -9.67
CA ALA A 365 1.15 30.09 -10.76
C ALA A 365 -0.13 29.40 -10.31
N THR A 366 -1.25 29.81 -10.91
CA THR A 366 -2.56 29.28 -10.62
C THR A 366 -3.21 28.81 -11.91
N PHE A 367 -3.75 27.60 -11.89
CA PHE A 367 -4.18 26.94 -13.12
C PHE A 367 -5.66 27.13 -13.34
N ILE A 368 -6.03 27.62 -14.52
CA ILE A 368 -7.39 27.56 -15.00
C ILE A 368 -7.34 26.94 -16.39
N GLY A 369 -7.91 25.75 -16.51
CA GLY A 369 -8.09 25.12 -17.79
C GLY A 369 -9.48 24.52 -17.89
N ASN A 370 -10.07 24.58 -19.08
CA ASN A 370 -11.43 24.11 -19.29
C ASN A 370 -11.40 22.73 -19.92
N SER A 371 -12.53 22.03 -19.81
CA SER A 371 -12.53 20.64 -20.27
C SER A 371 -13.84 20.31 -20.93
N THR A 372 -13.79 19.24 -21.70
CA THR A 372 -15.00 18.55 -22.10
C THR A 372 -15.34 17.44 -21.13
N SER A 373 -14.34 16.86 -20.47
CA SER A 373 -14.54 15.69 -19.63
C SER A 373 -14.99 16.03 -18.24
N ILE A 374 -15.62 17.19 -18.01
CA ILE A 374 -16.28 17.39 -16.74
C ILE A 374 -17.61 16.65 -16.73
N GLN A 375 -18.09 16.21 -17.89
CA GLN A 375 -19.18 15.23 -17.93
C GLN A 375 -18.80 13.92 -17.26
N GLU A 376 -17.50 13.60 -17.19
CA GLU A 376 -17.05 12.39 -16.50
C GLU A 376 -17.35 12.45 -15.02
N ILE A 377 -17.52 13.65 -14.46
CA ILE A 377 -18.19 13.75 -13.17
C ILE A 377 -19.63 13.31 -13.31
N PHE A 378 -20.37 13.95 -14.20
CA PHE A 378 -21.82 13.88 -14.12
C PHE A 378 -22.36 12.56 -14.68
N ARG A 379 -21.66 11.96 -15.64
CA ARG A 379 -21.99 10.59 -16.01
C ARG A 379 -21.74 9.65 -14.86
N ARG A 380 -20.63 9.85 -14.16
CA ARG A 380 -20.40 9.10 -12.93
C ARG A 380 -21.41 9.49 -11.87
N LEU A 381 -21.91 10.73 -11.91
CA LEU A 381 -23.01 11.08 -11.02
C LEU A 381 -24.32 10.48 -11.48
N GLY A 382 -24.61 10.54 -12.78
CA GLY A 382 -25.97 10.30 -13.25
C GLY A 382 -26.42 8.88 -13.06
N ASP A 383 -25.56 7.93 -13.36
CA ASP A 383 -25.93 6.55 -13.08
C ASP A 383 -25.75 6.20 -11.61
N GLN A 384 -24.94 6.96 -10.89
CA GLN A 384 -24.98 6.90 -9.43
C GLN A 384 -26.26 7.53 -8.91
N PHE A 385 -26.82 8.48 -9.65
CA PHE A 385 -28.08 9.07 -9.26
C PHE A 385 -29.26 8.16 -9.56
N SER A 386 -29.39 7.76 -10.83
CA SER A 386 -30.61 7.11 -11.29
C SER A 386 -30.79 5.73 -10.71
N ALA A 387 -29.69 5.04 -10.38
CA ALA A 387 -29.80 3.72 -9.78
C ALA A 387 -30.35 3.81 -8.38
N MET A 388 -30.20 4.95 -7.73
CA MET A 388 -30.87 5.18 -6.46
C MET A 388 -32.19 5.88 -6.64
N PHE A 389 -32.74 5.84 -7.84
CA PHE A 389 -34.11 6.28 -8.06
C PHE A 389 -35.03 5.12 -8.43
N ARG A 390 -34.45 4.00 -8.89
CA ARG A 390 -35.21 2.88 -9.42
C ARG A 390 -36.15 2.29 -8.39
N ARG A 391 -35.70 2.20 -7.15
CA ARG A 391 -36.53 1.74 -6.06
C ARG A 391 -37.01 2.89 -5.19
N LYS A 392 -36.83 4.12 -5.67
CA LYS A 392 -37.08 5.35 -4.91
C LYS A 392 -36.36 5.32 -3.57
N ALA A 393 -35.04 5.24 -3.67
CA ALA A 393 -34.21 5.04 -2.50
C ALA A 393 -34.22 6.28 -1.63
N PHE A 394 -34.61 6.08 -0.37
CA PHE A 394 -34.58 7.09 0.68
C PHE A 394 -35.49 8.26 0.34
N LEU A 395 -36.54 7.97 -0.42
CA LEU A 395 -37.40 8.99 -0.97
C LEU A 395 -38.25 9.66 0.10
N HIS A 396 -38.56 8.96 1.20
CA HIS A 396 -39.44 9.58 2.18
C HIS A 396 -38.73 10.59 3.05
N TRP A 397 -37.41 10.63 3.04
CA TRP A 397 -36.74 11.72 3.69
C TRP A 397 -36.68 12.98 2.84
N TYR A 398 -37.32 12.99 1.69
CA TYR A 398 -37.49 14.22 0.93
C TYR A 398 -38.94 14.60 0.73
N THR A 399 -39.76 13.67 0.24
CA THR A 399 -41.17 13.94 0.10
C THR A 399 -41.88 13.99 1.43
N GLY A 400 -41.25 13.48 2.48
CA GLY A 400 -41.72 13.76 3.81
C GLY A 400 -41.31 15.11 4.35
N GLU A 401 -41.00 16.07 3.48
CA GLU A 401 -40.54 17.37 3.91
C GLU A 401 -41.11 18.50 3.06
N GLY A 402 -41.62 18.21 1.87
CA GLY A 402 -42.37 19.18 1.10
C GLY A 402 -42.12 19.32 -0.40
N MET A 403 -41.35 18.42 -1.00
CA MET A 403 -40.98 18.52 -2.40
C MET A 403 -41.57 17.36 -3.18
N ASP A 404 -42.12 17.66 -4.36
CA ASP A 404 -42.69 16.66 -5.25
C ASP A 404 -41.59 15.80 -5.86
N GLU A 405 -41.89 14.51 -6.00
CA GLU A 405 -40.90 13.56 -6.50
C GLU A 405 -40.54 13.82 -7.95
N MET A 406 -41.46 14.36 -8.75
CA MET A 406 -41.13 14.58 -10.15
C MET A 406 -40.28 15.84 -10.32
N GLU A 407 -40.30 16.73 -9.33
CA GLU A 407 -39.33 17.82 -9.29
C GLU A 407 -37.92 17.29 -9.15
N PHE A 408 -37.76 16.16 -8.46
CA PHE A 408 -36.46 15.51 -8.41
C PHE A 408 -36.09 14.89 -9.74
N THR A 409 -37.08 14.48 -10.54
CA THR A 409 -36.76 13.90 -11.82
C THR A 409 -36.27 14.93 -12.81
N GLU A 410 -36.65 16.19 -12.59
CA GLU A 410 -36.31 17.26 -13.52
C GLU A 410 -34.82 17.51 -13.55
N ALA A 411 -34.18 17.44 -12.38
CA ALA A 411 -32.76 17.73 -12.28
C ALA A 411 -31.90 16.69 -13.00
N GLU A 412 -32.44 15.49 -13.24
CA GLU A 412 -31.74 14.51 -14.07
C GLU A 412 -31.54 15.04 -15.47
N SER A 413 -32.61 15.52 -16.10
CA SER A 413 -32.50 16.10 -17.41
C SER A 413 -31.68 17.37 -17.39
N ASN A 414 -31.73 18.12 -16.28
CA ASN A 414 -30.84 19.25 -16.10
C ASN A 414 -29.38 18.81 -16.12
N MET A 415 -29.08 17.68 -15.51
CA MET A 415 -27.75 17.12 -15.66
C MET A 415 -27.54 16.64 -17.09
N ASN A 416 -28.56 15.99 -17.67
CA ASN A 416 -28.45 15.51 -19.03
C ASN A 416 -28.45 16.62 -20.06
N ASP A 417 -29.02 17.79 -19.73
CA ASP A 417 -28.88 18.93 -20.63
C ASP A 417 -27.46 19.44 -20.66
N LEU A 418 -26.74 19.31 -19.55
CA LEU A 418 -25.34 19.71 -19.55
C LEU A 418 -24.52 18.76 -20.41
N VAL A 419 -24.71 17.46 -20.19
CA VAL A 419 -23.86 16.46 -20.81
C VAL A 419 -24.08 16.44 -22.32
N SER A 420 -25.30 16.74 -22.74
CA SER A 420 -25.67 16.77 -24.16
C SER A 420 -24.85 17.76 -24.96
N GLU A 421 -24.40 18.84 -24.34
CA GLU A 421 -23.51 19.75 -25.03
C GLU A 421 -22.09 19.24 -24.99
N TYR A 422 -21.63 18.82 -23.83
CA TYR A 422 -20.30 18.26 -23.69
C TYR A 422 -20.17 16.90 -24.38
N GLN A 423 -21.29 16.26 -24.74
CA GLN A 423 -21.22 15.18 -25.72
C GLN A 423 -20.69 15.68 -27.05
N GLN A 424 -21.11 16.88 -27.46
CA GLN A 424 -20.75 17.36 -28.78
C GLN A 424 -19.28 17.73 -28.82
N TYR A 425 -18.87 18.67 -27.99
CA TYR A 425 -17.55 19.27 -28.14
C TYR A 425 -16.44 18.39 -27.62
N GLN A 426 -16.74 17.19 -27.11
CA GLN A 426 -15.72 16.17 -27.00
C GLN A 426 -15.19 15.80 -28.38
N GLU A 427 -16.08 15.52 -29.33
CA GLU A 427 -15.68 15.18 -30.71
C GLU A 427 -16.72 15.76 -31.68
N ALA A 428 -16.48 16.98 -32.14
CA ALA A 428 -17.29 17.60 -33.19
C ALA A 428 -16.48 18.67 -33.86
N GLY A 429 -17.14 19.46 -34.70
CA GLY A 429 -16.52 20.63 -35.32
C GLY A 429 -15.55 20.36 -36.46
N MET B 1 3.07 -26.93 -20.19
CA MET B 1 2.43 -26.51 -18.95
C MET B 1 1.77 -25.13 -19.10
N SER B 2 2.56 -24.06 -18.90
CA SER B 2 2.04 -22.72 -18.98
C SER B 2 1.99 -22.26 -20.42
N GLU B 3 1.38 -21.09 -20.64
CA GLU B 3 1.21 -20.55 -21.97
C GLU B 3 1.72 -19.11 -22.00
N SER B 4 2.38 -18.77 -23.10
CA SER B 4 2.93 -17.44 -23.26
C SER B 4 1.83 -16.45 -23.65
N ARG B 5 2.24 -15.25 -24.00
CA ARG B 5 1.35 -14.33 -24.67
C ARG B 5 1.06 -14.74 -26.11
N GLN B 6 1.91 -15.59 -26.69
CA GLN B 6 1.90 -15.77 -28.14
C GLN B 6 0.73 -16.64 -28.55
N GLU B 7 0.50 -17.71 -27.81
CA GLU B 7 -0.65 -18.53 -28.10
C GLU B 7 -1.93 -17.98 -27.48
N LEU B 8 -1.81 -17.42 -26.27
CA LEU B 8 -2.99 -17.11 -25.48
C LEU B 8 -3.77 -15.93 -26.02
N LEU B 9 -3.12 -14.99 -26.71
CA LEU B 9 -3.81 -13.79 -27.16
C LEU B 9 -4.79 -14.10 -28.29
N ALA B 10 -4.34 -14.83 -29.31
CA ALA B 10 -5.28 -15.31 -30.30
C ALA B 10 -6.19 -16.41 -29.74
N TRP B 11 -5.77 -17.08 -28.67
CA TRP B 11 -6.66 -18.03 -28.00
C TRP B 11 -7.84 -17.31 -27.37
N ILE B 12 -7.57 -16.18 -26.71
CA ILE B 12 -8.67 -15.41 -26.16
C ILE B 12 -9.32 -14.53 -27.24
N ASN B 13 -8.63 -14.29 -28.37
CA ASN B 13 -9.36 -13.73 -29.51
C ASN B 13 -10.34 -14.74 -30.09
N GLN B 14 -10.08 -16.03 -29.92
CA GLN B 14 -10.96 -17.04 -30.49
C GLN B 14 -12.29 -17.10 -29.75
N VAL B 15 -12.26 -17.52 -28.50
CA VAL B 15 -13.50 -17.86 -27.78
C VAL B 15 -14.29 -16.64 -27.35
N THR B 16 -13.78 -15.44 -27.60
CA THR B 16 -14.53 -14.23 -27.31
C THR B 16 -14.90 -13.47 -28.56
N SER B 17 -14.16 -13.69 -29.65
CA SER B 17 -14.27 -12.93 -30.90
C SER B 17 -14.12 -11.42 -30.65
N LEU B 18 -13.07 -11.07 -29.93
CA LEU B 18 -12.79 -9.68 -29.61
C LEU B 18 -11.49 -9.23 -30.26
N GLY B 19 -11.40 -7.92 -30.52
CA GLY B 19 -10.23 -7.33 -31.14
C GLY B 19 -9.20 -6.95 -30.11
N LEU B 20 -8.74 -7.95 -29.36
CA LEU B 20 -7.88 -7.73 -28.21
C LEU B 20 -6.45 -7.51 -28.67
N THR B 21 -6.00 -6.26 -28.63
CA THR B 21 -4.65 -5.94 -29.09
C THR B 21 -3.61 -6.41 -28.09
N ARG B 22 -3.69 -5.91 -26.87
CA ARG B 22 -2.79 -6.35 -25.82
C ARG B 22 -3.62 -6.93 -24.69
N ILE B 23 -2.95 -7.70 -23.83
CA ILE B 23 -3.61 -8.42 -22.76
C ILE B 23 -4.09 -7.47 -21.67
N GLU B 24 -3.49 -6.29 -21.56
CA GLU B 24 -3.85 -5.34 -20.49
C GLU B 24 -5.24 -4.74 -20.61
N ASP B 25 -6.01 -5.05 -21.65
CA ASP B 25 -7.43 -4.71 -21.61
C ASP B 25 -8.20 -5.67 -20.70
N CYS B 26 -7.63 -6.83 -20.40
CA CYS B 26 -8.09 -7.62 -19.28
C CYS B 26 -7.72 -6.99 -17.95
N GLY B 27 -6.83 -6.00 -17.96
CA GLY B 27 -6.75 -5.08 -16.83
C GLY B 27 -8.09 -4.41 -16.56
N LYS B 28 -8.82 -4.07 -17.62
CA LYS B 28 -10.23 -3.83 -17.34
C LYS B 28 -10.89 -5.21 -17.25
N GLY B 29 -10.96 -5.92 -18.35
CA GLY B 29 -11.74 -7.14 -18.36
C GLY B 29 -12.30 -7.49 -19.72
N TYR B 30 -13.63 -7.63 -19.80
CA TYR B 30 -14.43 -7.82 -21.01
C TYR B 30 -14.23 -9.19 -21.64
N ALA B 31 -13.31 -9.98 -21.08
CA ALA B 31 -12.95 -11.27 -21.64
C ALA B 31 -13.00 -12.33 -20.55
N MET B 32 -12.66 -11.93 -19.33
CA MET B 32 -12.72 -12.84 -18.21
C MET B 32 -14.17 -13.18 -17.89
N ILE B 33 -15.05 -12.18 -17.94
CA ILE B 33 -16.48 -12.44 -17.80
C ILE B 33 -16.99 -13.21 -19.03
N GLN B 34 -16.34 -13.04 -20.17
CA GLN B 34 -16.67 -13.78 -21.38
C GLN B 34 -15.93 -15.12 -21.42
N ILE B 35 -15.24 -15.49 -20.35
CA ILE B 35 -14.87 -16.89 -20.22
C ILE B 35 -16.04 -17.68 -19.67
N PHE B 36 -16.75 -17.12 -18.69
CA PHE B 36 -17.68 -17.91 -17.93
C PHE B 36 -19.01 -18.11 -18.65
N ASP B 37 -19.39 -17.19 -19.53
CA ASP B 37 -20.61 -17.36 -20.29
C ASP B 37 -20.48 -18.45 -21.35
N SER B 38 -19.25 -18.85 -21.66
CA SER B 38 -19.00 -20.02 -22.47
C SER B 38 -19.23 -21.33 -21.71
N ILE B 39 -19.64 -21.28 -20.45
CA ILE B 39 -20.03 -22.48 -19.74
C ILE B 39 -21.41 -22.27 -19.16
N TYR B 40 -21.58 -21.19 -18.39
CA TYR B 40 -22.66 -21.10 -17.43
C TYR B 40 -23.93 -20.47 -17.98
N GLN B 41 -23.82 -19.59 -18.99
CA GLN B 41 -24.91 -19.14 -19.84
C GLN B 41 -25.92 -18.22 -19.13
N ASP B 42 -25.79 -18.05 -17.81
CA ASP B 42 -26.76 -17.29 -17.04
C ASP B 42 -26.32 -15.86 -16.73
N ILE B 43 -25.14 -15.47 -17.18
CA ILE B 43 -24.54 -14.21 -16.76
C ILE B 43 -25.28 -13.02 -17.36
N PRO B 44 -25.77 -12.12 -16.54
CA PRO B 44 -26.55 -10.99 -17.04
C PRO B 44 -25.67 -9.92 -17.68
N LEU B 45 -25.41 -10.03 -18.98
CA LEU B 45 -24.51 -9.11 -19.69
C LEU B 45 -24.89 -7.64 -19.58
N LYS B 46 -26.16 -7.34 -19.31
CA LYS B 46 -26.58 -5.96 -19.13
C LYS B 46 -26.23 -5.39 -17.76
N LYS B 47 -25.44 -6.10 -16.96
CA LYS B 47 -24.98 -5.56 -15.69
C LYS B 47 -23.61 -4.89 -15.78
N VAL B 48 -22.88 -5.09 -16.88
CA VAL B 48 -21.59 -4.44 -17.03
C VAL B 48 -21.71 -3.31 -18.05
N ASN B 49 -20.87 -2.30 -17.90
CA ASN B 49 -20.75 -1.27 -18.91
C ASN B 49 -19.83 -1.75 -20.01
N PHE B 50 -19.85 -1.07 -21.15
CA PHE B 50 -19.05 -1.53 -22.27
C PHE B 50 -17.90 -0.62 -22.63
N GLU B 51 -18.06 0.70 -22.54
CA GLU B 51 -16.95 1.59 -22.92
C GLU B 51 -15.97 1.68 -21.76
N CYS B 52 -16.38 2.38 -20.69
CA CYS B 52 -15.87 2.33 -19.31
C CYS B 52 -14.34 2.20 -19.20
N ASN B 53 -13.66 3.24 -19.66
CA ASN B 53 -12.20 3.36 -19.56
C ASN B 53 -11.79 4.27 -18.40
N ASN B 54 -12.54 4.19 -17.30
CA ASN B 54 -12.61 5.24 -16.30
C ASN B 54 -12.48 4.63 -14.91
N GLU B 55 -11.34 3.97 -14.65
CA GLU B 55 -11.02 3.04 -13.56
C GLU B 55 -11.77 3.23 -12.24
N TYR B 56 -11.92 4.48 -11.80
CA TYR B 56 -12.79 4.82 -10.68
C TYR B 56 -14.23 4.35 -10.88
N GLN B 57 -14.71 4.37 -12.11
CA GLN B 57 -16.03 3.81 -12.40
C GLN B 57 -15.98 2.31 -12.65
N TYR B 58 -14.82 1.75 -13.00
CA TYR B 58 -14.80 0.38 -13.48
C TYR B 58 -15.07 -0.62 -12.38
N ILE B 59 -14.85 -0.25 -11.12
CA ILE B 59 -14.88 -1.16 -9.98
C ILE B 59 -16.23 -1.84 -9.79
N ASN B 60 -17.28 -1.29 -10.41
CA ASN B 60 -18.56 -1.99 -10.51
C ASN B 60 -18.42 -3.27 -11.31
N ASN B 61 -17.57 -3.27 -12.36
CA ASN B 61 -17.53 -4.40 -13.28
C ASN B 61 -16.71 -5.56 -12.78
N TRP B 62 -15.87 -5.38 -11.77
CA TRP B 62 -15.20 -6.55 -11.21
C TRP B 62 -16.17 -7.38 -10.40
N LYS B 63 -17.04 -6.73 -9.63
CA LYS B 63 -17.85 -7.44 -8.65
C LYS B 63 -18.97 -8.25 -9.27
N VAL B 64 -19.29 -8.00 -10.55
CA VAL B 64 -20.38 -8.70 -11.22
C VAL B 64 -20.05 -10.18 -11.34
N LEU B 65 -18.76 -10.49 -11.44
CA LEU B 65 -18.31 -11.87 -11.32
C LEU B 65 -18.51 -12.45 -9.92
N GLN B 66 -18.60 -11.63 -8.88
CA GLN B 66 -18.69 -12.20 -7.54
C GLN B 66 -20.07 -12.76 -7.23
N GLN B 67 -21.07 -12.50 -8.07
CA GLN B 67 -22.25 -13.35 -8.11
C GLN B 67 -22.00 -14.63 -8.91
N VAL B 68 -21.16 -14.56 -9.93
CA VAL B 68 -20.90 -15.72 -10.76
C VAL B 68 -20.07 -16.73 -10.00
N PHE B 69 -19.03 -16.26 -9.31
CA PHE B 69 -18.29 -17.17 -8.45
C PHE B 69 -19.07 -17.62 -7.24
N LEU B 70 -20.10 -16.87 -6.82
CA LEU B 70 -20.96 -17.29 -5.73
C LEU B 70 -21.77 -18.52 -6.11
N LYS B 71 -22.51 -18.44 -7.21
CA LYS B 71 -23.46 -19.48 -7.56
C LYS B 71 -22.78 -20.76 -8.03
N LYS B 72 -21.48 -20.74 -8.30
CA LYS B 72 -20.77 -21.95 -8.70
C LYS B 72 -19.59 -22.29 -7.81
N GLY B 73 -19.14 -21.38 -6.95
CA GLY B 73 -18.25 -21.75 -5.86
C GLY B 73 -16.82 -22.13 -6.21
N ILE B 74 -16.03 -21.15 -6.65
CA ILE B 74 -14.59 -21.31 -6.81
C ILE B 74 -13.92 -20.24 -5.95
N ASP B 75 -13.11 -20.67 -4.98
CA ASP B 75 -12.79 -19.87 -3.81
C ASP B 75 -11.60 -18.94 -3.99
N LYS B 76 -11.36 -18.44 -5.20
CA LYS B 76 -10.19 -17.60 -5.39
C LYS B 76 -10.52 -16.17 -5.01
N VAL B 77 -9.69 -15.57 -4.17
CA VAL B 77 -9.84 -14.15 -3.84
C VAL B 77 -9.55 -13.32 -5.09
N VAL B 78 -10.35 -12.29 -5.29
CA VAL B 78 -10.16 -11.36 -6.37
C VAL B 78 -9.91 -10.00 -5.73
N ASP B 79 -8.70 -9.46 -5.92
CA ASP B 79 -8.37 -8.13 -5.43
C ASP B 79 -8.37 -7.17 -6.59
N PRO B 80 -9.46 -6.43 -6.82
CA PRO B 80 -9.61 -5.70 -8.07
C PRO B 80 -8.77 -4.45 -8.19
N GLU B 81 -8.18 -3.93 -7.11
CA GLU B 81 -7.61 -2.59 -7.17
C GLU B 81 -6.31 -2.54 -7.97
N ARG B 82 -5.41 -3.50 -7.81
CA ARG B 82 -4.28 -3.57 -8.72
C ARG B 82 -4.66 -4.26 -10.02
N LEU B 83 -5.71 -5.08 -9.97
CA LEU B 83 -6.27 -5.62 -11.21
C LEU B 83 -6.81 -4.52 -12.10
N SER B 84 -7.47 -3.51 -11.53
CA SER B 84 -8.06 -2.45 -12.33
C SER B 84 -7.05 -1.42 -12.81
N ARG B 85 -5.78 -1.59 -12.47
CA ARG B 85 -4.72 -0.67 -12.87
C ARG B 85 -4.37 -0.76 -14.35
N CYS B 86 -4.94 -1.76 -15.07
CA CYS B 86 -4.58 -2.10 -16.45
C CYS B 86 -3.08 -2.33 -16.55
N LYS B 87 -2.57 -3.08 -15.60
CA LYS B 87 -1.16 -3.33 -15.47
C LYS B 87 -0.99 -4.82 -15.23
N MET B 88 0.19 -5.36 -15.49
CA MET B 88 0.44 -6.78 -15.36
C MET B 88 0.69 -7.10 -13.89
N GLN B 89 1.29 -8.27 -13.60
CA GLN B 89 1.60 -8.90 -12.31
C GLN B 89 0.39 -9.44 -11.62
N ASP B 90 -0.79 -9.17 -12.08
CA ASP B 90 -1.97 -9.86 -11.57
C ASP B 90 -2.83 -10.39 -12.70
N ASN B 91 -2.88 -9.69 -13.82
CA ASN B 91 -3.83 -10.05 -14.87
C ASN B 91 -3.43 -11.32 -15.59
N LEU B 92 -2.13 -11.60 -15.71
CA LEU B 92 -1.70 -12.83 -16.36
C LEU B 92 -2.08 -14.05 -15.53
N GLU B 93 -1.63 -14.08 -14.28
CA GLU B 93 -1.99 -15.15 -13.38
C GLU B 93 -3.42 -15.06 -12.87
N PHE B 94 -4.21 -14.14 -13.41
CA PHE B 94 -5.65 -14.27 -13.35
C PHE B 94 -6.19 -14.96 -14.59
N VAL B 95 -5.52 -14.85 -15.75
CA VAL B 95 -5.97 -15.53 -16.96
C VAL B 95 -5.16 -16.81 -17.21
N GLN B 96 -3.98 -16.93 -16.62
CA GLN B 96 -3.36 -18.24 -16.54
C GLN B 96 -4.18 -19.15 -15.65
N TRP B 97 -4.83 -18.56 -14.65
CA TRP B 97 -5.65 -19.30 -13.71
C TRP B 97 -7.01 -19.66 -14.29
N ALA B 98 -7.58 -18.79 -15.12
CA ALA B 98 -8.86 -19.11 -15.71
C ALA B 98 -8.76 -20.10 -16.85
N LYS B 99 -7.56 -20.38 -17.34
CA LYS B 99 -7.39 -21.52 -18.22
C LYS B 99 -6.79 -22.71 -17.49
N ARG B 100 -6.61 -22.61 -16.18
CA ARG B 100 -6.62 -23.81 -15.37
C ARG B 100 -8.04 -24.31 -15.18
N PHE B 101 -9.01 -23.41 -15.29
CA PHE B 101 -10.44 -23.73 -15.35
C PHE B 101 -10.86 -24.27 -16.71
N TRP B 102 -10.01 -24.14 -17.73
CA TRP B 102 -10.24 -24.70 -19.06
C TRP B 102 -10.28 -26.23 -19.07
N ASP B 103 -9.89 -26.87 -17.96
CA ASP B 103 -9.57 -28.30 -17.95
C ASP B 103 -10.77 -29.17 -18.31
N GLN B 104 -11.82 -29.12 -17.50
CA GLN B 104 -12.88 -30.11 -17.65
C GLN B 104 -14.26 -29.53 -17.94
N TYR B 105 -14.47 -28.23 -17.75
CA TYR B 105 -15.82 -27.71 -17.72
C TYR B 105 -16.34 -27.26 -19.08
N TYR B 106 -15.67 -27.64 -20.18
CA TYR B 106 -16.34 -27.21 -21.41
C TYR B 106 -17.28 -28.28 -21.92
N PRO B 107 -18.49 -27.89 -22.35
CA PRO B 107 -19.31 -28.78 -23.19
C PRO B 107 -18.99 -28.70 -24.67
N GLY B 108 -17.96 -27.93 -25.05
CA GLY B 108 -17.45 -27.94 -26.39
C GLY B 108 -18.14 -27.00 -27.35
N GLY B 109 -19.43 -26.72 -27.14
CA GLY B 109 -20.17 -25.89 -28.06
C GLY B 109 -19.77 -24.43 -27.99
N ASP B 110 -20.02 -23.72 -29.09
CA ASP B 110 -19.70 -22.31 -29.12
C ASP B 110 -20.73 -21.51 -28.33
N TYR B 111 -20.31 -20.33 -27.90
CA TYR B 111 -21.19 -19.45 -27.12
C TYR B 111 -20.95 -18.04 -27.63
N ASP B 112 -21.83 -17.61 -28.53
CA ASP B 112 -21.68 -16.37 -29.27
C ASP B 112 -22.16 -15.24 -28.37
N ALA B 113 -21.24 -14.72 -27.57
CA ALA B 113 -21.52 -13.51 -26.80
C ALA B 113 -21.43 -12.26 -27.67
N LEU B 114 -20.85 -12.36 -28.86
CA LEU B 114 -20.93 -11.26 -29.81
C LEU B 114 -22.36 -11.06 -30.28
N ALA B 115 -23.14 -12.12 -30.38
CA ALA B 115 -24.56 -12.01 -30.69
C ALA B 115 -25.42 -11.86 -29.46
N ARG B 116 -24.88 -12.14 -28.28
CA ARG B 116 -25.69 -12.17 -27.07
C ARG B 116 -25.84 -10.80 -26.43
N ARG B 117 -24.80 -9.97 -26.48
CA ARG B 117 -24.86 -8.64 -25.90
C ARG B 117 -25.43 -7.59 -26.86
N GLY B 118 -26.13 -8.01 -27.90
CA GLY B 118 -26.75 -7.07 -28.82
C GLY B 118 -25.79 -6.47 -29.82
N ASN B 119 -24.76 -7.25 -30.22
CA ASN B 119 -23.64 -6.79 -31.04
C ASN B 119 -22.97 -5.57 -30.42
N ARG B 120 -22.62 -5.72 -29.13
CA ARG B 120 -21.94 -4.73 -28.26
C ARG B 120 -22.56 -3.34 -28.33
N GLY B 121 -23.89 -3.31 -28.44
CA GLY B 121 -24.61 -2.05 -28.58
C GLY B 121 -24.87 -1.37 -27.26
N MET C 1 7.47 -5.06 2.99
CA MET C 1 8.88 -4.71 3.06
C MET C 1 9.76 -5.93 2.91
N ARG C 2 9.47 -6.74 1.89
CA ARG C 2 10.18 -7.99 1.58
C ARG C 2 10.17 -8.93 2.78
N GLU C 3 8.97 -9.24 3.26
CA GLU C 3 8.83 -9.91 4.54
C GLU C 3 8.12 -11.25 4.38
N VAL C 4 8.38 -12.14 5.32
CA VAL C 4 7.99 -13.53 5.18
C VAL C 4 7.72 -14.05 6.59
N ILE C 5 6.93 -15.11 6.68
CA ILE C 5 6.42 -15.61 7.95
C ILE C 5 6.69 -17.11 8.06
N SER C 6 6.98 -17.59 9.27
CA SER C 6 7.48 -18.94 9.48
C SER C 6 6.54 -19.73 10.38
N VAL C 7 5.94 -20.78 9.84
CA VAL C 7 5.08 -21.63 10.66
C VAL C 7 5.90 -22.71 11.34
N HIS C 8 5.35 -23.23 12.44
CA HIS C 8 6.05 -24.18 13.29
C HIS C 8 5.05 -25.25 13.72
N VAL C 9 5.09 -26.39 13.04
CA VAL C 9 4.21 -27.52 13.34
C VAL C 9 5.07 -28.70 13.75
N GLY C 10 4.59 -29.46 14.72
CA GLY C 10 5.39 -30.57 15.17
C GLY C 10 6.28 -30.19 16.33
N GLN C 11 6.57 -31.18 17.17
CA GLN C 11 7.36 -30.94 18.37
C GLN C 11 8.79 -30.59 18.01
N ALA C 12 9.25 -31.08 16.85
CA ALA C 12 10.46 -30.56 16.26
C ALA C 12 10.29 -29.10 15.90
N GLY C 13 9.21 -28.79 15.20
CA GLY C 13 8.93 -27.42 14.79
C GLY C 13 8.74 -26.48 15.95
N VAL C 14 8.40 -27.00 17.13
CA VAL C 14 8.48 -26.19 18.33
C VAL C 14 9.93 -25.83 18.62
N GLN C 15 10.74 -26.84 18.91
CA GLN C 15 12.06 -26.58 19.48
C GLN C 15 13.05 -26.06 18.45
N ILE C 16 12.79 -26.28 17.17
CA ILE C 16 13.64 -25.69 16.14
C ILE C 16 13.57 -24.17 16.20
N GLY C 17 12.35 -23.63 16.26
CA GLY C 17 12.18 -22.20 16.35
C GLY C 17 12.72 -21.60 17.62
N ASN C 18 12.76 -22.39 18.69
CA ASN C 18 13.32 -21.91 19.94
C ASN C 18 14.82 -21.70 19.86
N ALA C 19 15.46 -22.24 18.83
CA ALA C 19 16.81 -21.79 18.49
C ALA C 19 16.80 -20.75 17.40
N CYS C 20 15.83 -20.80 16.48
CA CYS C 20 15.83 -19.89 15.36
C CYS C 20 15.54 -18.47 15.80
N TRP C 21 14.51 -18.30 16.62
CA TRP C 21 14.15 -16.97 17.04
C TRP C 21 15.13 -16.42 18.07
N GLU C 22 15.76 -17.32 18.83
CA GLU C 22 16.85 -16.91 19.71
C GLU C 22 17.97 -16.29 18.91
N LEU C 23 18.34 -16.94 17.80
CA LEU C 23 19.30 -16.36 16.89
C LEU C 23 18.77 -15.08 16.26
N TYR C 24 17.47 -15.05 15.97
CA TYR C 24 16.87 -13.86 15.37
C TYR C 24 16.90 -12.68 16.32
N CYS C 25 16.68 -12.93 17.61
CA CYS C 25 16.69 -11.83 18.56
C CYS C 25 18.10 -11.33 18.85
N LEU C 26 19.08 -12.20 18.69
CA LEU C 26 20.44 -11.77 18.90
C LEU C 26 21.01 -11.11 17.66
N GLU C 27 20.46 -11.41 16.50
CA GLU C 27 20.91 -10.81 15.25
C GLU C 27 20.24 -9.49 14.95
N HIS C 28 19.52 -8.91 15.91
CA HIS C 28 19.05 -7.55 15.75
C HIS C 28 19.11 -6.73 17.02
N GLY C 29 19.67 -7.26 18.10
CA GLY C 29 19.68 -6.52 19.33
C GLY C 29 18.29 -6.46 19.92
N ILE C 30 17.70 -7.63 20.12
CA ILE C 30 16.37 -7.75 20.66
C ILE C 30 16.48 -8.41 22.02
N GLY C 31 16.03 -7.70 23.05
CA GLY C 31 15.95 -8.25 24.37
C GLY C 31 14.98 -9.41 24.39
N PRO C 32 15.21 -10.35 25.30
CA PRO C 32 14.43 -11.59 25.28
C PRO C 32 12.99 -11.40 25.67
N ASP C 33 12.64 -10.28 26.28
CA ASP C 33 11.25 -9.95 26.58
C ASP C 33 10.53 -9.31 25.41
N GLY C 34 11.17 -9.19 24.26
CA GLY C 34 10.55 -8.57 23.12
C GLY C 34 10.81 -7.07 23.08
N PHE C 35 10.90 -6.46 24.26
CA PHE C 35 11.20 -5.05 24.35
C PHE C 35 12.71 -4.92 24.20
N PRO C 36 13.19 -4.43 23.07
CA PRO C 36 14.57 -4.74 22.66
C PRO C 36 15.61 -3.79 23.22
N THR C 37 16.83 -3.97 22.72
CA THR C 37 17.86 -2.94 22.64
C THR C 37 18.28 -2.43 24.02
N GLU C 38 19.00 -3.29 24.72
CA GLU C 38 19.70 -2.84 25.92
C GLU C 38 20.70 -1.74 25.58
N LEU C 49 19.94 -3.01 10.37
CA LEU C 49 20.22 -1.67 9.86
C LEU C 49 18.98 -0.81 9.84
N ASN C 50 18.86 0.00 8.77
CA ASN C 50 17.74 0.93 8.65
C ASN C 50 16.43 0.17 8.47
N ASP C 51 16.34 -0.59 7.38
CA ASP C 51 15.25 -1.53 7.20
C ASP C 51 15.39 -2.74 8.12
N GLY C 52 16.58 -2.96 8.68
CA GLY C 52 16.83 -4.16 9.46
C GLY C 52 16.03 -4.22 10.74
N PHE C 53 15.78 -3.06 11.36
CA PHE C 53 15.15 -3.01 12.68
C PHE C 53 13.67 -3.36 12.63
N GLY C 54 13.11 -3.54 11.43
CA GLY C 54 11.75 -3.96 11.22
C GLY C 54 11.63 -5.05 10.19
N THR C 55 12.52 -6.03 10.22
CA THR C 55 12.47 -7.06 9.19
C THR C 55 11.44 -8.16 9.49
N PHE C 56 11.69 -9.00 10.48
CA PHE C 56 10.79 -10.12 10.74
C PHE C 56 9.65 -9.79 11.65
N PHE C 57 9.28 -8.53 11.76
CA PHE C 57 8.65 -8.03 12.97
C PHE C 57 7.64 -6.95 12.60
N SER C 58 6.38 -7.18 12.92
CA SER C 58 5.35 -6.19 12.69
C SER C 58 5.24 -5.38 13.98
N GLU C 59 5.91 -4.24 14.02
CA GLU C 59 6.09 -3.53 15.27
C GLU C 59 4.82 -2.84 15.73
N THR C 60 4.65 -2.79 17.04
CA THR C 60 3.71 -1.87 17.65
C THR C 60 4.47 -0.63 18.10
N GLY C 61 3.70 0.42 18.39
CA GLY C 61 4.29 1.66 18.85
C GLY C 61 4.88 1.58 20.23
N GLN C 62 4.60 0.51 20.96
CA GLN C 62 5.24 0.30 22.24
C GLN C 62 6.71 -0.07 22.12
N GLY C 63 7.16 -0.50 20.95
CA GLY C 63 8.57 -0.77 20.77
C GLY C 63 8.93 -2.24 20.85
N LYS C 64 8.20 -3.01 21.63
CA LYS C 64 8.32 -4.45 21.50
C LYS C 64 7.61 -4.88 20.23
N PHE C 65 7.95 -6.06 19.73
CA PHE C 65 7.38 -6.47 18.47
C PHE C 65 7.22 -7.97 18.36
N VAL C 66 6.24 -8.34 17.54
CA VAL C 66 5.84 -9.73 17.39
C VAL C 66 6.79 -10.42 16.42
N PRO C 67 7.37 -11.53 16.83
CA PRO C 67 7.99 -12.44 15.85
C PRO C 67 6.93 -13.02 14.95
N ARG C 68 7.05 -12.73 13.66
CA ARG C 68 6.03 -13.16 12.72
C ARG C 68 6.16 -14.65 12.51
N SER C 69 5.53 -15.41 13.39
CA SER C 69 5.61 -16.85 13.38
C SER C 69 4.22 -17.37 13.64
N ILE C 70 4.11 -18.69 13.82
CA ILE C 70 2.92 -19.30 14.40
C ILE C 70 3.43 -20.56 15.08
N TYR C 71 2.65 -21.11 15.99
CA TYR C 71 3.01 -22.39 16.58
C TYR C 71 1.83 -23.34 16.47
N VAL C 72 2.09 -24.54 15.96
CA VAL C 72 1.05 -25.54 15.80
C VAL C 72 1.51 -26.81 16.49
N ASP C 73 0.75 -27.24 17.48
CA ASP C 73 0.99 -28.54 18.08
C ASP C 73 -0.32 -28.99 18.69
N LEU C 74 -0.48 -30.30 18.80
CA LEU C 74 -1.66 -30.84 19.45
C LEU C 74 -1.39 -31.27 20.88
N GLU C 75 -0.17 -31.13 21.35
CA GLU C 75 0.04 -31.25 22.78
C GLU C 75 0.04 -29.87 23.38
N PRO C 76 -0.47 -29.70 24.59
CA PRO C 76 -0.16 -28.49 25.36
C PRO C 76 1.15 -28.60 26.11
N ASN C 77 1.88 -29.71 25.93
CA ASN C 77 3.05 -29.97 26.77
C ASN C 77 4.20 -29.05 26.45
N VAL C 78 4.75 -29.17 25.25
CA VAL C 78 5.97 -28.45 24.95
C VAL C 78 5.72 -26.98 24.65
N ILE C 79 4.50 -26.62 24.24
CA ILE C 79 4.21 -25.23 23.93
C ILE C 79 4.20 -24.40 25.20
N ASP C 80 3.60 -24.93 26.26
CA ASP C 80 3.51 -24.17 27.50
C ASP C 80 4.85 -24.07 28.23
N GLN C 81 5.87 -24.78 27.77
CA GLN C 81 7.22 -24.57 28.28
C GLN C 81 7.75 -23.20 27.91
N VAL C 82 7.27 -22.63 26.81
CA VAL C 82 7.72 -21.31 26.38
C VAL C 82 7.22 -20.25 27.34
N ARG C 83 5.94 -20.30 27.68
CA ARG C 83 5.40 -19.34 28.64
C ARG C 83 5.94 -19.57 30.04
N THR C 84 6.35 -20.80 30.34
CA THR C 84 7.18 -21.00 31.52
C THR C 84 8.60 -20.48 31.28
N GLY C 85 9.12 -20.65 30.06
CA GLY C 85 10.48 -20.29 29.77
C GLY C 85 10.66 -18.78 29.66
N PRO C 86 11.90 -18.36 29.36
CA PRO C 86 12.24 -16.94 29.47
C PRO C 86 11.67 -16.08 28.36
N TYR C 87 11.07 -16.66 27.33
CA TYR C 87 10.52 -15.87 26.24
C TYR C 87 9.03 -15.65 26.41
N LYS C 88 8.56 -15.54 27.65
CA LYS C 88 7.14 -15.50 27.98
C LYS C 88 6.43 -14.28 27.43
N ASP C 89 7.16 -13.22 27.10
CA ASP C 89 6.56 -12.02 26.55
C ASP C 89 6.85 -11.87 25.07
N LEU C 90 7.42 -12.87 24.43
CA LEU C 90 7.83 -12.66 23.05
C LEU C 90 6.67 -12.82 22.11
N PHE C 91 5.92 -13.88 22.27
CA PHE C 91 4.88 -14.24 21.32
C PHE C 91 3.61 -13.48 21.70
N HIS C 92 2.46 -13.92 21.20
CA HIS C 92 1.24 -13.48 21.87
C HIS C 92 0.24 -14.63 21.87
N PRO C 93 -0.59 -14.74 22.89
CA PRO C 93 -1.47 -15.91 22.99
C PRO C 93 -2.68 -15.86 22.08
N GLU C 94 -2.50 -15.46 20.83
CA GLU C 94 -3.40 -15.85 19.76
C GLU C 94 -2.63 -16.67 18.74
N GLN C 95 -1.50 -16.12 18.30
CA GLN C 95 -0.53 -16.76 17.43
C GLN C 95 -0.08 -18.13 17.91
N MET C 96 0.02 -18.33 19.20
CA MET C 96 0.52 -19.59 19.72
C MET C 96 -0.62 -20.60 19.90
N VAL C 97 -1.18 -21.12 18.81
CA VAL C 97 -2.36 -21.96 18.91
C VAL C 97 -1.98 -23.39 19.24
N THR C 98 -2.50 -23.90 20.34
CA THR C 98 -2.23 -25.26 20.77
C THR C 98 -3.38 -26.17 20.36
N GLY C 99 -3.29 -27.42 20.80
CA GLY C 99 -4.38 -28.36 20.73
C GLY C 99 -4.56 -29.02 22.08
N LYS C 100 -5.83 -29.20 22.49
CA LYS C 100 -6.09 -29.69 23.84
C LYS C 100 -5.82 -31.17 23.97
N GLU C 101 -6.03 -31.94 22.91
CA GLU C 101 -5.77 -33.36 22.94
C GLU C 101 -4.98 -33.70 21.69
N ASP C 102 -4.48 -34.92 21.66
CA ASP C 102 -3.60 -35.32 20.58
C ASP C 102 -3.70 -36.82 20.40
N ALA C 103 -3.54 -37.24 19.16
CA ALA C 103 -3.20 -38.61 18.82
C ALA C 103 -2.08 -38.52 17.79
N SER C 104 -0.86 -38.36 18.27
CA SER C 104 0.23 -38.18 17.35
C SER C 104 0.77 -39.55 16.95
N ASN C 105 1.79 -39.55 16.08
CA ASN C 105 2.28 -40.70 15.33
C ASN C 105 1.17 -41.36 14.51
N ASN C 106 0.16 -40.58 14.17
CA ASN C 106 -1.03 -41.08 13.51
C ASN C 106 -1.30 -40.05 12.44
N TYR C 107 -0.81 -40.32 11.22
CA TYR C 107 -1.02 -39.39 10.13
C TYR C 107 -2.50 -39.18 9.88
N ALA C 108 -3.18 -40.24 9.49
CA ALA C 108 -4.49 -40.09 8.91
C ALA C 108 -5.58 -39.84 9.95
N ARG C 109 -5.25 -39.51 11.19
CA ARG C 109 -6.18 -38.72 11.99
C ARG C 109 -5.63 -37.38 12.36
N GLY C 110 -4.30 -37.25 12.48
CA GLY C 110 -3.72 -35.92 12.50
C GLY C 110 -3.92 -35.21 11.19
N HIS C 111 -4.00 -35.94 10.09
CA HIS C 111 -4.43 -35.32 8.85
C HIS C 111 -5.95 -35.26 8.84
N TYR C 112 -6.62 -36.41 8.95
CA TYR C 112 -8.03 -36.47 8.55
C TYR C 112 -9.04 -36.43 9.69
N THR C 113 -8.64 -36.60 10.96
CA THR C 113 -9.64 -36.49 12.02
C THR C 113 -9.35 -35.39 13.02
N VAL C 114 -8.23 -35.44 13.73
CA VAL C 114 -8.12 -34.63 14.94
C VAL C 114 -7.38 -33.33 14.64
N GLY C 115 -6.38 -33.38 13.76
CA GLY C 115 -5.67 -32.17 13.44
C GLY C 115 -6.46 -31.22 12.56
N LYS C 116 -7.49 -31.71 11.88
CA LYS C 116 -8.23 -30.84 10.99
C LYS C 116 -9.12 -29.89 11.74
N GLU C 117 -9.42 -30.17 13.00
CA GLU C 117 -10.28 -29.27 13.76
C GLU C 117 -9.57 -28.00 14.17
N MET C 118 -8.25 -27.95 14.03
CA MET C 118 -7.50 -26.74 14.36
C MET C 118 -7.34 -25.82 13.17
N ILE C 119 -7.65 -26.31 11.97
CA ILE C 119 -7.18 -25.69 10.74
C ILE C 119 -7.88 -24.37 10.52
N ASP C 120 -9.18 -24.33 10.76
CA ASP C 120 -9.92 -23.10 10.60
C ASP C 120 -9.49 -22.04 11.62
N SER C 121 -9.06 -22.48 12.79
CA SER C 121 -8.42 -21.56 13.72
C SER C 121 -7.02 -21.19 13.25
N VAL C 122 -6.31 -22.13 12.63
CA VAL C 122 -4.98 -21.84 12.11
C VAL C 122 -5.07 -20.90 10.92
N LEU C 123 -5.99 -21.19 9.99
CA LEU C 123 -6.03 -20.48 8.73
C LEU C 123 -6.43 -19.03 8.90
N GLU C 124 -7.16 -18.72 9.97
CA GLU C 124 -7.42 -17.34 10.31
C GLU C 124 -6.15 -16.62 10.73
N ARG C 125 -5.28 -17.28 11.47
CA ARG C 125 -4.08 -16.60 11.94
C ARG C 125 -3.03 -16.48 10.86
N ILE C 126 -3.12 -17.31 9.82
CA ILE C 126 -2.34 -17.06 8.63
C ILE C 126 -2.81 -15.78 7.98
N ARG C 127 -4.12 -15.52 8.06
CA ARG C 127 -4.74 -14.49 7.25
C ARG C 127 -4.34 -13.11 7.71
N ARG C 128 -4.52 -12.81 9.00
CA ARG C 128 -4.28 -11.45 9.46
C ARG C 128 -2.80 -11.12 9.50
N MET C 129 -1.95 -12.13 9.64
CA MET C 129 -0.53 -11.84 9.56
C MET C 129 -0.11 -11.61 8.12
N ALA C 130 -0.90 -12.09 7.17
CA ALA C 130 -0.70 -11.71 5.79
C ALA C 130 -1.37 -10.38 5.45
N ASP C 131 -1.98 -9.73 6.43
CA ASP C 131 -2.66 -8.47 6.20
C ASP C 131 -1.86 -7.28 6.70
N ASN C 132 -0.59 -7.48 7.03
CA ASN C 132 0.26 -6.35 7.37
C ASN C 132 1.55 -6.45 6.55
N CYS C 133 1.99 -7.66 6.29
CA CYS C 133 3.23 -7.88 5.58
C CYS C 133 2.99 -7.57 4.12
N SER C 134 3.18 -6.30 3.77
CA SER C 134 2.85 -5.84 2.43
C SER C 134 3.78 -6.45 1.39
N GLY C 135 5.07 -6.49 1.67
CA GLY C 135 5.97 -7.17 0.78
C GLY C 135 6.12 -8.61 1.22
N LEU C 136 5.30 -9.49 0.65
CA LEU C 136 5.24 -10.87 1.09
C LEU C 136 6.03 -11.75 0.13
N GLN C 137 6.91 -12.58 0.67
CA GLN C 137 7.76 -13.42 -0.15
C GLN C 137 7.45 -14.91 0.03
N GLY C 138 6.18 -15.27 0.02
CA GLY C 138 5.78 -16.62 0.34
C GLY C 138 5.74 -16.81 1.83
N PHE C 139 6.04 -18.01 2.34
CA PHE C 139 6.17 -18.24 3.77
C PHE C 139 6.94 -19.52 4.04
N LEU C 140 7.44 -19.63 5.26
CA LEU C 140 8.40 -20.65 5.66
C LEU C 140 7.73 -21.71 6.54
N VAL C 141 8.14 -22.97 6.36
CA VAL C 141 7.48 -24.12 6.95
C VAL C 141 8.49 -24.94 7.72
N PHE C 142 8.23 -25.21 9.00
CA PHE C 142 9.04 -26.11 9.80
C PHE C 142 8.21 -27.28 10.28
N HIS C 143 8.70 -28.49 10.09
CA HIS C 143 8.06 -29.69 10.63
C HIS C 143 9.12 -30.76 10.76
N SER C 144 8.68 -32.01 10.93
CA SER C 144 9.58 -33.15 10.85
C SER C 144 8.88 -34.29 10.13
N PHE C 145 9.69 -35.28 9.77
CA PHE C 145 9.13 -36.57 9.36
C PHE C 145 9.00 -37.51 10.53
N GLY C 146 9.86 -37.36 11.54
CA GLY C 146 9.77 -38.20 12.72
C GLY C 146 8.56 -37.87 13.57
N GLY C 147 7.97 -36.70 13.36
CA GLY C 147 6.69 -36.43 13.98
C GLY C 147 5.57 -37.20 13.31
N GLY C 148 4.50 -37.40 14.06
CA GLY C 148 3.27 -37.77 13.39
C GLY C 148 2.60 -36.51 12.89
N THR C 149 2.19 -35.65 13.81
CA THR C 149 1.29 -34.56 13.47
C THR C 149 2.00 -33.46 12.70
N GLY C 150 3.26 -33.21 13.02
CA GLY C 150 4.04 -32.30 12.21
C GLY C 150 4.25 -32.82 10.80
N SER C 151 4.43 -34.13 10.66
CA SER C 151 4.30 -34.71 9.35
C SER C 151 2.84 -34.71 8.91
N GLY C 152 1.92 -34.87 9.85
CA GLY C 152 0.52 -34.97 9.52
C GLY C 152 -0.14 -33.66 9.17
N LEU C 153 -0.22 -32.75 10.15
CA LEU C 153 -0.87 -31.48 9.90
C LEU C 153 -0.04 -30.63 8.97
N GLY C 154 1.28 -30.86 8.97
CA GLY C 154 2.16 -30.08 8.14
C GLY C 154 1.91 -30.27 6.66
N ALA C 155 1.78 -31.52 6.22
CA ALA C 155 1.43 -31.77 4.83
C ALA C 155 0.03 -31.26 4.51
N LEU C 156 -0.87 -31.31 5.48
CA LEU C 156 -2.16 -30.69 5.31
C LEU C 156 -2.06 -29.18 5.35
N LEU C 157 -1.03 -28.64 6.00
CA LEU C 157 -0.94 -27.20 6.10
C LEU C 157 -0.59 -26.57 4.77
N LEU C 158 0.32 -27.20 4.03
CA LEU C 158 0.73 -26.65 2.75
C LEU C 158 -0.36 -26.73 1.71
N GLU C 159 -1.14 -27.80 1.72
CA GLU C 159 -1.97 -28.11 0.57
C GLU C 159 -3.16 -27.19 0.44
N ARG C 160 -3.56 -26.47 1.48
CA ARG C 160 -4.56 -25.43 1.33
C ARG C 160 -3.97 -24.06 1.17
N LEU C 161 -2.78 -23.85 1.71
CA LEU C 161 -2.13 -22.56 1.58
C LEU C 161 -1.65 -22.33 0.16
N ASN C 162 -1.00 -23.33 -0.43
CA ASN C 162 -0.64 -23.26 -1.84
C ASN C 162 -1.89 -23.35 -2.71
N MET C 163 -2.96 -23.94 -2.18
CA MET C 163 -4.25 -23.83 -2.84
C MET C 163 -4.78 -22.39 -2.76
N GLU C 164 -4.58 -21.72 -1.62
CA GLU C 164 -4.92 -20.30 -1.58
C GLU C 164 -3.91 -19.48 -2.37
N TYR C 165 -2.66 -19.51 -1.95
CA TYR C 165 -1.77 -18.42 -2.30
C TYR C 165 -1.13 -18.56 -3.66
N GLY C 166 -1.31 -19.70 -4.32
CA GLY C 166 -0.97 -19.82 -5.73
C GLY C 166 0.51 -19.75 -6.02
N LYS C 167 0.95 -18.59 -6.49
CA LYS C 167 2.32 -18.38 -6.91
C LYS C 167 3.29 -18.18 -5.75
N LYS C 168 2.83 -18.15 -4.52
CA LYS C 168 3.70 -17.71 -3.45
C LYS C 168 4.72 -18.79 -3.08
N SER C 169 5.81 -18.34 -2.47
CA SER C 169 6.95 -19.19 -2.20
C SER C 169 6.69 -20.15 -1.05
N ASN C 170 7.23 -21.36 -1.17
CA ASN C 170 7.00 -22.43 -0.19
C ASN C 170 8.33 -23.14 0.07
N LEU C 171 9.03 -22.70 1.11
CA LEU C 171 10.25 -23.32 1.57
C LEU C 171 10.01 -24.10 2.85
N GLN C 172 10.66 -25.27 2.96
CA GLN C 172 10.61 -25.99 4.22
C GLN C 172 11.92 -26.68 4.53
N PHE C 173 12.32 -26.58 5.79
CA PHE C 173 13.47 -27.28 6.35
C PHE C 173 12.92 -28.46 7.12
N SER C 174 13.09 -29.65 6.58
CA SER C 174 12.56 -30.84 7.20
C SER C 174 13.67 -31.59 7.92
N VAL C 175 13.28 -32.65 8.61
CA VAL C 175 14.23 -33.58 9.22
C VAL C 175 13.59 -34.96 9.22
N TYR C 176 14.33 -35.93 8.73
CA TYR C 176 13.85 -37.24 8.36
C TYR C 176 14.48 -38.28 9.28
N PRO C 177 13.88 -39.47 9.40
CA PRO C 177 14.47 -40.50 10.27
C PRO C 177 15.74 -41.08 9.69
N ALA C 178 16.74 -41.23 10.55
CA ALA C 178 18.12 -41.53 10.19
C ALA C 178 18.26 -42.86 9.46
N PRO C 179 19.39 -43.05 8.78
CA PRO C 179 19.75 -44.41 8.35
C PRO C 179 19.98 -45.36 9.49
N GLN C 180 20.31 -44.89 10.68
CA GLN C 180 20.63 -45.88 11.71
C GLN C 180 19.77 -45.79 12.96
N VAL C 181 19.40 -44.59 13.41
CA VAL C 181 18.67 -44.45 14.67
C VAL C 181 17.32 -43.81 14.42
N SER C 182 16.25 -44.55 14.70
CA SER C 182 14.90 -44.01 14.65
C SER C 182 14.55 -43.35 15.96
N THR C 183 13.52 -42.52 15.92
CA THR C 183 12.88 -42.12 17.16
C THR C 183 11.53 -42.80 17.35
N SER C 184 10.97 -43.39 16.29
CA SER C 184 9.75 -44.16 16.40
C SER C 184 9.66 -45.13 15.23
N VAL C 185 8.87 -46.19 15.44
CA VAL C 185 8.70 -47.20 14.41
C VAL C 185 7.82 -46.72 13.26
N VAL C 186 7.04 -45.65 13.46
CA VAL C 186 6.11 -45.21 12.43
C VAL C 186 6.80 -44.40 11.35
N GLU C 187 8.09 -44.19 11.46
CA GLU C 187 8.89 -43.39 10.58
C GLU C 187 9.10 -43.99 9.19
N PRO C 188 8.99 -45.30 9.02
CA PRO C 188 8.57 -45.75 7.69
C PRO C 188 7.18 -45.26 7.33
N TYR C 189 6.19 -45.52 8.18
CA TYR C 189 4.80 -45.30 7.78
C TYR C 189 4.45 -43.82 7.72
N ASN C 190 4.34 -43.19 8.88
CA ASN C 190 3.75 -41.85 8.95
C ASN C 190 4.79 -40.77 8.71
N SER C 191 5.74 -41.02 7.84
CA SER C 191 6.63 -40.02 7.29
C SER C 191 6.73 -40.11 5.79
N VAL C 192 6.81 -41.32 5.23
CA VAL C 192 7.17 -41.43 3.82
C VAL C 192 5.97 -41.13 2.93
N LEU C 193 4.78 -41.12 3.48
CA LEU C 193 3.65 -40.75 2.66
C LEU C 193 3.52 -39.25 2.54
N THR C 194 4.00 -38.50 3.53
CA THR C 194 3.85 -37.06 3.56
C THR C 194 4.63 -36.38 2.48
N THR C 195 5.58 -37.09 1.87
CA THR C 195 6.21 -36.55 0.69
C THR C 195 5.29 -36.57 -0.52
N HIS C 196 4.10 -37.18 -0.45
CA HIS C 196 3.10 -36.93 -1.48
C HIS C 196 2.66 -35.49 -1.51
N ALA C 197 2.00 -35.05 -0.43
CA ALA C 197 1.39 -33.73 -0.43
C ALA C 197 2.46 -32.64 -0.48
N THR C 198 3.58 -32.88 0.16
CA THR C 198 4.65 -31.90 0.08
C THR C 198 5.46 -32.00 -1.21
N LEU C 199 5.17 -32.96 -2.09
CA LEU C 199 5.85 -32.94 -3.38
C LEU C 199 5.36 -31.78 -4.22
N ASP C 200 4.05 -31.65 -4.35
CA ASP C 200 3.49 -30.68 -5.25
C ASP C 200 2.96 -29.46 -4.52
N ASN C 201 3.33 -29.29 -3.27
CA ASN C 201 3.01 -28.08 -2.53
C ASN C 201 4.24 -27.34 -2.02
N SER C 202 5.35 -28.02 -1.81
CA SER C 202 6.59 -27.34 -1.48
C SER C 202 7.31 -26.92 -2.74
N ASP C 203 7.61 -25.63 -2.85
CA ASP C 203 8.39 -25.15 -3.98
C ASP C 203 9.79 -25.73 -3.93
N CYS C 204 10.54 -25.39 -2.91
CA CYS C 204 11.73 -26.15 -2.60
C CYS C 204 11.61 -26.68 -1.19
N THR C 205 12.48 -27.62 -0.87
CA THR C 205 12.49 -28.19 0.47
C THR C 205 13.91 -28.58 0.82
N PHE C 206 14.12 -28.81 2.10
CA PHE C 206 15.44 -29.15 2.61
C PHE C 206 15.25 -30.11 3.77
N MET C 207 16.18 -31.05 3.91
CA MET C 207 16.06 -32.08 4.92
C MET C 207 17.44 -32.42 5.45
N VAL C 208 17.49 -32.91 6.68
CA VAL C 208 18.73 -33.02 7.43
C VAL C 208 18.62 -34.20 8.38
N ASP C 209 19.75 -34.79 8.74
CA ASP C 209 19.78 -35.96 9.60
C ASP C 209 20.32 -35.62 10.99
N ASN C 210 19.68 -36.20 12.01
CA ASN C 210 20.18 -36.11 13.37
C ASN C 210 21.49 -36.86 13.50
N GLU C 211 21.50 -38.14 13.11
CA GLU C 211 22.68 -38.97 13.28
C GLU C 211 23.86 -38.47 12.47
N ALA C 212 23.59 -37.77 11.36
CA ALA C 212 24.67 -37.05 10.73
C ALA C 212 25.02 -35.80 11.52
N CYS C 213 24.01 -35.09 12.01
CA CYS C 213 24.32 -33.91 12.80
C CYS C 213 24.92 -34.29 14.14
N TYR C 214 24.51 -35.43 14.71
CA TYR C 214 25.20 -35.94 15.88
C TYR C 214 26.63 -36.33 15.55
N ASP C 215 26.88 -36.83 14.34
CA ASP C 215 28.22 -37.24 13.93
C ASP C 215 29.14 -36.04 13.88
N ILE C 216 28.61 -34.87 13.58
CA ILE C 216 29.40 -33.66 13.64
C ILE C 216 29.72 -33.31 15.09
N CYS C 217 28.79 -33.59 15.99
CA CYS C 217 28.94 -33.15 17.37
C CYS C 217 30.04 -33.89 18.09
N ARG C 218 30.24 -35.16 17.78
CA ARG C 218 31.30 -35.89 18.45
C ARG C 218 32.68 -35.56 17.92
N ARG C 219 32.79 -34.98 16.72
CA ARG C 219 34.08 -34.67 16.13
C ARG C 219 34.32 -33.17 15.97
N ASN C 220 33.42 -32.46 15.31
CA ASN C 220 33.70 -31.05 15.14
C ASN C 220 33.26 -30.23 16.33
N LEU C 221 32.35 -30.75 17.13
CA LEU C 221 32.03 -30.12 18.40
C LEU C 221 32.65 -30.84 19.58
N ASP C 222 33.00 -32.12 19.42
CA ASP C 222 33.80 -32.89 20.39
C ASP C 222 33.13 -32.97 21.75
N ILE C 223 31.81 -33.10 21.75
CA ILE C 223 31.08 -33.26 23.00
C ILE C 223 30.47 -34.65 22.98
N GLU C 224 30.79 -35.45 24.01
CA GLU C 224 30.33 -36.82 24.08
C GLU C 224 28.83 -36.93 24.20
N ARG C 225 28.20 -36.08 25.01
CA ARG C 225 26.76 -36.14 25.27
C ARG C 225 26.05 -34.84 24.91
N PRO C 226 25.79 -34.61 23.63
CA PRO C 226 25.02 -33.41 23.26
C PRO C 226 23.54 -33.60 23.50
N THR C 227 22.73 -32.67 22.99
CA THR C 227 21.29 -32.77 23.10
C THR C 227 20.65 -32.25 21.85
N TYR C 228 19.31 -32.25 21.86
CA TYR C 228 18.52 -31.67 20.78
C TYR C 228 18.85 -30.20 20.60
N GLU C 229 19.05 -29.50 21.70
CA GLU C 229 19.20 -28.05 21.69
C GLU C 229 20.43 -27.64 20.90
N ASN C 230 21.51 -28.41 21.04
CA ASN C 230 22.70 -28.12 20.25
C ASN C 230 22.47 -28.45 18.78
N LEU C 231 21.70 -29.50 18.50
CA LEU C 231 21.31 -29.74 17.12
C LEU C 231 20.35 -28.67 16.63
N ASN C 232 19.54 -28.13 17.54
CA ASN C 232 18.64 -27.05 17.17
C ASN C 232 19.43 -25.80 16.81
N ARG C 233 20.50 -25.53 17.54
CA ARG C 233 21.28 -24.34 17.25
C ARG C 233 22.03 -24.49 15.94
N LEU C 234 22.37 -25.71 15.57
CA LEU C 234 23.16 -25.87 14.36
C LEU C 234 22.30 -25.70 13.11
N ILE C 235 21.08 -26.23 13.12
CA ILE C 235 20.17 -26.02 12.00
C ILE C 235 19.77 -24.57 11.89
N ALA C 236 19.70 -23.87 13.02
CA ALA C 236 19.13 -22.54 13.05
C ALA C 236 19.98 -21.52 12.31
N GLN C 237 21.29 -21.68 12.31
CA GLN C 237 22.08 -20.71 11.59
C GLN C 237 21.96 -20.86 10.09
N VAL C 238 21.62 -22.07 9.61
CA VAL C 238 21.36 -22.26 8.19
C VAL C 238 20.14 -21.47 7.77
N VAL C 239 19.19 -21.31 8.69
CA VAL C 239 18.00 -20.53 8.41
C VAL C 239 18.38 -19.07 8.19
N SER C 240 19.08 -18.49 9.17
CA SER C 240 19.43 -17.08 9.07
C SER C 240 20.51 -16.84 8.05
N SER C 241 21.23 -17.88 7.63
CA SER C 241 22.14 -17.70 6.52
C SER C 241 21.37 -17.47 5.23
N ILE C 242 20.17 -17.98 5.12
CA ILE C 242 19.37 -17.74 3.93
C ILE C 242 18.50 -16.52 4.09
N THR C 243 17.71 -16.47 5.17
CA THR C 243 16.69 -15.43 5.30
C THR C 243 17.30 -14.07 5.58
N ALA C 244 18.01 -13.94 6.71
CA ALA C 244 18.47 -12.63 7.16
C ALA C 244 19.58 -12.07 6.29
N SER C 245 20.09 -12.84 5.32
CA SER C 245 21.02 -12.33 4.34
C SER C 245 20.37 -11.29 3.45
N LEU C 246 19.11 -11.49 3.10
CA LEU C 246 18.43 -10.41 2.39
C LEU C 246 17.90 -9.36 3.33
N ARG C 247 17.92 -9.62 4.64
CA ARG C 247 17.58 -8.61 5.63
C ARG C 247 18.77 -7.81 6.06
N PHE C 248 19.85 -7.86 5.30
CA PHE C 248 21.05 -7.12 5.59
C PHE C 248 21.67 -6.70 4.26
N ALA C 249 22.16 -5.47 4.21
CA ALA C 249 22.62 -4.90 2.95
C ALA C 249 24.01 -5.44 2.65
N GLY C 250 24.07 -6.48 1.83
CA GLY C 250 25.31 -7.16 1.52
C GLY C 250 26.01 -6.57 0.32
N SER C 251 26.73 -7.42 -0.40
CA SER C 251 27.47 -7.00 -1.58
C SER C 251 26.84 -7.51 -2.87
N LEU C 252 26.53 -8.79 -2.95
CA LEU C 252 25.71 -9.35 -4.02
C LEU C 252 24.51 -10.04 -3.38
N ASN C 253 23.40 -9.31 -3.32
CA ASN C 253 22.27 -9.72 -2.50
C ASN C 253 21.59 -10.94 -3.08
N VAL C 254 21.09 -11.80 -2.21
CA VAL C 254 20.43 -13.02 -2.63
C VAL C 254 19.03 -13.05 -2.05
N ASP C 255 18.04 -13.11 -2.92
CA ASP C 255 16.64 -13.15 -2.57
C ASP C 255 16.21 -14.58 -2.27
N LEU C 256 15.08 -14.71 -1.57
CA LEU C 256 14.46 -16.03 -1.41
C LEU C 256 14.03 -16.62 -2.74
N ASN C 257 13.56 -15.78 -3.66
CA ASN C 257 13.05 -16.31 -4.91
C ASN C 257 14.16 -16.80 -5.81
N GLU C 258 15.40 -16.38 -5.57
CA GLU C 258 16.49 -16.79 -6.42
C GLU C 258 16.83 -18.27 -6.25
N PHE C 259 16.57 -18.84 -5.08
CA PHE C 259 16.93 -20.23 -4.85
C PHE C 259 16.09 -21.17 -5.68
N GLN C 260 14.77 -21.00 -5.59
CA GLN C 260 13.82 -21.85 -6.28
C GLN C 260 13.91 -21.72 -7.80
N THR C 261 14.59 -20.71 -8.32
CA THR C 261 14.92 -20.68 -9.72
C THR C 261 16.38 -20.99 -10.02
N ASN C 262 17.21 -21.17 -9.01
CA ASN C 262 18.59 -21.58 -9.25
C ASN C 262 18.91 -22.93 -8.62
N LEU C 263 17.91 -23.76 -8.39
CA LEU C 263 18.16 -25.10 -7.90
C LEU C 263 17.41 -26.17 -8.65
N VAL C 264 16.38 -25.85 -9.41
CA VAL C 264 15.62 -26.90 -10.08
C VAL C 264 15.56 -26.72 -11.58
N PRO C 265 16.14 -27.63 -12.33
CA PRO C 265 15.83 -27.72 -13.75
C PRO C 265 14.43 -28.23 -14.00
N TYR C 266 13.87 -29.01 -13.07
CA TYR C 266 12.60 -29.65 -13.27
C TYR C 266 11.82 -29.54 -11.97
N PRO C 267 10.48 -29.49 -12.02
CA PRO C 267 9.71 -29.12 -10.82
C PRO C 267 9.76 -30.12 -9.68
N ARG C 268 10.33 -31.30 -9.88
CA ARG C 268 10.33 -32.30 -8.84
C ARG C 268 11.59 -32.35 -8.01
N ILE C 269 12.68 -31.78 -8.49
CA ILE C 269 14.00 -32.26 -8.11
C ILE C 269 14.53 -31.43 -6.95
N HIS C 270 13.63 -30.88 -6.15
CA HIS C 270 13.93 -29.78 -5.24
C HIS C 270 14.40 -30.22 -3.88
N PHE C 271 15.23 -31.26 -3.83
CA PHE C 271 15.86 -31.72 -2.61
C PHE C 271 17.36 -31.49 -2.63
N PRO C 272 17.86 -30.33 -2.26
CA PRO C 272 19.31 -30.14 -2.22
C PRO C 272 19.89 -30.65 -0.91
N LEU C 273 21.18 -30.44 -0.76
CA LEU C 273 21.86 -30.66 0.50
C LEU C 273 21.92 -29.39 1.33
N VAL C 274 22.43 -29.56 2.54
CA VAL C 274 22.88 -28.47 3.38
C VAL C 274 24.31 -28.77 3.77
N THR C 275 25.20 -27.79 3.63
CA THR C 275 26.52 -27.91 4.21
C THR C 275 26.89 -26.59 4.84
N TYR C 276 27.10 -26.60 6.14
CA TYR C 276 27.41 -25.41 6.90
C TYR C 276 28.79 -25.54 7.51
N SER C 277 29.57 -24.49 7.38
CA SER C 277 30.98 -24.50 7.75
C SER C 277 31.45 -23.06 7.82
N PRO C 278 32.36 -22.70 8.73
CA PRO C 278 33.04 -23.56 9.70
C PRO C 278 32.21 -23.82 10.93
N ILE C 279 32.15 -25.08 11.34
CA ILE C 279 31.69 -25.43 12.66
C ILE C 279 32.90 -25.96 13.42
N VAL C 280 33.36 -25.16 14.36
CA VAL C 280 34.69 -25.32 14.94
C VAL C 280 34.55 -25.21 16.45
N SER C 281 35.12 -26.17 17.17
CA SER C 281 35.03 -26.18 18.62
C SER C 281 35.91 -25.10 19.23
N ALA C 282 35.90 -25.05 20.57
CA ALA C 282 36.46 -23.91 21.30
C ALA C 282 37.97 -23.85 21.16
N ALA C 283 38.66 -24.93 21.54
CA ALA C 283 40.10 -24.95 21.39
C ALA C 283 40.51 -25.10 19.92
N LYS C 284 39.61 -25.53 19.06
CA LYS C 284 39.95 -25.76 17.67
C LYS C 284 40.08 -24.48 16.88
N ALA C 285 39.38 -23.41 17.27
CA ALA C 285 39.49 -22.15 16.55
C ALA C 285 40.86 -21.53 16.77
N PHE C 286 41.33 -21.57 18.01
CA PHE C 286 42.72 -21.31 18.28
C PHE C 286 43.58 -22.40 17.66
N HIS C 287 44.86 -22.07 17.48
CA HIS C 287 45.82 -22.86 16.72
C HIS C 287 45.34 -23.08 15.29
N GLU C 288 44.58 -22.15 14.73
CA GLU C 288 44.00 -22.36 13.41
C GLU C 288 43.58 -21.03 12.82
N SER C 289 43.89 -20.85 11.53
CA SER C 289 43.35 -19.77 10.73
C SER C 289 42.40 -20.40 9.73
N ASN C 290 41.13 -20.07 9.83
CA ASN C 290 40.17 -20.56 8.85
C ASN C 290 39.89 -19.45 7.85
N SER C 291 40.69 -19.42 6.79
CA SER C 291 40.42 -18.58 5.65
C SER C 291 39.23 -19.16 4.89
N VAL C 292 38.80 -18.41 3.88
CA VAL C 292 37.62 -18.76 3.12
C VAL C 292 37.83 -20.01 2.28
N GLN C 293 39.00 -20.17 1.64
CA GLN C 293 39.20 -21.42 0.94
C GLN C 293 39.50 -22.57 1.89
N GLU C 294 39.97 -22.27 3.11
CA GLU C 294 40.06 -23.31 4.13
C GLU C 294 38.68 -23.82 4.53
N ILE C 295 37.67 -22.99 4.38
CA ILE C 295 36.32 -23.45 4.70
C ILE C 295 35.73 -24.20 3.52
N THR C 296 35.91 -23.67 2.31
CA THR C 296 35.27 -24.27 1.16
C THR C 296 35.91 -25.58 0.78
N ASN C 297 37.18 -25.79 1.13
CA ASN C 297 37.73 -27.13 1.01
C ASN C 297 37.18 -28.06 2.08
N GLN C 298 36.64 -27.52 3.17
CA GLN C 298 35.94 -28.40 4.09
C GLN C 298 34.50 -28.63 3.69
N CYS C 299 33.87 -27.68 2.99
CA CYS C 299 32.45 -27.85 2.74
C CYS C 299 32.16 -28.87 1.64
N PHE C 300 33.17 -29.33 0.92
CA PHE C 300 33.01 -30.45 0.02
C PHE C 300 33.52 -31.75 0.60
N GLU C 301 34.16 -31.70 1.76
CA GLU C 301 34.56 -32.92 2.44
C GLU C 301 33.44 -33.39 3.34
N PRO C 302 33.24 -34.71 3.50
CA PRO C 302 32.04 -35.19 4.20
C PRO C 302 32.04 -34.97 5.70
N TYR C 303 33.05 -34.31 6.26
CA TYR C 303 33.07 -34.18 7.71
C TYR C 303 32.14 -33.09 8.21
N ASN C 304 31.84 -32.08 7.40
CA ASN C 304 30.86 -31.09 7.80
C ASN C 304 29.53 -31.31 7.14
N GLN C 305 29.23 -32.54 6.76
CA GLN C 305 28.08 -32.79 5.92
C GLN C 305 26.85 -33.05 6.77
N MET C 306 25.75 -32.37 6.44
CA MET C 306 24.55 -32.40 7.26
C MET C 306 23.72 -33.67 7.12
N VAL C 307 23.79 -34.37 5.99
CA VAL C 307 22.89 -35.48 5.72
C VAL C 307 23.70 -36.72 5.46
N LYS C 308 23.46 -37.76 6.25
CA LYS C 308 24.24 -38.99 6.21
C LYS C 308 23.96 -39.71 4.91
N CYS C 309 24.67 -39.32 3.87
CA CYS C 309 24.52 -39.90 2.55
C CYS C 309 25.89 -39.97 1.92
N ASP C 310 25.92 -40.21 0.61
CA ASP C 310 27.16 -40.32 -0.13
C ASP C 310 27.17 -39.29 -1.25
N PRO C 311 27.36 -38.00 -0.94
CA PRO C 311 27.45 -37.01 -2.01
C PRO C 311 28.78 -37.05 -2.74
N ARG C 312 29.76 -37.78 -2.22
CA ARG C 312 31.01 -37.98 -2.97
C ARG C 312 30.75 -38.76 -4.23
N THR C 313 30.02 -39.88 -4.11
CA THR C 313 29.85 -40.80 -5.22
C THR C 313 29.00 -40.18 -6.30
N GLY C 314 27.88 -39.59 -5.93
CA GLY C 314 27.06 -38.90 -6.90
C GLY C 314 27.75 -37.66 -7.43
N ARG C 315 27.29 -37.24 -8.60
CA ARG C 315 27.78 -36.03 -9.23
C ARG C 315 26.90 -34.88 -8.80
N TYR C 316 27.48 -33.70 -8.65
CA TYR C 316 26.72 -32.54 -8.23
C TYR C 316 25.98 -31.96 -9.42
N MET C 317 24.84 -31.34 -9.13
CA MET C 317 23.96 -30.82 -10.16
C MET C 317 24.09 -29.31 -10.30
N ALA C 318 23.70 -28.58 -9.25
CA ALA C 318 23.80 -27.14 -9.20
C ALA C 318 23.77 -26.74 -7.74
N THR C 319 24.55 -25.73 -7.39
CA THR C 319 24.74 -25.43 -5.98
C THR C 319 24.89 -23.94 -5.79
N CYS C 320 24.02 -23.35 -4.99
CA CYS C 320 24.18 -21.98 -4.57
C CYS C 320 24.95 -21.92 -3.27
N LEU C 321 25.73 -20.85 -3.10
CA LEU C 321 26.52 -20.65 -1.91
C LEU C 321 26.20 -19.29 -1.32
N LEU C 322 26.26 -19.20 0.01
CA LEU C 322 26.00 -17.94 0.70
C LEU C 322 27.13 -17.68 1.67
N TYR C 323 27.73 -16.50 1.59
CA TYR C 323 28.87 -16.16 2.43
C TYR C 323 28.52 -15.01 3.33
N ARG C 324 28.96 -15.10 4.58
CA ARG C 324 28.76 -14.08 5.58
C ARG C 324 30.10 -13.49 6.00
N GLY C 325 30.08 -12.21 6.37
CA GLY C 325 31.26 -11.59 6.91
C GLY C 325 32.16 -10.95 5.88
N ASP C 326 33.48 -11.05 6.08
CA ASP C 326 34.44 -10.28 5.33
C ASP C 326 34.98 -11.18 4.22
N VAL C 327 34.44 -11.01 3.02
CA VAL C 327 34.63 -11.93 1.92
C VAL C 327 35.02 -11.14 0.69
N ILE C 328 36.04 -11.60 -0.02
CA ILE C 328 36.25 -11.07 -1.36
C ILE C 328 35.83 -12.11 -2.39
N PRO C 329 35.41 -11.68 -3.57
CA PRO C 329 35.11 -12.66 -4.63
C PRO C 329 36.36 -13.23 -5.26
N ARG C 330 37.52 -12.62 -5.06
CA ARG C 330 38.73 -13.19 -5.62
C ARG C 330 39.13 -14.45 -4.90
N ASP C 331 38.97 -14.47 -3.59
CA ASP C 331 39.23 -15.72 -2.90
C ASP C 331 38.13 -16.74 -3.14
N VAL C 332 36.95 -16.30 -3.60
CA VAL C 332 35.97 -17.24 -4.08
C VAL C 332 36.46 -17.91 -5.34
N GLN C 333 36.80 -17.09 -6.34
CA GLN C 333 37.15 -17.63 -7.64
C GLN C 333 38.48 -18.38 -7.59
N ALA C 334 39.37 -18.02 -6.66
CA ALA C 334 40.58 -18.82 -6.47
C ALA C 334 40.25 -20.13 -5.79
N ALA C 335 39.22 -20.16 -4.96
CA ALA C 335 38.80 -21.42 -4.38
C ALA C 335 37.98 -22.22 -5.36
N VAL C 336 36.95 -21.60 -5.94
CA VAL C 336 35.98 -22.35 -6.69
C VAL C 336 36.55 -22.83 -8.02
N THR C 337 37.64 -22.23 -8.50
CA THR C 337 38.30 -22.85 -9.64
C THR C 337 39.10 -24.08 -9.25
N SER C 338 39.31 -24.31 -7.95
CA SER C 338 40.01 -25.52 -7.55
C SER C 338 39.08 -26.67 -7.29
N ILE C 339 37.84 -26.38 -6.89
CA ILE C 339 36.86 -27.46 -6.72
C ILE C 339 36.52 -28.06 -8.07
N LYS C 340 36.26 -27.22 -9.07
CA LYS C 340 35.90 -27.73 -10.39
C LYS C 340 37.07 -28.43 -11.07
N SER C 341 38.30 -28.13 -10.67
CA SER C 341 39.44 -28.86 -11.17
C SER C 341 39.56 -30.22 -10.51
N ARG C 342 39.20 -30.31 -9.23
CA ARG C 342 39.51 -31.46 -8.40
C ARG C 342 38.64 -32.65 -8.80
N ARG C 343 39.22 -33.84 -8.66
CA ARG C 343 38.56 -35.10 -8.97
C ARG C 343 37.37 -35.40 -8.06
N THR C 344 37.27 -34.78 -6.89
CA THR C 344 36.24 -35.20 -5.93
C THR C 344 34.86 -34.76 -6.35
N ILE C 345 34.76 -33.83 -7.30
CA ILE C 345 33.58 -33.73 -8.12
C ILE C 345 34.03 -34.17 -9.50
N GLN C 346 33.11 -34.72 -10.26
CA GLN C 346 33.43 -35.05 -11.64
C GLN C 346 32.62 -34.18 -12.61
N PHE C 347 31.30 -34.17 -12.52
CA PHE C 347 30.59 -33.60 -13.65
C PHE C 347 29.27 -32.99 -13.23
N VAL C 348 28.90 -31.95 -13.96
CA VAL C 348 27.53 -31.69 -14.33
C VAL C 348 27.51 -31.83 -15.84
N ASP C 349 26.41 -32.30 -16.40
CA ASP C 349 26.26 -32.24 -17.84
C ASP C 349 25.36 -31.08 -18.26
N TRP C 350 24.51 -30.62 -17.34
CA TRP C 350 23.37 -29.82 -17.75
C TRP C 350 23.58 -28.37 -17.38
N CYS C 351 24.68 -28.10 -16.69
CA CYS C 351 25.10 -26.76 -16.48
C CYS C 351 26.61 -26.80 -16.45
N PRO C 352 27.28 -26.24 -17.45
CA PRO C 352 28.73 -26.16 -17.41
C PRO C 352 29.29 -25.18 -16.40
N THR C 353 28.46 -24.44 -15.67
CA THR C 353 28.93 -23.66 -14.54
C THR C 353 28.51 -24.28 -13.21
N GLY C 354 27.22 -24.43 -12.97
CA GLY C 354 26.73 -25.09 -11.78
C GLY C 354 26.99 -24.38 -10.47
N PHE C 355 26.89 -23.05 -10.43
CA PHE C 355 27.05 -22.34 -9.18
C PHE C 355 26.17 -21.12 -9.10
N LYS C 356 25.93 -20.68 -7.87
CA LYS C 356 25.39 -19.35 -7.64
C LYS C 356 26.03 -18.76 -6.40
N ILE C 357 26.67 -17.62 -6.57
CA ILE C 357 27.48 -17.02 -5.54
C ILE C 357 26.74 -15.83 -4.94
N GLY C 358 26.77 -15.73 -3.61
CA GLY C 358 26.08 -14.64 -2.94
C GLY C 358 26.79 -14.13 -1.71
N ILE C 359 26.82 -12.82 -1.54
CA ILE C 359 27.70 -12.19 -0.57
C ILE C 359 26.91 -11.24 0.30
N CYS C 360 26.91 -11.49 1.61
CA CYS C 360 26.35 -10.57 2.59
C CYS C 360 27.40 -10.27 3.64
N TYR C 361 27.41 -9.03 4.12
CA TYR C 361 28.50 -8.58 4.98
C TYR C 361 28.33 -8.93 6.44
N GLU C 362 27.22 -9.50 6.86
CA GLU C 362 26.98 -9.53 8.29
C GLU C 362 27.75 -10.69 8.91
N PRO C 363 28.54 -10.44 9.95
CA PRO C 363 29.44 -11.46 10.49
C PRO C 363 28.65 -12.54 11.22
N PRO C 364 29.23 -13.73 11.39
CA PRO C 364 28.45 -14.87 11.92
C PRO C 364 28.12 -14.66 13.39
N GLN C 365 26.85 -14.77 13.72
CA GLN C 365 26.42 -14.51 15.08
C GLN C 365 26.77 -15.70 15.96
N HIS C 366 27.27 -15.40 17.15
CA HIS C 366 27.88 -16.38 18.05
C HIS C 366 27.14 -16.37 19.37
N VAL C 367 26.26 -17.35 19.57
CA VAL C 367 25.46 -17.39 20.80
C VAL C 367 26.34 -17.79 21.97
N PRO C 368 26.11 -17.27 23.17
CA PRO C 368 27.10 -17.45 24.24
C PRO C 368 27.11 -18.83 24.85
N GLY C 369 25.95 -19.46 25.01
CA GLY C 369 25.83 -20.64 25.85
C GLY C 369 26.51 -21.89 25.32
N SER C 370 26.22 -22.24 24.08
CA SER C 370 26.73 -23.49 23.54
C SER C 370 28.22 -23.39 23.25
N GLY C 371 28.83 -24.54 23.03
CA GLY C 371 30.25 -24.64 22.83
C GLY C 371 30.74 -24.32 21.45
N ILE C 372 29.92 -23.70 20.61
CA ILE C 372 30.39 -23.27 19.31
C ILE C 372 31.31 -22.07 19.48
N ALA C 373 32.26 -21.91 18.57
CA ALA C 373 33.24 -20.84 18.65
C ALA C 373 33.01 -19.77 17.59
N LYS C 374 33.48 -18.57 17.88
CA LYS C 374 33.24 -17.41 17.05
C LYS C 374 34.17 -17.42 15.84
N VAL C 375 33.69 -16.89 14.72
CA VAL C 375 34.46 -16.84 13.49
C VAL C 375 34.10 -15.57 12.74
N ASN C 376 35.04 -15.09 11.91
CA ASN C 376 34.87 -13.84 11.17
C ASN C 376 34.46 -14.04 9.73
N ARG C 377 34.11 -15.26 9.32
CA ARG C 377 33.63 -15.51 7.97
C ARG C 377 32.82 -16.79 7.99
N ALA C 378 31.84 -16.89 7.09
CA ALA C 378 30.95 -18.04 7.10
C ALA C 378 30.57 -18.44 5.69
N VAL C 379 30.12 -19.70 5.57
CA VAL C 379 29.72 -20.31 4.31
C VAL C 379 28.48 -21.15 4.55
N CYS C 380 27.46 -20.98 3.71
CA CYS C 380 26.34 -21.90 3.66
C CYS C 380 26.20 -22.47 2.26
N MET C 381 25.90 -23.76 2.17
CA MET C 381 25.94 -24.50 0.91
C MET C 381 24.65 -25.27 0.70
N LEU C 382 24.07 -25.12 -0.49
CA LEU C 382 22.82 -25.79 -0.85
C LEU C 382 23.08 -26.58 -2.13
N SER C 383 23.32 -27.88 -1.99
CA SER C 383 23.90 -28.68 -3.05
C SER C 383 22.93 -29.70 -3.61
N ASN C 384 22.62 -29.58 -4.90
CA ASN C 384 21.85 -30.59 -5.61
C ASN C 384 22.81 -31.63 -6.19
N THR C 385 22.41 -32.90 -6.13
CA THR C 385 23.31 -33.98 -6.51
C THR C 385 22.58 -35.12 -7.19
N THR C 386 23.38 -36.06 -7.70
CA THR C 386 22.90 -37.32 -8.23
C THR C 386 23.03 -38.45 -7.24
N SER C 387 22.89 -38.18 -5.95
CA SER C 387 23.03 -39.23 -4.96
C SER C 387 22.03 -39.16 -3.82
N ILE C 388 21.27 -38.07 -3.69
CA ILE C 388 20.50 -37.86 -2.47
C ILE C 388 19.26 -38.75 -2.41
N ALA C 389 18.95 -39.46 -3.50
CA ALA C 389 17.81 -40.36 -3.48
C ALA C 389 18.09 -41.68 -2.78
N GLU C 390 19.26 -41.86 -2.17
CA GLU C 390 19.55 -43.14 -1.54
C GLU C 390 18.92 -43.28 -0.16
N ALA C 391 18.77 -42.18 0.58
CA ALA C 391 17.97 -42.22 1.79
C ALA C 391 16.51 -42.44 1.47
N TRP C 392 16.08 -41.94 0.31
CA TRP C 392 14.79 -42.34 -0.23
C TRP C 392 14.79 -43.81 -0.59
N SER C 393 15.90 -44.30 -1.12
CA SER C 393 16.00 -45.72 -1.41
C SER C 393 16.17 -46.52 -0.12
N ARG C 394 16.71 -45.90 0.92
CA ARG C 394 16.65 -46.52 2.25
C ARG C 394 15.22 -46.72 2.68
N LEU C 395 14.38 -45.70 2.44
CA LEU C 395 12.97 -45.81 2.78
C LEU C 395 12.30 -46.89 1.96
N ASP C 396 12.59 -46.96 0.66
CA ASP C 396 12.00 -47.99 -0.18
C ASP C 396 12.46 -49.38 0.24
N HIS C 397 13.67 -49.50 0.74
CA HIS C 397 14.05 -50.76 1.35
C HIS C 397 13.29 -50.99 2.65
N LYS C 398 13.03 -49.92 3.41
CA LYS C 398 12.29 -50.10 4.64
C LYS C 398 10.81 -50.22 4.39
N PHE C 399 10.23 -49.24 3.70
CA PHE C 399 8.79 -49.05 3.71
C PHE C 399 8.06 -50.12 2.94
N ASP C 400 8.67 -50.60 1.88
CA ASP C 400 8.07 -51.69 1.14
C ASP C 400 8.14 -52.99 1.95
N LEU C 401 9.02 -53.08 2.95
CA LEU C 401 9.02 -54.27 3.79
C LEU C 401 7.90 -54.25 4.82
N MET C 402 7.61 -53.09 5.43
CA MET C 402 6.50 -53.01 6.37
C MET C 402 5.20 -53.31 5.67
N TYR C 403 5.04 -52.76 4.47
CA TYR C 403 3.83 -52.93 3.69
C TYR C 403 3.74 -54.33 3.09
N SER C 404 4.83 -55.11 3.15
CA SER C 404 4.79 -56.53 2.87
C SER C 404 4.28 -57.36 4.03
N LYS C 405 3.60 -56.75 4.99
CA LYS C 405 2.93 -57.46 6.06
C LYS C 405 1.60 -56.85 6.44
N ARG C 406 1.35 -55.60 6.01
CA ARG C 406 0.14 -54.83 6.33
C ARG C 406 -0.01 -54.65 7.84
N ALA C 407 0.88 -53.84 8.40
CA ALA C 407 1.04 -53.69 9.85
C ALA C 407 0.34 -52.42 10.35
N PHE C 408 -0.73 -52.61 11.13
CA PHE C 408 -1.72 -51.57 11.47
C PHE C 408 -2.08 -50.71 10.29
N VAL C 409 -2.45 -51.39 9.20
CA VAL C 409 -3.26 -50.75 8.20
C VAL C 409 -4.57 -50.31 8.82
N HIS C 410 -5.07 -51.10 9.79
CA HIS C 410 -6.24 -50.71 10.59
C HIS C 410 -6.05 -49.37 11.26
N TRP C 411 -4.88 -49.13 11.82
CA TRP C 411 -4.62 -47.82 12.41
C TRP C 411 -4.12 -46.82 11.39
N TYR C 412 -4.15 -47.18 10.11
CA TYR C 412 -4.32 -46.18 9.06
C TYR C 412 -5.75 -46.17 8.54
N VAL C 413 -6.46 -47.30 8.62
CA VAL C 413 -7.84 -47.36 8.14
C VAL C 413 -8.79 -46.76 9.16
N GLY C 414 -8.71 -47.22 10.42
CA GLY C 414 -9.67 -46.83 11.44
C GLY C 414 -9.67 -45.36 11.76
N GLU C 415 -8.58 -44.67 11.47
CA GLU C 415 -8.57 -43.23 11.53
C GLU C 415 -9.18 -42.58 10.30
N GLY C 416 -9.56 -43.34 9.28
CA GLY C 416 -10.34 -42.75 8.22
C GLY C 416 -9.67 -42.57 6.88
N MET C 417 -8.89 -43.55 6.43
CA MET C 417 -8.34 -43.52 5.08
C MET C 417 -8.02 -44.93 4.62
N GLU C 418 -8.48 -45.27 3.42
CA GLU C 418 -8.14 -46.55 2.82
C GLU C 418 -6.69 -46.57 2.36
N GLU C 419 -6.21 -47.75 1.99
CA GLU C 419 -4.80 -47.93 1.69
C GLU C 419 -4.45 -47.58 0.26
N GLY C 420 -5.32 -46.90 -0.46
CA GLY C 420 -5.01 -46.53 -1.83
C GLY C 420 -3.86 -45.55 -1.94
N GLU C 421 -3.67 -44.71 -0.92
CA GLU C 421 -2.48 -43.86 -0.90
C GLU C 421 -1.25 -44.67 -0.57
N PHE C 422 -1.38 -45.71 0.25
CA PHE C 422 -0.26 -46.61 0.44
C PHE C 422 0.05 -47.37 -0.84
N SER C 423 -0.99 -47.64 -1.64
CA SER C 423 -0.75 -48.14 -2.98
C SER C 423 -0.05 -47.09 -3.81
N GLU C 424 -0.36 -45.81 -3.60
CA GLU C 424 0.31 -44.73 -4.30
C GLU C 424 1.66 -44.38 -3.72
N ALA C 425 2.00 -44.96 -2.56
CA ALA C 425 3.11 -44.45 -1.77
C ALA C 425 4.44 -44.70 -2.45
N ARG C 426 4.75 -45.97 -2.70
CA ARG C 426 6.00 -46.29 -3.38
C ARG C 426 5.96 -45.84 -4.84
N GLU C 427 4.76 -45.73 -5.42
CA GLU C 427 4.62 -45.37 -6.83
C GLU C 427 5.17 -43.98 -7.11
N ASP C 428 4.82 -43.00 -6.29
CA ASP C 428 5.39 -41.67 -6.43
C ASP C 428 6.85 -41.68 -6.02
N LEU C 429 7.21 -42.53 -5.06
CA LEU C 429 8.60 -42.73 -4.70
C LEU C 429 9.38 -43.35 -5.86
N ALA C 430 8.73 -44.24 -6.60
CA ALA C 430 9.40 -44.89 -7.73
C ALA C 430 9.73 -43.90 -8.83
N ALA C 431 8.89 -42.90 -9.04
CA ALA C 431 9.19 -41.88 -10.01
C ALA C 431 10.29 -40.96 -9.52
N LEU C 432 10.44 -40.82 -8.20
CA LEU C 432 11.53 -40.02 -7.67
C LEU C 432 12.87 -40.72 -7.91
N GLU C 433 12.91 -42.02 -7.67
CA GLU C 433 14.06 -42.82 -8.05
C GLU C 433 14.28 -42.80 -9.55
N ARG C 434 13.18 -42.84 -10.32
CA ARG C 434 13.26 -42.77 -11.77
C ARG C 434 13.74 -41.40 -12.23
N ASP C 435 13.53 -40.36 -11.42
CA ASP C 435 13.93 -39.03 -11.83
C ASP C 435 15.43 -38.83 -11.71
N TYR C 436 16.07 -39.44 -10.72
CA TYR C 436 17.50 -39.21 -10.57
C TYR C 436 18.30 -40.01 -11.58
N GLU C 437 17.85 -41.20 -11.94
CA GLU C 437 18.46 -41.87 -13.07
C GLU C 437 18.13 -41.19 -14.39
N GLU C 438 16.97 -40.51 -14.46
CA GLU C 438 16.66 -39.69 -15.63
C GLU C 438 17.65 -38.54 -15.75
N VAL C 439 17.97 -37.91 -14.64
CA VAL C 439 19.03 -36.92 -14.67
C VAL C 439 20.38 -37.61 -14.74
N GLY C 440 20.45 -38.85 -14.23
CA GLY C 440 21.63 -39.67 -14.40
C GLY C 440 21.93 -40.01 -15.85
N GLN C 441 20.93 -39.94 -16.73
CA GLN C 441 21.17 -40.04 -18.16
C GLN C 441 21.96 -38.83 -18.62
N ASP C 442 23.20 -39.07 -19.05
CA ASP C 442 24.11 -38.01 -19.48
C ASP C 442 24.85 -38.45 -20.74
N SER C 443 24.21 -38.23 -21.89
CA SER C 443 24.75 -38.65 -23.17
C SER C 443 24.25 -37.67 -24.23
N MET C 444 24.16 -38.14 -25.47
CA MET C 444 23.80 -37.31 -26.62
C MET C 444 22.39 -37.60 -27.13
N MET D 1 -29.96 23.09 23.82
CA MET D 1 -28.55 23.01 23.48
C MET D 1 -28.21 21.64 22.88
N ARG D 2 -29.04 21.20 21.91
CA ARG D 2 -28.90 19.91 21.25
C ARG D 2 -28.91 18.77 22.25
N GLU D 3 -29.97 18.71 23.05
CA GLU D 3 -30.00 17.83 24.21
C GLU D 3 -31.13 16.83 24.10
N VAL D 4 -30.96 15.71 24.80
CA VAL D 4 -31.83 14.56 24.62
C VAL D 4 -31.87 13.83 25.95
N ILE D 5 -32.94 13.06 26.16
CA ILE D 5 -33.21 12.45 27.46
C ILE D 5 -33.46 10.95 27.26
N SER D 6 -33.05 10.15 28.25
CA SER D 6 -33.00 8.70 28.11
C SER D 6 -33.88 8.03 29.15
N VAL D 7 -34.94 7.35 28.72
CA VAL D 7 -35.78 6.63 29.65
C VAL D 7 -35.24 5.23 29.88
N HIS D 8 -35.61 4.65 31.02
CA HIS D 8 -35.09 3.37 31.46
C HIS D 8 -36.24 2.57 32.05
N VAL D 9 -36.79 1.65 31.26
CA VAL D 9 -37.88 0.79 31.69
C VAL D 9 -37.41 -0.66 31.63
N GLY D 10 -37.85 -1.44 32.60
CA GLY D 10 -37.39 -2.82 32.62
C GLY D 10 -36.14 -2.98 33.45
N GLN D 11 -36.01 -4.18 34.02
CA GLN D 11 -34.89 -4.45 34.92
C GLN D 11 -33.58 -4.46 34.15
N ALA D 12 -33.64 -4.78 32.87
CA ALA D 12 -32.52 -4.52 31.98
C ALA D 12 -32.27 -3.03 31.89
N GLY D 13 -33.33 -2.26 31.62
CA GLY D 13 -33.22 -0.82 31.51
C GLY D 13 -32.74 -0.15 32.78
N VAL D 14 -32.93 -0.80 33.93
CA VAL D 14 -32.26 -0.36 35.13
C VAL D 14 -30.75 -0.51 34.97
N GLN D 15 -30.29 -1.73 34.85
CA GLN D 15 -28.87 -2.01 34.98
C GLN D 15 -28.07 -1.58 33.77
N ILE D 16 -28.72 -1.41 32.62
CA ILE D 16 -28.02 -0.87 31.46
C ILE D 16 -27.54 0.54 31.74
N GLY D 17 -28.44 1.38 32.25
CA GLY D 17 -28.08 2.75 32.58
C GLY D 17 -27.04 2.85 33.67
N ASN D 18 -26.99 1.87 34.56
CA ASN D 18 -25.99 1.86 35.61
C ASN D 18 -24.59 1.64 35.07
N ALA D 19 -24.47 1.19 33.83
CA ALA D 19 -23.20 1.30 33.13
C ALA D 19 -23.14 2.52 32.24
N CYS D 20 -24.27 2.95 31.69
CA CYS D 20 -24.25 4.07 30.75
C CYS D 20 -23.91 5.36 31.45
N TRP D 21 -24.56 5.62 32.58
CA TRP D 21 -24.31 6.88 33.27
C TRP D 21 -22.98 6.86 33.97
N GLU D 22 -22.51 5.67 34.37
CA GLU D 22 -21.15 5.54 34.88
C GLU D 22 -20.15 5.98 33.86
N LEU D 23 -20.33 5.53 32.62
CA LEU D 23 -19.50 5.99 31.51
C LEU D 23 -19.71 7.48 31.27
N TYR D 24 -20.94 7.95 31.42
CA TYR D 24 -21.24 9.36 31.21
C TYR D 24 -20.55 10.23 32.25
N CYS D 25 -20.49 9.77 33.49
CA CYS D 25 -19.85 10.57 34.53
C CYS D 25 -18.34 10.56 34.39
N LEU D 26 -17.78 9.51 33.82
CA LEU D 26 -16.35 9.47 33.62
C LEU D 26 -15.94 10.20 32.36
N GLU D 27 -16.86 10.35 31.41
CA GLU D 27 -16.58 11.06 30.18
C GLU D 27 -16.81 12.55 30.28
N HIS D 28 -17.01 13.07 31.48
CA HIS D 28 -17.00 14.51 31.66
C HIS D 28 -16.32 14.96 32.94
N GLY D 29 -15.71 14.06 33.70
CA GLY D 29 -15.12 14.47 34.95
C GLY D 29 -16.19 14.79 35.96
N ILE D 30 -17.07 13.83 36.18
CA ILE D 30 -18.18 13.98 37.11
C ILE D 30 -17.93 13.03 38.26
N GLY D 31 -17.82 13.57 39.46
CA GLY D 31 -17.73 12.79 40.66
C GLY D 31 -19.00 11.99 40.85
N PRO D 32 -18.87 10.84 41.51
CA PRO D 32 -20.00 9.91 41.58
C PRO D 32 -21.14 10.42 42.43
N ASP D 33 -20.91 11.42 43.27
CA ASP D 33 -21.96 12.06 44.05
C ASP D 33 -22.70 13.13 43.27
N GLY D 34 -22.38 13.31 42.00
CA GLY D 34 -23.03 14.34 41.21
C GLY D 34 -22.29 15.65 41.29
N PHE D 35 -21.69 15.94 42.43
CA PHE D 35 -20.90 17.14 42.61
C PHE D 35 -19.54 16.86 41.99
N PRO D 36 -19.25 17.43 40.83
CA PRO D 36 -18.22 16.85 39.96
C PRO D 36 -16.81 17.29 40.27
N THR D 37 -15.90 16.88 39.38
CA THR D 37 -14.64 17.57 39.09
C THR D 37 -13.72 17.60 40.32
N GLU D 38 -13.18 16.43 40.63
CA GLU D 38 -12.08 16.38 41.58
C GLU D 38 -10.88 17.19 41.09
N LEU D 49 -16.07 19.71 26.94
CA LEU D 49 -15.49 20.98 26.53
C LEU D 49 -16.31 22.16 27.03
N ASN D 50 -16.43 23.18 26.18
CA ASN D 50 -17.14 24.40 26.55
C ASN D 50 -18.62 24.11 26.71
N ASP D 51 -19.26 23.68 25.62
CA ASP D 51 -20.62 23.15 25.69
C ASP D 51 -20.67 21.79 26.34
N GLY D 52 -19.52 21.12 26.44
CA GLY D 52 -19.50 19.75 26.94
C GLY D 52 -19.89 19.62 28.39
N PHE D 53 -19.56 20.63 29.21
CA PHE D 53 -19.75 20.56 30.65
C PHE D 53 -21.22 20.68 31.04
N GLY D 54 -22.10 20.94 30.08
CA GLY D 54 -23.53 21.00 30.28
C GLY D 54 -24.29 20.25 29.21
N THR D 55 -23.82 19.08 28.82
CA THR D 55 -24.50 18.37 27.75
C THR D 55 -25.72 17.58 28.22
N PHE D 56 -25.53 16.50 28.95
CA PHE D 56 -26.65 15.65 29.34
C PHE D 56 -27.33 16.08 30.61
N PHE D 57 -27.19 17.35 30.99
CA PHE D 57 -27.26 17.71 32.41
C PHE D 57 -27.89 19.08 32.52
N SER D 58 -29.02 19.16 33.21
CA SER D 58 -29.67 20.44 33.46
C SER D 58 -29.15 20.92 34.80
N GLU D 59 -28.14 21.78 34.77
CA GLU D 59 -27.39 22.10 35.97
C GLU D 59 -28.18 23.01 36.91
N THR D 60 -27.95 22.80 38.20
CA THR D 60 -28.33 23.79 39.20
C THR D 60 -27.11 24.62 39.53
N GLY D 61 -27.36 25.75 40.18
CA GLY D 61 -26.28 26.62 40.58
C GLY D 61 -25.40 26.06 41.67
N GLN D 62 -25.83 24.98 42.30
CA GLN D 62 -24.98 24.31 43.27
C GLN D 62 -23.83 23.57 42.62
N GLY D 63 -23.87 23.30 41.33
CA GLY D 63 -22.75 22.68 40.66
C GLY D 63 -22.90 21.21 40.43
N LYS D 64 -23.63 20.52 41.31
CA LYS D 64 -24.05 19.18 40.95
C LYS D 64 -25.18 19.27 39.94
N PHE D 65 -25.41 18.19 39.21
CA PHE D 65 -26.41 18.27 38.16
C PHE D 65 -27.09 16.95 37.92
N VAL D 66 -28.32 17.07 37.42
CA VAL D 66 -29.19 15.92 37.24
C VAL D 66 -28.85 15.24 35.93
N PRO D 67 -28.60 13.94 35.98
CA PRO D 67 -28.60 13.14 34.75
C PRO D 67 -30.01 13.12 34.17
N ARG D 68 -30.14 13.64 32.96
CA ARG D 68 -31.45 13.75 32.37
C ARG D 68 -31.91 12.37 31.92
N SER D 69 -32.50 11.65 32.86
CA SER D 69 -32.93 10.29 32.64
C SER D 69 -34.30 10.14 33.27
N ILE D 70 -34.80 8.91 33.31
CA ILE D 70 -35.92 8.56 34.15
C ILE D 70 -35.72 7.08 34.46
N TYR D 71 -36.36 6.59 35.51
CA TYR D 71 -36.33 5.16 35.76
C TYR D 71 -37.75 4.64 35.93
N VAL D 72 -38.07 3.57 35.22
CA VAL D 72 -39.39 2.98 35.27
C VAL D 72 -39.23 1.51 35.61
N ASP D 73 -39.80 1.10 36.73
CA ASP D 73 -39.87 -0.31 37.04
C ASP D 73 -41.04 -0.51 37.99
N LEU D 74 -41.61 -1.70 37.96
CA LEU D 74 -42.68 -2.00 38.88
C LEU D 74 -42.22 -2.80 40.08
N GLU D 75 -40.94 -3.14 40.15
CA GLU D 75 -40.40 -3.65 41.39
C GLU D 75 -39.77 -2.50 42.14
N PRO D 76 -39.86 -2.46 43.47
CA PRO D 76 -38.95 -1.61 44.23
C PRO D 76 -37.61 -2.26 44.50
N ASN D 77 -37.38 -3.45 43.95
CA ASN D 77 -36.20 -4.23 44.33
C ASN D 77 -34.93 -3.63 43.76
N VAL D 78 -34.80 -3.64 42.44
CA VAL D 78 -33.52 -3.25 41.87
C VAL D 78 -33.33 -1.74 41.84
N ILE D 79 -34.41 -0.97 41.91
CA ILE D 79 -34.27 0.49 41.89
C ILE D 79 -33.65 0.97 43.19
N ASP D 80 -34.10 0.42 44.31
CA ASP D 80 -33.58 0.85 45.60
C ASP D 80 -32.15 0.41 45.86
N GLN D 81 -31.60 -0.44 45.00
CA GLN D 81 -30.17 -0.76 45.07
C GLN D 81 -29.32 0.45 44.72
N VAL D 82 -29.85 1.36 43.91
CA VAL D 82 -29.11 2.55 43.54
C VAL D 82 -28.94 3.47 44.74
N ARG D 83 -30.02 3.71 45.48
CA ARG D 83 -29.92 4.54 46.67
C ARG D 83 -29.14 3.85 47.78
N THR D 84 -29.11 2.52 47.77
CA THR D 84 -28.11 1.83 48.57
C THR D 84 -26.72 1.96 47.96
N GLY D 85 -26.64 1.93 46.63
CA GLY D 85 -25.37 1.95 45.95
C GLY D 85 -24.71 3.32 45.98
N PRO D 86 -23.54 3.41 45.36
CA PRO D 86 -22.71 4.61 45.52
C PRO D 86 -23.22 5.82 44.78
N TYR D 87 -24.24 5.70 43.93
CA TYR D 87 -24.76 6.84 43.20
C TYR D 87 -25.98 7.44 43.88
N LYS D 88 -26.02 7.39 45.21
CA LYS D 88 -27.20 7.76 45.98
C LYS D 88 -27.57 9.23 45.86
N ASP D 89 -26.63 10.08 45.45
CA ASP D 89 -26.90 11.49 45.28
C ASP D 89 -26.97 11.89 43.82
N LEU D 90 -26.99 10.93 42.90
CA LEU D 90 -26.90 11.33 41.51
C LEU D 90 -28.26 11.74 40.98
N PHE D 91 -29.27 10.93 41.24
CA PHE D 91 -30.57 11.11 40.65
C PHE D 91 -31.35 12.10 41.52
N HIS D 92 -32.67 12.14 41.38
CA HIS D 92 -33.44 12.74 42.45
C HIS D 92 -34.73 11.95 42.63
N PRO D 93 -35.25 11.87 43.84
CA PRO D 93 -36.41 11.02 44.07
C PRO D 93 -37.74 11.61 43.62
N GLU D 94 -37.77 12.22 42.45
CA GLU D 94 -38.99 12.36 41.68
C GLU D 94 -38.85 11.61 40.38
N GLN D 95 -37.77 11.90 39.66
CA GLN D 95 -37.34 11.22 38.44
C GLN D 95 -37.29 9.71 38.57
N MET D 96 -36.92 9.20 39.73
CA MET D 96 -36.78 7.77 39.89
C MET D 96 -38.09 7.11 40.29
N VAL D 97 -39.06 7.04 39.38
CA VAL D 97 -40.39 6.58 39.77
C VAL D 97 -40.46 5.06 39.76
N THR D 98 -40.81 4.48 40.90
CA THR D 98 -40.92 3.05 41.03
C THR D 98 -42.38 2.62 40.90
N GLY D 99 -42.60 1.34 41.14
CA GLY D 99 -43.94 0.80 41.30
C GLY D 99 -43.98 -0.07 42.55
N LYS D 100 -45.06 0.02 43.31
CA LYS D 100 -45.12 -0.66 44.59
C LYS D 100 -45.33 -2.15 44.44
N GLU D 101 -46.08 -2.55 43.43
CA GLU D 101 -46.32 -3.96 43.18
C GLU D 101 -46.06 -4.22 41.70
N ASP D 102 -46.05 -5.50 41.35
CA ASP D 102 -45.67 -5.87 40.01
C ASP D 102 -46.34 -7.19 39.68
N ALA D 103 -46.66 -7.34 38.41
CA ALA D 103 -46.92 -8.63 37.80
C ALA D 103 -46.15 -8.64 36.49
N SER D 104 -44.88 -8.96 36.56
CA SER D 104 -44.08 -8.89 35.35
C SER D 104 -44.17 -10.23 34.63
N ASN D 105 -43.48 -10.33 33.49
CA ASN D 105 -43.64 -11.38 32.48
C ASN D 105 -45.08 -11.47 31.99
N ASN D 106 -45.81 -10.37 32.10
CA ASN D 106 -47.24 -10.35 31.80
C ASN D 106 -47.40 -9.06 31.02
N TYR D 107 -47.39 -9.17 29.69
CA TYR D 107 -47.55 -8.00 28.86
C TYR D 107 -48.86 -7.33 29.14
N ALA D 108 -49.95 -8.03 28.85
CA ALA D 108 -51.23 -7.38 28.75
C ALA D 108 -51.86 -7.07 30.11
N ARG D 109 -51.11 -7.14 31.21
CA ARG D 109 -51.47 -6.32 32.36
C ARG D 109 -50.39 -5.32 32.71
N GLY D 110 -49.13 -5.61 32.41
CA GLY D 110 -48.14 -4.55 32.40
C GLY D 110 -48.42 -3.53 31.33
N HIS D 111 -49.04 -3.93 30.23
CA HIS D 111 -49.54 -2.95 29.29
C HIS D 111 -50.89 -2.45 29.79
N TYR D 112 -51.87 -3.34 29.97
CA TYR D 112 -53.26 -2.91 30.05
C TYR D 112 -53.86 -2.85 31.45
N THR D 113 -53.22 -3.40 32.48
CA THR D 113 -53.80 -3.26 33.81
C THR D 113 -52.89 -2.54 34.80
N VAL D 114 -51.71 -3.08 35.08
CA VAL D 114 -51.01 -2.63 36.28
C VAL D 114 -49.99 -1.57 35.93
N GLY D 115 -49.33 -1.70 34.79
CA GLY D 115 -48.35 -0.70 34.40
C GLY D 115 -48.97 0.60 33.96
N LYS D 116 -50.24 0.59 33.60
CA LYS D 116 -50.85 1.82 33.12
C LYS D 116 -51.12 2.81 34.23
N GLU D 117 -51.16 2.34 35.48
CA GLU D 117 -51.41 3.24 36.58
C GLU D 117 -50.22 4.12 36.90
N MET D 118 -49.06 3.82 36.35
CA MET D 118 -47.89 4.66 36.57
C MET D 118 -47.74 5.74 35.51
N ILE D 119 -48.50 5.63 34.44
CA ILE D 119 -48.21 6.37 33.21
C ILE D 119 -48.43 7.85 33.39
N ASP D 120 -49.52 8.20 34.06
CA ASP D 120 -49.81 9.61 34.30
C ASP D 120 -48.79 10.22 35.25
N SER D 121 -48.23 9.42 36.15
CA SER D 121 -47.09 9.89 36.93
C SER D 121 -45.83 9.94 36.09
N VAL D 122 -45.68 8.99 35.15
CA VAL D 122 -44.52 9.00 34.27
C VAL D 122 -44.59 10.18 33.31
N LEU D 123 -45.77 10.38 32.71
CA LEU D 123 -45.90 11.34 31.61
C LEU D 123 -45.71 12.77 32.11
N GLU D 124 -45.98 13.02 33.38
CA GLU D 124 -45.65 14.31 33.96
C GLU D 124 -44.14 14.51 34.04
N ARG D 125 -43.39 13.47 34.36
CA ARG D 125 -41.96 13.64 34.49
C ARG D 125 -41.26 13.70 33.15
N ILE D 126 -41.90 13.21 32.11
CA ILE D 126 -41.42 13.48 30.77
C ILE D 126 -41.58 14.96 30.46
N ARG D 127 -42.65 15.55 31.01
CA ARG D 127 -43.07 16.88 30.58
C ARG D 127 -42.10 17.95 31.07
N ARG D 128 -41.82 17.97 32.37
CA ARG D 128 -41.01 19.07 32.90
C ARG D 128 -39.56 18.93 32.50
N MET D 129 -39.09 17.72 32.22
CA MET D 129 -37.74 17.59 31.71
C MET D 129 -37.67 18.02 30.27
N ALA D 130 -38.81 18.02 29.57
CA ALA D 130 -38.86 18.64 28.26
C ALA D 130 -39.10 20.13 28.33
N ASP D 131 -39.16 20.69 29.53
CA ASP D 131 -39.40 22.11 29.70
C ASP D 131 -38.13 22.88 30.07
N ASN D 132 -36.97 22.25 29.94
CA ASN D 132 -35.72 22.97 30.11
C ASN D 132 -34.81 22.70 28.92
N CYS D 133 -34.92 21.50 28.37
CA CYS D 133 -34.05 21.10 27.27
C CYS D 133 -34.55 21.79 26.02
N SER D 134 -34.04 23.00 25.79
CA SER D 134 -34.53 23.83 24.70
C SER D 134 -34.18 23.24 23.35
N GLY D 135 -32.96 22.76 23.20
CA GLY D 135 -32.63 22.07 21.97
C GLY D 135 -32.87 20.59 22.14
N LEU D 136 -34.05 20.14 21.77
CA LEU D 136 -34.47 18.77 22.02
C LEU D 136 -34.32 17.95 20.76
N GLN D 137 -33.67 16.80 20.86
CA GLN D 137 -33.42 15.95 19.71
C GLN D 137 -34.15 14.62 19.79
N GLY D 138 -35.44 14.66 20.15
CA GLY D 138 -36.17 13.45 20.40
C GLY D 138 -35.89 12.94 21.80
N PHE D 139 -35.89 11.61 22.01
CA PHE D 139 -35.47 11.04 23.28
C PHE D 139 -35.14 9.56 23.11
N LEU D 140 -34.40 9.03 24.08
CA LEU D 140 -33.79 7.72 24.02
C LEU D 140 -34.52 6.73 24.91
N VAL D 141 -34.63 5.48 24.44
CA VAL D 141 -35.47 4.46 25.07
C VAL D 141 -34.64 3.22 25.35
N PHE D 142 -34.63 2.78 26.61
CA PHE D 142 -34.00 1.51 26.97
C PHE D 142 -35.02 0.56 27.54
N HIS D 143 -35.05 -0.68 27.04
CA HIS D 143 -35.88 -1.72 27.61
C HIS D 143 -35.27 -3.06 27.25
N SER D 144 -36.05 -4.13 27.39
CA SER D 144 -35.66 -5.42 26.87
C SER D 144 -36.87 -6.12 26.28
N PHE D 145 -36.59 -7.20 25.56
CA PHE D 145 -37.63 -8.14 25.18
C PHE D 145 -37.77 -9.25 26.20
N GLY D 146 -36.68 -9.59 26.88
CA GLY D 146 -36.74 -10.60 27.91
C GLY D 146 -37.48 -10.14 29.14
N GLY D 147 -37.67 -8.84 29.29
CA GLY D 147 -38.55 -8.35 30.33
C GLY D 147 -40.01 -8.60 29.97
N GLY D 148 -40.85 -8.64 30.98
CA GLY D 148 -42.25 -8.49 30.71
C GLY D 148 -42.56 -7.01 30.63
N THR D 149 -42.38 -6.30 31.74
CA THR D 149 -42.91 -4.95 31.85
C THR D 149 -42.10 -3.96 31.03
N GLY D 150 -40.78 -4.15 30.96
CA GLY D 150 -39.99 -3.34 30.05
C GLY D 150 -40.36 -3.57 28.61
N SER D 151 -40.68 -4.80 28.25
CA SER D 151 -41.35 -5.02 26.98
C SER D 151 -42.77 -4.49 27.05
N GLY D 152 -43.40 -4.59 28.21
CA GLY D 152 -44.79 -4.20 28.35
C GLY D 152 -45.03 -2.71 28.41
N LEU D 153 -44.53 -2.07 29.46
CA LEU D 153 -44.74 -0.64 29.61
C LEU D 153 -43.94 0.12 28.58
N GLY D 154 -42.84 -0.47 28.11
CA GLY D 154 -42.00 0.20 27.14
C GLY D 154 -42.69 0.43 25.82
N ALA D 155 -43.35 -0.59 25.29
CA ALA D 155 -44.12 -0.41 24.07
C ALA D 155 -45.29 0.54 24.30
N LEU D 156 -45.85 0.52 25.49
CA LEU D 156 -46.85 1.52 25.83
C LEU D 156 -46.23 2.89 26.03
N LEU D 157 -44.94 2.94 26.37
CA LEU D 157 -44.34 4.24 26.64
C LEU D 157 -44.16 5.01 25.35
N LEU D 158 -43.76 4.34 24.28
CA LEU D 158 -43.53 5.02 23.02
C LEU D 158 -44.83 5.50 22.39
N GLU D 159 -45.89 4.72 22.51
CA GLU D 159 -47.05 4.95 21.67
C GLU D 159 -47.85 6.17 22.05
N ARG D 160 -47.67 6.71 23.25
CA ARG D 160 -48.27 8.01 23.58
C ARG D 160 -47.30 9.15 23.40
N LEU D 161 -46.01 8.88 23.55
CA LEU D 161 -45.01 9.92 23.38
C LEU D 161 -44.88 10.32 21.93
N ASN D 162 -44.79 9.33 21.04
CA ASN D 162 -44.83 9.62 19.61
C ASN D 162 -46.21 10.09 19.19
N MET D 163 -47.25 9.73 19.95
CA MET D 163 -48.54 10.38 19.77
C MET D 163 -48.50 11.83 20.21
N GLU D 164 -47.78 12.14 21.29
CA GLU D 164 -47.58 13.55 21.62
C GLU D 164 -46.61 14.20 20.66
N TYR D 165 -45.38 13.72 20.65
CA TYR D 165 -44.30 14.57 20.17
C TYR D 165 -44.13 14.54 18.66
N GLY D 166 -44.86 13.69 17.95
CA GLY D 166 -44.97 13.80 16.52
C GLY D 166 -43.70 13.51 15.77
N LYS D 167 -43.03 14.57 15.34
CA LYS D 167 -41.83 14.46 14.52
C LYS D 167 -40.58 14.11 15.31
N LYS D 168 -40.65 13.98 16.62
CA LYS D 168 -39.43 13.89 17.40
C LYS D 168 -38.79 12.51 17.27
N SER D 169 -37.49 12.48 17.54
CA SER D 169 -36.69 11.30 17.30
C SER D 169 -36.95 10.22 18.35
N ASN D 170 -36.91 8.96 17.90
CA ASN D 170 -37.22 7.81 18.75
C ASN D 170 -36.20 6.71 18.48
N LEU D 171 -35.15 6.67 19.28
CA LEU D 171 -34.14 5.64 19.23
C LEU D 171 -34.28 4.69 20.40
N GLN D 172 -34.08 3.39 20.15
CA GLN D 172 -34.03 2.45 21.25
C GLN D 172 -33.00 1.36 21.02
N PHE D 173 -32.26 1.05 22.09
CA PHE D 173 -31.34 -0.06 22.14
C PHE D 173 -32.03 -1.18 22.89
N SER D 174 -32.42 -2.22 22.18
CA SER D 174 -33.16 -3.30 22.78
C SER D 174 -32.23 -4.49 22.99
N VAL D 175 -32.75 -5.52 23.63
CA VAL D 175 -32.06 -6.79 23.77
C VAL D 175 -33.11 -7.89 23.80
N TYR D 176 -32.91 -8.90 22.97
CA TYR D 176 -33.89 -9.89 22.62
C TYR D 176 -33.44 -11.25 23.14
N PRO D 177 -34.36 -12.21 23.28
CA PRO D 177 -33.95 -13.54 23.77
C PRO D 177 -33.16 -14.32 22.75
N ALA D 178 -32.08 -14.94 23.21
CA ALA D 178 -31.04 -15.54 22.38
C ALA D 178 -31.56 -16.65 21.48
N PRO D 179 -30.80 -16.99 20.44
CA PRO D 179 -31.06 -18.25 19.75
C PRO D 179 -30.88 -19.48 20.62
N GLN D 180 -30.10 -19.40 21.70
CA GLN D 180 -29.88 -20.65 22.42
C GLN D 180 -30.29 -20.60 23.88
N VAL D 181 -30.08 -19.49 24.58
CA VAL D 181 -30.36 -19.44 26.02
C VAL D 181 -31.43 -18.40 26.31
N SER D 182 -32.56 -18.83 26.83
CA SER D 182 -33.60 -17.94 27.28
C SER D 182 -33.34 -17.51 28.71
N THR D 183 -33.99 -16.43 29.12
CA THR D 183 -34.10 -16.17 30.55
C THR D 183 -35.50 -16.45 31.07
N SER D 184 -36.48 -16.59 30.18
CA SER D 184 -37.82 -16.99 30.59
C SER D 184 -38.56 -17.59 29.41
N VAL D 185 -39.58 -18.39 29.71
CA VAL D 185 -40.36 -19.05 28.68
C VAL D 185 -41.27 -18.09 27.95
N VAL D 186 -41.56 -16.92 28.53
CA VAL D 186 -42.51 -16.00 27.93
C VAL D 186 -41.91 -15.19 26.79
N GLU D 187 -40.65 -15.41 26.50
CA GLU D 187 -39.88 -14.68 25.52
C GLU D 187 -40.27 -14.99 24.08
N PRO D 188 -40.87 -16.14 23.78
CA PRO D 188 -41.76 -16.13 22.62
C PRO D 188 -42.93 -15.19 22.80
N TYR D 189 -43.70 -15.34 23.88
CA TYR D 189 -44.97 -14.64 23.99
C TYR D 189 -44.79 -13.16 24.24
N ASN D 190 -44.36 -12.79 25.45
CA ASN D 190 -44.42 -11.40 25.86
C ASN D 190 -43.17 -10.64 25.45
N SER D 191 -42.64 -10.95 24.30
CA SER D 191 -41.64 -10.15 23.61
C SER D 191 -41.97 -9.91 22.16
N VAL D 192 -42.46 -10.93 21.46
CA VAL D 192 -42.57 -10.82 20.01
C VAL D 192 -43.77 -10.00 19.60
N LEU D 193 -44.69 -9.75 20.51
CA LEU D 193 -45.81 -8.90 20.16
C LEU D 193 -45.43 -7.45 20.28
N THR D 194 -44.48 -7.12 21.15
CA THR D 194 -44.10 -5.74 21.41
C THR D 194 -43.45 -5.09 20.23
N THR D 195 -43.02 -5.88 19.26
CA THR D 195 -42.57 -5.28 18.03
C THR D 195 -43.73 -4.77 17.18
N HIS D 196 -44.99 -5.00 17.56
CA HIS D 196 -46.09 -4.25 16.95
C HIS D 196 -46.00 -2.77 17.27
N ALA D 197 -46.14 -2.42 18.54
CA ALA D 197 -46.23 -1.02 18.91
C ALA D 197 -44.92 -0.31 18.65
N THR D 198 -43.81 -0.99 18.85
CA THR D 198 -42.53 -0.37 18.55
C THR D 198 -42.18 -0.41 17.07
N LEU D 199 -43.01 -1.01 16.22
CA LEU D 199 -42.73 -0.90 14.79
C LEU D 199 -43.00 0.52 14.32
N ASP D 200 -44.17 1.05 14.65
CA ASP D 200 -44.58 2.31 14.10
C ASP D 200 -44.44 3.44 15.12
N ASN D 201 -43.71 3.19 16.19
CA ASN D 201 -43.38 4.25 17.14
C ASN D 201 -41.89 4.46 17.32
N SER D 202 -41.08 3.46 17.06
CA SER D 202 -39.63 3.65 17.05
C SER D 202 -39.18 4.13 15.69
N ASP D 203 -38.49 5.27 15.66
CA ASP D 203 -37.92 5.75 14.40
C ASP D 203 -36.85 4.79 13.91
N CYS D 204 -35.78 4.65 14.67
CA CYS D 204 -34.89 3.53 14.47
C CYS D 204 -34.82 2.76 15.77
N THR D 205 -34.27 1.56 15.68
CA THR D 205 -34.09 0.72 16.84
C THR D 205 -32.85 -0.13 16.66
N PHE D 206 -32.40 -0.71 17.75
CA PHE D 206 -31.20 -1.51 17.75
C PHE D 206 -31.40 -2.62 18.78
N MET D 207 -30.84 -3.79 18.48
CA MET D 207 -31.04 -4.95 19.34
C MET D 207 -29.77 -5.78 19.33
N VAL D 208 -29.57 -6.54 20.41
CA VAL D 208 -28.29 -7.16 20.69
C VAL D 208 -28.55 -8.45 21.47
N ASP D 209 -27.63 -9.41 21.36
CA ASP D 209 -27.77 -10.71 22.01
C ASP D 209 -26.81 -10.85 23.18
N ASN D 210 -27.32 -11.44 24.25
CA ASN D 210 -26.47 -11.82 25.37
C ASN D 210 -25.51 -12.93 24.99
N GLU D 211 -26.05 -14.03 24.45
CA GLU D 211 -25.23 -15.18 24.12
C GLU D 211 -24.22 -14.87 23.03
N ALA D 212 -24.51 -13.89 22.18
CA ALA D 212 -23.46 -13.38 21.32
C ALA D 212 -22.50 -12.50 22.11
N CYS D 213 -23.04 -11.67 23.00
CA CYS D 213 -22.13 -10.84 23.78
C CYS D 213 -21.37 -11.67 24.80
N TYR D 214 -21.98 -12.74 25.31
CA TYR D 214 -21.22 -13.68 26.10
C TYR D 214 -20.16 -14.38 25.28
N ASP D 215 -20.44 -14.64 24.01
CA ASP D 215 -19.47 -15.31 23.14
C ASP D 215 -18.24 -14.45 22.94
N ILE D 216 -18.40 -13.14 22.99
CA ILE D 216 -17.25 -12.26 22.94
C ILE D 216 -16.46 -12.35 24.23
N CYS D 217 -17.16 -12.57 25.35
CA CYS D 217 -16.50 -12.51 26.65
C CYS D 217 -15.57 -13.68 26.88
N ARG D 218 -15.90 -14.85 26.35
CA ARG D 218 -15.03 -15.99 26.54
C ARG D 218 -13.81 -15.96 25.63
N ARG D 219 -13.84 -15.17 24.55
CA ARG D 219 -12.73 -15.12 23.61
C ARG D 219 -12.05 -13.77 23.58
N ASN D 220 -12.78 -12.69 23.35
CA ASN D 220 -12.09 -11.42 23.27
C ASN D 220 -11.87 -10.80 24.64
N LEU D 221 -12.67 -11.21 25.62
CA LEU D 221 -12.40 -10.83 26.99
C LEU D 221 -11.78 -11.94 27.80
N ASP D 222 -11.94 -13.20 27.37
CA ASP D 222 -11.24 -14.36 27.92
C ASP D 222 -11.50 -14.56 29.41
N ILE D 223 -12.73 -14.29 29.82
CA ILE D 223 -13.11 -14.53 31.20
C ILE D 223 -14.14 -15.63 31.21
N GLU D 224 -13.86 -16.70 31.96
CA GLU D 224 -14.73 -17.86 32.00
C GLU D 224 -16.09 -17.55 32.59
N ARG D 225 -16.15 -16.77 33.67
CA ARG D 225 -17.39 -16.47 34.36
C ARG D 225 -17.68 -14.97 34.44
N PRO D 226 -18.17 -14.38 33.36
CA PRO D 226 -18.55 -12.97 33.41
C PRO D 226 -19.88 -12.77 34.09
N THR D 227 -20.42 -11.56 33.99
CA THR D 227 -21.73 -11.27 34.56
C THR D 227 -22.46 -10.30 33.67
N TYR D 228 -23.66 -9.92 34.12
CA TYR D 228 -24.44 -8.91 33.43
C TYR D 228 -23.70 -7.60 33.34
N GLU D 229 -22.98 -7.25 34.41
CA GLU D 229 -22.35 -5.95 34.53
C GLU D 229 -21.31 -5.75 33.45
N ASN D 230 -20.58 -6.80 33.12
CA ASN D 230 -19.62 -6.69 32.04
C ASN D 230 -20.32 -6.60 30.70
N LEU D 231 -21.45 -7.28 30.54
CA LEU D 231 -22.25 -7.08 29.34
C LEU D 231 -22.87 -5.70 29.34
N ASN D 232 -23.18 -5.18 30.53
CA ASN D 232 -23.71 -3.83 30.62
C ASN D 232 -22.67 -2.81 30.18
N ARG D 233 -21.42 -3.03 30.55
CA ARG D 233 -20.38 -2.08 30.17
C ARG D 233 -20.10 -2.14 28.69
N LEU D 234 -20.33 -3.29 28.07
CA LEU D 234 -19.99 -3.38 26.66
C LEU D 234 -21.03 -2.68 25.79
N ILE D 235 -22.31 -2.83 26.14
CA ILE D 235 -23.36 -2.12 25.41
C ILE D 235 -23.26 -0.63 25.62
N ALA D 236 -22.77 -0.22 26.79
CA ALA D 236 -22.82 1.18 27.19
C ALA D 236 -21.90 2.05 26.35
N GLN D 237 -20.77 1.52 25.89
CA GLN D 237 -19.92 2.37 25.08
C GLN D 237 -20.48 2.60 23.70
N VAL D 238 -21.33 1.69 23.21
CA VAL D 238 -22.01 1.90 21.93
C VAL D 238 -22.95 3.09 22.04
N VAL D 239 -23.50 3.30 23.24
CA VAL D 239 -24.38 4.43 23.46
C VAL D 239 -23.59 5.72 23.33
N SER D 240 -22.51 5.84 24.09
CA SER D 240 -21.72 7.07 24.06
C SER D 240 -20.94 7.22 22.78
N SER D 241 -20.76 6.14 22.03
CA SER D 241 -20.18 6.29 20.71
C SER D 241 -21.13 7.04 19.78
N ILE D 242 -22.43 6.93 20.00
CA ILE D 242 -23.38 7.66 19.17
C ILE D 242 -23.70 9.01 19.77
N THR D 243 -24.11 9.03 21.05
CA THR D 243 -24.63 10.25 21.64
C THR D 243 -23.52 11.28 21.87
N ALA D 244 -22.54 10.94 22.71
CA ALA D 244 -21.56 11.92 23.15
C ALA D 244 -20.59 12.33 22.05
N SER D 245 -20.67 11.68 20.88
CA SER D 245 -19.91 12.11 19.72
C SER D 245 -20.38 13.47 19.24
N LEU D 246 -21.67 13.73 19.30
CA LEU D 246 -22.11 15.09 19.00
C LEU D 246 -21.97 16.01 20.19
N ARG D 247 -21.69 15.46 21.37
CA ARG D 247 -21.40 16.27 22.54
C ARG D 247 -19.92 16.57 22.66
N PHE D 248 -19.17 16.38 21.59
CA PHE D 248 -17.76 16.66 21.56
C PHE D 248 -17.41 17.18 20.17
N ALA D 249 -16.56 18.19 20.11
CA ALA D 249 -16.28 18.87 18.85
C ALA D 249 -15.30 18.04 18.06
N GLY D 250 -15.82 17.25 17.14
CA GLY D 250 -15.02 16.33 16.35
C GLY D 250 -14.51 16.94 15.07
N SER D 251 -14.35 16.11 14.05
CA SER D 251 -13.84 16.56 12.75
C SER D 251 -14.93 16.57 11.69
N LEU D 252 -15.68 15.47 11.56
CA LEU D 252 -16.89 15.43 10.75
C LEU D 252 -18.03 15.01 11.65
N ASN D 253 -18.77 15.98 12.16
CA ASN D 253 -19.71 15.74 13.25
C ASN D 253 -20.90 14.94 12.77
N VAL D 254 -21.41 14.09 13.64
CA VAL D 254 -22.53 13.24 13.31
C VAL D 254 -23.66 13.48 14.31
N ASP D 255 -24.80 13.91 13.80
CA ASP D 255 -25.98 14.20 14.58
C ASP D 255 -26.78 12.92 14.81
N LEU D 256 -27.66 12.96 15.82
CA LEU D 256 -28.63 11.89 16.01
C LEU D 256 -29.56 11.76 14.83
N ASN D 257 -29.95 12.88 14.23
CA ASN D 257 -30.93 12.84 13.15
C ASN D 257 -30.34 12.26 11.87
N GLU D 258 -29.02 12.24 11.76
CA GLU D 258 -28.39 11.74 10.56
C GLU D 258 -28.56 10.24 10.41
N PHE D 259 -28.67 9.51 11.52
CA PHE D 259 -28.77 8.05 11.44
C PHE D 259 -30.08 7.62 10.82
N GLN D 260 -31.17 8.14 11.36
CA GLN D 260 -32.51 7.77 10.89
C GLN D 260 -32.79 8.22 9.47
N THR D 261 -31.95 9.08 8.89
CA THR D 261 -32.04 9.33 7.47
C THR D 261 -30.91 8.69 6.67
N ASN D 262 -29.94 8.05 7.33
CA ASN D 262 -28.91 7.32 6.60
C ASN D 262 -28.93 5.84 6.91
N LEU D 263 -30.05 5.31 7.35
CA LEU D 263 -30.15 3.88 7.56
C LEU D 263 -31.40 3.26 6.95
N VAL D 264 -32.42 4.03 6.61
CA VAL D 264 -33.65 3.43 6.11
C VAL D 264 -34.04 3.96 4.75
N PRO D 265 -34.02 3.11 3.73
CA PRO D 265 -34.71 3.45 2.49
C PRO D 265 -36.21 3.42 2.65
N TYR D 266 -36.74 2.66 3.61
CA TYR D 266 -38.16 2.47 3.76
C TYR D 266 -38.47 2.50 5.24
N PRO D 267 -39.68 2.95 5.63
CA PRO D 267 -39.93 3.25 7.05
C PRO D 267 -39.93 2.03 7.97
N ARG D 268 -39.86 0.82 7.46
CA ARG D 268 -39.95 -0.34 8.30
C ARG D 268 -38.61 -0.95 8.65
N ILE D 269 -37.55 -0.62 7.93
CA ILE D 269 -36.43 -1.54 7.79
C ILE D 269 -35.35 -1.18 8.81
N HIS D 270 -35.76 -0.59 9.93
CA HIS D 270 -34.87 0.14 10.82
C HIS D 270 -34.23 -0.73 11.88
N PHE D 271 -33.84 -1.94 11.52
CA PHE D 271 -33.11 -2.84 12.41
C PHE D 271 -31.68 -3.05 11.92
N PRO D 272 -30.72 -2.19 12.25
CA PRO D 272 -29.35 -2.44 11.85
C PRO D 272 -28.66 -3.39 12.82
N LEU D 273 -27.37 -3.61 12.56
CA LEU D 273 -26.51 -4.29 13.49
C LEU D 273 -25.80 -3.32 14.40
N VAL D 274 -25.06 -3.90 15.35
CA VAL D 274 -24.07 -3.21 16.14
C VAL D 274 -22.78 -3.99 15.99
N THR D 275 -21.68 -3.30 15.70
CA THR D 275 -20.38 -3.93 15.80
C THR D 275 -19.41 -2.95 16.43
N TYR D 276 -18.88 -3.33 17.58
CA TYR D 276 -17.99 -2.47 18.33
C TYR D 276 -16.63 -3.14 18.44
N SER D 277 -15.60 -2.35 18.21
CA SER D 277 -14.24 -2.86 18.09
C SER D 277 -13.30 -1.66 18.19
N PRO D 278 -12.12 -1.81 18.78
CA PRO D 278 -11.55 -3.03 19.36
C PRO D 278 -12.05 -3.31 20.75
N ILE D 279 -12.43 -4.55 20.99
CA ILE D 279 -12.61 -5.05 22.34
C ILE D 279 -11.50 -6.06 22.59
N VAL D 280 -10.56 -5.67 23.42
CA VAL D 280 -9.28 -6.33 23.51
C VAL D 280 -8.96 -6.53 24.97
N SER D 281 -8.57 -7.76 25.34
CA SER D 281 -8.28 -8.08 26.74
C SER D 281 -6.95 -7.48 27.16
N ALA D 282 -6.58 -7.72 28.42
CA ALA D 282 -5.50 -6.99 29.05
C ALA D 282 -4.15 -7.34 28.44
N ALA D 283 -3.81 -8.62 28.43
CA ALA D 283 -2.56 -9.03 27.81
C ALA D 283 -2.62 -8.95 26.30
N LYS D 284 -3.82 -8.90 25.72
CA LYS D 284 -3.96 -8.89 24.28
C LYS D 284 -3.61 -7.55 23.67
N ALA D 285 -3.77 -6.44 24.40
CA ALA D 285 -3.42 -5.14 23.86
C ALA D 285 -1.92 -5.02 23.69
N PHE D 286 -1.18 -5.47 24.68
CA PHE D 286 0.23 -5.69 24.52
C PHE D 286 0.46 -6.82 23.53
N HIS D 287 1.68 -6.83 22.98
CA HIS D 287 2.07 -7.67 21.85
C HIS D 287 1.19 -7.41 20.64
N GLU D 288 0.67 -6.19 20.49
CA GLU D 288 -0.28 -5.92 19.42
C GLU D 288 -0.36 -4.43 19.16
N SER D 289 -0.36 -4.06 17.89
CA SER D 289 -0.69 -2.71 17.45
C SER D 289 -2.01 -2.79 16.75
N ASN D 290 -3.02 -2.15 17.29
CA ASN D 290 -4.32 -2.10 16.63
C ASN D 290 -4.45 -0.75 15.93
N SER D 291 -4.00 -0.71 14.69
CA SER D 291 -4.27 0.40 13.80
C SER D 291 -5.73 0.38 13.40
N VAL D 292 -6.13 1.44 12.71
CA VAL D 292 -7.53 1.63 12.33
C VAL D 292 -7.99 0.59 11.31
N GLN D 293 -7.17 0.25 10.32
CA GLN D 293 -7.60 -0.81 9.43
C GLN D 293 -7.47 -2.18 10.08
N GLU D 294 -6.63 -2.32 11.09
CA GLU D 294 -6.63 -3.54 11.88
C GLU D 294 -7.93 -3.71 12.64
N ILE D 295 -8.60 -2.62 12.95
CA ILE D 295 -9.88 -2.72 13.62
C ILE D 295 -10.99 -2.97 12.61
N THR D 296 -10.96 -2.27 11.50
CA THR D 296 -12.06 -2.37 10.55
C THR D 296 -12.04 -3.70 9.81
N ASN D 297 -10.86 -4.33 9.69
CA ASN D 297 -10.88 -5.71 9.23
C ASN D 297 -11.40 -6.65 10.29
N GLN D 298 -11.42 -6.26 11.57
CA GLN D 298 -12.10 -7.09 12.54
C GLN D 298 -13.58 -6.78 12.61
N CYS D 299 -14.00 -5.57 12.28
CA CYS D 299 -15.42 -5.25 12.49
C CYS D 299 -16.31 -5.85 11.43
N PHE D 300 -15.76 -6.41 10.36
CA PHE D 300 -16.54 -7.21 9.43
C PHE D 300 -16.36 -8.69 9.64
N GLU D 301 -15.46 -9.09 10.51
CA GLU D 301 -15.33 -10.50 10.86
C GLU D 301 -16.28 -10.83 12.01
N PRO D 302 -16.87 -12.03 12.06
CA PRO D 302 -17.92 -12.28 13.04
C PRO D 302 -17.45 -12.42 14.48
N TYR D 303 -16.17 -12.24 14.76
CA TYR D 303 -15.71 -12.44 16.12
C TYR D 303 -16.05 -11.28 17.03
N ASN D 304 -16.19 -10.07 16.51
CA ASN D 304 -16.61 -8.96 17.33
C ASN D 304 -18.07 -8.62 17.11
N GLN D 305 -18.86 -9.61 16.70
CA GLN D 305 -20.21 -9.31 16.26
C GLN D 305 -21.17 -9.38 17.43
N MET D 306 -22.01 -8.37 17.56
CA MET D 306 -22.88 -8.24 18.72
C MET D 306 -24.10 -9.15 18.70
N VAL D 307 -24.59 -9.54 17.52
CA VAL D 307 -25.86 -10.26 17.42
C VAL D 307 -25.62 -11.59 16.75
N LYS D 308 -25.99 -12.67 17.44
CA LYS D 308 -25.71 -14.03 16.98
C LYS D 308 -26.56 -14.32 15.77
N CYS D 309 -26.08 -13.92 14.61
CA CYS D 309 -26.76 -14.11 13.35
C CYS D 309 -25.72 -14.44 12.29
N ASP D 310 -26.12 -14.37 11.03
CA ASP D 310 -25.23 -14.67 9.91
C ASP D 310 -25.18 -13.44 9.00
N PRO D 311 -24.48 -12.38 9.39
CA PRO D 311 -24.34 -11.24 8.49
C PRO D 311 -23.35 -11.49 7.37
N ARG D 312 -22.58 -12.57 7.43
CA ARG D 312 -21.73 -12.93 6.32
C ARG D 312 -22.57 -13.30 5.11
N THR D 313 -23.56 -14.16 5.32
CA THR D 313 -24.34 -14.71 4.22
C THR D 313 -25.18 -13.64 3.55
N GLY D 314 -25.88 -12.86 4.34
CA GLY D 314 -26.64 -11.76 3.80
C GLY D 314 -25.73 -10.69 3.23
N ARG D 315 -26.31 -9.90 2.34
CA ARG D 315 -25.63 -8.77 1.75
C ARG D 315 -25.91 -7.54 2.59
N TYR D 316 -24.94 -6.65 2.69
CA TYR D 316 -25.11 -5.44 3.48
C TYR D 316 -25.89 -4.42 2.69
N MET D 317 -26.62 -3.57 3.40
CA MET D 317 -27.51 -2.60 2.79
C MET D 317 -26.92 -1.20 2.82
N ALA D 318 -26.73 -0.67 4.02
CA ALA D 318 -26.12 0.64 4.23
C ALA D 318 -25.63 0.69 5.66
N THR D 319 -24.48 1.32 5.86
CA THR D 319 -23.85 1.22 7.16
C THR D 319 -23.14 2.51 7.48
N CYS D 320 -23.51 3.14 8.59
CA CYS D 320 -22.77 4.28 9.10
C CYS D 320 -21.71 3.81 10.08
N LEU D 321 -20.60 4.54 10.12
CA LEU D 321 -19.50 4.22 11.00
C LEU D 321 -19.17 5.44 11.83
N LEU D 322 -18.72 5.21 13.06
CA LEU D 322 -18.34 6.29 13.96
C LEU D 322 -16.97 5.99 14.54
N TYR D 323 -16.05 6.93 14.42
CA TYR D 323 -14.68 6.72 14.87
C TYR D 323 -14.35 7.68 15.99
N ARG D 324 -13.66 7.19 17.00
CA ARG D 324 -13.22 7.98 18.12
C ARG D 324 -11.70 8.04 18.16
N GLY D 325 -11.18 9.15 18.68
CA GLY D 325 -9.76 9.26 18.88
C GLY D 325 -8.99 9.83 17.72
N ASP D 326 -7.80 9.31 17.45
CA ASP D 326 -6.86 9.92 16.52
C ASP D 326 -6.98 9.17 15.20
N VAL D 327 -7.73 9.77 14.27
CA VAL D 327 -8.17 9.11 13.06
C VAL D 327 -7.87 10.02 11.88
N ILE D 328 -7.31 9.45 10.83
CA ILE D 328 -7.29 10.19 9.58
C ILE D 328 -8.30 9.58 8.61
N PRO D 329 -8.85 10.38 7.70
CA PRO D 329 -9.73 9.80 6.68
C PRO D 329 -8.98 9.04 5.61
N ARG D 330 -7.67 9.23 5.49
CA ARG D 330 -6.93 8.48 4.49
C ARG D 330 -6.81 7.02 4.88
N ASP D 331 -6.61 6.75 6.16
CA ASP D 331 -6.62 5.36 6.56
C ASP D 331 -8.03 4.79 6.56
N VAL D 332 -9.05 5.64 6.58
CA VAL D 332 -10.41 5.17 6.32
C VAL D 332 -10.53 4.68 4.90
N GLN D 333 -10.20 5.57 3.96
CA GLN D 333 -10.41 5.27 2.55
C GLN D 333 -9.47 4.18 2.07
N ALA D 334 -8.30 4.04 2.70
CA ALA D 334 -7.44 2.91 2.39
C ALA D 334 -8.01 1.62 2.95
N ALA D 335 -8.71 1.71 4.07
CA ALA D 335 -9.37 0.52 4.59
C ALA D 335 -10.65 0.24 3.82
N VAL D 336 -11.50 1.25 3.70
CA VAL D 336 -12.85 1.00 3.21
C VAL D 336 -12.86 0.69 1.72
N THR D 337 -11.79 1.05 0.99
CA THR D 337 -11.71 0.55 -0.37
C THR D 337 -11.32 -0.92 -0.42
N SER D 338 -10.87 -1.49 0.69
CA SER D 338 -10.53 -2.91 0.69
C SER D 338 -11.72 -3.77 1.10
N ILE D 339 -12.62 -3.23 1.90
CA ILE D 339 -13.82 -3.99 2.23
C ILE D 339 -14.70 -4.14 1.01
N LYS D 340 -14.91 -3.06 0.26
CA LYS D 340 -15.76 -3.13 -0.92
C LYS D 340 -15.13 -3.96 -2.03
N SER D 341 -13.82 -4.13 -2.01
CA SER D 341 -13.18 -5.02 -2.95
C SER D 341 -13.36 -6.48 -2.55
N ARG D 342 -13.37 -6.75 -1.25
CA ARG D 342 -13.28 -8.09 -0.72
C ARG D 342 -14.56 -8.87 -0.96
N ARG D 343 -14.41 -10.17 -1.17
CA ARG D 343 -15.53 -11.08 -1.40
C ARG D 343 -16.47 -11.22 -0.21
N THR D 344 -16.03 -10.87 1.01
CA THR D 344 -16.84 -11.18 2.18
C THR D 344 -18.05 -10.28 2.30
N ILE D 345 -18.07 -9.18 1.57
CA ILE D 345 -19.31 -8.56 1.19
C ILE D 345 -19.43 -8.77 -0.30
N GLN D 346 -20.66 -8.85 -0.79
CA GLN D 346 -20.85 -8.93 -2.22
C GLN D 346 -21.53 -7.67 -2.75
N PHE D 347 -22.69 -7.31 -2.25
CA PHE D 347 -23.43 -6.31 -3.00
C PHE D 347 -24.30 -5.45 -2.08
N VAL D 348 -24.46 -4.22 -2.53
CA VAL D 348 -25.72 -3.49 -2.38
C VAL D 348 -26.18 -3.27 -3.81
N ASP D 349 -27.48 -3.27 -4.04
CA ASP D 349 -27.98 -2.83 -5.33
C ASP D 349 -28.50 -1.40 -5.27
N TRP D 350 -28.86 -0.93 -4.08
CA TRP D 350 -29.73 0.23 -3.99
C TRP D 350 -28.94 1.44 -3.52
N CYS D 351 -27.67 1.21 -3.20
CA CYS D 351 -26.77 2.29 -2.97
C CYS D 351 -25.41 1.81 -3.44
N PRO D 352 -24.89 2.37 -4.52
CA PRO D 352 -23.54 2.00 -4.96
C PRO D 352 -22.43 2.52 -4.05
N THR D 353 -22.73 3.29 -3.01
CA THR D 353 -21.75 3.62 -2.00
C THR D 353 -21.97 2.86 -0.70
N GLY D 354 -23.13 3.04 -0.08
CA GLY D 354 -23.47 2.29 1.12
C GLY D 354 -22.65 2.58 2.36
N PHE D 355 -22.27 3.83 2.59
CA PHE D 355 -21.53 4.16 3.81
C PHE D 355 -21.90 5.53 4.32
N LYS D 356 -21.63 5.73 5.61
CA LYS D 356 -21.60 7.07 6.17
C LYS D 356 -20.48 7.15 7.19
N ILE D 357 -19.56 8.05 6.98
CA ILE D 357 -18.34 8.14 7.76
C ILE D 357 -18.44 9.32 8.71
N GLY D 358 -18.04 9.12 9.96
CA GLY D 358 -18.10 10.17 10.95
C GLY D 358 -16.96 10.16 11.94
N ILE D 359 -16.43 11.34 12.26
CA ILE D 359 -15.16 11.44 12.96
C ILE D 359 -15.32 12.35 14.16
N CYS D 360 -15.05 11.82 15.35
CA CYS D 360 -14.98 12.60 16.57
C CYS D 360 -13.65 12.34 17.25
N TYR D 361 -13.09 13.38 17.85
CA TYR D 361 -11.73 13.29 18.36
C TYR D 361 -11.60 12.68 19.75
N GLU D 362 -12.69 12.38 20.42
CA GLU D 362 -12.53 12.08 21.83
C GLU D 362 -12.07 10.65 22.02
N PRO D 363 -11.00 10.42 22.77
CA PRO D 363 -10.40 9.09 22.85
C PRO D 363 -11.29 8.14 23.64
N PRO D 364 -11.13 6.83 23.47
CA PRO D 364 -12.08 5.87 24.07
C PRO D 364 -11.92 5.82 25.57
N GLN D 365 -13.01 6.02 26.28
CA GLN D 365 -12.94 6.07 27.73
C GLN D 365 -12.81 4.65 28.29
N HIS D 366 -11.93 4.51 29.28
CA HIS D 366 -11.49 3.22 29.79
C HIS D 366 -11.80 3.14 31.28
N VAL D 367 -12.87 2.44 31.61
CA VAL D 367 -13.29 2.36 33.02
C VAL D 367 -12.31 1.46 33.78
N PRO D 368 -12.03 1.74 35.05
CA PRO D 368 -10.91 1.04 35.70
C PRO D 368 -11.22 -0.38 36.11
N GLY D 369 -12.43 -0.67 36.55
CA GLY D 369 -12.72 -1.92 37.21
C GLY D 369 -12.69 -3.16 36.35
N SER D 370 -13.39 -3.12 35.22
CA SER D 370 -13.51 -4.30 34.39
C SER D 370 -12.21 -4.58 33.65
N GLY D 371 -12.12 -5.77 33.09
CA GLY D 371 -10.93 -6.23 32.44
C GLY D 371 -10.74 -5.76 31.02
N ILE D 372 -11.48 -4.75 30.59
CA ILE D 372 -11.27 -4.19 29.26
C ILE D 372 -9.98 -3.37 29.29
N ALA D 373 -9.31 -3.29 28.13
CA ALA D 373 -8.04 -2.61 28.03
C ALA D 373 -8.17 -1.30 27.24
N LYS D 374 -7.25 -0.39 27.52
CA LYS D 374 -7.28 0.95 26.97
C LYS D 374 -6.76 0.95 25.54
N VAL D 375 -7.31 1.84 24.71
CA VAL D 375 -6.94 1.94 23.31
C VAL D 375 -7.02 3.40 22.89
N ASN D 376 -6.22 3.77 21.87
CA ASN D 376 -6.14 5.14 21.39
C ASN D 376 -6.98 5.41 20.16
N ARG D 377 -7.82 4.48 19.73
CA ARG D 377 -8.70 4.68 18.59
C ARG D 377 -9.86 3.72 18.72
N ALA D 378 -11.01 4.12 18.17
CA ALA D 378 -12.21 3.30 18.32
C ALA D 378 -13.08 3.36 17.08
N VAL D 379 -13.94 2.35 16.95
CA VAL D 379 -14.84 2.19 15.82
C VAL D 379 -16.19 1.71 16.34
N CYS D 380 -17.28 2.36 15.91
CA CYS D 380 -18.62 1.84 16.11
C CYS D 380 -19.30 1.66 14.77
N MET D 381 -20.04 0.57 14.62
CA MET D 381 -20.59 0.16 13.34
C MET D 381 -22.08 -0.14 13.46
N LEU D 382 -22.87 0.45 12.56
CA LEU D 382 -24.32 0.27 12.53
C LEU D 382 -24.69 -0.25 11.16
N SER D 383 -24.89 -1.56 11.04
CA SER D 383 -24.93 -2.23 9.74
C SER D 383 -26.31 -2.77 9.42
N ASN D 384 -26.89 -2.27 8.32
CA ASN D 384 -28.11 -2.83 7.77
C ASN D 384 -27.77 -3.93 6.79
N THR D 385 -28.55 -5.01 6.81
CA THR D 385 -28.21 -6.18 6.02
C THR D 385 -29.45 -6.89 5.48
N THR D 386 -29.18 -7.87 4.62
CA THR D 386 -30.20 -8.79 4.11
C THR D 386 -30.20 -10.11 4.86
N SER D 387 -29.89 -10.10 6.14
CA SER D 387 -29.87 -11.34 6.89
C SER D 387 -30.44 -11.25 8.29
N ILE D 388 -30.71 -10.05 8.80
CA ILE D 388 -31.01 -9.91 10.22
C ILE D 388 -32.41 -10.40 10.57
N ALA D 389 -33.23 -10.72 9.57
CA ALA D 389 -34.57 -11.23 9.83
C ALA D 389 -34.58 -12.70 10.23
N GLU D 390 -33.43 -13.34 10.39
CA GLU D 390 -33.44 -14.76 10.71
C GLU D 390 -33.69 -15.01 12.19
N ALA D 391 -33.24 -14.12 13.08
CA ALA D 391 -33.65 -14.21 14.48
C ALA D 391 -35.13 -13.92 14.61
N TRP D 392 -35.65 -13.07 13.74
CA TRP D 392 -37.09 -12.93 13.61
C TRP D 392 -37.70 -14.22 13.08
N SER D 393 -37.01 -14.88 12.15
CA SER D 393 -37.49 -16.16 11.68
C SER D 393 -37.27 -17.25 12.71
N ARG D 394 -36.30 -17.07 13.60
CA ARG D 394 -36.20 -17.92 14.78
C ARG D 394 -37.45 -17.79 15.63
N LEU D 395 -37.91 -16.56 15.81
CA LEU D 395 -39.12 -16.33 16.57
C LEU D 395 -40.32 -16.95 15.89
N ASP D 396 -40.43 -16.81 14.55
CA ASP D 396 -41.54 -17.40 13.83
C ASP D 396 -41.50 -18.92 13.90
N HIS D 397 -40.31 -19.50 13.96
CA HIS D 397 -40.24 -20.92 14.24
C HIS D 397 -40.67 -21.20 15.68
N LYS D 398 -40.32 -20.32 16.60
CA LYS D 398 -40.73 -20.55 17.99
C LYS D 398 -42.17 -20.17 18.22
N PHE D 399 -42.53 -18.94 17.88
CA PHE D 399 -43.75 -18.34 18.39
C PHE D 399 -44.99 -18.95 17.77
N ASP D 400 -44.89 -19.34 16.50
CA ASP D 400 -46.01 -20.00 15.88
C ASP D 400 -46.18 -21.42 16.45
N LEU D 401 -45.15 -21.97 17.08
CA LEU D 401 -45.33 -23.28 17.72
C LEU D 401 -46.06 -23.18 19.05
N MET D 402 -45.75 -22.16 19.86
CA MET D 402 -46.47 -21.98 21.12
C MET D 402 -47.94 -21.72 20.86
N TYR D 403 -48.21 -20.89 19.86
CA TYR D 403 -49.57 -20.52 19.49
C TYR D 403 -50.29 -21.66 18.78
N SER D 404 -49.57 -22.71 18.38
CA SER D 404 -50.16 -23.96 17.94
C SER D 404 -50.61 -24.84 19.09
N LYS D 405 -50.75 -24.31 20.29
CA LYS D 405 -51.30 -25.02 21.42
C LYS D 405 -52.20 -24.14 22.29
N ARG D 406 -52.10 -22.82 22.13
CA ARG D 406 -52.84 -21.83 22.92
C ARG D 406 -52.51 -21.97 24.41
N ALA D 407 -51.27 -21.59 24.74
CA ALA D 407 -50.70 -21.83 26.07
C ALA D 407 -50.76 -20.56 26.93
N PHE D 408 -51.57 -20.60 27.99
CA PHE D 408 -52.02 -19.43 28.77
C PHE D 408 -52.37 -18.26 27.88
N VAL D 409 -53.21 -18.54 26.90
CA VAL D 409 -53.99 -17.47 26.31
C VAL D 409 -54.87 -16.83 27.38
N HIS D 410 -55.32 -17.64 28.35
CA HIS D 410 -56.03 -17.13 29.53
C HIS D 410 -55.21 -16.09 30.27
N TRP D 411 -53.93 -16.34 30.45
CA TRP D 411 -53.09 -15.32 31.06
C TRP D 411 -52.56 -14.30 30.08
N TYR D 412 -53.05 -14.33 28.86
CA TYR D 412 -53.14 -13.12 28.06
C TYR D 412 -54.57 -12.58 28.03
N VAL D 413 -55.57 -13.45 28.19
CA VAL D 413 -56.96 -12.99 28.19
C VAL D 413 -57.34 -12.39 29.54
N GLY D 414 -57.08 -13.13 30.62
CA GLY D 414 -57.55 -12.73 31.95
C GLY D 414 -56.95 -11.43 32.44
N GLU D 415 -55.81 -11.04 31.89
CA GLU D 415 -55.29 -9.72 32.14
C GLU D 415 -55.94 -8.65 31.27
N GLY D 416 -56.81 -9.01 30.35
CA GLY D 416 -57.60 -8.00 29.68
C GLY D 416 -57.29 -7.72 28.22
N MET D 417 -57.05 -8.76 27.43
CA MET D 417 -56.91 -8.57 25.98
C MET D 417 -57.22 -9.87 25.26
N GLU D 418 -58.08 -9.79 24.25
CA GLU D 418 -58.37 -10.94 23.41
C GLU D 418 -57.19 -11.26 22.50
N GLU D 419 -57.28 -12.42 21.84
CA GLU D 419 -56.15 -12.92 21.08
C GLU D 419 -56.09 -12.38 19.67
N GLY D 420 -56.83 -11.31 19.37
CA GLY D 420 -56.79 -10.75 18.04
C GLY D 420 -55.44 -10.15 17.68
N GLU D 421 -54.72 -9.65 18.68
CA GLU D 421 -53.35 -9.21 18.43
C GLU D 421 -52.42 -10.40 18.23
N PHE D 422 -52.68 -11.52 18.90
CA PHE D 422 -51.93 -12.73 18.59
C PHE D 422 -52.27 -13.23 17.20
N SER D 423 -53.50 -12.99 16.77
CA SER D 423 -53.82 -13.21 15.36
C SER D 423 -53.04 -12.25 14.48
N GLU D 424 -52.83 -11.02 14.96
CA GLU D 424 -52.04 -10.05 14.22
C GLU D 424 -50.55 -10.25 14.37
N ALA D 425 -50.14 -11.14 15.26
CA ALA D 425 -48.74 -11.17 15.70
C ALA D 425 -47.81 -11.64 14.60
N ARG D 426 -48.04 -12.85 14.11
CA ARG D 426 -47.21 -13.35 13.02
C ARG D 426 -47.47 -12.59 11.72
N GLU D 427 -48.67 -12.01 11.59
CA GLU D 427 -49.05 -11.31 10.35
C GLU D 427 -48.15 -10.11 10.09
N ASP D 428 -47.91 -9.29 11.10
CA ASP D 428 -46.97 -8.19 10.96
C ASP D 428 -45.55 -8.71 10.86
N LEU D 429 -45.27 -9.82 11.54
CA LEU D 429 -43.99 -10.48 11.38
C LEU D 429 -43.81 -11.02 9.97
N ALA D 430 -44.90 -11.50 9.37
CA ALA D 430 -44.83 -12.04 8.02
C ALA D 430 -44.48 -10.97 7.01
N ALA D 431 -44.95 -9.74 7.22
CA ALA D 431 -44.58 -8.66 6.33
C ALA D 431 -43.14 -8.23 6.56
N LEU D 432 -42.61 -8.44 7.77
CA LEU D 432 -41.21 -8.15 8.01
C LEU D 432 -40.32 -9.11 7.25
N GLU D 433 -40.66 -10.41 7.29
CA GLU D 433 -40.00 -11.40 6.45
C GLU D 433 -40.20 -11.08 4.99
N ARG D 434 -41.40 -10.63 4.63
CA ARG D 434 -41.70 -10.25 3.25
C ARG D 434 -40.91 -9.02 2.84
N ASP D 435 -40.53 -8.18 3.80
CA ASP D 435 -39.81 -6.96 3.45
C ASP D 435 -38.37 -7.22 3.10
N TYR D 436 -37.73 -8.20 3.74
CA TYR D 436 -36.33 -8.45 3.44
C TYR D 436 -36.15 -9.19 2.13
N GLU D 437 -37.07 -10.08 1.79
CA GLU D 437 -37.04 -10.63 0.44
C GLU D 437 -37.47 -9.60 -0.59
N GLU D 438 -38.29 -8.61 -0.20
CA GLU D 438 -38.60 -7.49 -1.08
C GLU D 438 -37.36 -6.68 -1.37
N VAL D 439 -36.53 -6.44 -0.35
CA VAL D 439 -35.25 -5.82 -0.59
C VAL D 439 -34.29 -6.84 -1.19
N GLY D 440 -34.53 -8.12 -0.90
CA GLY D 440 -33.79 -9.18 -1.56
C GLY D 440 -34.03 -9.26 -3.05
N GLN D 441 -35.14 -8.70 -3.54
CA GLN D 441 -35.34 -8.54 -4.97
C GLN D 441 -34.33 -7.54 -5.51
N ASP D 442 -33.42 -8.02 -6.34
CA ASP D 442 -32.34 -7.20 -6.90
C ASP D 442 -32.17 -7.54 -8.38
N SER D 443 -32.97 -6.88 -9.21
CA SER D 443 -32.97 -7.13 -10.65
C SER D 443 -33.36 -5.83 -11.35
N MET D 444 -33.94 -5.96 -12.54
CA MET D 444 -34.29 -4.83 -13.39
C MET D 444 -35.78 -4.57 -13.45
N MET E 1 38.70 49.45 -51.70
CA MET E 1 40.11 49.78 -51.61
C MET E 1 40.97 48.55 -51.79
N ARG E 2 40.68 47.76 -52.83
CA ARG E 2 41.37 46.51 -53.15
C ARG E 2 41.34 45.55 -51.96
N GLU E 3 40.14 45.24 -51.51
CA GLU E 3 39.97 44.55 -50.24
C GLU E 3 39.25 43.22 -50.44
N VAL E 4 39.48 42.30 -49.51
CA VAL E 4 39.06 40.92 -49.67
C VAL E 4 38.79 40.37 -48.29
N ILE E 5 37.98 39.32 -48.23
CA ILE E 5 37.46 38.80 -46.96
C ILE E 5 37.70 37.30 -46.90
N SER E 6 37.98 36.79 -45.69
CA SER E 6 38.46 35.43 -45.50
C SER E 6 37.50 34.63 -44.63
N VAL E 7 36.88 33.60 -45.19
CA VAL E 7 36.00 32.76 -44.40
C VAL E 7 36.80 31.65 -43.74
N HIS E 8 36.25 31.12 -42.66
CA HIS E 8 36.93 30.13 -41.83
C HIS E 8 35.90 29.07 -41.44
N VAL E 9 35.92 27.94 -42.13
CA VAL E 9 35.03 26.83 -41.86
C VAL E 9 35.87 25.61 -41.46
N GLY E 10 35.37 24.84 -40.52
CA GLY E 10 36.15 23.70 -40.08
C GLY E 10 37.04 24.05 -38.92
N GLN E 11 37.30 23.04 -38.10
CA GLN E 11 38.09 23.25 -36.88
C GLN E 11 39.53 23.58 -37.23
N ALA E 12 40.00 23.11 -38.40
CA ALA E 12 41.22 23.62 -38.97
C ALA E 12 41.08 25.09 -39.30
N GLY E 13 39.99 25.44 -40.01
CA GLY E 13 39.74 26.82 -40.37
C GLY E 13 39.56 27.74 -39.20
N VAL E 14 39.20 27.19 -38.04
CA VAL E 14 39.29 27.97 -36.81
C VAL E 14 40.74 28.31 -36.51
N GLN E 15 41.53 27.28 -36.24
CA GLN E 15 42.85 27.51 -35.66
C GLN E 15 43.85 28.03 -36.66
N ILE E 16 43.61 27.85 -37.96
CA ILE E 16 44.47 28.45 -38.96
C ILE E 16 44.42 29.95 -38.87
N GLY E 17 43.21 30.51 -38.80
CA GLY E 17 43.06 31.95 -38.68
C GLY E 17 43.61 32.52 -37.40
N ASN E 18 43.62 31.71 -36.34
CA ASN E 18 44.19 32.14 -35.08
C ASN E 18 45.68 32.34 -35.15
N ALA E 19 46.33 31.81 -36.18
CA ALA E 19 47.67 32.24 -36.51
C ALA E 19 47.70 33.31 -37.58
N CYS E 20 46.73 33.29 -38.49
CA CYS E 20 46.76 34.23 -39.61
C CYS E 20 46.48 35.64 -39.14
N TRP E 21 45.45 35.80 -38.31
CA TRP E 21 45.10 37.14 -37.86
C TRP E 21 46.09 37.63 -36.82
N GLU E 22 46.70 36.72 -36.08
CA GLU E 22 47.78 37.09 -35.18
C GLU E 22 48.92 37.72 -35.96
N LEU E 23 49.28 37.09 -37.08
CA LEU E 23 50.27 37.68 -37.97
C LEU E 23 49.76 38.97 -38.58
N TYR E 24 48.47 39.02 -38.88
CA TYR E 24 47.88 40.23 -39.46
C TYR E 24 47.92 41.39 -38.47
N CYS E 25 47.69 41.12 -37.19
CA CYS E 25 47.71 42.20 -36.22
C CYS E 25 49.12 42.67 -35.91
N LEU E 26 50.10 41.80 -36.08
CA LEU E 26 51.47 42.20 -35.85
C LEU E 26 52.06 42.88 -37.07
N GLU E 27 51.50 42.61 -38.25
CA GLU E 27 51.96 43.23 -39.48
C GLU E 27 51.31 44.56 -39.75
N HIS E 28 50.60 45.13 -38.79
CA HIS E 28 50.15 46.50 -38.93
C HIS E 28 50.23 47.29 -37.63
N GLY E 29 50.77 46.72 -36.56
CA GLY E 29 50.78 47.45 -35.32
C GLY E 29 49.39 47.51 -34.73
N ILE E 30 48.78 46.35 -34.58
CA ILE E 30 47.44 46.24 -34.03
C ILE E 30 47.54 45.55 -32.69
N GLY E 31 47.09 46.24 -31.65
CA GLY E 31 46.99 45.66 -30.34
C GLY E 31 46.01 44.53 -30.34
N PRO E 32 46.22 43.56 -29.45
CA PRO E 32 45.42 42.33 -29.51
C PRO E 32 43.97 42.53 -29.14
N ASP E 33 43.63 43.65 -28.49
CA ASP E 33 42.25 43.99 -28.19
C ASP E 33 41.54 44.66 -29.35
N GLY E 34 42.20 44.79 -30.50
CA GLY E 34 41.60 45.46 -31.63
C GLY E 34 41.88 46.95 -31.64
N PHE E 35 41.96 47.52 -30.45
CA PHE E 35 42.29 48.94 -30.32
C PHE E 35 43.80 49.04 -30.46
N PRO E 36 44.30 49.54 -31.58
CA PRO E 36 45.68 49.25 -31.98
C PRO E 36 46.73 50.15 -31.39
N THR E 37 47.95 49.96 -31.89
CA THR E 37 48.99 50.98 -31.95
C THR E 37 49.41 51.45 -30.56
N GLU E 38 50.12 50.56 -29.87
CA GLU E 38 50.81 50.98 -28.65
C GLU E 38 51.83 52.07 -28.95
N LEU E 49 51.14 51.15 -44.19
CA LEU E 49 51.45 52.48 -44.68
C LEU E 49 50.23 53.37 -44.69
N ASN E 50 50.12 54.20 -45.73
CA ASN E 50 49.02 55.15 -45.84
C ASN E 50 47.70 54.41 -46.05
N ASP E 51 47.61 53.68 -47.15
CA ASP E 51 46.50 52.76 -47.35
C ASP E 51 46.61 51.53 -46.46
N GLY E 52 47.80 51.28 -45.91
CA GLY E 52 48.03 50.06 -45.15
C GLY E 52 47.22 49.99 -43.87
N PHE E 53 46.99 51.13 -43.23
CA PHE E 53 46.35 51.17 -41.91
C PHE E 53 44.86 50.84 -41.99
N GLY E 54 44.32 50.69 -43.18
CA GLY E 54 42.95 50.31 -43.41
C GLY E 54 42.81 49.24 -44.47
N THR E 55 43.68 48.24 -44.45
CA THR E 55 43.62 47.24 -45.52
C THR E 55 42.58 46.15 -45.24
N PHE E 56 42.81 45.28 -44.26
CA PHE E 56 41.89 44.16 -44.04
C PHE E 56 40.75 44.50 -43.12
N PHE E 57 40.40 45.77 -42.99
CA PHE E 57 39.77 46.24 -41.77
C PHE E 57 38.78 47.34 -42.13
N SER E 58 37.51 47.13 -41.81
CA SER E 58 36.49 48.15 -42.04
C SER E 58 36.39 48.92 -40.72
N GLU E 59 37.08 50.05 -40.66
CA GLU E 59 37.27 50.73 -39.39
C GLU E 59 36.00 51.43 -38.92
N THR E 60 35.83 51.46 -37.61
CA THR E 60 34.90 52.38 -36.98
C THR E 60 35.66 53.60 -36.50
N GLY E 61 34.91 54.65 -36.20
CA GLY E 61 35.52 55.86 -35.71
C GLY E 61 36.10 55.75 -34.33
N GLN E 62 35.81 54.66 -33.63
CA GLN E 62 36.43 54.41 -32.34
C GLN E 62 37.89 54.03 -32.47
N GLY E 63 38.35 53.61 -33.64
CA GLY E 63 39.75 53.32 -33.81
C GLY E 63 40.10 51.86 -33.77
N LYS E 64 39.34 51.08 -33.01
CA LYS E 64 39.44 49.64 -33.17
C LYS E 64 38.73 49.24 -34.46
N PHE E 65 39.06 48.07 -34.98
CA PHE E 65 38.48 47.71 -36.26
C PHE E 65 38.30 46.21 -36.40
N VAL E 66 37.32 45.87 -37.22
CA VAL E 66 36.91 44.49 -37.40
C VAL E 66 37.85 43.81 -38.39
N PRO E 67 38.40 42.67 -38.00
CA PRO E 67 39.02 41.79 -38.99
C PRO E 67 37.95 41.24 -39.92
N ARG E 68 38.09 41.56 -41.19
CA ARG E 68 37.08 41.16 -42.15
C ARG E 68 37.17 39.67 -42.40
N SER E 69 36.54 38.90 -41.53
CA SER E 69 36.59 37.47 -41.58
C SER E 69 35.18 36.95 -41.34
N ILE E 70 35.06 35.64 -41.18
CA ILE E 70 33.86 35.03 -40.63
C ILE E 70 34.35 33.76 -39.97
N TYR E 71 33.56 33.20 -39.07
CA TYR E 71 33.88 31.89 -38.52
C TYR E 71 32.70 30.97 -38.65
N VAL E 72 32.93 29.78 -39.18
CA VAL E 72 31.89 28.79 -39.38
C VAL E 72 32.33 27.51 -38.71
N ASP E 73 31.55 27.06 -37.73
CA ASP E 73 31.76 25.75 -37.16
C ASP E 73 30.44 25.30 -36.56
N LEU E 74 30.27 24.00 -36.49
CA LEU E 74 29.08 23.46 -35.86
C LEU E 74 29.32 23.00 -34.44
N GLU E 75 30.53 23.09 -33.95
CA GLU E 75 30.74 22.95 -32.53
C GLU E 75 30.77 24.31 -31.90
N PRO E 76 30.24 24.47 -30.68
CA PRO E 76 30.57 25.65 -29.90
C PRO E 76 31.87 25.51 -29.13
N ASN E 77 32.59 24.40 -29.32
CA ASN E 77 33.74 24.10 -28.49
C ASN E 77 34.91 25.01 -28.79
N VAL E 78 35.47 24.90 -29.99
CA VAL E 78 36.70 25.61 -30.25
C VAL E 78 36.48 27.08 -30.53
N ILE E 79 35.27 27.47 -30.94
CA ILE E 79 35.00 28.87 -31.22
C ILE E 79 34.99 29.68 -29.93
N ASP E 80 34.38 29.15 -28.88
CA ASP E 80 34.30 29.87 -27.63
C ASP E 80 35.63 29.94 -26.90
N GLN E 81 36.65 29.22 -27.36
CA GLN E 81 37.99 29.40 -26.84
C GLN E 81 38.54 30.77 -27.18
N VAL E 82 38.08 31.37 -28.27
CA VAL E 82 38.55 32.68 -28.67
C VAL E 82 38.06 33.74 -27.69
N ARG E 83 36.77 33.69 -27.35
CA ARG E 83 36.25 34.64 -26.37
C ARG E 83 36.77 34.37 -24.97
N THR E 84 37.17 33.13 -24.70
CA THR E 84 37.99 32.90 -23.53
C THR E 84 39.41 33.41 -23.74
N GLY E 85 39.93 33.25 -24.96
CA GLY E 85 41.31 33.60 -25.24
C GLY E 85 41.51 35.10 -25.32
N PRO E 86 42.76 35.51 -25.59
CA PRO E 86 43.12 36.92 -25.45
C PRO E 86 42.57 37.81 -26.54
N TYR E 87 41.97 37.27 -27.59
CA TYR E 87 41.43 38.09 -28.67
C TYR E 87 39.94 38.33 -28.50
N LYS E 88 39.48 38.42 -27.25
CA LYS E 88 38.05 38.47 -26.94
C LYS E 88 37.36 39.72 -27.47
N ASP E 89 38.11 40.77 -27.77
CA ASP E 89 37.54 41.98 -28.30
C ASP E 89 37.84 42.17 -29.77
N LEU E 90 38.40 41.17 -30.43
CA LEU E 90 38.82 41.41 -31.80
C LEU E 90 37.65 41.29 -32.75
N PHE E 91 36.89 40.23 -32.62
CA PHE E 91 35.85 39.91 -33.59
C PHE E 91 34.59 40.69 -33.20
N HIS E 92 33.44 40.28 -33.71
CA HIS E 92 32.22 40.71 -33.05
C HIS E 92 31.21 39.57 -33.07
N PRO E 93 30.37 39.46 -32.05
CA PRO E 93 29.46 38.31 -31.99
C PRO E 93 28.26 38.39 -32.90
N GLU E 94 28.45 38.82 -34.14
CA GLU E 94 27.56 38.46 -35.23
C GLU E 94 28.33 37.66 -36.26
N GLN E 95 29.46 38.20 -36.69
CA GLN E 95 30.42 37.56 -37.57
C GLN E 95 30.86 36.18 -37.11
N MET E 96 30.94 35.95 -35.81
CA MET E 96 31.41 34.67 -35.33
C MET E 96 30.27 33.67 -35.18
N VAL E 97 29.71 33.19 -36.27
CA VAL E 97 28.51 32.36 -36.20
C VAL E 97 28.87 30.91 -35.91
N THR E 98 28.32 30.39 -34.81
CA THR E 98 28.57 29.02 -34.42
C THR E 98 27.42 28.13 -34.86
N GLY E 99 27.49 26.88 -34.43
CA GLY E 99 26.37 25.96 -34.54
C GLY E 99 26.17 25.27 -33.20
N LYS E 100 24.91 25.10 -32.81
CA LYS E 100 24.63 24.58 -31.47
C LYS E 100 24.89 23.09 -31.36
N GLU E 101 24.66 22.35 -32.44
CA GLU E 101 24.90 20.93 -32.45
C GLU E 101 25.69 20.61 -33.70
N ASP E 102 26.18 19.38 -33.76
CA ASP E 102 27.06 18.99 -34.84
C ASP E 102 26.93 17.50 -35.04
N ALA E 103 27.10 17.10 -36.30
CA ALA E 103 27.42 15.73 -36.67
C ALA E 103 28.55 15.82 -37.68
N SER E 104 29.76 15.96 -37.20
CA SER E 104 30.86 16.13 -38.11
C SER E 104 31.38 14.77 -38.54
N ASN E 105 32.41 14.77 -39.38
CA ASN E 105 32.89 13.62 -40.16
C ASN E 105 31.78 13.01 -41.01
N ASN E 106 30.78 13.81 -41.34
CA ASN E 106 29.58 13.34 -42.01
C ASN E 106 29.33 14.40 -43.07
N TYR E 107 29.82 14.15 -44.28
CA TYR E 107 29.63 15.11 -45.36
C TYR E 107 28.16 15.35 -45.61
N ALA E 108 27.47 14.30 -46.03
CA ALA E 108 26.17 14.49 -46.61
C ALA E 108 25.07 14.73 -45.59
N ARG E 109 25.40 15.03 -44.33
CA ARG E 109 24.48 15.81 -43.52
C ARG E 109 25.06 17.14 -43.11
N GLY E 110 26.37 17.24 -42.98
CA GLY E 110 26.98 18.56 -42.93
C GLY E 110 26.80 19.31 -44.22
N HIS E 111 26.72 18.60 -45.34
CA HIS E 111 26.30 19.25 -46.56
C HIS E 111 24.78 19.34 -46.58
N TYR E 112 24.09 18.20 -46.51
CA TYR E 112 22.69 18.16 -46.91
C TYR E 112 21.67 18.19 -45.78
N THR E 113 22.05 17.99 -44.51
CA THR E 113 21.05 18.09 -43.46
C THR E 113 21.35 19.17 -42.43
N VAL E 114 22.47 19.09 -41.72
CA VAL E 114 22.58 19.87 -40.49
C VAL E 114 23.33 21.16 -40.75
N GLY E 115 24.35 21.11 -41.62
CA GLY E 115 25.08 22.32 -41.92
C GLY E 115 24.31 23.30 -42.78
N LYS E 116 23.28 22.84 -43.47
CA LYS E 116 22.55 23.73 -44.36
C LYS E 116 21.67 24.70 -43.59
N GLU E 117 21.36 24.38 -42.34
CA GLU E 117 20.51 25.28 -41.56
C GLU E 117 21.24 26.54 -41.12
N MET E 118 22.56 26.58 -41.25
CA MET E 118 23.32 27.75 -40.89
C MET E 118 23.50 28.70 -42.06
N ILE E 119 23.20 28.23 -43.27
CA ILE E 119 23.68 28.89 -44.48
C ILE E 119 23.00 30.22 -44.68
N ASP E 120 21.71 30.28 -44.44
CA ASP E 120 20.98 31.52 -44.59
C ASP E 120 21.42 32.54 -43.54
N SER E 121 21.85 32.07 -42.37
CA SER E 121 22.49 32.96 -41.42
C SER E 121 23.90 33.32 -41.87
N VAL E 122 24.59 32.39 -42.51
CA VAL E 122 25.93 32.67 -43.02
C VAL E 122 25.86 33.64 -44.19
N LEU E 123 24.95 33.38 -45.12
CA LEU E 123 24.93 34.12 -46.37
C LEU E 123 24.54 35.58 -46.17
N GLU E 124 23.81 35.86 -45.10
CA GLU E 124 23.58 37.24 -44.73
C GLU E 124 24.86 37.93 -44.28
N ARG E 125 25.71 37.24 -43.56
CA ARG E 125 26.91 37.89 -43.07
C ARG E 125 27.97 38.02 -44.14
N ILE E 126 27.87 37.22 -45.19
CA ILE E 126 28.67 37.48 -46.37
C ILE E 126 28.21 38.78 -47.01
N ARG E 127 26.91 39.07 -46.92
CA ARG E 127 26.31 40.12 -47.72
C ARG E 127 26.74 41.49 -47.22
N ARG E 128 26.55 41.75 -45.93
CA ARG E 128 26.81 43.10 -45.43
C ARG E 128 28.30 43.40 -45.37
N MET E 129 29.13 42.39 -45.25
CA MET E 129 30.55 42.65 -45.32
C MET E 129 30.99 42.90 -46.75
N ALA E 130 30.19 42.46 -47.71
CA ALA E 130 30.40 42.87 -49.09
C ALA E 130 29.75 44.21 -49.40
N ASP E 131 29.15 44.85 -48.41
CA ASP E 131 28.49 46.13 -48.61
C ASP E 131 29.31 47.29 -48.08
N ASN E 132 30.57 47.07 -47.75
CA ASN E 132 31.45 48.17 -47.39
C ASN E 132 32.73 48.08 -48.20
N CYS E 133 33.15 46.86 -48.49
CA CYS E 133 34.41 46.64 -49.19
C CYS E 133 34.18 46.99 -50.66
N SER E 134 34.38 48.26 -50.97
CA SER E 134 34.07 48.76 -52.30
C SER E 134 34.99 48.15 -53.35
N GLY E 135 36.28 48.09 -53.05
CA GLY E 135 37.18 47.41 -53.96
C GLY E 135 37.30 45.96 -53.55
N LEU E 136 36.48 45.10 -54.14
CA LEU E 136 36.40 43.72 -53.73
C LEU E 136 37.17 42.85 -54.71
N GLN E 137 38.04 41.99 -54.19
CA GLN E 137 38.88 41.15 -55.02
C GLN E 137 38.54 39.67 -54.87
N GLY E 138 37.26 39.33 -54.90
CA GLY E 138 36.85 37.98 -54.61
C GLY E 138 36.78 37.75 -53.12
N PHE E 139 37.07 36.54 -52.64
CA PHE E 139 37.19 36.28 -51.21
C PHE E 139 37.94 34.98 -50.96
N LEU E 140 38.44 34.83 -49.74
CA LEU E 140 39.37 33.80 -49.36
C LEU E 140 38.68 32.72 -48.51
N VAL E 141 39.07 31.46 -48.72
CA VAL E 141 38.39 30.31 -48.15
C VAL E 141 39.39 29.45 -47.39
N PHE E 142 39.10 29.16 -46.13
CA PHE E 142 39.90 28.23 -45.34
C PHE E 142 39.05 27.07 -44.89
N HIS E 143 39.52 25.85 -45.11
CA HIS E 143 38.87 24.66 -44.59
C HIS E 143 39.91 23.55 -44.47
N SER E 144 39.44 22.32 -44.33
CA SER E 144 40.33 21.17 -44.44
C SER E 144 39.61 20.05 -45.19
N PHE E 145 40.40 19.06 -45.56
CA PHE E 145 39.84 17.79 -46.01
C PHE E 145 39.69 16.81 -44.86
N GLY E 146 40.53 16.93 -43.84
CA GLY E 146 40.42 16.07 -42.68
C GLY E 146 39.21 16.40 -41.83
N GLY E 147 38.64 17.59 -42.02
CA GLY E 147 37.37 17.87 -41.40
C GLY E 147 36.24 17.12 -42.08
N GLY E 148 35.15 16.92 -41.35
CA GLY E 148 33.93 16.59 -42.04
C GLY E 148 33.29 17.87 -42.52
N THR E 149 32.88 18.71 -41.57
CA THR E 149 31.99 19.82 -41.90
C THR E 149 32.74 20.93 -42.65
N GLY E 150 34.00 21.15 -42.31
CA GLY E 150 34.80 22.07 -43.10
C GLY E 150 35.00 21.58 -44.51
N SER E 151 35.17 20.28 -44.68
CA SER E 151 35.04 19.71 -46.00
C SER E 151 33.59 19.75 -46.45
N GLY E 152 32.66 19.59 -45.52
CA GLY E 152 31.26 19.52 -45.86
C GLY E 152 30.61 20.84 -46.18
N LEU E 153 30.54 21.72 -45.19
CA LEU E 153 29.90 23.01 -45.41
C LEU E 153 30.76 23.87 -46.32
N GLY E 154 32.08 23.62 -46.33
CA GLY E 154 32.97 24.42 -47.13
C GLY E 154 32.72 24.26 -48.61
N ALA E 155 32.58 23.02 -49.08
CA ALA E 155 32.24 22.81 -50.48
C ALA E 155 30.85 23.34 -50.79
N LEU E 156 29.95 23.28 -49.82
CA LEU E 156 28.66 23.92 -49.99
C LEU E 156 28.79 25.44 -49.93
N LEU E 157 29.82 25.95 -49.26
CA LEU E 157 29.93 27.38 -49.11
C LEU E 157 30.29 28.03 -50.43
N LEU E 158 31.19 27.40 -51.18
CA LEU E 158 31.63 27.97 -52.45
C LEU E 158 30.54 27.94 -53.49
N GLU E 159 29.76 26.87 -53.51
CA GLU E 159 28.93 26.61 -54.68
C GLU E 159 27.73 27.54 -54.80
N ARG E 160 27.35 28.25 -53.73
CA ARG E 160 26.36 29.30 -53.87
C ARG E 160 26.99 30.68 -54.00
N LEU E 161 28.17 30.85 -53.45
CA LEU E 161 28.84 32.14 -53.54
C LEU E 161 29.33 32.39 -54.96
N ASN E 162 29.97 31.39 -55.56
CA ASN E 162 30.33 31.49 -56.96
C ASN E 162 29.09 31.43 -57.84
N MET E 163 28.00 30.84 -57.34
CA MET E 163 26.72 31.00 -58.01
C MET E 163 26.22 32.43 -57.89
N GLU E 164 26.42 33.08 -56.75
CA GLU E 164 26.11 34.50 -56.67
C GLU E 164 27.13 35.32 -57.44
N TYR E 165 28.38 35.27 -57.01
CA TYR E 165 29.28 36.36 -57.32
C TYR E 165 29.93 36.22 -58.69
N GLY E 166 29.74 35.11 -59.38
CA GLY E 166 30.08 35.02 -60.78
C GLY E 166 31.56 35.07 -61.06
N LYS E 167 32.02 36.23 -61.51
CA LYS E 167 33.41 36.42 -61.91
C LYS E 167 34.37 36.59 -60.75
N LYS E 168 33.90 36.60 -59.52
CA LYS E 168 34.77 37.00 -58.42
C LYS E 168 35.77 35.90 -58.08
N SER E 169 36.86 36.32 -57.45
CA SER E 169 38.00 35.44 -57.20
C SER E 169 37.71 34.47 -56.07
N ASN E 170 38.24 33.25 -56.21
CA ASN E 170 37.98 32.16 -55.26
C ASN E 170 39.29 31.42 -55.01
N LEU E 171 39.99 31.83 -53.96
CA LEU E 171 41.21 31.18 -53.50
C LEU E 171 40.95 30.37 -52.23
N GLN E 172 41.57 29.20 -52.14
CA GLN E 172 41.50 28.45 -50.91
C GLN E 172 42.81 27.73 -50.60
N PHE E 173 43.20 27.81 -49.33
CA PHE E 173 44.33 27.07 -48.78
C PHE E 173 43.76 25.88 -48.04
N SER E 174 43.92 24.70 -48.61
CA SER E 174 43.36 23.51 -48.03
C SER E 174 44.46 22.72 -47.32
N VAL E 175 44.05 21.66 -46.65
CA VAL E 175 44.98 20.70 -46.05
C VAL E 175 44.32 19.32 -46.08
N TYR E 176 45.06 18.36 -46.60
CA TYR E 176 44.55 17.07 -46.99
C TYR E 176 45.16 15.99 -46.09
N PRO E 177 44.54 14.81 -46.01
CA PRO E 177 45.11 13.76 -45.15
C PRO E 177 46.37 13.16 -45.74
N ALA E 178 47.36 12.98 -44.87
CA ALA E 178 48.74 12.67 -45.23
C ALA E 178 48.87 11.35 -45.98
N PRO E 179 50.00 11.16 -46.67
CA PRO E 179 50.34 9.82 -47.13
C PRO E 179 50.56 8.82 -46.01
N GLN E 180 50.88 9.27 -44.80
CA GLN E 180 51.17 8.26 -43.80
C GLN E 180 50.31 8.34 -42.55
N VAL E 181 49.96 9.52 -42.07
CA VAL E 181 49.22 9.63 -40.81
C VAL E 181 47.88 10.31 -41.06
N SER E 182 46.80 9.59 -40.80
CA SER E 182 45.47 10.15 -40.85
C SER E 182 45.11 10.78 -39.52
N THR E 183 44.10 11.63 -39.55
CA THR E 183 43.45 12.01 -38.30
C THR E 183 42.09 11.35 -38.15
N SER E 184 41.54 10.79 -39.22
CA SER E 184 40.30 10.04 -39.13
C SER E 184 40.19 9.09 -40.32
N VAL E 185 39.39 8.05 -40.15
CA VAL E 185 39.21 7.05 -41.19
C VAL E 185 38.35 7.58 -42.34
N VAL E 186 37.59 8.65 -42.12
CA VAL E 186 36.68 9.13 -43.14
C VAL E 186 37.37 9.96 -44.21
N GLU E 187 38.66 10.13 -44.08
CA GLU E 187 39.48 10.96 -44.94
C GLU E 187 39.69 10.37 -46.33
N PRO E 188 39.56 9.07 -46.54
CA PRO E 188 39.14 8.65 -47.88
C PRO E 188 37.76 9.17 -48.23
N TYR E 189 36.76 8.91 -47.40
CA TYR E 189 35.38 9.16 -47.81
C TYR E 189 35.05 10.64 -47.83
N ASN E 190 34.94 11.26 -46.66
CA ASN E 190 34.38 12.59 -46.57
C ASN E 190 35.43 13.67 -46.78
N SER E 191 36.38 13.42 -47.63
CA SER E 191 37.29 14.42 -48.16
C SER E 191 37.40 14.37 -49.68
N VAL E 192 37.47 13.17 -50.26
CA VAL E 192 37.83 13.08 -51.67
C VAL E 192 36.65 13.40 -52.56
N LEU E 193 35.45 13.44 -52.01
CA LEU E 193 34.32 13.83 -52.83
C LEU E 193 34.22 15.35 -52.92
N THR E 194 34.72 16.06 -51.90
CA THR E 194 34.59 17.51 -51.84
C THR E 194 35.39 18.19 -52.91
N THR E 195 36.32 17.49 -53.52
CA THR E 195 36.96 18.05 -54.69
C THR E 195 36.06 18.06 -55.90
N HIS E 196 34.86 17.47 -55.86
CA HIS E 196 33.86 17.75 -56.90
C HIS E 196 33.45 19.20 -56.89
N ALA E 197 32.79 19.63 -55.80
CA ALA E 197 32.20 20.96 -55.78
C ALA E 197 33.28 22.03 -55.80
N THR E 198 34.40 21.76 -55.16
CA THR E 198 35.48 22.72 -55.21
C THR E 198 36.30 22.64 -56.49
N LEU E 199 36.01 21.71 -57.41
CA LEU E 199 36.69 21.74 -58.68
C LEU E 199 36.22 22.93 -59.50
N ASP E 200 34.92 23.09 -59.63
CA ASP E 200 34.38 24.09 -60.52
C ASP E 200 33.86 25.29 -59.77
N ASN E 201 34.22 25.43 -58.50
CA ASN E 201 33.92 26.63 -57.74
C ASN E 201 35.15 27.34 -57.21
N SER E 202 36.26 26.63 -57.01
CA SER E 202 37.50 27.29 -56.66
C SER E 202 38.24 27.72 -57.91
N ASP E 203 38.55 29.01 -57.99
CA ASP E 203 39.36 29.51 -59.10
C ASP E 203 40.75 28.90 -59.06
N CYS E 204 41.49 29.20 -58.02
CA CYS E 204 42.67 28.43 -57.72
C CYS E 204 42.52 27.86 -56.33
N THR E 205 43.38 26.90 -56.01
CA THR E 205 43.38 26.30 -54.69
C THR E 205 44.79 25.89 -54.34
N PHE E 206 44.99 25.62 -53.07
CA PHE E 206 46.29 25.25 -52.56
C PHE E 206 46.09 24.27 -51.42
N MET E 207 47.00 23.31 -51.29
CA MET E 207 46.86 22.26 -50.30
C MET E 207 48.24 21.89 -49.78
N VAL E 208 48.27 21.38 -48.55
CA VAL E 208 49.50 21.23 -47.80
C VAL E 208 49.36 20.02 -46.88
N ASP E 209 50.49 19.41 -46.53
CA ASP E 209 50.50 18.22 -45.68
C ASP E 209 51.02 18.53 -44.29
N ASN E 210 50.37 17.94 -43.30
CA ASN E 210 50.86 17.98 -41.93
C ASN E 210 52.17 17.21 -41.79
N GLU E 211 52.16 15.95 -42.22
CA GLU E 211 53.32 15.09 -42.06
C GLU E 211 54.51 15.59 -42.86
N ALA E 212 54.26 16.31 -43.94
CA ALA E 212 55.35 17.04 -44.56
C ALA E 212 55.71 18.26 -43.74
N CYS E 213 54.72 18.98 -43.23
CA CYS E 213 55.04 20.14 -42.42
C CYS E 213 55.63 19.72 -41.08
N TYR E 214 55.19 18.58 -40.54
CA TYR E 214 55.88 18.03 -39.38
C TYR E 214 57.31 17.63 -39.71
N ASP E 215 57.54 17.15 -40.93
CA ASP E 215 58.88 16.73 -41.34
C ASP E 215 59.83 17.91 -41.36
N ILE E 216 59.31 19.10 -41.64
CA ILE E 216 60.13 20.29 -41.55
C ILE E 216 60.43 20.60 -40.09
N CYS E 217 59.49 20.31 -39.20
CA CYS E 217 59.64 20.72 -37.81
C CYS E 217 60.73 19.95 -37.09
N ARG E 218 60.92 18.68 -37.43
CA ARG E 218 61.96 17.92 -36.77
C ARG E 218 63.35 18.25 -37.29
N ARG E 219 63.47 18.85 -38.47
CA ARG E 219 64.77 19.16 -39.05
C ARG E 219 65.03 20.65 -39.18
N ASN E 220 64.15 21.39 -39.82
CA ASN E 220 64.45 22.80 -39.96
C ASN E 220 64.02 23.60 -38.76
N LEU E 221 63.09 23.08 -37.97
CA LEU E 221 62.78 23.68 -36.69
C LEU E 221 63.38 22.93 -35.52
N ASP E 222 63.71 21.65 -35.71
CA ASP E 222 64.48 20.85 -34.76
C ASP E 222 63.81 20.75 -33.40
N ILE E 223 62.49 20.63 -33.40
CA ILE E 223 61.74 20.46 -32.17
C ILE E 223 61.12 19.07 -32.22
N GLU E 224 61.42 18.27 -31.21
CA GLU E 224 60.94 16.88 -31.17
C GLU E 224 59.42 16.81 -31.07
N ARG E 225 58.81 17.64 -30.24
CA ARG E 225 57.37 17.59 -30.00
C ARG E 225 56.67 18.91 -30.32
N PRO E 226 56.43 19.18 -31.59
CA PRO E 226 55.68 20.39 -31.95
C PRO E 226 54.20 20.23 -31.72
N THR E 227 53.42 21.18 -32.22
CA THR E 227 51.97 21.08 -32.12
C THR E 227 51.34 21.66 -33.36
N TYR E 228 50.00 21.67 -33.36
CA TYR E 228 49.24 22.28 -34.43
C TYR E 228 49.58 23.76 -34.58
N GLU E 229 49.79 24.44 -33.46
CA GLU E 229 49.96 25.88 -33.43
C GLU E 229 51.20 26.28 -34.20
N ASN E 230 52.26 25.49 -34.08
CA ASN E 230 53.46 25.79 -34.85
C ASN E 230 53.24 25.49 -36.32
N LEU E 231 52.46 24.46 -36.64
CA LEU E 231 52.07 24.26 -38.03
C LEU E 231 51.13 25.35 -38.49
N ASN E 232 50.32 25.88 -37.58
CA ASN E 232 49.44 26.98 -37.93
C ASN E 232 50.25 28.23 -38.26
N ARG E 233 51.32 28.47 -37.51
CA ARG E 233 52.13 29.65 -37.78
C ARG E 233 52.88 29.51 -39.08
N LEU E 234 53.19 28.29 -39.48
CA LEU E 234 53.99 28.16 -40.69
C LEU E 234 53.15 28.37 -41.94
N ILE E 235 51.92 27.86 -41.95
CA ILE E 235 51.01 28.10 -43.07
C ILE E 235 50.63 29.56 -43.15
N ALA E 236 50.57 30.24 -42.01
CA ALA E 236 50.01 31.58 -41.95
C ALA E 236 50.89 32.60 -42.66
N GLN E 237 52.21 32.42 -42.65
CA GLN E 237 53.02 33.40 -43.36
C GLN E 237 52.90 33.28 -44.86
N VAL E 238 52.54 32.09 -45.36
CA VAL E 238 52.29 31.92 -46.79
C VAL E 238 51.08 32.75 -47.20
N VAL E 239 50.13 32.90 -46.29
CA VAL E 239 48.95 33.71 -46.55
C VAL E 239 49.35 35.16 -46.73
N SER E 240 50.05 35.71 -45.75
CA SER E 240 50.43 37.11 -45.81
C SER E 240 51.53 37.36 -46.82
N SER E 241 52.23 36.32 -47.25
CA SER E 241 53.14 36.51 -48.36
C SER E 241 52.40 36.79 -49.64
N ILE E 242 51.17 36.28 -49.77
CA ILE E 242 50.40 36.57 -50.97
C ILE E 242 49.53 37.80 -50.79
N THR E 243 48.75 37.84 -49.71
CA THR E 243 47.74 38.88 -49.55
C THR E 243 48.37 40.23 -49.24
N ALA E 244 49.08 40.32 -48.11
CA ALA E 244 49.55 41.61 -47.62
C ALA E 244 50.69 42.18 -48.48
N SER E 245 51.18 41.42 -49.45
CA SER E 245 52.13 41.94 -50.42
C SER E 245 51.50 43.01 -51.29
N LEU E 246 50.23 42.84 -51.65
CA LEU E 246 49.58 43.94 -52.35
C LEU E 246 49.05 44.98 -51.38
N ARG E 247 49.06 44.69 -50.09
CA ARG E 247 48.73 45.68 -49.08
C ARG E 247 49.93 46.46 -48.61
N PHE E 248 51.01 46.41 -49.37
CA PHE E 248 52.22 47.13 -49.06
C PHE E 248 52.86 47.56 -50.37
N ALA E 249 53.37 48.78 -50.40
CA ALA E 249 53.85 49.37 -51.65
C ALA E 249 55.22 48.82 -51.94
N GLY E 250 55.28 47.80 -52.78
CA GLY E 250 56.51 47.11 -53.10
C GLY E 250 57.22 47.71 -54.29
N SER E 251 57.94 46.86 -55.02
CA SER E 251 58.70 47.30 -56.19
C SER E 251 58.06 46.83 -57.50
N LEU E 252 57.73 45.55 -57.60
CA LEU E 252 56.91 45.03 -58.69
C LEU E 252 55.70 44.35 -58.07
N ASN E 253 54.61 45.09 -58.00
CA ASN E 253 53.46 44.68 -57.19
C ASN E 253 52.76 43.49 -57.81
N VAL E 254 52.25 42.62 -56.95
CA VAL E 254 51.57 41.42 -57.41
C VAL E 254 50.17 41.39 -56.83
N ASP E 255 49.18 41.36 -57.72
CA ASP E 255 47.78 41.34 -57.38
C ASP E 255 47.32 39.91 -57.12
N LEU E 256 46.19 39.78 -56.42
CA LEU E 256 45.55 38.48 -56.29
C LEU E 256 45.12 37.91 -57.63
N ASN E 257 44.66 38.78 -58.54
CA ASN E 257 44.15 38.29 -59.80
C ASN E 257 45.26 37.80 -60.72
N GLU E 258 46.50 38.20 -60.45
CA GLU E 258 47.60 37.79 -61.31
C GLU E 258 47.90 36.31 -61.18
N PHE E 259 47.64 35.71 -60.01
CA PHE E 259 47.97 34.31 -59.81
C PHE E 259 47.11 33.41 -60.66
N GLN E 260 45.80 33.59 -60.57
CA GLN E 260 44.85 32.77 -61.29
C GLN E 260 44.94 32.93 -62.80
N THR E 261 45.65 33.95 -63.30
CA THR E 261 45.98 34.00 -64.71
C THR E 261 47.44 33.67 -64.99
N ASN E 262 48.27 33.45 -63.98
CA ASN E 262 49.63 33.02 -64.23
C ASN E 262 49.93 31.66 -63.64
N LEU E 263 48.92 30.85 -63.41
CA LEU E 263 49.14 29.49 -62.95
C LEU E 263 48.39 28.44 -63.73
N VAL E 264 47.36 28.80 -64.49
CA VAL E 264 46.59 27.78 -65.18
C VAL E 264 46.54 27.99 -66.69
N PRO E 265 47.12 27.08 -67.45
CA PRO E 265 46.82 27.03 -68.88
C PRO E 265 45.41 26.54 -69.14
N TYR E 266 44.83 25.76 -68.24
CA TYR E 266 43.56 25.14 -68.45
C TYR E 266 42.77 25.23 -67.16
N PRO E 267 41.43 25.31 -67.22
CA PRO E 267 40.65 25.67 -66.02
C PRO E 267 40.68 24.64 -64.90
N ARG E 268 41.24 23.46 -65.12
CA ARG E 268 41.21 22.43 -64.10
C ARG E 268 42.46 22.33 -63.28
N ILE E 269 43.57 22.91 -63.72
CA ILE E 269 44.88 22.40 -63.35
C ILE E 269 45.42 23.20 -62.17
N HIS E 270 44.51 23.74 -61.36
CA HIS E 270 44.83 24.83 -60.43
C HIS E 270 45.28 24.33 -59.08
N PHE E 271 46.09 23.29 -59.04
CA PHE E 271 46.71 22.79 -57.83
C PHE E 271 48.22 23.00 -57.83
N PRO E 272 48.73 24.14 -57.43
CA PRO E 272 50.19 24.31 -57.38
C PRO E 272 50.75 23.76 -56.08
N LEU E 273 52.04 23.94 -55.93
CA LEU E 273 52.71 23.68 -54.66
C LEU E 273 52.79 24.94 -53.81
N VAL E 274 53.29 24.73 -52.60
CA VAL E 274 53.74 25.80 -51.73
C VAL E 274 55.17 25.47 -51.34
N THR E 275 56.06 26.44 -51.45
CA THR E 275 57.38 26.29 -50.86
C THR E 275 57.78 27.59 -50.20
N TYR E 276 57.98 27.54 -48.90
CA TYR E 276 58.30 28.72 -48.12
C TYR E 276 59.67 28.54 -47.51
N SER E 277 60.48 29.59 -47.60
CA SER E 277 61.87 29.55 -47.22
C SER E 277 62.37 30.99 -47.12
N PRO E 278 63.28 31.30 -46.20
CA PRO E 278 63.94 30.42 -45.24
C PRO E 278 63.10 30.14 -44.03
N ILE E 279 63.02 28.88 -43.65
CA ILE E 279 62.55 28.50 -42.32
C ILE E 279 63.74 27.94 -41.58
N VAL E 280 64.21 28.71 -40.61
CA VAL E 280 65.52 28.51 -40.03
C VAL E 280 65.38 28.59 -38.52
N SER E 281 65.94 27.61 -37.82
CA SER E 281 65.82 27.57 -36.37
C SER E 281 66.73 28.62 -35.72
N ALA E 282 66.71 28.64 -34.39
CA ALA E 282 67.27 29.76 -33.63
C ALA E 282 68.79 29.80 -33.76
N ALA E 283 69.46 28.71 -33.41
CA ALA E 283 70.90 28.66 -33.55
C ALA E 283 71.33 28.54 -35.01
N LYS E 284 70.42 28.13 -35.89
CA LYS E 284 70.76 27.93 -37.29
C LYS E 284 70.92 29.24 -38.04
N ALA E 285 70.23 30.31 -37.63
CA ALA E 285 70.37 31.58 -38.32
C ALA E 285 71.74 32.16 -38.08
N PHE E 286 72.20 32.09 -36.84
CA PHE E 286 73.61 32.33 -36.56
C PHE E 286 74.44 31.24 -37.19
N HIS E 287 75.73 31.55 -37.35
CA HIS E 287 76.68 30.76 -38.14
C HIS E 287 76.21 30.58 -39.57
N GLU E 288 75.47 31.54 -40.11
CA GLU E 288 74.89 31.37 -41.44
C GLU E 288 74.49 32.71 -42.01
N SER E 289 74.81 32.92 -43.28
CA SER E 289 74.30 34.02 -44.07
C SER E 289 73.35 33.43 -45.09
N ASN E 290 72.08 33.77 -44.99
CA ASN E 290 71.12 33.32 -45.99
C ASN E 290 70.86 34.47 -46.95
N SER E 291 71.67 34.51 -48.01
CA SER E 291 71.41 35.36 -49.14
C SER E 291 70.23 34.82 -49.92
N VAL E 292 69.81 35.61 -50.91
CA VAL E 292 68.63 35.29 -51.69
C VAL E 292 68.83 34.05 -52.56
N GLN E 293 70.00 33.89 -53.18
CA GLN E 293 70.18 32.64 -53.92
C GLN E 293 70.46 31.48 -52.99
N GLU E 294 70.92 31.74 -51.77
CA GLU E 294 70.99 30.68 -50.77
C GLU E 294 69.62 30.19 -50.38
N ILE E 295 68.61 31.03 -50.52
CA ILE E 295 67.26 30.58 -50.22
C ILE E 295 66.66 29.87 -51.42
N THR E 296 66.86 30.43 -52.61
CA THR E 296 66.21 29.85 -53.78
C THR E 296 66.83 28.53 -54.18
N ASN E 297 68.10 28.31 -53.84
CA ASN E 297 68.63 26.96 -53.98
C ASN E 297 68.05 26.02 -52.94
N GLN E 298 67.52 26.54 -51.84
CA GLN E 298 66.80 25.65 -50.94
C GLN E 298 65.35 25.46 -51.35
N CYS E 299 64.75 26.43 -52.03
CA CYS E 299 63.32 26.28 -52.29
C CYS E 299 63.03 25.31 -53.42
N PHE E 300 64.03 24.85 -54.14
CA PHE E 300 63.85 23.74 -55.07
C PHE E 300 64.35 22.42 -54.51
N GLU E 301 64.98 22.43 -53.36
CA GLU E 301 65.36 21.19 -52.70
C GLU E 301 64.23 20.71 -51.81
N PRO E 302 64.00 19.39 -51.68
CA PRO E 302 62.79 18.93 -51.00
C PRO E 302 62.79 19.12 -49.50
N TYR E 303 63.81 19.74 -48.92
CA TYR E 303 63.82 19.85 -47.47
C TYR E 303 62.89 20.93 -46.94
N ASN E 304 62.62 21.97 -47.73
CA ASN E 304 61.65 22.97 -47.32
C ASN E 304 60.32 22.77 -47.99
N GLN E 305 60.01 21.56 -48.40
CA GLN E 305 58.86 21.34 -49.25
C GLN E 305 57.62 21.08 -48.41
N MET E 306 56.54 21.79 -48.73
CA MET E 306 55.33 21.76 -47.91
C MET E 306 54.48 20.51 -48.09
N VAL E 307 54.54 19.84 -49.23
CA VAL E 307 53.62 18.74 -49.54
C VAL E 307 54.42 17.49 -49.82
N LYS E 308 54.16 16.44 -49.05
CA LYS E 308 54.93 15.20 -49.12
C LYS E 308 54.65 14.51 -50.44
N CYS E 309 55.36 14.92 -51.47
CA CYS E 309 55.22 14.37 -52.80
C CYS E 309 56.59 14.29 -53.42
N ASP E 310 56.63 14.08 -54.73
CA ASP E 310 57.87 13.96 -55.47
C ASP E 310 57.90 15.02 -56.57
N PRO E 311 58.10 16.29 -56.23
CA PRO E 311 58.21 17.31 -57.28
C PRO E 311 59.55 17.26 -58.00
N ARG E 312 60.52 16.50 -57.49
CA ARG E 312 61.76 16.31 -58.23
C ARG E 312 61.50 15.55 -59.52
N THR E 313 60.76 14.45 -59.42
CA THR E 313 60.57 13.56 -60.55
C THR E 313 59.74 14.22 -61.63
N GLY E 314 58.63 14.82 -61.25
CA GLY E 314 57.83 15.54 -62.21
C GLY E 314 58.54 16.77 -62.70
N ARG E 315 58.09 17.23 -63.87
CA ARG E 315 58.61 18.44 -64.47
C ARG E 315 57.73 19.60 -64.02
N TYR E 316 58.34 20.75 -63.85
CA TYR E 316 57.59 21.93 -63.40
C TYR E 316 56.87 22.55 -64.58
N MET E 317 55.74 23.18 -64.30
CA MET E 317 54.87 23.74 -65.32
C MET E 317 55.02 25.24 -65.42
N ALA E 318 54.65 25.94 -64.35
CA ALA E 318 54.77 27.39 -64.27
C ALA E 318 54.72 27.76 -62.79
N THR E 319 55.52 28.75 -62.42
CA THR E 319 55.70 29.02 -61.00
C THR E 319 55.88 30.51 -60.78
N CYS E 320 55.01 31.08 -59.98
CA CYS E 320 55.20 32.45 -59.53
C CYS E 320 55.95 32.46 -58.21
N LEU E 321 56.75 33.51 -58.02
CA LEU E 321 57.54 33.68 -56.82
C LEU E 321 57.22 35.02 -56.21
N LEU E 322 57.28 35.09 -54.88
CA LEU E 322 57.04 36.34 -54.16
C LEU E 322 58.17 36.56 -53.17
N TYR E 323 58.78 37.74 -53.23
CA TYR E 323 59.92 38.03 -52.37
C TYR E 323 59.58 39.18 -51.45
N ARG E 324 60.02 39.04 -50.20
CA ARG E 324 59.83 40.06 -49.18
C ARG E 324 61.17 40.61 -48.74
N GLY E 325 61.17 41.87 -48.33
CA GLY E 325 62.36 42.47 -47.77
C GLY E 325 63.28 43.13 -48.78
N ASP E 326 64.58 42.99 -48.58
CA ASP E 326 65.57 43.76 -49.32
C ASP E 326 66.10 42.89 -50.44
N VAL E 327 65.57 43.08 -51.63
CA VAL E 327 65.76 42.18 -52.76
C VAL E 327 66.16 43.00 -53.96
N ILE E 328 67.18 42.54 -54.68
CA ILE E 328 67.41 43.09 -56.01
C ILE E 328 66.99 42.08 -57.06
N PRO E 329 66.57 42.54 -58.24
CA PRO E 329 66.27 41.59 -59.31
C PRO E 329 67.50 41.02 -59.95
N ARG E 330 68.67 41.60 -59.73
CA ARG E 330 69.88 41.04 -60.31
C ARG E 330 70.26 39.74 -59.61
N ASP E 331 70.10 39.70 -58.29
CA ASP E 331 70.33 38.44 -57.63
C ASP E 331 69.21 37.44 -57.90
N VAL E 332 68.05 37.90 -58.35
CA VAL E 332 67.04 36.99 -58.86
C VAL E 332 67.54 36.34 -60.13
N GLN E 333 67.90 37.17 -61.11
CA GLN E 333 68.25 36.66 -62.43
C GLN E 333 69.56 35.89 -62.38
N ALA E 334 70.45 36.22 -61.44
CA ALA E 334 71.64 35.39 -61.26
C ALA E 334 71.29 34.07 -60.61
N ALA E 335 70.26 34.04 -59.78
CA ALA E 335 69.83 32.76 -59.23
C ALA E 335 68.99 32.01 -60.24
N VAL E 336 67.98 32.66 -60.81
CA VAL E 336 67.00 31.93 -61.59
C VAL E 336 67.57 31.48 -62.92
N THR E 337 68.67 32.06 -63.37
CA THR E 337 69.33 31.47 -64.53
C THR E 337 70.10 30.22 -64.16
N SER E 338 70.30 29.95 -62.87
CA SER E 338 70.99 28.73 -62.48
C SER E 338 70.02 27.59 -62.25
N ILE E 339 68.79 27.89 -61.86
CA ILE E 339 67.81 26.83 -61.72
C ILE E 339 67.46 26.25 -63.08
N LYS E 340 67.21 27.12 -64.07
CA LYS E 340 66.86 26.64 -65.40
C LYS E 340 68.02 25.93 -66.09
N SER E 341 69.25 26.21 -65.67
CA SER E 341 70.38 25.47 -66.19
C SER E 341 70.48 24.09 -65.56
N ARG E 342 70.11 23.99 -64.28
CA ARG E 342 70.40 22.82 -63.48
C ARG E 342 69.52 21.64 -63.90
N ARG E 343 70.09 20.44 -63.78
CA ARG E 343 69.40 19.20 -64.12
C ARG E 343 68.20 18.90 -63.24
N THR E 344 68.10 19.50 -62.05
CA THR E 344 67.06 19.07 -61.10
C THR E 344 65.69 19.55 -61.52
N ILE E 345 65.61 20.49 -62.44
CA ILE E 345 64.43 20.63 -63.28
C ILE E 345 64.89 20.22 -64.67
N GLN E 346 63.96 19.69 -65.44
CA GLN E 346 64.27 19.39 -66.83
C GLN E 346 63.49 20.29 -67.77
N PHE E 347 62.18 20.32 -67.71
CA PHE E 347 61.48 20.92 -68.83
C PHE E 347 60.16 21.55 -68.39
N VAL E 348 59.82 22.59 -69.11
CA VAL E 348 58.46 22.89 -69.48
C VAL E 348 58.44 22.79 -70.99
N ASP E 349 57.34 22.34 -71.57
CA ASP E 349 57.20 22.44 -73.01
C ASP E 349 56.31 23.62 -73.40
N TRP E 350 55.48 24.08 -72.48
CA TRP E 350 54.34 24.91 -72.88
C TRP E 350 54.57 26.35 -72.47
N CYS E 351 55.67 26.58 -71.78
CA CYS E 351 56.11 27.91 -71.53
C CYS E 351 57.62 27.85 -71.50
N PRO E 352 58.30 28.42 -72.49
CA PRO E 352 59.76 28.47 -72.43
C PRO E 352 60.32 29.41 -71.39
N THR E 353 59.50 30.16 -70.65
CA THR E 353 59.98 30.90 -69.50
C THR E 353 59.54 30.27 -68.19
N GLY E 354 58.24 30.13 -67.96
CA GLY E 354 57.74 29.44 -66.78
C GLY E 354 58.00 30.13 -65.45
N PHE E 355 57.92 31.46 -65.40
CA PHE E 355 58.10 32.14 -64.12
C PHE E 355 57.22 33.37 -64.02
N LYS E 356 56.98 33.80 -62.79
CA LYS E 356 56.45 35.12 -62.53
C LYS E 356 57.11 35.68 -61.28
N ILE E 357 57.76 36.80 -61.41
CA ILE E 357 58.58 37.37 -60.37
C ILE E 357 57.85 38.56 -59.74
N GLY E 358 57.87 38.64 -58.41
CA GLY E 358 57.19 39.71 -57.72
C GLY E 358 57.90 40.19 -56.48
N ILE E 359 57.95 41.50 -56.28
CA ILE E 359 58.84 42.09 -55.29
C ILE E 359 58.05 43.03 -54.41
N CYS E 360 58.05 42.76 -53.10
CA CYS E 360 57.49 43.65 -52.11
C CYS E 360 58.53 43.92 -51.04
N TYR E 361 58.56 45.14 -50.53
CA TYR E 361 59.65 45.56 -49.67
C TYR E 361 59.47 45.18 -48.20
N GLU E 362 58.35 44.62 -47.81
CA GLU E 362 58.10 44.56 -46.38
C GLU E 362 58.85 43.38 -45.78
N PRO E 363 59.64 43.59 -44.73
CA PRO E 363 60.52 42.55 -44.20
C PRO E 363 59.71 41.47 -43.51
N PRO E 364 60.27 40.26 -43.35
CA PRO E 364 59.46 39.14 -42.86
C PRO E 364 59.14 39.30 -41.39
N GLN E 365 57.85 39.21 -41.06
CA GLN E 365 57.43 39.44 -39.70
C GLN E 365 57.75 38.23 -38.84
N HIS E 366 58.25 38.49 -37.65
CA HIS E 366 58.84 37.50 -36.77
C HIS E 366 58.09 37.48 -35.45
N VAL E 367 57.20 36.51 -35.28
CA VAL E 367 56.38 36.45 -34.06
C VAL E 367 57.25 36.02 -32.90
N PRO E 368 57.02 36.51 -31.68
CA PRO E 368 57.99 36.30 -30.60
C PRO E 368 57.98 34.90 -30.01
N GLY E 369 56.82 34.29 -29.88
CA GLY E 369 56.68 33.09 -29.08
C GLY E 369 57.33 31.85 -29.62
N SER E 370 57.06 31.53 -30.88
CA SER E 370 57.54 30.29 -31.44
C SER E 370 59.04 30.37 -31.71
N GLY E 371 59.62 29.21 -31.96
CA GLY E 371 61.05 29.09 -32.15
C GLY E 371 61.56 29.43 -33.52
N ILE E 372 60.75 30.08 -34.35
CA ILE E 372 61.23 30.53 -35.65
C ILE E 372 62.17 31.72 -35.44
N ALA E 373 63.13 31.89 -36.35
CA ALA E 373 64.13 32.93 -36.24
C ALA E 373 63.92 34.03 -37.27
N LYS E 374 64.41 35.21 -36.95
CA LYS E 374 64.18 36.40 -37.76
C LYS E 374 65.13 36.40 -38.96
N VAL E 375 64.66 36.97 -40.07
CA VAL E 375 65.44 37.02 -41.30
C VAL E 375 65.11 38.32 -42.02
N ASN E 376 66.05 38.82 -42.83
CA ASN E 376 65.92 40.07 -43.55
C ASN E 376 65.50 39.91 -45.00
N ARG E 377 65.13 38.71 -45.43
CA ARG E 377 64.66 38.49 -46.79
C ARG E 377 63.82 37.22 -46.80
N ALA E 378 62.86 37.15 -47.71
CA ALA E 378 61.95 36.02 -47.73
C ALA E 378 61.57 35.66 -49.16
N VAL E 379 61.10 34.41 -49.31
CA VAL E 379 60.71 33.83 -50.59
C VAL E 379 59.44 33.01 -50.36
N CYS E 380 58.44 33.22 -51.21
CA CYS E 380 57.30 32.31 -51.29
C CYS E 380 57.16 31.77 -52.70
N MET E 381 56.84 30.48 -52.82
CA MET E 381 56.88 29.78 -54.09
C MET E 381 55.58 29.03 -54.33
N LEU E 382 55.01 29.22 -55.51
CA LEU E 382 53.76 28.57 -55.90
C LEU E 382 54.01 27.81 -57.19
N SER E 383 54.22 26.51 -57.08
CA SER E 383 54.80 25.72 -58.16
C SER E 383 53.81 24.72 -58.74
N ASN E 384 53.52 24.87 -60.03
CA ASN E 384 52.74 23.89 -60.78
C ASN E 384 53.68 22.86 -61.36
N THR E 385 53.27 21.59 -61.34
CA THR E 385 54.15 20.51 -61.74
C THR E 385 53.41 19.38 -62.44
N THR E 386 54.20 18.45 -62.96
CA THR E 386 53.70 17.21 -63.54
C THR E 386 53.81 16.05 -62.56
N SER E 387 53.66 16.30 -61.27
CA SER E 387 53.78 15.23 -60.30
C SER E 387 52.77 15.29 -59.17
N ILE E 388 52.04 16.39 -59.01
CA ILE E 388 51.25 16.58 -57.80
C ILE E 388 50.01 15.70 -57.76
N ALA E 389 49.69 15.02 -58.86
CA ALA E 389 48.53 14.14 -58.87
C ALA E 389 48.79 12.80 -58.20
N GLU E 390 49.95 12.59 -57.59
CA GLU E 390 50.21 11.29 -56.99
C GLU E 390 49.58 11.15 -55.62
N ALA E 391 49.44 12.23 -54.86
CA ALA E 391 48.63 12.17 -53.64
C ALA E 391 47.18 11.97 -53.99
N TRP E 392 46.76 12.50 -55.14
CA TRP E 392 45.47 12.14 -55.68
C TRP E 392 45.44 10.68 -56.08
N SER E 393 46.55 10.18 -56.62
CA SER E 393 46.63 8.77 -56.92
C SER E 393 46.78 7.93 -55.67
N ARG E 394 47.32 8.53 -54.60
CA ARG E 394 47.24 7.88 -53.30
C ARG E 394 45.80 7.70 -52.87
N LEU E 395 44.99 8.72 -53.09
CA LEU E 395 43.57 8.64 -52.76
C LEU E 395 42.89 7.58 -53.61
N ASP E 396 43.19 7.53 -54.91
CA ASP E 396 42.59 6.53 -55.78
C ASP E 396 43.02 5.13 -55.39
N HIS E 397 44.23 4.98 -54.88
CA HIS E 397 44.59 3.70 -54.30
C HIS E 397 43.81 3.46 -53.00
N LYS E 398 43.58 4.51 -52.23
CA LYS E 398 42.82 4.32 -51.00
C LYS E 398 41.33 4.22 -51.26
N PHE E 399 40.78 5.24 -51.94
CA PHE E 399 39.34 5.44 -51.93
C PHE E 399 38.60 4.40 -52.73
N ASP E 400 39.21 3.93 -53.81
CA ASP E 400 38.59 2.86 -54.57
C ASP E 400 38.63 1.54 -53.78
N LEU E 401 39.51 1.43 -52.78
CA LEU E 401 39.48 0.23 -51.97
C LEU E 401 38.37 0.23 -50.94
N MET E 402 38.10 1.38 -50.30
CA MET E 402 36.97 1.45 -49.37
C MET E 402 35.67 1.20 -50.08
N TYR E 403 35.53 1.76 -51.27
CA TYR E 403 34.32 1.63 -52.06
C TYR E 403 34.21 0.25 -52.70
N SER E 404 35.29 -0.55 -52.64
CA SER E 404 35.23 -1.96 -52.96
C SER E 404 34.70 -2.81 -51.83
N LYS E 405 34.02 -2.21 -50.85
CA LYS E 405 33.34 -2.94 -49.80
C LYS E 405 32.01 -2.30 -49.42
N ARG E 406 31.79 -1.05 -49.82
CA ARG E 406 30.60 -0.26 -49.49
C ARG E 406 30.44 -0.13 -47.97
N ALA E 407 31.34 0.67 -47.39
CA ALA E 407 31.48 0.79 -45.94
C ALA E 407 30.80 2.05 -45.42
N PHE E 408 29.73 1.87 -44.64
CA PHE E 408 28.74 2.92 -44.29
C PHE E 408 28.40 3.80 -45.45
N VAL E 409 28.04 3.15 -46.55
CA VAL E 409 27.24 3.84 -47.55
C VAL E 409 25.93 4.27 -46.93
N HIS E 410 25.41 3.48 -45.98
CA HIS E 410 24.24 3.85 -45.18
C HIS E 410 24.46 5.18 -44.48
N TRP E 411 25.62 5.40 -43.90
CA TRP E 411 25.90 6.68 -43.30
C TRP E 411 26.42 7.70 -44.29
N TYR E 412 26.39 7.38 -45.57
CA TYR E 412 26.25 8.39 -46.59
C TYR E 412 24.82 8.43 -47.13
N VAL E 413 24.09 7.31 -47.08
CA VAL E 413 22.71 7.29 -47.56
C VAL E 413 21.76 7.87 -46.53
N GLY E 414 21.84 7.39 -45.28
CA GLY E 414 20.87 7.77 -44.26
C GLY E 414 20.89 9.23 -43.90
N GLU E 415 22.00 9.91 -44.18
CA GLU E 415 22.02 11.35 -44.09
C GLU E 415 21.43 12.04 -45.31
N GLY E 416 21.04 11.31 -46.33
CA GLY E 416 20.28 11.93 -47.39
C GLY E 416 20.97 12.13 -48.73
N MET E 417 21.73 11.14 -49.19
CA MET E 417 22.28 11.20 -50.55
C MET E 417 22.60 9.80 -51.03
N GLU E 418 22.13 9.48 -52.24
CA GLU E 418 22.45 8.21 -52.87
C GLU E 418 23.91 8.18 -53.32
N GLU E 419 24.37 7.00 -53.71
CA GLU E 419 25.78 6.82 -54.01
C GLU E 419 26.15 7.18 -55.43
N GLY E 420 25.29 7.90 -56.14
CA GLY E 420 25.62 8.29 -57.50
C GLY E 420 26.78 9.26 -57.58
N GLU E 421 26.96 10.07 -56.54
CA GLU E 421 28.17 10.90 -56.49
C GLU E 421 29.40 10.07 -56.17
N PHE E 422 29.24 9.01 -55.38
CA PHE E 422 30.36 8.09 -55.20
C PHE E 422 30.65 7.34 -56.50
N SER E 423 29.62 7.11 -57.30
CA SER E 423 29.85 6.64 -58.66
C SER E 423 30.58 7.70 -59.46
N GLU E 424 30.28 8.98 -59.22
CA GLU E 424 30.97 10.06 -59.90
C GLU E 424 32.32 10.38 -59.29
N ALA E 425 32.65 9.77 -58.15
CA ALA E 425 33.76 10.25 -57.34
C ALA E 425 35.10 9.99 -58.02
N ARG E 426 35.39 8.73 -58.30
CA ARG E 426 36.63 8.40 -58.98
C ARG E 426 36.62 8.87 -60.42
N GLU E 427 35.42 9.02 -61.01
CA GLU E 427 35.29 9.42 -62.41
C GLU E 427 35.88 10.80 -62.66
N ASP E 428 35.52 11.76 -61.81
CA ASP E 428 36.12 13.09 -61.93
C ASP E 428 37.58 13.04 -61.51
N LEU E 429 37.91 12.17 -60.57
CA LEU E 429 39.30 11.95 -60.21
C LEU E 429 40.07 11.34 -61.37
N ALA E 430 39.41 10.47 -62.14
CA ALA E 430 40.08 9.84 -63.26
C ALA E 430 40.44 10.84 -64.35
N ALA E 431 39.60 11.86 -64.54
CA ALA E 431 39.94 12.90 -65.50
C ALA E 431 41.05 13.79 -64.97
N LEU E 432 41.19 13.91 -63.64
CA LEU E 432 42.29 14.66 -63.08
C LEU E 432 43.61 13.96 -63.34
N GLU E 433 43.64 12.64 -63.13
CA GLU E 433 44.78 11.83 -63.52
C GLU E 433 45.00 11.89 -65.02
N ARG E 434 43.91 11.88 -65.79
CA ARG E 434 44.00 11.99 -67.24
C ARG E 434 44.51 13.36 -67.66
N ASP E 435 44.32 14.37 -66.83
CA ASP E 435 44.73 15.71 -67.21
C ASP E 435 46.23 15.89 -67.09
N TYR E 436 46.85 15.26 -66.11
CA TYR E 436 48.29 15.45 -65.94
C TYR E 436 49.09 14.67 -66.96
N GLU E 437 48.61 13.49 -67.35
CA GLU E 437 49.23 12.83 -68.50
C GLU E 437 48.91 13.54 -69.80
N GLU E 438 47.76 14.25 -69.86
CA GLU E 438 47.47 15.09 -71.01
C GLU E 438 48.47 16.23 -71.11
N VAL E 439 48.81 16.84 -69.98
CA VAL E 439 49.89 17.81 -69.97
C VAL E 439 51.22 17.09 -70.05
N GLY E 440 51.26 15.85 -69.57
CA GLY E 440 52.43 15.02 -69.77
C GLY E 440 52.73 14.70 -71.21
N GLN E 441 51.75 14.81 -72.10
CA GLN E 441 52.00 14.73 -73.53
C GLN E 441 52.82 15.94 -73.96
N ASP E 442 54.04 15.69 -74.38
CA ASP E 442 54.97 16.75 -74.78
C ASP E 442 55.71 16.32 -76.06
N SER E 443 55.08 16.57 -77.19
CA SER E 443 55.63 16.19 -78.48
C SER E 443 55.14 17.19 -79.52
N MET E 444 55.05 16.74 -80.77
CA MET E 444 54.72 17.60 -81.91
C MET E 444 53.31 17.35 -82.44
N MET F 1 1.12 77.19 -30.99
CA MET F 1 2.53 77.09 -31.33
C MET F 1 2.86 75.73 -31.93
N ARG F 2 2.05 75.31 -32.91
CA ARG F 2 2.18 74.02 -33.58
C ARG F 2 2.16 72.87 -32.60
N GLU F 3 1.10 72.81 -31.80
CA GLU F 3 1.07 71.92 -30.65
C GLU F 3 -0.08 70.93 -30.78
N VAL F 4 0.08 69.79 -30.09
CA VAL F 4 -0.78 68.65 -30.28
C VAL F 4 -0.84 67.91 -28.96
N ILE F 5 -1.90 67.13 -28.77
CA ILE F 5 -2.19 66.51 -27.48
C ILE F 5 -2.44 65.02 -27.68
N SER F 6 -2.04 64.20 -26.71
CA SER F 6 -2.00 62.75 -26.87
C SER F 6 -2.89 62.09 -25.83
N VAL F 7 -3.93 61.40 -26.29
CA VAL F 7 -4.79 60.68 -25.37
C VAL F 7 -4.25 59.27 -25.14
N HIS F 8 -4.64 58.69 -24.01
CA HIS F 8 -4.11 57.40 -23.57
C HIS F 8 -5.28 56.60 -23.01
N VAL F 9 -5.82 55.69 -23.81
CA VAL F 9 -6.92 54.83 -23.40
C VAL F 9 -6.44 53.38 -23.45
N GLY F 10 -6.89 52.59 -22.50
CA GLY F 10 -6.45 51.21 -22.49
C GLY F 10 -5.21 51.04 -21.64
N GLN F 11 -5.07 49.84 -21.09
CA GLN F 11 -3.97 49.56 -20.18
C GLN F 11 -2.64 49.54 -20.93
N ALA F 12 -2.70 49.24 -22.23
CA ALA F 12 -1.56 49.51 -23.10
C ALA F 12 -1.32 51.00 -23.18
N GLY F 13 -2.37 51.77 -23.45
CA GLY F 13 -2.26 53.21 -23.54
C GLY F 13 -1.79 53.87 -22.26
N VAL F 14 -1.99 53.20 -21.13
CA VAL F 14 -1.32 53.64 -19.91
C VAL F 14 0.18 53.50 -20.05
N GLN F 15 0.65 52.25 -20.19
CA GLN F 15 2.06 51.98 -20.04
C GLN F 15 2.87 52.42 -21.25
N ILE F 16 2.24 52.60 -22.40
CA ILE F 16 2.94 53.14 -23.55
C ILE F 16 3.41 54.56 -23.26
N GLY F 17 2.52 55.39 -22.74
CA GLY F 17 2.88 56.75 -22.40
C GLY F 17 3.91 56.85 -21.30
N ASN F 18 3.95 55.85 -20.41
CA ASN F 18 4.95 55.84 -19.35
C ASN F 18 6.34 55.62 -19.89
N ALA F 19 6.48 55.18 -21.13
CA ALA F 19 7.75 55.30 -21.82
C ALA F 19 7.83 56.52 -22.70
N CYS F 20 6.70 56.96 -23.25
CA CYS F 20 6.73 58.08 -24.18
C CYS F 20 7.06 59.37 -23.47
N TRP F 21 6.40 59.63 -22.35
CA TRP F 21 6.65 60.87 -21.64
C TRP F 21 7.99 60.85 -20.92
N GLU F 22 8.44 59.66 -20.53
CA GLU F 22 9.79 59.52 -20.01
C GLU F 22 10.81 59.96 -21.04
N LEU F 23 10.63 59.53 -22.27
CA LEU F 23 11.47 60.00 -23.36
C LEU F 23 11.27 61.48 -23.59
N TYR F 24 10.04 61.96 -23.45
CA TYR F 24 9.74 63.37 -23.65
C TYR F 24 10.42 64.24 -22.60
N CYS F 25 10.47 63.76 -21.36
CA CYS F 25 11.11 64.55 -20.32
C CYS F 25 12.62 64.54 -20.44
N LEU F 26 13.17 63.49 -21.02
CA LEU F 26 14.61 63.45 -21.20
C LEU F 26 15.03 64.19 -22.46
N GLU F 27 14.12 64.35 -23.41
CA GLU F 27 14.41 65.06 -24.63
C GLU F 27 14.19 66.56 -24.51
N HIS F 28 13.98 67.07 -23.31
CA HIS F 28 13.99 68.51 -23.11
C HIS F 28 14.66 68.94 -21.83
N GLY F 29 15.27 68.03 -21.07
CA GLY F 29 15.85 68.44 -19.82
C GLY F 29 14.76 68.74 -18.81
N ILE F 30 13.87 67.78 -18.61
CA ILE F 30 12.77 67.93 -17.68
C ILE F 30 13.00 66.97 -16.54
N GLY F 31 13.11 67.50 -15.33
CA GLY F 31 13.18 66.71 -14.13
C GLY F 31 11.92 65.91 -13.97
N PRO F 32 12.03 64.75 -13.32
CA PRO F 32 10.90 63.82 -13.27
C PRO F 32 9.75 64.33 -12.42
N ASP F 33 9.97 65.33 -11.57
CA ASP F 33 8.93 65.96 -10.80
C ASP F 33 8.19 67.04 -11.58
N GLY F 34 8.51 67.22 -12.85
CA GLY F 34 7.88 68.26 -13.62
C GLY F 34 8.62 69.58 -13.53
N PHE F 35 9.21 69.84 -12.37
CA PHE F 35 9.99 71.04 -12.19
C PHE F 35 11.36 70.76 -12.79
N PRO F 36 11.67 71.35 -13.94
CA PRO F 36 12.70 70.78 -14.80
C PRO F 36 14.12 71.22 -14.48
N THR F 37 15.02 70.81 -15.37
CA THR F 37 16.29 71.49 -15.65
C THR F 37 17.20 71.51 -14.40
N GLU F 38 17.74 70.35 -14.10
CA GLU F 38 18.83 70.28 -13.14
C GLU F 38 20.03 71.09 -13.62
N LEU F 49 14.98 73.75 -27.80
CA LEU F 49 15.56 75.02 -28.18
C LEU F 49 14.73 76.19 -27.69
N ASN F 50 14.62 77.22 -28.52
CA ASN F 50 13.91 78.43 -28.14
C ASN F 50 12.42 78.16 -28.01
N ASP F 51 11.80 77.73 -29.10
CA ASP F 51 10.44 77.21 -29.05
C ASP F 51 10.38 75.84 -28.41
N GLY F 52 11.53 75.15 -28.30
CA GLY F 52 11.55 73.78 -27.82
C GLY F 52 11.13 73.65 -26.37
N PHE F 53 11.46 74.64 -25.54
CA PHE F 53 11.26 74.58 -24.10
C PHE F 53 9.78 74.69 -23.72
N GLY F 54 8.92 74.96 -24.69
CA GLY F 54 7.49 75.02 -24.50
C GLY F 54 6.73 74.28 -25.59
N THR F 55 7.20 73.11 -25.97
CA THR F 55 6.53 72.42 -27.08
C THR F 55 5.30 71.62 -26.61
N PHE F 56 5.50 70.53 -25.89
CA PHE F 56 4.36 69.68 -25.51
C PHE F 56 3.68 70.11 -24.24
N PHE F 57 3.81 71.37 -23.85
CA PHE F 57 3.72 71.72 -22.44
C PHE F 57 3.10 73.09 -22.31
N SER F 58 1.97 73.17 -21.63
CA SER F 58 1.31 74.45 -21.38
C SER F 58 1.83 74.91 -20.03
N GLU F 59 2.84 75.77 -20.05
CA GLU F 59 3.58 76.09 -18.84
C GLU F 59 2.78 76.98 -17.90
N THR F 60 2.99 76.77 -16.61
CA THR F 60 2.62 77.74 -15.60
C THR F 60 3.83 78.57 -15.25
N GLY F 61 3.57 79.69 -14.59
CA GLY F 61 4.66 80.56 -14.18
C GLY F 61 5.53 79.99 -13.08
N GLN F 62 5.09 78.90 -12.46
CA GLN F 62 5.92 78.22 -11.49
C GLN F 62 7.09 77.48 -12.14
N GLY F 63 7.04 77.23 -13.43
CA GLY F 63 8.18 76.61 -14.09
C GLY F 63 8.02 75.13 -14.34
N LYS F 64 7.29 74.45 -13.48
CA LYS F 64 6.87 73.11 -13.85
C LYS F 64 5.74 73.21 -14.87
N PHE F 65 5.52 72.13 -15.61
CA PHE F 65 4.53 72.23 -16.67
C PHE F 65 3.84 70.91 -16.93
N VAL F 66 2.63 71.03 -17.43
CA VAL F 66 1.75 69.90 -17.63
C VAL F 66 2.11 69.22 -18.95
N PRO F 67 2.35 67.92 -18.91
CA PRO F 67 2.36 67.13 -20.14
C PRO F 67 0.96 67.12 -20.74
N ARG F 68 0.84 67.65 -21.94
CA ARG F 68 -0.47 67.77 -22.55
C ARG F 68 -0.93 66.40 -23.00
N SER F 69 -1.52 65.66 -22.08
CA SER F 69 -1.96 64.31 -22.31
C SER F 69 -3.33 64.16 -21.69
N ILE F 70 -3.83 62.93 -21.67
CA ILE F 70 -4.97 62.56 -20.84
C ILE F 70 -4.77 61.09 -20.55
N TYR F 71 -5.42 60.59 -19.51
CA TYR F 71 -5.39 59.16 -19.26
C TYR F 71 -6.81 58.65 -19.12
N VAL F 72 -7.13 57.58 -19.84
CA VAL F 72 -8.45 56.99 -19.80
C VAL F 72 -8.30 55.52 -19.48
N ASP F 73 -8.87 55.10 -18.36
CA ASP F 73 -8.95 53.68 -18.06
C ASP F 73 -10.14 53.49 -17.14
N LEU F 74 -10.70 52.29 -17.16
CA LEU F 74 -11.78 51.99 -16.26
C LEU F 74 -11.32 51.17 -15.07
N GLU F 75 -10.06 50.82 -14.99
CA GLU F 75 -9.53 50.32 -13.75
C GLU F 75 -8.90 51.46 -12.98
N PRO F 76 -9.00 51.47 -11.66
CA PRO F 76 -8.10 52.32 -10.88
C PRO F 76 -6.76 51.67 -10.61
N ASN F 77 -6.52 50.48 -11.16
CA ASN F 77 -5.36 49.69 -10.79
C ASN F 77 -4.07 50.29 -11.33
N VAL F 78 -3.93 50.30 -12.65
CA VAL F 78 -2.66 50.69 -13.21
C VAL F 78 -2.46 52.19 -13.22
N ILE F 79 -3.53 52.97 -13.15
CA ILE F 79 -3.39 54.43 -13.16
C ILE F 79 -2.79 54.91 -11.85
N ASP F 80 -3.23 54.34 -10.74
CA ASP F 80 -2.74 54.76 -9.44
C ASP F 80 -1.31 54.31 -9.17
N GLN F 81 -0.74 53.46 -10.04
CA GLN F 81 0.67 53.15 -9.97
C GLN F 81 1.53 54.36 -10.29
N VAL F 82 1.00 55.27 -11.09
CA VAL F 82 1.75 56.48 -11.45
C VAL F 82 1.92 57.38 -10.25
N ARG F 83 0.83 57.61 -9.51
CA ARG F 83 0.92 58.43 -8.31
C ARG F 83 1.70 57.73 -7.20
N THR F 84 1.73 56.40 -7.22
CA THR F 84 2.71 55.70 -6.42
C THR F 84 4.10 55.83 -7.02
N GLY F 85 4.20 55.82 -8.35
CA GLY F 85 5.47 55.84 -9.02
C GLY F 85 6.13 57.20 -8.97
N PRO F 86 7.31 57.30 -9.58
CA PRO F 86 8.15 58.50 -9.39
C PRO F 86 7.65 59.72 -10.12
N TYR F 87 6.63 59.60 -10.98
CA TYR F 87 6.12 60.75 -11.72
C TYR F 87 4.90 61.35 -11.04
N LYS F 88 4.85 61.29 -9.71
CA LYS F 88 3.66 61.65 -8.95
C LYS F 88 3.29 63.12 -9.06
N ASP F 89 4.23 63.96 -9.46
CA ASP F 89 3.96 65.39 -9.61
C ASP F 89 3.91 65.80 -11.06
N LEU F 90 3.91 64.85 -12.00
CA LEU F 90 3.99 65.27 -13.39
C LEU F 90 2.64 65.67 -13.91
N PHE F 91 1.63 64.86 -13.68
CA PHE F 91 0.34 65.06 -14.28
C PHE F 91 -0.45 66.03 -13.41
N HIS F 92 -1.77 66.08 -13.57
CA HIS F 92 -2.55 66.67 -12.49
C HIS F 92 -3.84 65.89 -12.34
N PRO F 93 -4.36 65.79 -11.12
CA PRO F 93 -5.54 64.94 -10.91
C PRO F 93 -6.86 65.54 -11.37
N GLU F 94 -6.87 66.17 -12.53
CA GLU F 94 -8.09 66.30 -13.31
C GLU F 94 -7.94 65.57 -14.62
N GLN F 95 -6.85 65.86 -15.32
CA GLN F 95 -6.42 65.20 -16.54
C GLN F 95 -6.36 63.69 -16.43
N MET F 96 -6.01 63.17 -15.28
CA MET F 96 -5.87 61.72 -15.12
C MET F 96 -7.19 61.07 -14.74
N VAL F 97 -8.15 61.01 -15.65
CA VAL F 97 -9.49 60.55 -15.29
C VAL F 97 -9.55 59.03 -15.31
N THR F 98 -9.92 58.45 -14.18
CA THR F 98 -10.04 57.01 -14.05
C THR F 98 -11.48 56.59 -14.20
N GLY F 99 -11.72 55.31 -13.98
CA GLY F 99 -13.06 54.76 -13.83
C GLY F 99 -13.10 53.88 -12.60
N LYS F 100 -14.19 53.98 -11.84
CA LYS F 100 -14.26 53.28 -10.56
C LYS F 100 -14.48 51.78 -10.73
N GLU F 101 -15.22 51.39 -11.75
CA GLU F 101 -15.47 49.99 -12.03
C GLU F 101 -15.20 49.75 -13.49
N ASP F 102 -15.18 48.48 -13.85
CA ASP F 102 -14.79 48.11 -15.20
C ASP F 102 -15.46 46.80 -15.54
N ALA F 103 -15.77 46.66 -16.82
CA ALA F 103 -16.03 45.37 -17.44
C ALA F 103 -15.25 45.36 -18.74
N SER F 104 -13.97 45.06 -18.66
CA SER F 104 -13.16 45.12 -19.86
C SER F 104 -13.26 43.79 -20.60
N ASN F 105 -12.55 43.71 -21.74
CA ASN F 105 -12.70 42.66 -22.76
C ASN F 105 -14.14 42.57 -23.26
N ASN F 106 -14.87 43.68 -23.15
CA ASN F 106 -16.29 43.71 -23.45
C ASN F 106 -16.46 45.00 -24.23
N TYR F 107 -16.42 44.90 -25.56
CA TYR F 107 -16.57 46.08 -26.39
C TYR F 107 -17.90 46.75 -26.11
N ALA F 108 -18.97 46.06 -26.41
CA ALA F 108 -20.26 46.71 -26.51
C ALA F 108 -20.89 47.01 -25.15
N ARG F 109 -20.16 46.93 -24.05
CA ARG F 109 -20.52 47.74 -22.90
C ARG F 109 -19.45 48.73 -22.53
N GLY F 110 -18.18 48.44 -22.83
CA GLY F 110 -17.19 49.50 -22.82
C GLY F 110 -17.46 50.54 -23.87
N HIS F 111 -18.07 50.14 -24.98
CA HIS F 111 -18.56 51.13 -25.92
C HIS F 111 -19.92 51.63 -25.43
N TYR F 112 -20.90 50.74 -25.28
CA TYR F 112 -22.29 51.17 -25.20
C TYR F 112 -22.90 51.23 -23.80
N THR F 113 -22.27 50.66 -22.77
CA THR F 113 -22.86 50.80 -21.44
C THR F 113 -21.95 51.50 -20.44
N VAL F 114 -20.78 50.96 -20.15
CA VAL F 114 -20.10 51.39 -18.94
C VAL F 114 -19.06 52.45 -19.27
N GLY F 115 -18.39 52.32 -20.42
CA GLY F 115 -17.42 53.33 -20.79
C GLY F 115 -18.02 54.64 -21.22
N LYS F 116 -19.30 54.64 -21.59
CA LYS F 116 -19.90 55.87 -22.07
C LYS F 116 -20.18 56.85 -20.94
N GLU F 117 -20.23 56.37 -19.70
CA GLU F 117 -20.49 57.26 -18.59
C GLU F 117 -19.30 58.14 -18.26
N MET F 118 -18.12 57.85 -18.80
CA MET F 118 -16.95 58.67 -18.56
C MET F 118 -16.80 59.76 -19.61
N ILE F 119 -17.55 59.67 -20.70
CA ILE F 119 -17.25 60.41 -21.91
C ILE F 119 -17.47 61.90 -21.72
N ASP F 120 -18.56 62.24 -21.06
CA ASP F 120 -18.85 63.64 -20.80
C ASP F 120 -17.84 64.25 -19.83
N SER F 121 -17.29 63.44 -18.94
CA SER F 121 -16.16 63.89 -18.15
C SER F 121 -14.89 63.95 -18.98
N VAL F 122 -14.73 63.02 -19.93
CA VAL F 122 -13.57 63.03 -20.80
C VAL F 122 -13.63 64.21 -21.74
N LEU F 123 -14.79 64.42 -22.36
CA LEU F 123 -14.91 65.39 -23.44
C LEU F 123 -14.73 66.82 -22.95
N GLU F 124 -15.01 67.05 -21.66
CA GLU F 124 -14.67 68.34 -21.07
C GLU F 124 -13.17 68.54 -20.99
N ARG F 125 -12.42 67.50 -20.66
CA ARG F 125 -10.99 67.66 -20.51
C ARG F 125 -10.28 67.74 -21.85
N ILE F 126 -10.91 67.24 -22.90
CA ILE F 126 -10.42 67.53 -24.23
C ILE F 126 -10.59 69.01 -24.52
N ARG F 127 -11.64 69.61 -23.98
CA ARG F 127 -12.06 70.94 -24.40
C ARG F 127 -11.10 71.99 -23.90
N ARG F 128 -10.83 72.02 -22.59
CA ARG F 128 -10.02 73.10 -22.05
C ARG F 128 -8.56 72.96 -22.44
N MET F 129 -8.10 71.75 -22.72
CA MET F 129 -6.75 71.63 -23.21
C MET F 129 -6.66 72.06 -24.67
N ALA F 130 -7.79 72.07 -25.37
CA ALA F 130 -7.84 72.71 -26.68
C ALA F 130 -8.07 74.20 -26.58
N ASP F 131 -8.14 74.74 -25.38
CA ASP F 131 -8.37 76.16 -25.20
C ASP F 131 -7.12 76.92 -24.83
N ASN F 132 -5.95 76.29 -24.95
CA ASN F 132 -4.70 77.02 -24.76
C ASN F 132 -3.78 76.76 -25.95
N CYS F 133 -3.88 75.56 -26.51
CA CYS F 133 -3.02 75.17 -27.61
C CYS F 133 -3.49 75.88 -28.86
N SER F 134 -2.98 77.08 -29.06
CA SER F 134 -3.47 77.92 -30.14
C SER F 134 -3.11 77.34 -31.49
N GLY F 135 -1.88 76.86 -31.65
CA GLY F 135 -1.54 76.18 -32.88
C GLY F 135 -1.79 74.70 -32.72
N LEU F 136 -2.98 74.25 -33.10
CA LEU F 136 -3.39 72.88 -32.87
C LEU F 136 -3.23 72.08 -34.14
N GLN F 137 -2.59 70.92 -34.04
CA GLN F 137 -2.33 70.09 -35.20
C GLN F 137 -3.07 68.76 -35.14
N GLY F 138 -4.35 68.80 -34.79
CA GLY F 138 -5.09 67.58 -34.55
C GLY F 138 -4.82 67.05 -33.16
N PHE F 139 -4.82 65.73 -32.96
CA PHE F 139 -4.41 65.15 -31.69
C PHE F 139 -4.09 63.67 -31.87
N LEU F 140 -3.36 63.13 -30.89
CA LEU F 140 -2.74 61.82 -30.97
C LEU F 140 -3.49 60.82 -30.09
N VAL F 141 -3.60 59.58 -30.57
CA VAL F 141 -4.44 58.56 -29.95
C VAL F 141 -3.62 57.31 -29.67
N PHE F 142 -3.62 56.85 -28.43
CA PHE F 142 -2.99 55.58 -28.08
C PHE F 142 -4.02 54.63 -27.51
N HIS F 143 -4.05 53.40 -28.02
CA HIS F 143 -4.90 52.35 -27.48
C HIS F 143 -4.28 51.01 -27.84
N SER F 144 -5.06 49.94 -27.71
CA SER F 144 -4.67 48.65 -28.24
C SER F 144 -5.87 47.96 -28.86
N PHE F 145 -5.59 46.89 -29.58
CA PHE F 145 -6.62 45.96 -29.98
C PHE F 145 -6.77 44.84 -28.97
N GLY F 146 -5.69 44.49 -28.28
CA GLY F 146 -5.76 43.47 -27.26
C GLY F 146 -6.52 43.92 -26.03
N GLY F 147 -6.70 45.22 -25.87
CA GLY F 147 -7.60 45.70 -24.85
C GLY F 147 -9.05 45.45 -25.21
N GLY F 148 -9.90 45.40 -24.20
CA GLY F 148 -11.30 45.57 -24.49
C GLY F 148 -11.59 47.05 -24.56
N THR F 149 -11.43 47.75 -23.44
CA THR F 149 -11.95 49.10 -23.32
C THR F 149 -11.13 50.09 -24.13
N GLY F 150 -9.82 49.89 -24.19
CA GLY F 150 -9.01 50.71 -25.08
C GLY F 150 -9.37 50.50 -26.53
N SER F 151 -9.69 49.27 -26.90
CA SER F 151 -10.35 49.07 -28.18
C SER F 151 -11.78 49.60 -28.12
N GLY F 152 -12.42 49.49 -26.96
CA GLY F 152 -13.81 49.88 -26.83
C GLY F 152 -14.04 51.37 -26.76
N LEU F 153 -13.55 52.00 -25.69
CA LEU F 153 -13.76 53.43 -25.53
C LEU F 153 -12.95 54.19 -26.56
N GLY F 154 -11.85 53.60 -27.02
CA GLY F 154 -10.99 54.28 -27.97
C GLY F 154 -11.67 54.53 -29.30
N ALA F 155 -12.34 53.51 -29.84
CA ALA F 155 -13.09 53.70 -31.06
C ALA F 155 -14.25 54.65 -30.84
N LEU F 156 -14.83 54.63 -29.65
CA LEU F 156 -15.84 55.62 -29.32
C LEU F 156 -15.20 56.99 -29.10
N LEU F 157 -13.93 57.03 -28.75
CA LEU F 157 -13.32 58.32 -28.47
C LEU F 157 -13.13 59.11 -29.74
N LEU F 158 -12.72 58.45 -30.82
CA LEU F 158 -12.48 59.14 -32.07
C LEU F 158 -13.77 59.63 -32.70
N GLU F 159 -14.84 58.86 -32.60
CA GLU F 159 -15.99 59.09 -33.46
C GLU F 159 -16.79 60.31 -33.06
N ARG F 160 -16.62 60.84 -31.86
CA ARG F 160 -17.21 62.13 -31.53
C ARG F 160 -16.24 63.27 -31.68
N LEU F 161 -14.95 63.00 -31.54
CA LEU F 161 -13.96 64.04 -31.69
C LEU F 161 -13.81 64.46 -33.13
N ASN F 162 -13.73 63.48 -34.03
CA ASN F 162 -13.75 63.78 -35.45
C ASN F 162 -15.13 64.25 -35.88
N MET F 163 -16.16 63.89 -35.13
CA MET F 163 -17.46 64.54 -35.31
C MET F 163 -17.41 65.99 -34.86
N GLU F 164 -16.71 66.28 -33.77
CA GLU F 164 -16.51 67.69 -33.43
C GLU F 164 -15.52 68.35 -34.38
N TYR F 165 -14.30 67.86 -34.39
CA TYR F 165 -13.20 68.71 -34.84
C TYR F 165 -13.03 68.71 -36.35
N GLY F 166 -13.76 67.86 -37.07
CA GLY F 166 -13.85 67.98 -38.51
C GLY F 166 -12.57 67.70 -39.24
N LYS F 167 -11.89 68.75 -39.67
CA LYS F 167 -10.70 68.66 -40.47
C LYS F 167 -9.45 68.29 -39.68
N LYS F 168 -9.54 68.15 -38.36
CA LYS F 168 -8.32 68.05 -37.58
C LYS F 168 -7.68 66.68 -37.72
N SER F 169 -6.39 66.64 -37.43
CA SER F 169 -5.58 65.45 -37.68
C SER F 169 -5.85 64.36 -36.64
N ASN F 170 -5.80 63.12 -37.09
CA ASN F 170 -6.13 61.95 -36.26
C ASN F 170 -5.12 60.86 -36.54
N LEU F 171 -4.07 60.82 -35.73
CA LEU F 171 -3.05 59.77 -35.77
C LEU F 171 -3.21 58.81 -34.61
N GLN F 172 -3.00 57.53 -34.87
CA GLN F 172 -2.97 56.57 -33.78
C GLN F 172 -1.94 55.47 -34.01
N PHE F 173 -1.22 55.16 -32.93
CA PHE F 173 -0.29 54.05 -32.89
C PHE F 173 -0.99 52.92 -32.16
N SER F 174 -1.39 51.89 -32.88
CA SER F 174 -2.13 50.80 -32.30
C SER F 174 -1.19 49.61 -32.09
N VAL F 175 -1.73 48.58 -31.46
CA VAL F 175 -1.04 47.30 -31.32
C VAL F 175 -2.08 46.20 -31.31
N TYR F 176 -1.88 45.21 -32.15
CA TYR F 176 -2.87 44.21 -32.52
C TYR F 176 -2.43 42.85 -32.00
N PRO F 177 -3.35 41.89 -31.87
CA PRO F 177 -2.94 40.56 -31.39
C PRO F 177 -2.14 39.79 -32.43
N ALA F 178 -1.08 39.16 -31.95
CA ALA F 178 -0.03 38.57 -32.78
C ALA F 178 -0.54 37.47 -33.70
N PRO F 179 0.23 37.13 -34.73
CA PRO F 179 -0.02 35.87 -35.44
C PRO F 179 0.15 34.65 -34.57
N GLN F 180 0.91 34.71 -33.49
CA GLN F 180 1.13 33.46 -32.77
C GLN F 180 0.71 33.49 -31.32
N VAL F 181 0.90 34.60 -30.60
CA VAL F 181 0.61 34.63 -29.17
C VAL F 181 -0.45 35.69 -28.89
N SER F 182 -1.59 35.24 -28.38
CA SER F 182 -2.63 36.13 -27.93
C SER F 182 -2.39 36.54 -26.48
N THR F 183 -3.03 37.62 -26.08
CA THR F 183 -3.16 37.88 -24.65
C THR F 183 -4.57 37.59 -24.14
N SER F 184 -5.54 37.46 -25.03
CA SER F 184 -6.88 37.06 -24.65
C SER F 184 -7.61 36.47 -25.84
N VAL F 185 -8.63 35.67 -25.55
CA VAL F 185 -9.40 35.01 -26.60
C VAL F 185 -10.31 35.99 -27.33
N VAL F 186 -10.60 37.15 -26.74
CA VAL F 186 -11.55 38.08 -27.34
C VAL F 186 -10.93 38.89 -28.47
N GLU F 187 -9.68 38.68 -28.74
CA GLU F 187 -8.90 39.41 -29.71
C GLU F 187 -9.27 39.11 -31.15
N PRO F 188 -9.88 37.98 -31.48
CA PRO F 188 -10.75 38.00 -32.64
C PRO F 188 -11.92 38.93 -32.46
N TYR F 189 -12.70 38.78 -31.39
CA TYR F 189 -13.98 39.48 -31.28
C TYR F 189 -13.79 40.97 -31.02
N ASN F 190 -13.37 41.31 -29.81
CA ASN F 190 -13.42 42.70 -29.38
C ASN F 190 -12.18 43.46 -29.77
N SER F 191 -11.63 43.16 -30.93
CA SER F 191 -10.62 43.97 -31.59
C SER F 191 -10.94 44.22 -33.05
N VAL F 192 -11.43 43.20 -33.77
CA VAL F 192 -11.52 43.33 -35.21
C VAL F 192 -12.72 44.15 -35.62
N LEU F 193 -13.65 44.39 -34.72
CA LEU F 193 -14.76 45.24 -35.07
C LEU F 193 -14.38 46.70 -34.94
N THR F 194 -13.43 47.02 -34.05
CA THR F 194 -13.06 48.40 -33.77
C THR F 194 -12.40 49.06 -34.95
N THR F 195 -11.95 48.28 -35.91
CA THR F 195 -11.50 48.88 -37.15
C THR F 195 -12.65 49.41 -37.99
N HIS F 196 -13.91 49.18 -37.63
CA HIS F 196 -15.00 49.93 -38.24
C HIS F 196 -14.90 51.40 -37.92
N ALA F 197 -15.07 51.75 -36.64
CA ALA F 197 -15.16 53.15 -36.26
C ALA F 197 -13.84 53.86 -36.50
N THR F 198 -12.74 53.17 -36.30
CA THR F 198 -11.46 53.78 -36.57
C THR F 198 -11.10 53.76 -38.05
N LEU F 199 -11.91 53.17 -38.93
CA LEU F 199 -11.63 53.30 -40.35
C LEU F 199 -11.88 54.71 -40.81
N ASP F 200 -13.05 55.24 -40.48
CA ASP F 200 -13.46 56.52 -41.02
C ASP F 200 -13.33 57.62 -39.99
N ASN F 201 -12.61 57.38 -38.92
CA ASN F 201 -12.29 58.42 -37.95
C ASN F 201 -10.80 58.63 -37.77
N SER F 202 -9.98 57.62 -38.03
CA SER F 202 -8.54 57.83 -38.01
C SER F 202 -8.06 58.31 -39.37
N ASP F 203 -7.38 59.45 -39.39
CA ASP F 203 -6.80 59.93 -40.63
C ASP F 203 -5.73 58.99 -41.12
N CYS F 204 -4.66 58.83 -40.36
CA CYS F 204 -3.77 57.71 -40.56
C CYS F 204 -3.71 56.92 -39.26
N THR F 205 -3.17 55.72 -39.37
CA THR F 205 -3.00 54.87 -38.21
C THR F 205 -1.77 54.03 -38.38
N PHE F 206 -1.32 53.44 -37.29
CA PHE F 206 -0.12 52.63 -37.29
C PHE F 206 -0.32 51.51 -36.28
N MET F 207 0.23 50.34 -36.57
CA MET F 207 0.02 49.18 -35.73
C MET F 207 1.29 48.35 -35.73
N VAL F 208 1.49 47.58 -34.66
CA VAL F 208 2.76 46.95 -34.37
C VAL F 208 2.49 45.65 -33.61
N ASP F 209 3.40 44.69 -33.72
CA ASP F 209 3.25 43.39 -33.09
C ASP F 209 4.21 43.24 -31.91
N ASN F 210 3.68 42.64 -30.84
CA ASN F 210 4.52 42.25 -29.71
C ASN F 210 5.49 41.14 -30.10
N GLU F 211 4.95 40.05 -30.66
CA GLU F 211 5.78 38.89 -30.99
C GLU F 211 6.79 39.22 -32.07
N ALA F 212 6.51 40.20 -32.92
CA ALA F 212 7.57 40.72 -33.76
C ALA F 212 8.52 41.60 -32.95
N CYS F 213 7.98 42.42 -32.06
CA CYS F 213 8.88 43.24 -31.26
C CYS F 213 9.63 42.40 -30.26
N TYR F 214 9.01 41.33 -29.76
CA TYR F 214 9.77 40.38 -28.95
C TYR F 214 10.84 39.68 -29.77
N ASP F 215 10.56 39.44 -31.05
CA ASP F 215 11.53 38.76 -31.93
C ASP F 215 12.77 39.62 -32.11
N ILE F 216 12.62 40.94 -32.05
CA ILE F 216 13.77 41.80 -32.07
C ILE F 216 14.54 41.71 -30.77
N CYS F 217 13.83 41.48 -29.67
CA CYS F 217 14.47 41.53 -28.36
C CYS F 217 15.41 40.35 -28.14
N ARG F 218 15.07 39.19 -28.68
CA ARG F 218 15.95 38.04 -28.50
C ARG F 218 17.17 38.09 -29.39
N ARG F 219 17.16 38.88 -30.46
CA ARG F 219 18.27 38.94 -31.39
C ARG F 219 18.96 40.30 -31.41
N ASN F 220 18.24 41.37 -31.63
CA ASN F 220 18.92 42.64 -31.69
C ASN F 220 19.12 43.24 -30.32
N LEU F 221 18.33 42.83 -29.34
CA LEU F 221 18.58 43.20 -27.96
C LEU F 221 19.20 42.07 -27.15
N ASP F 222 19.04 40.83 -27.61
CA ASP F 222 19.73 39.66 -27.07
C ASP F 222 19.45 39.45 -25.58
N ILE F 223 18.22 39.72 -25.17
CA ILE F 223 17.82 39.47 -23.79
C ILE F 223 16.79 38.36 -23.82
N GLU F 224 17.07 37.29 -23.07
CA GLU F 224 16.20 36.13 -23.04
C GLU F 224 14.83 36.44 -22.46
N ARG F 225 14.78 37.21 -21.38
CA ARG F 225 13.52 37.50 -20.69
C ARG F 225 13.24 39.00 -20.61
N PRO F 226 12.75 39.60 -21.69
CA PRO F 226 12.38 41.02 -21.63
C PRO F 226 11.04 41.21 -20.95
N THR F 227 10.51 42.42 -21.04
CA THR F 227 9.20 42.71 -20.49
C THR F 227 8.47 43.69 -21.38
N TYR F 228 7.27 44.07 -20.94
CA TYR F 228 6.48 45.09 -21.61
C TYR F 228 7.23 46.40 -21.68
N GLU F 229 7.94 46.73 -20.61
CA GLU F 229 8.58 48.03 -20.47
C GLU F 229 9.62 48.24 -21.55
N ASN F 230 10.36 47.19 -21.88
CA ASN F 230 11.33 47.30 -22.95
C ASN F 230 10.64 47.42 -24.30
N LEU F 231 9.51 46.74 -24.47
CA LEU F 231 8.72 46.95 -25.67
C LEU F 231 8.09 48.33 -25.66
N ASN F 232 7.78 48.84 -24.48
CA ASN F 232 7.25 50.19 -24.38
C ASN F 232 8.30 51.21 -24.80
N ARG F 233 9.55 50.99 -24.42
CA ARG F 233 10.59 51.93 -24.78
C ARG F 233 10.88 51.89 -26.27
N LEU F 234 10.66 50.74 -26.90
CA LEU F 234 11.01 50.66 -28.30
C LEU F 234 9.97 51.37 -29.17
N ILE F 235 8.69 51.23 -28.84
CA ILE F 235 7.65 51.94 -29.58
C ILE F 235 7.76 53.43 -29.35
N ALA F 236 8.23 53.83 -28.16
CA ALA F 236 8.19 55.23 -27.77
C ALA F 236 9.11 56.10 -28.59
N GLN F 237 10.25 55.57 -29.04
CA GLN F 237 11.11 56.43 -29.83
C GLN F 237 10.55 56.66 -31.22
N VAL F 238 9.71 55.77 -31.72
CA VAL F 238 9.05 55.99 -32.99
C VAL F 238 8.11 57.18 -32.88
N VAL F 239 7.55 57.39 -31.70
CA VAL F 239 6.67 58.51 -31.47
C VAL F 239 7.45 59.81 -31.58
N SER F 240 8.53 59.91 -30.82
CA SER F 240 9.32 61.14 -30.82
C SER F 240 10.12 61.30 -32.10
N SER F 241 10.29 60.23 -32.86
CA SER F 241 10.88 60.40 -34.18
C SER F 241 9.95 61.14 -35.10
N ILE F 242 8.65 61.03 -34.89
CA ILE F 242 7.71 61.77 -35.71
C ILE F 242 7.38 63.12 -35.10
N THR F 243 6.97 63.13 -33.85
CA THR F 243 6.45 64.35 -33.24
C THR F 243 7.54 65.37 -32.99
N ALA F 244 8.51 65.02 -32.15
CA ALA F 244 9.49 65.99 -31.69
C ALA F 244 10.47 66.41 -32.78
N SER F 245 10.41 65.77 -33.95
CA SER F 245 11.18 66.22 -35.11
C SER F 245 10.72 67.58 -35.58
N LEU F 246 9.42 67.84 -35.53
CA LEU F 246 9.00 69.20 -35.82
C LEU F 246 9.12 70.11 -34.62
N ARG F 247 9.39 69.56 -33.45
CA ARG F 247 9.68 70.35 -32.26
C ARG F 247 11.15 70.65 -32.13
N PHE F 248 11.90 70.47 -33.20
CA PHE F 248 13.32 70.75 -33.21
C PHE F 248 13.68 71.27 -34.60
N ALA F 249 14.54 72.29 -34.64
CA ALA F 249 14.83 72.98 -35.88
C ALA F 249 15.82 72.15 -36.68
N GLY F 250 15.30 71.36 -37.61
CA GLY F 250 16.10 70.46 -38.40
C GLY F 250 16.63 71.08 -39.66
N SER F 251 16.80 70.25 -40.70
CA SER F 251 17.31 70.71 -41.98
C SER F 251 16.24 70.72 -43.06
N LEU F 252 15.48 69.64 -43.20
CA LEU F 252 14.28 69.62 -44.02
C LEU F 252 13.13 69.17 -43.13
N ASN F 253 12.39 70.15 -42.61
CA ASN F 253 11.44 69.90 -41.55
C ASN F 253 10.25 69.11 -42.04
N VAL F 254 9.73 68.25 -41.18
CA VAL F 254 8.61 67.41 -41.53
C VAL F 254 7.49 67.64 -40.54
N ASP F 255 6.34 68.07 -41.05
CA ASP F 255 5.15 68.36 -40.27
C ASP F 255 4.35 67.08 -40.06
N LEU F 256 3.47 67.12 -39.06
CA LEU F 256 2.49 66.04 -38.90
C LEU F 256 1.57 65.92 -40.08
N ASN F 257 1.19 67.05 -40.68
CA ASN F 257 0.22 67.02 -41.76
C ASN F 257 0.81 66.45 -43.04
N GLU F 258 2.14 66.43 -43.14
CA GLU F 258 2.78 65.94 -44.35
C GLU F 258 2.60 64.43 -44.51
N PHE F 259 2.48 63.70 -43.41
CA PHE F 259 2.39 62.24 -43.49
C PHE F 259 1.09 61.81 -44.13
N GLN F 260 -0.02 62.33 -43.60
CA GLN F 260 -1.35 61.97 -44.07
C GLN F 260 -1.62 62.44 -45.50
N THR F 261 -0.78 63.30 -46.06
CA THR F 261 -0.85 63.57 -47.48
C THR F 261 0.29 62.93 -48.27
N ASN F 262 1.24 62.28 -47.62
CA ASN F 262 2.27 61.56 -48.35
C ASN F 262 2.27 60.08 -48.06
N LEU F 263 1.14 59.54 -47.62
CA LEU F 263 1.02 58.10 -47.43
C LEU F 263 -0.22 57.50 -48.05
N VAL F 264 -1.23 58.28 -48.38
CA VAL F 264 -2.46 57.68 -48.91
C VAL F 264 -2.84 58.23 -50.27
N PRO F 265 -2.81 57.38 -51.29
CA PRO F 265 -3.49 57.73 -52.53
C PRO F 265 -5.00 57.71 -52.39
N TYR F 266 -5.53 56.94 -51.45
CA TYR F 266 -6.95 56.74 -51.31
C TYR F 266 -7.27 56.77 -49.83
N PRO F 267 -8.48 57.21 -49.44
CA PRO F 267 -8.74 57.50 -48.03
C PRO F 267 -8.75 56.28 -47.11
N ARG F 268 -8.68 55.07 -47.64
CA ARG F 268 -8.78 53.89 -46.80
C ARG F 268 -7.44 53.28 -46.45
N ILE F 269 -6.38 53.62 -47.16
CA ILE F 269 -5.27 52.70 -47.30
C ILE F 269 -4.19 53.04 -46.27
N HIS F 270 -4.61 53.63 -45.15
CA HIS F 270 -3.73 54.35 -44.24
C HIS F 270 -3.10 53.47 -43.18
N PHE F 271 -2.70 52.26 -43.55
CA PHE F 271 -1.98 51.36 -42.67
C PHE F 271 -0.55 51.15 -43.13
N PRO F 272 0.40 51.99 -42.78
CA PRO F 272 1.78 51.74 -43.19
C PRO F 272 2.47 50.80 -42.22
N LEU F 273 3.75 50.57 -42.47
CA LEU F 273 4.61 49.88 -41.54
C LEU F 273 5.31 50.84 -40.61
N VAL F 274 6.03 50.25 -39.66
CA VAL F 274 7.02 50.94 -38.86
C VAL F 274 8.31 50.16 -39.00
N THR F 275 9.42 50.85 -39.27
CA THR F 275 10.72 50.22 -39.18
C THR F 275 11.67 51.19 -38.53
N TYR F 276 12.19 50.79 -37.37
CA TYR F 276 13.08 51.64 -36.60
C TYR F 276 14.44 50.97 -36.49
N SER F 277 15.48 51.75 -36.71
CA SER F 277 16.83 51.25 -36.81
C SER F 277 17.77 52.44 -36.70
N PRO F 278 18.95 52.29 -36.10
CA PRO F 278 19.52 51.07 -35.53
C PRO F 278 19.00 50.77 -34.14
N ILE F 279 18.62 49.53 -33.92
CA ILE F 279 18.43 49.02 -32.57
C ILE F 279 19.53 48.00 -32.32
N VAL F 280 20.46 48.38 -31.48
CA VAL F 280 21.74 47.71 -31.39
C VAL F 280 22.05 47.50 -29.92
N SER F 281 22.43 46.27 -29.56
CA SER F 281 22.71 45.95 -28.17
C SER F 281 24.03 46.55 -27.73
N ALA F 282 24.39 46.28 -26.47
CA ALA F 282 25.48 47.01 -25.81
C ALA F 282 26.82 46.66 -26.41
N ALA F 283 27.17 45.38 -26.43
CA ALA F 283 28.42 44.97 -27.05
C ALA F 283 28.37 45.07 -28.57
N LYS F 284 27.18 45.13 -29.14
CA LYS F 284 27.05 45.15 -30.59
C LYS F 284 27.41 46.50 -31.19
N ALA F 285 27.24 47.59 -30.44
CA ALA F 285 27.60 48.89 -30.98
C ALA F 285 29.10 49.02 -31.13
N PHE F 286 29.83 48.55 -30.13
CA PHE F 286 31.25 48.34 -30.29
C PHE F 286 31.48 47.22 -31.29
N HIS F 287 32.70 47.20 -31.82
CA HIS F 287 33.10 46.37 -32.95
C HIS F 287 32.23 46.64 -34.18
N GLU F 288 31.72 47.87 -34.32
CA GLU F 288 30.78 48.14 -35.40
C GLU F 288 30.71 49.65 -35.63
N SER F 289 30.72 50.03 -36.90
CA SER F 289 30.40 51.37 -37.34
C SER F 289 29.07 51.31 -38.06
N ASN F 290 28.06 51.95 -37.51
CA ASN F 290 26.77 52.01 -38.19
C ASN F 290 26.65 53.35 -38.87
N SER F 291 27.10 53.40 -40.12
CA SER F 291 26.84 54.53 -40.99
C SER F 291 25.39 54.51 -41.40
N VAL F 292 25.00 55.58 -42.10
CA VAL F 292 23.62 55.77 -42.48
C VAL F 292 23.15 54.75 -43.52
N GLN F 293 23.98 54.41 -44.50
CA GLN F 293 23.56 53.37 -45.40
C GLN F 293 23.68 51.99 -44.77
N GLU F 294 24.51 51.84 -43.74
CA GLU F 294 24.50 50.60 -42.96
C GLU F 294 23.20 50.43 -42.22
N ILE F 295 22.52 51.53 -41.90
CA ILE F 295 21.23 51.41 -41.25
C ILE F 295 20.13 51.18 -42.26
N THR F 296 20.17 51.90 -43.37
CA THR F 296 19.09 51.79 -44.33
C THR F 296 19.11 50.47 -45.08
N ASN F 297 20.28 49.85 -45.19
CA ASN F 297 20.27 48.47 -45.67
C ASN F 297 19.73 47.51 -44.62
N GLN F 298 19.71 47.91 -43.34
CA GLN F 298 19.01 47.07 -42.38
C GLN F 298 17.53 47.38 -42.32
N CYS F 299 17.11 48.59 -42.65
CA CYS F 299 15.70 48.91 -42.45
C CYS F 299 14.81 48.31 -43.52
N PHE F 300 15.38 47.77 -44.59
CA PHE F 300 14.61 46.99 -45.53
C PHE F 300 14.78 45.49 -45.35
N GLU F 301 15.67 45.08 -44.46
CA GLU F 301 15.79 43.67 -44.12
C GLU F 301 14.84 43.34 -42.99
N PRO F 302 14.24 42.13 -42.95
CA PRO F 302 13.18 41.88 -41.97
C PRO F 302 13.64 41.73 -40.55
N TYR F 303 14.93 41.91 -40.25
CA TYR F 303 15.36 41.69 -38.89
C TYR F 303 15.02 42.84 -37.96
N ASN F 304 14.90 44.05 -38.48
CA ASN F 304 14.45 45.17 -37.65
C ASN F 304 13.01 45.49 -37.88
N GLN F 305 12.22 44.52 -38.31
CA GLN F 305 10.87 44.82 -38.76
C GLN F 305 9.90 44.74 -37.59
N MET F 306 9.06 45.76 -37.46
CA MET F 306 8.18 45.88 -36.31
C MET F 306 6.96 44.98 -36.36
N VAL F 307 6.48 44.59 -37.53
CA VAL F 307 5.21 43.88 -37.65
C VAL F 307 5.45 42.54 -38.33
N LYS F 308 5.08 41.46 -37.66
CA LYS F 308 5.35 40.11 -38.12
C LYS F 308 4.51 39.83 -39.35
N CYS F 309 5.02 40.25 -40.49
CA CYS F 309 4.34 40.06 -41.76
C CYS F 309 5.39 39.75 -42.81
N ASP F 310 5.00 39.82 -44.08
CA ASP F 310 5.89 39.54 -45.19
C ASP F 310 5.95 40.76 -46.09
N PRO F 311 6.65 41.83 -45.68
CA PRO F 311 6.81 42.98 -46.58
C PRO F 311 7.80 42.73 -47.69
N ARG F 312 8.57 41.65 -47.63
CA ARG F 312 9.43 41.29 -48.75
C ARG F 312 8.60 40.93 -49.96
N THR F 313 7.60 40.07 -49.77
CA THR F 313 6.83 39.54 -50.88
C THR F 313 6.01 40.62 -51.54
N GLY F 314 5.29 41.40 -50.75
CA GLY F 314 4.54 42.49 -51.29
C GLY F 314 5.45 43.57 -51.83
N ARG F 315 4.89 44.37 -52.72
CA ARG F 315 5.58 45.50 -53.31
C ARG F 315 5.29 46.73 -52.45
N TYR F 316 6.26 47.62 -52.34
CA TYR F 316 6.09 48.81 -51.54
C TYR F 316 5.31 49.84 -52.32
N MET F 317 4.58 50.68 -51.61
CA MET F 317 3.70 51.67 -52.23
C MET F 317 4.29 53.07 -52.18
N ALA F 318 4.48 53.59 -50.97
CA ALA F 318 5.08 54.90 -50.75
C ALA F 318 5.56 54.92 -49.31
N THR F 319 6.70 55.55 -49.09
CA THR F 319 7.34 55.44 -47.79
C THR F 319 8.04 56.74 -47.46
N CYS F 320 7.67 57.35 -46.35
CA CYS F 320 8.39 58.48 -45.82
C CYS F 320 9.45 58.00 -44.83
N LEU F 321 10.55 58.73 -44.78
CA LEU F 321 11.65 58.40 -43.89
C LEU F 321 11.98 59.61 -43.05
N LEU F 322 12.41 59.37 -41.81
CA LEU F 322 12.79 60.44 -40.90
C LEU F 322 14.15 60.13 -40.32
N TYR F 323 15.08 61.08 -40.42
CA TYR F 323 16.43 60.86 -39.96
C TYR F 323 16.75 61.82 -38.82
N ARG F 324 17.44 61.30 -37.82
CA ARG F 324 17.88 62.08 -36.68
C ARG F 324 19.40 62.14 -36.63
N GLY F 325 19.91 63.23 -36.10
CA GLY F 325 21.34 63.35 -35.88
C GLY F 325 22.11 63.94 -37.04
N ASP F 326 23.31 63.41 -37.28
CA ASP F 326 24.24 64.03 -38.21
C ASP F 326 24.14 63.30 -39.54
N VAL F 327 23.41 63.90 -40.46
CA VAL F 327 22.97 63.24 -41.69
C VAL F 327 23.28 64.17 -42.85
N ILE F 328 23.84 63.61 -43.92
CA ILE F 328 23.88 64.36 -45.17
C ILE F 328 22.88 63.76 -46.14
N PRO F 329 22.34 64.56 -47.05
CA PRO F 329 21.47 63.99 -48.08
C PRO F 329 22.22 63.25 -49.15
N ARG F 330 23.54 63.44 -49.25
CA ARG F 330 24.29 62.70 -50.24
C ARG F 330 24.40 61.23 -49.88
N ASP F 331 24.59 60.95 -48.60
CA ASP F 331 24.56 59.56 -48.21
C ASP F 331 23.15 58.99 -48.22
N VAL F 332 22.14 59.84 -48.21
CA VAL F 332 20.79 59.37 -48.48
C VAL F 332 20.68 58.90 -49.91
N GLN F 333 21.01 59.79 -50.84
CA GLN F 333 20.81 59.51 -52.25
C GLN F 333 21.76 58.42 -52.74
N ALA F 334 22.92 58.28 -52.10
CA ALA F 334 23.78 57.14 -52.41
C ALA F 334 23.21 55.85 -51.87
N ALA F 335 22.49 55.93 -50.75
CA ALA F 335 21.83 54.74 -50.25
C ALA F 335 20.55 54.47 -51.03
N VAL F 336 19.70 55.48 -51.15
CA VAL F 336 18.35 55.24 -51.64
C VAL F 336 18.37 54.95 -53.14
N THR F 337 19.43 55.29 -53.86
CA THR F 337 19.53 54.82 -55.22
C THR F 337 19.92 53.34 -55.28
N SER F 338 20.36 52.76 -54.18
CA SER F 338 20.69 51.34 -54.19
C SER F 338 19.50 50.49 -53.81
N ILE F 339 18.59 51.02 -53.00
CA ILE F 339 17.39 50.26 -52.68
C ILE F 339 16.52 50.11 -53.90
N LYS F 340 16.32 51.21 -54.65
CA LYS F 340 15.48 51.15 -55.84
C LYS F 340 16.11 50.32 -56.95
N SER F 341 17.43 50.16 -56.92
CA SER F 341 18.08 49.26 -57.86
C SER F 341 17.89 47.81 -57.48
N ARG F 342 17.86 47.53 -56.18
CA ARG F 342 17.95 46.18 -55.66
C ARG F 342 16.66 45.41 -55.92
N ARG F 343 16.81 44.11 -56.15
CA ARG F 343 15.70 43.20 -56.39
C ARG F 343 14.74 43.06 -55.21
N THR F 344 15.17 43.38 -53.99
CA THR F 344 14.35 43.06 -52.82
C THR F 344 13.15 43.98 -52.70
N ILE F 345 13.13 45.08 -53.43
CA ILE F 345 11.90 45.71 -53.81
C ILE F 345 11.79 45.51 -55.30
N GLN F 346 10.56 45.44 -55.80
CA GLN F 346 10.39 45.37 -57.24
C GLN F 346 9.72 46.64 -57.76
N PHE F 347 8.55 47.00 -57.26
CA PHE F 347 7.81 48.00 -58.01
C PHE F 347 6.95 48.86 -57.10
N VAL F 348 6.78 50.09 -57.53
CA VAL F 348 5.54 50.81 -57.39
C VAL F 348 5.08 51.05 -58.82
N ASP F 349 3.78 51.06 -59.06
CA ASP F 349 3.30 51.51 -60.35
C ASP F 349 2.78 52.94 -60.29
N TRP F 350 2.42 53.40 -59.09
CA TRP F 350 1.54 54.56 -58.99
C TRP F 350 2.33 55.76 -58.51
N CYS F 351 3.59 55.53 -58.19
CA CYS F 351 4.50 56.61 -57.93
C CYS F 351 5.86 56.13 -58.39
N PRO F 352 6.39 56.70 -59.47
CA PRO F 352 7.74 56.34 -59.90
C PRO F 352 8.85 56.83 -58.98
N THR F 353 8.54 57.59 -57.93
CA THR F 353 9.52 57.91 -56.91
C THR F 353 9.27 57.15 -55.62
N GLY F 354 8.11 57.32 -55.00
CA GLY F 354 7.76 56.56 -53.82
C GLY F 354 8.57 56.84 -52.58
N PHE F 355 8.96 58.09 -52.32
CA PHE F 355 9.68 58.41 -51.11
C PHE F 355 9.31 59.78 -50.58
N LYS F 356 9.57 59.96 -49.29
CA LYS F 356 9.60 61.29 -48.71
C LYS F 356 10.71 61.36 -47.67
N ILE F 357 11.62 62.27 -47.88
CA ILE F 357 12.84 62.35 -47.08
C ILE F 357 12.74 63.53 -46.13
N GLY F 358 13.13 63.30 -44.87
CA GLY F 358 13.06 64.35 -43.87
C GLY F 358 14.20 64.33 -42.87
N ILE F 359 14.73 65.50 -42.54
CA ILE F 359 15.99 65.59 -41.83
C ILE F 359 15.82 66.50 -40.63
N CYS F 360 16.07 65.95 -39.44
CA CYS F 360 16.14 66.73 -38.21
C CYS F 360 17.46 66.46 -37.52
N TYR F 361 18.02 67.49 -36.90
CA TYR F 361 19.37 67.40 -36.39
C TYR F 361 19.49 66.77 -35.00
N GLU F 362 18.40 66.46 -34.34
CA GLU F 362 18.54 66.16 -32.93
C GLU F 362 19.00 64.72 -32.75
N PRO F 363 20.06 64.48 -32.00
CA PRO F 363 20.66 63.15 -31.92
C PRO F 363 19.76 62.20 -31.14
N PRO F 364 19.92 60.88 -31.33
CA PRO F 364 18.95 59.93 -30.75
C PRO F 364 19.11 59.86 -29.24
N GLN F 365 18.01 60.05 -28.54
CA GLN F 365 18.07 60.08 -27.09
C GLN F 365 18.20 58.68 -26.54
N HIS F 366 19.06 58.52 -25.55
CA HIS F 366 19.51 57.24 -25.04
C HIS F 366 19.17 57.14 -23.55
N VAL F 367 18.10 56.44 -23.23
CA VAL F 367 17.67 56.34 -21.83
C VAL F 367 18.64 55.44 -21.07
N PRO F 368 18.91 55.70 -19.80
CA PRO F 368 20.01 54.99 -19.13
C PRO F 368 19.71 53.56 -18.76
N GLY F 369 18.48 53.28 -18.33
CA GLY F 369 18.19 52.02 -17.68
C GLY F 369 18.23 50.79 -18.55
N SER F 370 17.54 50.85 -19.68
CA SER F 370 17.42 49.67 -20.52
C SER F 370 18.73 49.40 -21.26
N GLY F 371 18.82 48.20 -21.82
CA GLY F 371 20.02 47.74 -22.47
C GLY F 371 20.22 48.24 -23.88
N ILE F 372 19.47 49.25 -24.32
CA ILE F 372 19.71 49.81 -25.63
C ILE F 372 20.99 50.63 -25.59
N ALA F 373 21.68 50.72 -26.74
CA ALA F 373 22.95 51.40 -26.82
C ALA F 373 22.83 52.71 -27.59
N LYS F 374 23.76 53.62 -27.30
CA LYS F 374 23.72 54.97 -27.85
C LYS F 374 24.25 54.99 -29.27
N VAL F 375 23.71 55.88 -30.09
CA VAL F 375 24.10 55.99 -31.48
C VAL F 375 24.02 57.46 -31.90
N ASN F 376 24.82 57.83 -32.91
CA ASN F 376 24.92 59.21 -33.38
C ASN F 376 24.10 59.49 -34.62
N ARG F 377 23.25 58.56 -35.06
CA ARG F 377 22.39 58.77 -36.21
C ARG F 377 21.22 57.82 -36.10
N ALA F 378 20.08 58.22 -36.65
CA ALA F 378 18.87 57.41 -36.51
C ALA F 378 18.02 57.49 -37.76
N VAL F 379 17.15 56.48 -37.91
CA VAL F 379 16.26 56.32 -39.05
C VAL F 379 14.91 55.85 -38.54
N CYS F 380 13.83 56.49 -38.98
CA CYS F 380 12.49 55.97 -38.79
C CYS F 380 11.82 55.81 -40.14
N MET F 381 11.06 54.73 -40.31
CA MET F 381 10.53 54.33 -41.60
C MET F 381 9.04 54.04 -41.49
N LEU F 382 8.26 54.62 -42.39
CA LEU F 382 6.81 54.44 -42.43
C LEU F 382 6.45 53.93 -43.82
N SER F 383 6.25 52.63 -43.94
CA SER F 383 6.22 51.98 -45.24
C SER F 383 4.84 51.44 -45.60
N ASN F 384 4.27 51.94 -46.68
CA ASN F 384 3.05 51.40 -47.25
C ASN F 384 3.40 50.30 -48.24
N THR F 385 2.62 49.23 -48.24
CA THR F 385 2.96 48.05 -49.04
C THR F 385 1.73 47.36 -49.60
N THR F 386 2.00 46.38 -50.46
CA THR F 386 0.99 45.48 -50.98
C THR F 386 0.98 44.15 -50.25
N SER F 387 1.27 44.14 -48.96
CA SER F 387 1.29 42.89 -48.23
C SER F 387 0.71 42.98 -46.83
N ILE F 388 0.43 44.17 -46.30
CA ILE F 388 0.12 44.30 -44.89
C ILE F 388 -1.29 43.82 -44.56
N ALA F 389 -2.10 43.51 -45.57
CA ALA F 389 -3.43 42.99 -45.32
C ALA F 389 -3.45 41.52 -44.94
N GLU F 390 -2.31 40.88 -44.77
CA GLU F 390 -2.33 39.46 -44.45
C GLU F 390 -2.58 39.18 -42.98
N ALA F 391 -2.14 40.07 -42.09
CA ALA F 391 -2.56 39.96 -40.69
C ALA F 391 -4.04 40.26 -40.57
N TRP F 392 -4.55 41.12 -41.44
CA TRP F 392 -5.99 41.26 -41.58
C TRP F 392 -6.60 39.97 -42.13
N SER F 393 -5.91 39.33 -43.05
CA SER F 393 -6.38 38.04 -43.55
C SER F 393 -6.17 36.96 -42.52
N ARG F 394 -5.20 37.12 -41.61
CA ARG F 394 -5.13 36.25 -40.45
C ARG F 394 -6.38 36.38 -39.60
N LEU F 395 -6.84 37.62 -39.42
CA LEU F 395 -8.06 37.84 -38.67
C LEU F 395 -9.25 37.22 -39.37
N ASP F 396 -9.35 37.39 -40.70
CA ASP F 396 -10.46 36.80 -41.43
C ASP F 396 -10.42 35.28 -41.38
N HIS F 397 -9.23 34.69 -41.31
CA HIS F 397 -9.17 33.28 -41.04
C HIS F 397 -9.60 32.98 -39.61
N LYS F 398 -9.27 33.86 -38.68
CA LYS F 398 -9.68 33.61 -37.30
C LYS F 398 -11.13 33.99 -37.08
N PHE F 399 -11.49 35.23 -37.40
CA PHE F 399 -12.71 35.82 -36.90
C PHE F 399 -13.94 35.22 -37.54
N ASP F 400 -13.84 34.84 -38.81
CA ASP F 400 -14.95 34.18 -39.45
C ASP F 400 -15.13 32.77 -38.90
N LEU F 401 -14.10 32.20 -38.26
CA LEU F 401 -14.29 30.89 -37.64
C LEU F 401 -15.03 30.98 -36.31
N MET F 402 -14.73 31.99 -35.48
CA MET F 402 -15.46 32.16 -34.23
C MET F 402 -16.93 32.44 -34.51
N TYR F 403 -17.18 33.27 -35.50
CA TYR F 403 -18.53 33.64 -35.88
C TYR F 403 -19.26 32.52 -36.61
N SER F 404 -18.53 31.47 -37.00
CA SER F 404 -19.13 30.22 -37.46
C SER F 404 -19.58 29.33 -36.32
N LYS F 405 -19.74 29.86 -35.12
CA LYS F 405 -20.30 29.14 -34.00
C LYS F 405 -21.19 30.01 -33.12
N ARG F 406 -21.10 31.34 -33.27
CA ARG F 406 -21.84 32.32 -32.49
C ARG F 406 -21.52 32.16 -31.00
N ALA F 407 -20.30 32.53 -30.64
CA ALA F 407 -19.72 32.29 -29.32
C ALA F 407 -19.80 33.54 -28.44
N PHE F 408 -20.61 33.49 -27.39
CA PHE F 408 -21.07 34.66 -26.61
C PHE F 408 -21.40 35.84 -27.48
N VAL F 409 -22.24 35.57 -28.48
CA VAL F 409 -23.01 36.64 -29.06
C VAL F 409 -23.89 37.28 -28.00
N HIS F 410 -24.36 36.46 -27.04
CA HIS F 410 -25.08 36.96 -25.87
C HIS F 410 -24.27 37.99 -25.11
N TRP F 411 -22.98 37.74 -24.92
CA TRP F 411 -22.15 38.75 -24.28
C TRP F 411 -21.62 39.77 -25.26
N TYR F 412 -22.10 39.76 -26.49
CA TYR F 412 -22.18 40.97 -27.27
C TYR F 412 -23.59 41.52 -27.31
N VAL F 413 -24.60 40.66 -27.16
CA VAL F 413 -25.99 41.12 -27.17
C VAL F 413 -26.38 41.70 -25.82
N GLY F 414 -26.14 40.95 -24.74
CA GLY F 414 -26.60 41.35 -23.42
C GLY F 414 -26.01 42.63 -22.91
N GLU F 415 -24.87 43.02 -23.44
CA GLU F 415 -24.35 44.35 -23.18
C GLU F 415 -24.99 45.43 -24.05
N GLY F 416 -25.86 45.07 -24.98
CA GLY F 416 -26.63 46.10 -25.64
C GLY F 416 -26.31 46.38 -27.10
N MET F 417 -26.06 45.36 -27.90
CA MET F 417 -25.91 45.55 -29.34
C MET F 417 -26.22 44.26 -30.08
N GLU F 418 -27.06 44.36 -31.10
CA GLU F 418 -27.36 43.21 -31.95
C GLU F 418 -26.17 42.88 -32.84
N GLU F 419 -26.25 41.74 -33.52
CA GLU F 419 -25.12 41.25 -34.28
C GLU F 419 -25.04 41.80 -35.67
N GLY F 420 -25.78 42.86 -35.98
CA GLY F 420 -25.72 43.44 -37.31
C GLY F 420 -24.37 44.05 -37.64
N GLU F 421 -23.66 44.54 -36.63
CA GLU F 421 -22.29 44.97 -36.87
C GLU F 421 -21.36 43.79 -37.07
N PHE F 422 -21.63 42.66 -36.41
CA PHE F 422 -20.87 41.45 -36.73
C PHE F 422 -21.20 40.97 -38.12
N SER F 423 -22.43 41.21 -38.57
CA SER F 423 -22.74 40.99 -39.97
C SER F 423 -21.95 41.97 -40.83
N GLU F 424 -21.74 43.19 -40.35
CA GLU F 424 -20.95 44.16 -41.07
C GLU F 424 -19.46 43.97 -40.91
N ALA F 425 -19.05 43.06 -40.02
CA ALA F 425 -17.66 43.03 -39.57
C ALA F 425 -16.72 42.56 -40.66
N ARG F 426 -16.95 41.36 -41.18
CA ARG F 426 -16.11 40.87 -42.26
C ARG F 426 -16.36 41.64 -43.56
N GLU F 427 -17.56 42.23 -43.70
CA GLU F 427 -17.92 42.94 -44.92
C GLU F 427 -17.01 44.13 -45.18
N ASP F 428 -16.79 44.95 -44.14
CA ASP F 428 -15.84 46.04 -44.27
C ASP F 428 -14.42 45.52 -44.36
N LEU F 429 -14.15 44.41 -43.70
CA LEU F 429 -12.87 43.74 -43.84
C LEU F 429 -12.68 43.22 -45.25
N ALA F 430 -13.77 42.75 -45.87
CA ALA F 430 -13.69 42.22 -47.23
C ALA F 430 -13.32 43.30 -48.23
N ALA F 431 -13.80 44.52 -48.01
CA ALA F 431 -13.41 45.62 -48.89
C ALA F 431 -11.97 46.03 -48.64
N LEU F 432 -11.45 45.81 -47.43
CA LEU F 432 -10.05 46.10 -47.18
C LEU F 432 -9.15 45.14 -47.93
N GLU F 433 -9.50 43.86 -47.91
CA GLU F 433 -8.84 42.86 -48.75
C GLU F 433 -9.03 43.18 -50.22
N ARG F 434 -10.22 43.65 -50.58
CA ARG F 434 -10.50 44.04 -51.96
C ARG F 434 -9.71 45.28 -52.35
N ASP F 435 -9.33 46.10 -51.38
CA ASP F 435 -8.63 47.33 -51.71
C ASP F 435 -7.17 47.06 -52.05
N TYR F 436 -6.55 46.08 -51.42
CA TYR F 436 -5.13 45.83 -51.70
C TYR F 436 -4.95 45.10 -53.01
N GLU F 437 -5.87 44.22 -53.37
CA GLU F 437 -5.84 43.68 -54.73
C GLU F 437 -6.25 44.72 -55.75
N GLU F 438 -7.07 45.70 -55.36
CA GLU F 438 -7.37 46.83 -56.23
C GLU F 438 -6.11 47.64 -56.51
N VAL F 439 -5.31 47.88 -55.48
CA VAL F 439 -4.01 48.50 -55.71
C VAL F 439 -3.07 47.47 -56.31
N GLY F 440 -3.30 46.19 -56.03
CA GLY F 440 -2.56 45.14 -56.68
C GLY F 440 -2.78 45.08 -58.18
N GLN F 441 -3.89 45.64 -58.67
CA GLN F 441 -4.07 45.80 -60.10
C GLN F 441 -3.06 46.81 -60.63
N ASP F 442 -2.14 46.34 -61.45
CA ASP F 442 -1.05 47.16 -62.00
C ASP F 442 -0.87 46.84 -63.48
N SER F 443 -1.66 47.50 -64.32
CA SER F 443 -1.65 47.26 -65.75
C SER F 443 -2.04 48.57 -66.45
N MET F 444 -2.61 48.44 -67.64
CA MET F 444 -2.94 49.59 -68.50
C MET F 444 -4.45 49.86 -68.56
N MET G 1 23.03 22.18 -25.59
CA MET G 1 24.47 22.23 -25.50
C MET G 1 25.07 20.85 -25.38
N ARG G 2 24.54 19.92 -26.19
CA ARG G 2 25.17 18.64 -26.47
C ARG G 2 25.28 17.77 -25.21
N GLU G 3 24.13 17.41 -24.65
CA GLU G 3 24.07 16.95 -23.27
C GLU G 3 23.46 15.55 -23.18
N ILE G 4 23.73 14.88 -22.06
CA ILE G 4 23.43 13.46 -21.87
C ILE G 4 22.59 13.30 -20.62
N VAL G 5 21.57 12.44 -20.69
CA VAL G 5 20.79 12.02 -19.53
C VAL G 5 21.11 10.56 -19.26
N HIS G 6 21.30 10.23 -18.00
CA HIS G 6 21.97 9.01 -17.55
C HIS G 6 20.97 8.00 -17.02
N ILE G 7 21.17 6.73 -17.35
CA ILE G 7 20.28 5.64 -16.96
C ILE G 7 21.09 4.46 -16.45
N GLN G 8 20.77 3.99 -15.25
CA GLN G 8 21.34 2.79 -14.67
C GLN G 8 20.24 1.77 -14.45
N ALA G 9 20.64 0.51 -14.28
CA ALA G 9 19.67 -0.55 -14.02
C ALA G 9 20.40 -1.73 -13.38
N GLY G 10 19.81 -2.28 -12.32
CA GLY G 10 20.39 -3.42 -11.63
C GLY G 10 21.25 -2.98 -10.46
N GLN G 11 21.59 -3.97 -9.62
CA GLN G 11 22.27 -3.68 -8.35
C GLN G 11 23.66 -3.13 -8.61
N CYS G 12 24.51 -3.93 -9.23
CA CYS G 12 25.80 -3.43 -9.62
C CYS G 12 25.70 -2.44 -10.76
N GLY G 13 24.61 -2.51 -11.53
CA GLY G 13 24.32 -1.46 -12.47
C GLY G 13 24.04 -0.13 -11.81
N ASN G 14 23.64 -0.14 -10.54
CA ASN G 14 23.58 1.09 -9.78
C ASN G 14 24.83 1.35 -8.97
N GLN G 15 25.66 0.32 -8.75
CA GLN G 15 26.87 0.51 -7.96
C GLN G 15 27.88 1.38 -8.68
N VAL G 16 27.85 1.35 -10.02
CA VAL G 16 28.79 2.11 -10.83
C VAL G 16 28.56 3.61 -10.79
N GLY G 17 27.47 4.06 -10.17
CA GLY G 17 27.23 5.48 -10.11
C GLY G 17 28.27 6.21 -9.29
N ALA G 18 28.61 5.67 -8.14
CA ALA G 18 29.51 6.37 -7.23
C ALA G 18 30.92 6.44 -7.79
N ALA G 19 31.36 5.39 -8.48
CA ALA G 19 32.62 5.49 -9.18
C ALA G 19 32.50 6.42 -10.37
N PHE G 20 31.34 6.48 -10.99
CA PHE G 20 31.17 7.48 -12.03
C PHE G 20 31.06 8.87 -11.42
N TRP G 21 30.02 9.09 -10.61
CA TRP G 21 29.59 10.45 -10.32
C TRP G 21 30.54 11.18 -9.38
N SER G 22 31.22 10.47 -8.47
CA SER G 22 32.19 11.17 -7.65
C SER G 22 33.43 11.53 -8.44
N THR G 23 33.73 10.79 -9.50
CA THR G 23 34.84 11.18 -10.35
C THR G 23 34.48 12.35 -11.23
N ILE G 24 33.32 12.31 -11.88
CA ILE G 24 32.94 13.38 -12.81
C ILE G 24 32.70 14.68 -12.07
N ALA G 25 32.32 14.61 -10.80
CA ALA G 25 32.34 15.81 -9.98
C ALA G 25 33.76 16.27 -9.72
N ASP G 26 34.63 15.32 -9.38
CA ASP G 26 36.03 15.63 -9.12
C ASP G 26 36.73 16.01 -10.40
N GLU G 27 36.31 15.42 -11.52
CA GLU G 27 36.83 15.85 -12.82
C GLU G 27 36.33 17.25 -13.17
N HIS G 28 35.19 17.66 -12.63
CA HIS G 28 34.71 19.01 -12.87
C HIS G 28 34.84 19.91 -11.68
N GLY G 29 35.53 19.47 -10.63
CA GLY G 29 35.74 20.31 -9.47
C GLY G 29 34.46 20.54 -8.71
N LEU G 30 33.93 19.49 -8.11
CA LEU G 30 32.62 19.59 -7.51
C LEU G 30 32.59 18.67 -6.31
N ASP G 31 31.95 19.13 -5.23
CA ASP G 31 32.06 18.48 -3.94
C ASP G 31 31.00 17.41 -3.75
N SER G 32 30.88 16.92 -2.52
CA SER G 32 29.77 16.05 -2.17
C SER G 32 28.48 16.86 -2.03
N ALA G 33 28.58 18.09 -1.58
CA ALA G 33 27.37 18.87 -1.32
C ALA G 33 26.77 19.45 -2.59
N GLY G 34 27.40 19.29 -3.74
CA GLY G 34 26.86 19.79 -4.97
C GLY G 34 27.25 21.21 -5.27
N ILE G 35 27.61 21.99 -4.27
CA ILE G 35 27.90 23.41 -4.49
C ILE G 35 29.32 23.54 -4.99
N TYR G 36 29.61 24.64 -5.69
CA TYR G 36 30.76 24.62 -6.58
C TYR G 36 32.07 24.93 -5.86
N HIS G 37 33.10 24.14 -6.18
CA HIS G 37 34.47 24.41 -5.75
C HIS G 37 35.41 23.95 -6.86
N GLY G 38 35.82 24.86 -7.72
CA GLY G 38 36.71 24.51 -8.82
C GLY G 38 37.85 25.49 -8.93
N THR G 39 38.97 25.00 -9.42
CA THR G 39 40.18 25.82 -9.45
C THR G 39 40.26 26.62 -10.73
N SER G 40 40.37 25.96 -11.86
CA SER G 40 40.54 26.67 -13.11
C SER G 40 39.20 27.16 -13.62
N GLU G 41 39.26 28.08 -14.58
CA GLU G 41 38.09 28.42 -15.37
C GLU G 41 37.92 27.49 -16.55
N ALA G 42 38.78 26.50 -16.68
CA ALA G 42 38.72 25.59 -17.82
C ALA G 42 37.55 24.64 -17.72
N GLN G 43 37.10 24.33 -16.50
CA GLN G 43 36.12 23.29 -16.29
C GLN G 43 34.69 23.83 -16.18
N HIS G 44 34.29 24.73 -17.08
CA HIS G 44 32.90 25.19 -17.05
C HIS G 44 32.19 25.19 -18.38
N GLU G 45 32.90 25.39 -19.48
CA GLU G 45 32.25 25.76 -20.74
C GLU G 45 31.45 24.60 -21.30
N ARG G 46 31.79 23.39 -20.87
CA ARG G 46 31.04 22.19 -21.23
C ARG G 46 30.57 21.45 -19.98
N LEU G 47 30.41 22.17 -18.87
CA LEU G 47 29.91 21.56 -17.63
C LEU G 47 28.47 21.11 -17.74
N ASN G 48 27.71 21.65 -18.68
CA ASN G 48 26.27 21.43 -18.76
C ASN G 48 25.89 20.04 -19.19
N VAL G 49 26.84 19.16 -19.49
CA VAL G 49 26.52 17.90 -20.13
C VAL G 49 25.83 16.96 -19.17
N TYR G 50 26.54 16.56 -18.12
CA TYR G 50 26.00 15.60 -17.17
C TYR G 50 25.32 16.25 -15.98
N PHE G 51 24.93 17.50 -16.11
CA PHE G 51 24.38 18.23 -14.97
C PHE G 51 23.32 19.20 -15.44
N ASN G 52 22.20 19.20 -14.70
CA ASN G 52 21.19 20.22 -14.83
C ASN G 52 21.47 21.29 -13.81
N GLU G 53 21.43 22.53 -14.26
CA GLU G 53 21.69 23.70 -13.42
C GLU G 53 20.61 23.80 -12.35
N ALA G 54 20.96 24.39 -11.22
CA ALA G 54 20.01 24.44 -10.12
C ALA G 54 20.01 25.82 -9.49
N ALA G 55 19.16 25.97 -8.48
CA ALA G 55 19.03 27.21 -7.72
C ALA G 55 19.95 27.15 -6.52
N GLY G 56 20.94 28.03 -6.52
CA GLY G 56 21.90 28.08 -5.44
C GLY G 56 23.08 27.16 -5.68
N GLY G 57 23.38 26.90 -6.94
CA GLY G 57 24.63 26.27 -7.29
C GLY G 57 24.65 24.78 -7.09
N LYS G 58 23.47 24.17 -6.88
CA LYS G 58 23.41 22.78 -6.43
C LYS G 58 23.91 21.82 -7.49
N TYR G 59 23.56 22.09 -8.75
CA TYR G 59 24.09 21.37 -9.93
C TYR G 59 23.78 19.87 -9.85
N VAL G 60 22.50 19.58 -10.00
CA VAL G 60 22.01 18.22 -9.80
C VAL G 60 22.57 17.30 -10.88
N PRO G 61 23.02 16.11 -10.53
CA PRO G 61 23.35 15.11 -11.54
C PRO G 61 22.10 14.61 -12.25
N ARG G 62 22.08 14.78 -13.56
CA ARG G 62 20.97 14.28 -14.35
C ARG G 62 21.06 12.77 -14.41
N ALA G 63 20.35 12.08 -13.54
CA ALA G 63 20.46 10.64 -13.54
C ALA G 63 19.15 10.08 -13.05
N VAL G 64 18.89 8.82 -13.40
CA VAL G 64 17.76 8.09 -12.86
C VAL G 64 18.28 6.71 -12.48
N LEU G 65 18.39 6.46 -11.18
CA LEU G 65 18.92 5.19 -10.68
C LEU G 65 17.75 4.24 -10.54
N VAL G 66 17.78 3.14 -11.31
CA VAL G 66 16.62 2.28 -11.45
C VAL G 66 16.99 0.88 -10.96
N ASP G 67 16.05 0.25 -10.25
CA ASP G 67 16.26 -1.10 -9.74
C ASP G 67 14.90 -1.72 -9.49
N LEU G 68 14.89 -3.05 -9.31
CA LEU G 68 13.70 -3.77 -8.93
C LEU G 68 13.66 -4.16 -7.46
N GLU G 69 14.77 -4.10 -6.74
CA GLU G 69 14.68 -4.47 -5.35
C GLU G 69 15.37 -3.46 -4.45
N PRO G 70 14.76 -3.14 -3.31
CA PRO G 70 15.26 -2.03 -2.50
C PRO G 70 16.38 -2.43 -1.58
N GLY G 71 17.06 -3.53 -1.88
CA GLY G 71 18.23 -3.89 -1.12
C GLY G 71 19.29 -2.83 -1.24
N THR G 72 19.91 -2.73 -2.41
CA THR G 72 21.09 -1.90 -2.53
C THR G 72 20.78 -0.45 -2.86
N MET G 73 19.51 -0.10 -3.05
CA MET G 73 19.18 1.26 -3.44
C MET G 73 19.36 2.23 -2.27
N ASP G 74 18.98 1.81 -1.07
CA ASP G 74 19.16 2.65 0.11
C ASP G 74 20.63 2.79 0.49
N ALA G 75 21.48 1.87 0.03
CA ALA G 75 22.88 1.85 0.46
C ALA G 75 23.61 3.10 0.03
N VAL G 76 23.40 3.55 -1.20
CA VAL G 76 23.96 4.83 -1.61
C VAL G 76 23.09 5.98 -1.13
N LYS G 77 21.82 5.73 -0.83
CA LYS G 77 21.01 6.75 -0.19
C LYS G 77 21.47 6.99 1.24
N SER G 78 21.47 5.94 2.05
CA SER G 78 21.80 6.11 3.45
C SER G 78 23.29 6.28 3.69
N GLY G 79 24.13 5.97 2.71
CA GLY G 79 25.55 6.19 2.83
C GLY G 79 25.90 7.64 2.57
N LYS G 80 27.13 7.87 2.16
CA LYS G 80 27.45 9.23 1.76
C LYS G 80 26.93 9.52 0.36
N PHE G 81 27.10 10.77 -0.05
CA PHE G 81 26.60 11.34 -1.31
C PHE G 81 25.08 11.22 -1.40
N GLY G 82 24.41 11.30 -0.25
CA GLY G 82 22.97 11.20 -0.21
C GLY G 82 22.25 12.47 -0.58
N ASN G 83 23.00 13.52 -0.89
CA ASN G 83 22.40 14.77 -1.31
C ASN G 83 22.79 15.16 -2.72
N LEU G 84 23.35 14.24 -3.50
CA LEU G 84 23.61 14.56 -4.88
C LEU G 84 22.37 14.34 -5.73
N PHE G 85 21.84 13.14 -5.73
CA PHE G 85 20.71 12.86 -6.60
C PHE G 85 19.42 13.40 -6.02
N ARG G 86 18.54 13.82 -6.89
CA ARG G 86 17.23 14.21 -6.41
C ARG G 86 16.32 12.98 -6.33
N PRO G 87 15.64 12.80 -5.19
CA PRO G 87 14.95 11.53 -4.94
C PRO G 87 13.72 11.33 -5.78
N ASP G 88 13.30 12.35 -6.52
CA ASP G 88 12.22 12.16 -7.49
C ASP G 88 12.67 11.21 -8.58
N ASN G 89 13.94 11.21 -8.92
CA ASN G 89 14.47 10.30 -9.91
C ASN G 89 14.90 8.97 -9.32
N ILE G 90 15.00 8.87 -7.99
CA ILE G 90 15.22 7.57 -7.38
C ILE G 90 13.90 6.81 -7.44
N ILE G 91 13.81 5.80 -8.29
CA ILE G 91 12.66 4.90 -8.25
C ILE G 91 13.17 3.47 -8.17
N TYR G 92 12.37 2.62 -7.54
CA TYR G 92 12.73 1.23 -7.27
C TYR G 92 11.49 0.50 -6.79
N GLY G 93 11.34 -0.72 -7.27
CA GLY G 93 10.26 -1.58 -6.81
C GLY G 93 10.68 -2.37 -5.60
N GLN G 94 9.71 -3.08 -5.01
CA GLN G 94 10.00 -3.84 -3.80
C GLN G 94 10.09 -5.34 -4.03
N SER G 95 9.24 -5.91 -4.87
CA SER G 95 9.25 -7.35 -5.07
C SER G 95 10.50 -7.76 -5.81
N GLY G 96 11.04 -8.93 -5.44
CA GLY G 96 12.30 -9.36 -5.99
C GLY G 96 12.22 -9.68 -7.47
N ALA G 97 13.35 -9.48 -8.14
CA ALA G 97 13.46 -9.82 -9.55
C ALA G 97 13.84 -11.28 -9.73
N GLY G 98 14.49 -11.86 -8.74
CA GLY G 98 14.96 -13.23 -8.82
C GLY G 98 16.02 -13.47 -9.86
N ASN G 99 16.63 -12.38 -10.36
CA ASN G 99 17.48 -12.22 -11.55
C ASN G 99 17.12 -13.19 -12.68
N ILE G 100 15.84 -13.19 -13.04
CA ILE G 100 15.31 -13.95 -14.17
C ILE G 100 14.81 -12.97 -15.21
N TRP G 101 15.19 -13.19 -16.48
CA TRP G 101 15.18 -12.13 -17.48
C TRP G 101 13.77 -11.64 -17.77
N ALA G 102 12.90 -12.52 -18.23
CA ALA G 102 11.54 -12.11 -18.59
C ALA G 102 10.72 -11.70 -17.37
N LYS G 103 11.11 -12.16 -16.19
CA LYS G 103 10.55 -11.59 -14.98
C LYS G 103 10.98 -10.14 -14.84
N GLY G 104 12.21 -9.82 -15.23
CA GLY G 104 12.70 -8.46 -15.15
C GLY G 104 12.46 -7.66 -16.41
N HIS G 105 12.54 -8.33 -17.56
CA HIS G 105 12.25 -7.64 -18.81
C HIS G 105 10.75 -7.46 -18.98
N TYR G 106 10.01 -8.56 -19.01
CA TYR G 106 8.69 -8.50 -19.61
C TYR G 106 7.64 -8.06 -18.59
N THR G 107 7.69 -8.56 -17.35
CA THR G 107 6.52 -8.35 -16.50
C THR G 107 6.72 -7.43 -15.30
N GLU G 108 7.76 -7.58 -14.49
CA GLU G 108 7.84 -6.73 -13.30
C GLU G 108 8.31 -5.32 -13.64
N GLY G 109 9.14 -5.17 -14.66
CA GLY G 109 9.44 -3.84 -15.15
C GLY G 109 8.22 -3.15 -15.72
N ALA G 110 7.29 -3.93 -16.28
CA ALA G 110 6.04 -3.37 -16.75
C ALA G 110 5.18 -2.87 -15.61
N GLU G 111 5.43 -3.33 -14.38
CA GLU G 111 4.83 -2.63 -13.25
C GLU G 111 5.48 -1.27 -13.06
N LEU G 112 6.74 -1.11 -13.45
CA LEU G 112 7.44 0.12 -13.17
C LEU G 112 7.75 0.96 -14.39
N ALA G 113 7.51 0.44 -15.60
CA ALA G 113 7.82 1.20 -16.81
C ALA G 113 6.96 2.45 -16.94
N ASP G 114 5.72 2.40 -16.44
CA ASP G 114 4.83 3.54 -16.53
C ASP G 114 5.35 4.70 -15.68
N ALA G 115 6.05 4.39 -14.61
CA ALA G 115 6.71 5.44 -13.86
C ALA G 115 8.06 5.80 -14.44
N VAL G 116 8.62 4.97 -15.32
CA VAL G 116 9.94 5.28 -15.85
C VAL G 116 9.85 6.39 -16.87
N LEU G 117 8.96 6.26 -17.84
CA LEU G 117 9.05 7.10 -19.02
C LEU G 117 8.60 8.52 -18.74
N ASP G 118 7.64 8.70 -17.84
CA ASP G 118 7.27 10.04 -17.40
C ASP G 118 8.37 10.72 -16.60
N VAL G 119 9.36 9.98 -16.14
CA VAL G 119 10.51 10.64 -15.55
C VAL G 119 11.46 11.13 -16.63
N VAL G 120 11.78 10.29 -17.60
CA VAL G 120 12.80 10.69 -18.54
C VAL G 120 12.29 11.65 -19.60
N ARG G 121 10.97 11.71 -19.82
CA ARG G 121 10.45 12.63 -20.82
C ARG G 121 10.61 14.07 -20.37
N ARG G 122 10.10 14.40 -19.17
CA ARG G 122 10.27 15.73 -18.60
C ARG G 122 11.72 16.07 -18.34
N GLU G 123 12.58 15.07 -18.19
CA GLU G 123 14.00 15.33 -18.17
C GLU G 123 14.52 15.67 -19.56
N ALA G 124 13.94 15.05 -20.58
CA ALA G 124 14.48 15.20 -21.93
C ALA G 124 14.18 16.58 -22.49
N GLU G 125 12.93 17.01 -22.44
CA GLU G 125 12.58 18.28 -23.05
C GLU G 125 12.98 19.46 -22.19
N ALA G 126 13.40 19.23 -20.95
CA ALA G 126 14.02 20.30 -20.18
C ALA G 126 15.49 20.49 -20.56
N CYS G 127 16.11 19.51 -21.19
CA CYS G 127 17.44 19.70 -21.73
C CYS G 127 17.39 20.56 -22.98
N ASP G 128 18.52 21.18 -23.30
CA ASP G 128 18.63 21.99 -24.51
C ASP G 128 18.58 21.08 -25.73
N ALA G 129 19.63 20.30 -25.92
CA ALA G 129 19.68 19.38 -27.04
C ALA G 129 20.37 18.13 -26.55
N LEU G 130 19.65 17.01 -26.62
CA LEU G 130 20.19 15.75 -26.13
C LEU G 130 21.32 15.29 -27.02
N GLN G 131 22.45 14.95 -26.40
CA GLN G 131 23.47 14.30 -27.19
C GLN G 131 23.23 12.80 -27.22
N GLY G 132 22.83 12.22 -26.10
CA GLY G 132 22.48 10.81 -26.09
C GLY G 132 22.08 10.34 -24.71
N PHE G 133 21.99 9.03 -24.59
CA PHE G 133 21.61 8.36 -23.36
C PHE G 133 22.62 7.26 -23.06
N GLN G 134 22.91 7.09 -21.77
CA GLN G 134 23.81 6.05 -21.31
C GLN G 134 23.01 5.00 -20.55
N LEU G 135 23.19 3.74 -20.92
CA LEU G 135 22.66 2.63 -20.15
C LEU G 135 23.81 1.80 -19.61
N THR G 136 23.91 1.75 -18.30
CA THR G 136 24.89 0.90 -17.64
C THR G 136 24.12 -0.09 -16.81
N HIS G 137 24.44 -1.37 -16.99
CA HIS G 137 23.70 -2.45 -16.38
C HIS G 137 24.57 -3.70 -16.42
N SER G 138 23.94 -4.85 -16.30
CA SER G 138 24.65 -6.11 -16.37
C SER G 138 24.14 -6.92 -17.53
N LEU G 139 24.96 -7.84 -18.00
CA LEU G 139 24.44 -8.84 -18.91
C LEU G 139 23.92 -10.06 -18.17
N GLY G 140 24.46 -10.33 -16.98
CA GLY G 140 24.19 -11.59 -16.33
C GLY G 140 22.95 -11.61 -15.48
N GLY G 141 22.58 -10.49 -14.89
CA GLY G 141 21.52 -10.47 -13.90
C GLY G 141 20.15 -10.48 -14.53
N GLY G 142 19.18 -10.01 -13.75
CA GLY G 142 17.86 -9.89 -14.32
C GLY G 142 17.33 -8.47 -14.44
N THR G 143 17.57 -7.65 -13.41
CA THR G 143 17.04 -6.30 -13.38
C THR G 143 17.71 -5.43 -14.43
N GLY G 144 19.03 -5.30 -14.34
CA GLY G 144 19.76 -4.56 -15.34
C GLY G 144 19.74 -5.22 -16.70
N SER G 145 19.69 -6.54 -16.75
CA SER G 145 19.72 -7.21 -18.05
C SER G 145 18.36 -7.16 -18.71
N GLY G 146 17.30 -7.19 -17.91
CA GLY G 146 15.98 -7.26 -18.48
C GLY G 146 15.27 -5.94 -18.56
N MET G 147 15.20 -5.22 -17.43
CA MET G 147 14.31 -4.07 -17.38
C MET G 147 14.84 -2.91 -18.19
N GLY G 148 16.17 -2.75 -18.26
CA GLY G 148 16.73 -1.69 -19.06
C GLY G 148 16.54 -1.88 -20.55
N THR G 149 16.43 -3.12 -20.99
CA THR G 149 16.25 -3.37 -22.41
C THR G 149 14.85 -2.99 -22.87
N LEU G 150 13.83 -3.38 -22.11
CA LEU G 150 12.48 -2.89 -22.38
C LEU G 150 12.42 -1.39 -22.20
N LEU G 151 13.19 -0.87 -21.26
CA LEU G 151 13.31 0.57 -21.10
C LEU G 151 13.98 1.19 -22.31
N LEU G 152 14.93 0.47 -22.91
CA LEU G 152 15.64 1.01 -24.06
C LEU G 152 14.75 1.08 -25.28
N SER G 153 14.02 0.01 -25.54
CA SER G 153 13.26 -0.11 -26.79
C SER G 153 12.11 0.89 -26.85
N LYS G 154 11.63 1.36 -25.70
CA LYS G 154 10.68 2.46 -25.75
C LYS G 154 11.35 3.77 -26.08
N ILE G 155 12.57 3.99 -25.58
CA ILE G 155 13.25 5.24 -25.84
C ILE G 155 13.71 5.31 -27.29
N ARG G 156 14.22 4.18 -27.80
CA ARG G 156 14.58 4.11 -29.22
C ARG G 156 13.34 4.17 -30.09
N GLU G 157 12.18 3.78 -29.55
CA GLU G 157 10.92 4.12 -30.22
C GLU G 157 10.42 5.51 -29.90
N GLU G 158 11.15 6.30 -29.14
CA GLU G 158 10.69 7.68 -29.10
C GLU G 158 11.65 8.66 -29.76
N TYR G 159 12.95 8.42 -29.74
CA TYR G 159 13.91 9.41 -30.18
C TYR G 159 14.84 8.82 -31.22
N PRO G 160 14.36 8.63 -32.46
CA PRO G 160 15.13 7.85 -33.44
C PRO G 160 16.38 8.56 -33.95
N ASP G 161 16.49 9.86 -33.75
CA ASP G 161 17.72 10.53 -34.15
C ASP G 161 18.74 10.50 -33.02
N ARG G 162 18.28 10.51 -31.78
CA ARG G 162 19.18 10.61 -30.63
C ARG G 162 19.96 9.33 -30.44
N MET G 163 21.25 9.47 -30.15
CA MET G 163 22.12 8.30 -30.09
C MET G 163 21.90 7.53 -28.80
N MET G 164 21.88 6.21 -28.90
CA MET G 164 21.76 5.33 -27.75
C MET G 164 23.08 4.60 -27.58
N ALA G 165 23.76 4.86 -26.46
CA ALA G 165 25.06 4.25 -26.19
C ALA G 165 25.01 3.54 -24.85
N THR G 166 25.53 2.33 -24.80
CA THR G 166 25.40 1.48 -23.61
C THR G 166 26.73 0.94 -23.14
N PHE G 167 26.87 0.86 -21.82
CA PHE G 167 27.92 0.12 -21.16
C PHE G 167 27.32 -1.11 -20.50
N SER G 168 28.03 -2.23 -20.58
CA SER G 168 27.58 -3.41 -19.88
C SER G 168 28.77 -4.28 -19.54
N VAL G 169 28.53 -5.24 -18.66
CA VAL G 169 29.59 -6.09 -18.13
C VAL G 169 29.28 -7.54 -18.44
N ALA G 170 30.32 -8.30 -18.70
CA ALA G 170 30.23 -9.58 -19.39
C ALA G 170 29.97 -10.72 -18.42
N PRO G 171 29.45 -11.85 -18.92
CA PRO G 171 29.57 -13.08 -18.17
C PRO G 171 31.01 -13.52 -18.13
N ALA G 172 31.32 -14.22 -17.15
CA ALA G 172 32.72 -14.58 -17.04
C ALA G 172 33.00 -15.88 -17.77
N PRO G 173 34.23 -16.05 -18.26
CA PRO G 173 34.62 -17.39 -18.73
C PRO G 173 34.72 -18.41 -17.63
N LYS G 174 35.06 -17.99 -16.42
CA LYS G 174 35.24 -18.96 -15.35
C LYS G 174 34.57 -18.55 -14.04
N SER G 175 34.45 -17.26 -13.75
CA SER G 175 34.05 -16.76 -12.44
C SER G 175 32.59 -16.30 -12.44
N SER G 176 31.73 -17.09 -13.07
CA SER G 176 30.34 -16.70 -13.32
C SER G 176 29.54 -16.52 -12.04
N ASP G 177 28.49 -15.72 -12.13
CA ASP G 177 27.60 -15.46 -11.01
C ASP G 177 26.56 -16.57 -10.86
N THR G 178 25.63 -16.66 -11.81
CA THR G 178 24.52 -17.61 -11.71
C THR G 178 24.51 -18.51 -12.93
N VAL G 179 23.56 -19.43 -12.95
CA VAL G 179 23.51 -20.41 -14.02
C VAL G 179 22.57 -20.00 -15.12
N VAL G 180 21.72 -19.00 -14.90
CA VAL G 180 20.92 -18.46 -16.00
C VAL G 180 21.63 -17.32 -16.68
N GLU G 181 22.78 -16.92 -16.18
CA GLU G 181 23.73 -16.00 -16.80
C GLU G 181 24.06 -16.33 -18.26
N PRO G 182 24.02 -17.59 -18.72
CA PRO G 182 23.91 -17.80 -20.17
C PRO G 182 22.64 -17.27 -20.78
N TYR G 183 21.48 -17.49 -20.17
CA TYR G 183 20.24 -17.06 -20.80
C TYR G 183 20.12 -15.55 -20.83
N ASN G 184 20.49 -14.90 -19.73
CA ASN G 184 20.39 -13.46 -19.64
C ASN G 184 21.31 -12.76 -20.63
N ALA G 185 22.46 -13.36 -20.91
CA ALA G 185 23.39 -12.76 -21.85
C ALA G 185 22.85 -12.80 -23.27
N THR G 186 22.30 -13.94 -23.66
CA THR G 186 21.75 -14.07 -25.01
C THR G 186 20.54 -13.16 -25.17
N LEU G 187 19.69 -13.11 -24.16
CA LEU G 187 18.47 -12.34 -24.27
C LEU G 187 18.75 -10.85 -24.21
N SER G 188 19.81 -10.46 -23.53
CA SER G 188 20.18 -9.05 -23.52
C SER G 188 20.72 -8.61 -24.87
N MET G 189 21.51 -9.47 -25.53
CA MET G 189 22.06 -9.10 -26.82
C MET G 189 21.01 -9.03 -27.90
N HIS G 190 19.85 -9.63 -27.68
CA HIS G 190 18.79 -9.56 -28.66
C HIS G 190 18.20 -8.16 -28.75
N GLN G 191 18.28 -7.39 -27.67
CA GLN G 191 17.79 -6.02 -27.70
C GLN G 191 18.87 -4.98 -27.91
N LEU G 192 20.11 -5.26 -27.49
CA LEU G 192 21.19 -4.29 -27.66
C LEU G 192 21.50 -4.08 -29.14
N VAL G 193 21.58 -5.17 -29.89
CA VAL G 193 21.97 -5.06 -31.28
C VAL G 193 20.86 -4.44 -32.10
N GLU G 194 19.63 -4.76 -31.79
CA GLU G 194 18.53 -4.31 -32.61
C GLU G 194 18.20 -2.85 -32.33
N ASN G 195 18.36 -2.40 -31.10
CA ASN G 195 17.93 -1.05 -30.80
C ASN G 195 19.10 -0.07 -30.74
N SER G 196 20.03 -0.28 -29.82
CA SER G 196 21.07 0.72 -29.63
C SER G 196 22.22 0.50 -30.58
N ASP G 197 23.08 1.51 -30.67
CA ASP G 197 24.22 1.38 -31.55
C ASP G 197 25.30 0.55 -30.91
N GLU G 198 25.90 1.07 -29.85
CA GLU G 198 27.18 0.56 -29.38
C GLU G 198 27.08 0.05 -27.95
N THR G 199 27.79 -1.05 -27.71
CA THR G 199 27.85 -1.65 -26.39
C THR G 199 29.27 -2.17 -26.20
N PHE G 200 29.76 -2.06 -24.98
CA PHE G 200 31.10 -2.48 -24.66
C PHE G 200 30.99 -3.62 -23.65
N CYS G 201 32.02 -4.44 -23.57
CA CYS G 201 31.92 -5.69 -22.82
C CYS G 201 33.10 -5.81 -21.86
N ILE G 202 32.79 -5.86 -20.57
CA ILE G 202 33.80 -5.79 -19.53
C ILE G 202 33.69 -7.06 -18.70
N ASP G 203 34.72 -7.90 -18.74
CA ASP G 203 34.78 -9.05 -17.85
C ASP G 203 35.25 -8.62 -16.48
N ASN G 204 34.50 -9.01 -15.46
CA ASN G 204 34.97 -8.84 -14.09
C ASN G 204 36.19 -9.70 -13.83
N GLU G 205 36.24 -10.88 -14.44
CA GLU G 205 37.38 -11.76 -14.21
C GLU G 205 38.62 -11.21 -14.89
N ALA G 206 38.48 -10.64 -16.09
CA ALA G 206 39.61 -9.96 -16.68
C ALA G 206 39.92 -8.67 -15.93
N LEU G 207 38.89 -8.00 -15.41
CA LEU G 207 39.12 -6.90 -14.50
C LEU G 207 39.82 -7.36 -13.23
N SER G 208 39.50 -8.55 -12.75
CA SER G 208 40.21 -9.11 -11.61
C SER G 208 41.65 -9.44 -11.96
N SER G 209 41.92 -9.67 -13.24
CA SER G 209 43.29 -9.88 -13.66
C SER G 209 44.11 -8.61 -13.60
N ILE G 210 43.45 -7.45 -13.70
CA ILE G 210 44.18 -6.20 -13.84
C ILE G 210 44.92 -5.86 -12.57
N PHE G 211 44.22 -5.85 -11.44
CA PHE G 211 44.89 -5.65 -10.18
C PHE G 211 45.78 -6.83 -9.82
N ALA G 212 45.47 -8.01 -10.37
CA ALA G 212 46.33 -9.16 -10.13
C ALA G 212 47.61 -9.05 -10.95
N ASN G 213 47.48 -8.82 -12.26
CA ASN G 213 48.68 -8.81 -13.09
C ASN G 213 49.42 -7.49 -12.99
N THR G 214 48.70 -6.37 -13.03
CA THR G 214 49.38 -5.08 -13.19
C THR G 214 49.58 -4.36 -11.86
N LEU G 215 48.50 -4.09 -11.12
CA LEU G 215 48.67 -3.25 -9.95
C LEU G 215 49.17 -4.02 -8.74
N LYS G 216 49.14 -5.36 -8.78
CA LYS G 216 49.67 -6.24 -7.73
C LYS G 216 48.98 -5.98 -6.38
N ILE G 217 47.70 -6.27 -6.34
CA ILE G 217 46.97 -6.36 -5.07
C ILE G 217 46.27 -7.70 -5.03
N LYS G 218 46.53 -8.48 -3.99
CA LYS G 218 45.97 -9.81 -3.88
C LYS G 218 44.45 -9.78 -3.69
N SER G 219 43.94 -8.75 -3.03
CA SER G 219 42.55 -8.72 -2.56
C SER G 219 41.88 -7.36 -2.76
N PRO G 220 41.59 -6.97 -4.00
CA PRO G 220 40.74 -5.79 -4.16
C PRO G 220 39.27 -6.15 -4.03
N SER G 221 38.47 -5.12 -3.81
CA SER G 221 37.04 -5.26 -3.75
C SER G 221 36.42 -4.44 -4.87
N TYR G 222 35.11 -4.58 -4.98
CA TYR G 222 34.35 -4.03 -6.09
C TYR G 222 34.41 -2.52 -6.13
N ASP G 223 34.58 -1.90 -4.97
CA ASP G 223 34.77 -0.46 -4.93
C ASP G 223 36.14 -0.04 -5.42
N ASP G 224 37.06 -0.99 -5.62
CA ASP G 224 38.20 -0.74 -6.48
C ASP G 224 37.95 -1.19 -7.90
N LEU G 225 37.06 -2.16 -8.11
CA LEU G 225 36.80 -2.63 -9.46
C LEU G 225 36.06 -1.59 -10.28
N ASN G 226 34.95 -1.07 -9.77
CA ASN G 226 34.24 -0.05 -10.51
C ASN G 226 35.02 1.24 -10.56
N HIS G 227 35.87 1.48 -9.58
CA HIS G 227 36.68 2.68 -9.54
C HIS G 227 37.65 2.74 -10.71
N LEU G 228 38.15 1.59 -11.15
CA LEU G 228 39.02 1.57 -12.31
C LEU G 228 38.21 1.79 -13.59
N VAL G 229 37.22 0.94 -13.84
CA VAL G 229 36.42 1.05 -15.07
C VAL G 229 35.47 2.23 -15.05
N SER G 230 35.44 2.99 -13.97
CA SER G 230 34.79 4.29 -14.00
C SER G 230 35.39 5.19 -15.06
N ALA G 231 36.70 5.34 -15.05
CA ALA G 231 37.35 6.43 -15.74
C ALA G 231 37.32 6.30 -17.26
N VAL G 232 36.80 5.21 -17.80
CA VAL G 232 36.59 5.17 -19.23
C VAL G 232 35.27 5.84 -19.57
N MET G 233 34.30 5.80 -18.66
CA MET G 233 33.15 6.69 -18.81
C MET G 233 33.57 8.13 -18.65
N ALA G 234 34.59 8.37 -17.83
CA ALA G 234 35.24 9.66 -17.90
C ALA G 234 36.03 9.80 -19.19
N GLY G 235 36.66 8.71 -19.64
CA GLY G 235 37.56 8.79 -20.77
C GLY G 235 36.85 9.00 -22.09
N VAL G 236 35.65 8.45 -22.23
CA VAL G 236 34.95 8.65 -23.48
C VAL G 236 34.43 10.08 -23.56
N THR G 237 34.16 10.71 -22.42
CA THR G 237 33.75 12.10 -22.44
C THR G 237 34.88 13.05 -22.11
N THR G 238 36.08 12.53 -21.79
CA THR G 238 37.27 13.35 -21.56
C THR G 238 37.55 14.31 -22.70
N SER G 239 37.46 13.78 -23.93
CA SER G 239 37.55 14.59 -25.13
C SER G 239 36.50 15.68 -25.16
N PHE G 240 35.34 15.39 -24.61
CA PHE G 240 34.16 16.19 -24.85
C PHE G 240 33.99 17.29 -23.82
N ARG G 241 34.16 16.95 -22.55
CA ARG G 241 33.55 17.71 -21.46
C ARG G 241 34.34 18.95 -21.04
N PHE G 242 35.53 19.17 -21.58
CA PHE G 242 36.26 20.42 -21.38
C PHE G 242 37.25 20.55 -22.53
N PRO G 243 37.76 21.79 -22.86
CA PRO G 243 38.36 21.98 -24.19
C PRO G 243 39.67 21.27 -24.44
N GLY G 244 40.15 21.42 -25.67
CA GLY G 244 41.36 20.76 -26.10
C GLY G 244 41.82 21.34 -27.42
N GLU G 245 42.31 20.49 -28.31
CA GLU G 245 42.81 20.95 -29.60
C GLU G 245 42.04 20.39 -30.78
N LEU G 246 41.47 19.20 -30.66
CA LEU G 246 40.97 18.48 -31.81
C LEU G 246 39.63 17.80 -31.61
N ASN G 247 39.21 17.58 -30.37
CA ASN G 247 38.44 16.40 -29.99
C ASN G 247 37.07 16.32 -30.63
N SER G 248 36.60 15.09 -30.78
CA SER G 248 35.30 14.74 -31.32
C SER G 248 34.45 14.08 -30.23
N ASP G 249 33.30 13.57 -30.63
CA ASP G 249 32.26 13.14 -29.72
C ASP G 249 31.95 11.66 -29.97
N LEU G 250 31.09 11.12 -29.12
CA LEU G 250 30.71 9.71 -29.18
C LEU G 250 29.95 9.38 -30.46
N ARG G 251 29.14 10.31 -30.98
CA ARG G 251 28.56 10.05 -32.30
C ARG G 251 29.62 10.12 -33.37
N LYS G 252 30.59 11.01 -33.21
CA LYS G 252 31.72 10.96 -34.09
C LYS G 252 32.62 9.78 -33.78
N LEU G 253 32.55 9.26 -32.57
CA LEU G 253 33.20 7.98 -32.29
C LEU G 253 32.35 6.79 -32.66
N ALA G 254 31.17 7.00 -33.21
CA ALA G 254 30.34 5.89 -33.65
C ALA G 254 30.48 5.63 -35.13
N VAL G 255 30.48 6.69 -35.92
CA VAL G 255 30.44 6.51 -37.36
C VAL G 255 31.80 6.15 -37.91
N ASN G 256 32.86 6.48 -37.20
CA ASN G 256 34.21 6.18 -37.64
C ASN G 256 34.59 4.73 -37.42
N MET G 257 33.99 4.09 -36.42
CA MET G 257 34.43 2.78 -36.02
C MET G 257 34.02 1.70 -37.01
N VAL G 258 32.72 1.47 -37.15
CA VAL G 258 32.29 0.22 -37.76
C VAL G 258 31.78 0.47 -39.18
N PRO G 259 32.12 -0.38 -40.14
CA PRO G 259 31.58 -0.27 -41.50
C PRO G 259 30.21 -0.90 -41.69
N PHE G 260 29.49 -1.23 -40.63
CA PHE G 260 28.25 -2.00 -40.69
C PHE G 260 27.41 -1.55 -39.52
N PRO G 261 26.18 -1.99 -39.36
CA PRO G 261 25.46 -1.71 -38.11
C PRO G 261 25.84 -2.54 -36.90
N ARG G 262 27.04 -3.12 -36.85
CA ARG G 262 27.36 -4.14 -35.87
C ARG G 262 28.48 -3.67 -34.95
N HIS G 264 28.12 -3.13 -33.78
CA HIS G 264 29.01 -2.26 -33.01
C HIS G 264 29.36 -2.85 -31.66
N PHE G 265 30.55 -3.43 -31.55
CA PHE G 265 31.15 -3.82 -30.28
C PHE G 265 32.66 -3.68 -30.41
N PHE G 266 33.31 -3.14 -29.39
CA PHE G 266 34.78 -3.01 -29.37
C PHE G 266 35.25 -2.78 -27.93
N MET G 267 36.56 -2.60 -27.77
CA MET G 267 37.26 -2.83 -26.50
C MET G 267 37.54 -1.54 -25.73
N VAL G 268 38.05 -1.74 -24.52
CA VAL G 268 38.28 -0.69 -23.51
C VAL G 268 39.61 -0.95 -22.82
N GLY G 269 40.44 0.09 -22.70
CA GLY G 269 41.63 0.00 -21.86
C GLY G 269 42.10 1.36 -21.40
N PHE G 270 43.01 1.34 -20.43
CA PHE G 270 43.53 2.58 -19.87
C PHE G 270 45.00 2.74 -20.15
N ALA G 271 45.46 3.96 -19.93
CA ALA G 271 46.85 4.34 -19.96
C ALA G 271 46.96 5.69 -19.26
N PRO G 272 47.89 5.84 -18.31
CA PRO G 272 48.84 4.83 -17.85
C PRO G 272 48.25 4.00 -16.75
N LEU G 273 49.07 3.17 -16.12
CA LEU G 273 48.63 2.30 -15.05
C LEU G 273 49.85 1.76 -14.33
N ALA G 274 49.85 1.80 -13.00
CA ALA G 274 50.98 1.29 -12.24
C ALA G 274 50.52 0.84 -10.85
N ALA G 275 51.46 0.32 -10.08
CA ALA G 275 51.19 -0.14 -8.72
C ALA G 275 51.46 0.99 -7.73
N ILE G 276 51.55 0.64 -6.46
CA ILE G 276 51.86 1.61 -5.41
C ILE G 276 53.31 2.05 -5.53
N GLY G 277 54.23 1.12 -5.30
CA GLY G 277 55.64 1.43 -5.40
C GLY G 277 56.15 1.48 -6.81
N SER G 278 55.33 1.07 -7.78
CA SER G 278 55.72 1.14 -9.18
C SER G 278 55.50 2.51 -9.78
N SER G 279 55.16 3.51 -8.97
CA SER G 279 54.76 4.80 -9.49
C SER G 279 55.93 5.56 -10.07
N SER G 280 56.89 5.91 -9.23
CA SER G 280 57.89 6.86 -9.64
C SER G 280 59.03 6.24 -10.43
N PHE G 281 59.09 4.91 -10.55
CA PHE G 281 60.23 4.30 -11.22
C PHE G 281 60.12 4.30 -12.73
N GLN G 282 59.22 5.05 -13.32
CA GLN G 282 59.10 5.12 -14.75
C GLN G 282 59.34 6.53 -15.26
N ALA G 283 59.18 6.68 -16.55
CA ALA G 283 59.14 7.96 -17.22
C ALA G 283 57.82 7.98 -17.95
N VAL G 284 56.81 8.60 -17.33
CA VAL G 284 55.46 8.52 -17.87
C VAL G 284 55.34 9.44 -19.09
N SER G 285 55.01 8.84 -20.23
CA SER G 285 55.01 9.53 -21.50
C SER G 285 54.18 8.70 -22.47
N VAL G 286 54.10 9.17 -23.71
CA VAL G 286 53.34 8.45 -24.74
C VAL G 286 53.95 7.10 -25.11
N PRO G 287 55.28 6.93 -25.25
CA PRO G 287 55.78 5.54 -25.36
C PRO G 287 55.50 4.70 -24.13
N GLU G 288 55.44 5.32 -22.96
CA GLU G 288 54.88 4.62 -21.82
C GLU G 288 53.38 4.40 -21.98
N LEU G 289 52.68 5.33 -22.66
CA LEU G 289 51.24 5.16 -22.82
C LEU G 289 50.92 4.10 -23.87
N THR G 290 51.64 4.10 -24.98
CA THR G 290 51.27 3.27 -26.13
C THR G 290 51.41 1.79 -25.85
N GLN G 291 52.36 1.41 -25.01
CA GLN G 291 52.57 -0.01 -24.81
C GLN G 291 51.59 -0.59 -23.80
N GLN G 292 51.04 0.24 -22.91
CA GLN G 292 49.84 -0.13 -22.19
C GLN G 292 48.57 0.13 -22.98
N MET G 293 48.70 0.43 -24.27
CA MET G 293 47.60 0.38 -25.20
C MET G 293 47.84 -0.68 -26.27
N PHE G 294 48.54 -1.74 -25.93
CA PHE G 294 48.81 -2.81 -26.87
C PHE G 294 48.45 -4.18 -26.35
N ASP G 295 48.76 -4.49 -25.10
CA ASP G 295 48.61 -5.85 -24.61
C ASP G 295 47.14 -6.18 -24.42
N ALA G 296 46.85 -7.48 -24.42
CA ALA G 296 45.56 -7.92 -23.93
C ALA G 296 45.45 -7.72 -22.43
N ASN G 297 46.59 -7.60 -21.75
CA ASN G 297 46.63 -7.46 -20.30
C ASN G 297 46.08 -6.13 -19.84
N ASN G 298 46.13 -5.10 -20.67
CA ASN G 298 45.50 -3.84 -20.34
C ASN G 298 44.12 -3.70 -20.97
N MET G 299 43.56 -4.79 -21.44
CA MET G 299 42.22 -4.71 -22.00
C MET G 299 41.18 -5.05 -20.94
N MET G 300 39.94 -5.15 -21.38
CA MET G 300 38.87 -5.57 -20.49
C MET G 300 38.19 -6.84 -20.97
N VAL G 301 38.13 -7.04 -22.28
CA VAL G 301 37.44 -8.19 -22.84
C VAL G 301 38.28 -9.43 -22.59
N ALA G 302 37.62 -10.54 -22.24
CA ALA G 302 38.32 -11.80 -22.06
C ALA G 302 38.47 -12.53 -23.39
N ALA G 303 39.14 -11.84 -24.32
CA ALA G 303 39.33 -12.35 -25.67
C ALA G 303 40.63 -11.80 -26.20
N ASP G 304 41.24 -12.56 -27.08
CA ASP G 304 42.58 -12.23 -27.54
C ASP G 304 42.51 -11.38 -28.78
N PRO G 305 43.05 -10.16 -28.76
CA PRO G 305 43.30 -9.47 -30.02
C PRO G 305 44.34 -10.15 -30.87
N ARG G 306 45.26 -10.92 -30.27
CA ARG G 306 46.18 -11.70 -31.07
C ARG G 306 45.46 -12.83 -31.79
N HIS G 307 44.37 -13.33 -31.22
CA HIS G 307 43.49 -14.19 -31.99
C HIS G 307 42.64 -13.38 -32.97
N GLY G 308 42.50 -12.09 -32.72
CA GLY G 308 41.63 -11.25 -33.51
C GLY G 308 42.39 -10.41 -34.51
N ARG G 309 41.72 -9.35 -34.97
CA ARG G 309 42.29 -8.42 -35.91
C ARG G 309 41.63 -7.07 -35.72
N TYR G 310 42.44 -6.00 -35.70
CA TYR G 310 41.94 -4.68 -35.37
C TYR G 310 41.23 -4.07 -36.57
N LEU G 311 39.91 -3.86 -36.44
CA LEU G 311 39.15 -3.15 -37.47
C LEU G 311 39.50 -1.67 -37.50
N THR G 312 39.19 -0.96 -36.42
CA THR G 312 39.48 0.46 -36.32
C THR G 312 39.89 0.81 -34.90
N VAL G 313 40.70 1.87 -34.78
CA VAL G 313 41.27 2.29 -33.50
C VAL G 313 41.03 3.78 -33.32
N ALA G 314 40.47 4.16 -32.19
CA ALA G 314 40.48 5.55 -31.78
C ALA G 314 41.22 5.71 -30.45
N ALA G 315 42.03 6.76 -30.35
CA ALA G 315 42.81 7.02 -29.16
C ALA G 315 42.43 8.38 -28.61
N LEU G 316 42.29 8.46 -27.29
CA LEU G 316 41.81 9.66 -26.64
C LEU G 316 42.82 10.03 -25.56
N PHE G 317 43.69 10.99 -25.85
CA PHE G 317 44.70 11.41 -24.90
C PHE G 317 44.22 12.62 -24.14
N ARG G 318 44.68 12.76 -22.90
CA ARG G 318 44.63 14.03 -22.19
C ARG G 318 45.97 14.29 -21.51
N GLY G 319 46.31 15.56 -21.41
CA GLY G 319 47.62 16.01 -20.94
C GLY G 319 48.35 16.81 -22.02
N LYS G 320 49.51 17.32 -21.64
CA LYS G 320 50.43 17.88 -22.63
C LYS G 320 50.94 16.75 -23.50
N VAL G 321 50.55 16.74 -24.76
CA VAL G 321 50.92 15.67 -25.67
C VAL G 321 50.89 16.23 -27.08
N SER G 322 51.92 15.91 -27.85
CA SER G 322 51.99 16.30 -29.24
C SER G 322 51.14 15.38 -30.11
N MET G 323 51.38 15.47 -31.40
CA MET G 323 50.90 14.42 -32.29
C MET G 323 52.03 13.49 -32.69
N LYS G 324 53.20 14.08 -33.01
CA LYS G 324 54.31 13.28 -33.52
C LYS G 324 54.83 12.31 -32.50
N GLU G 325 54.69 12.63 -31.21
CA GLU G 325 55.01 11.65 -30.20
C GLU G 325 54.06 10.46 -30.27
N VAL G 326 52.83 10.69 -30.71
CA VAL G 326 51.95 9.56 -30.97
C VAL G 326 52.21 9.01 -32.36
N ASP G 327 52.47 9.89 -33.34
CA ASP G 327 52.59 9.49 -34.74
C ASP G 327 53.73 8.53 -34.95
N GLU G 328 54.92 8.92 -34.50
CA GLU G 328 56.09 8.08 -34.62
C GLU G 328 55.94 6.82 -33.79
N GLN G 329 55.12 6.88 -32.74
CA GLN G 329 54.98 5.72 -31.91
C GLN G 329 53.90 4.78 -32.44
N ILE G 330 52.81 5.32 -32.99
CA ILE G 330 51.80 4.46 -33.62
C ILE G 330 52.37 3.80 -34.86
N ARG G 331 53.17 4.54 -35.62
CA ARG G 331 53.87 3.95 -36.74
C ARG G 331 54.89 2.92 -36.30
N SER G 332 55.43 3.06 -35.09
CA SER G 332 56.39 2.08 -34.61
C SER G 332 55.73 0.77 -34.24
N VAL G 333 54.43 0.79 -33.95
CA VAL G 333 53.75 -0.43 -33.57
C VAL G 333 52.79 -0.93 -34.63
N GLN G 334 52.37 -0.08 -35.56
CA GLN G 334 51.53 -0.59 -36.64
C GLN G 334 52.35 -1.34 -37.67
N THR G 335 53.67 -1.19 -37.68
CA THR G 335 54.49 -1.85 -38.69
C THR G 335 54.84 -3.27 -38.27
N LYS G 336 55.26 -3.45 -37.01
CA LYS G 336 55.56 -4.76 -36.47
C LYS G 336 54.29 -5.60 -36.33
N ASN G 337 53.16 -4.95 -36.25
CA ASN G 337 51.88 -5.60 -36.08
C ASN G 337 50.94 -5.25 -37.24
N SER G 338 51.49 -5.30 -38.46
CA SER G 338 50.74 -4.90 -39.64
C SER G 338 49.70 -5.94 -40.04
N ALA G 339 50.03 -7.22 -39.84
CA ALA G 339 49.03 -8.27 -40.06
C ALA G 339 47.91 -8.21 -39.03
N TYR G 340 48.15 -7.56 -37.89
CA TYR G 340 47.11 -7.41 -36.90
C TYR G 340 46.06 -6.38 -37.29
N PHE G 341 46.32 -5.56 -38.28
CA PHE G 341 45.32 -4.62 -38.75
C PHE G 341 44.46 -5.24 -39.83
N VAL G 342 43.37 -4.57 -40.14
CA VAL G 342 42.45 -4.97 -41.19
C VAL G 342 42.87 -4.26 -42.47
N GLU G 343 43.07 -5.04 -43.53
CA GLU G 343 43.46 -4.47 -44.80
C GLU G 343 42.31 -3.91 -45.62
N TRP G 344 41.07 -3.94 -45.09
CA TRP G 344 39.99 -3.21 -45.74
C TRP G 344 40.25 -1.72 -45.65
N ILE G 345 40.86 -1.27 -44.57
CA ILE G 345 41.09 0.13 -44.29
C ILE G 345 42.56 0.33 -44.03
N PRO G 346 43.27 1.05 -44.89
CA PRO G 346 44.53 1.63 -44.48
C PRO G 346 44.30 2.82 -43.55
N ASP G 347 45.06 2.83 -42.46
CA ASP G 347 45.09 3.89 -41.46
C ASP G 347 43.71 4.08 -40.81
N ASN G 348 43.30 3.04 -40.10
CA ASN G 348 42.12 3.02 -39.24
C ASN G 348 42.37 3.57 -37.85
N VAL G 349 43.34 4.44 -37.73
CA VAL G 349 43.71 5.04 -36.47
C VAL G 349 42.96 6.35 -36.33
N LEU G 350 42.34 6.59 -35.17
CA LEU G 350 41.79 7.91 -34.88
C LEU G 350 42.48 8.56 -33.71
N LYS G 351 42.97 9.76 -33.94
CA LYS G 351 43.71 10.51 -32.96
C LYS G 351 42.82 11.61 -32.41
N ALA G 352 42.83 11.76 -31.09
CA ALA G 352 42.11 12.86 -30.46
C ALA G 352 42.82 13.26 -29.18
N VAL G 353 43.12 14.55 -29.08
CA VAL G 353 44.03 15.08 -28.09
C VAL G 353 43.26 16.05 -27.21
N CYS G 354 43.14 15.73 -25.93
CA CYS G 354 42.47 16.61 -24.97
C CYS G 354 43.47 17.25 -24.04
N SER G 355 43.02 18.31 -23.38
CA SER G 355 43.96 19.25 -22.77
C SER G 355 44.41 18.87 -21.37
N VAL G 356 43.50 18.85 -20.40
CA VAL G 356 44.02 18.94 -19.02
C VAL G 356 44.28 17.52 -18.52
N PRO G 357 45.23 17.34 -17.62
CA PRO G 357 45.50 16.01 -17.11
C PRO G 357 44.51 15.62 -16.02
N PRO G 358 44.43 14.34 -15.65
CA PRO G 358 43.68 13.97 -14.45
C PRO G 358 44.42 14.26 -13.16
N LYS G 359 43.86 13.77 -12.08
CA LYS G 359 44.42 13.97 -10.75
C LYS G 359 45.75 13.23 -10.59
N ASP G 360 46.81 13.99 -10.33
CA ASP G 360 48.15 13.51 -9.98
C ASP G 360 48.79 12.67 -11.06
N LEU G 361 48.41 12.84 -12.32
CA LEU G 361 49.03 12.11 -13.41
C LEU G 361 49.24 13.07 -14.56
N LYS G 362 50.44 13.10 -15.12
CA LYS G 362 50.74 14.12 -16.12
C LYS G 362 50.10 13.83 -17.47
N MET G 363 49.86 12.57 -17.79
CA MET G 363 49.18 12.23 -19.02
C MET G 363 48.14 11.18 -18.71
N SER G 364 47.21 11.01 -19.65
CA SER G 364 46.28 9.88 -19.59
C SER G 364 45.73 9.60 -20.97
N ALA G 365 45.44 8.33 -21.22
CA ALA G 365 44.93 7.90 -22.50
C ALA G 365 43.82 6.89 -22.27
N THR G 366 42.89 6.83 -23.22
CA THR G 366 41.76 5.93 -23.17
C THR G 366 41.71 5.12 -24.46
N PHE G 367 41.56 3.81 -24.32
CA PHE G 367 41.75 2.91 -25.45
C PHE G 367 40.42 2.56 -26.09
N ILE G 368 40.33 2.76 -27.39
CA ILE G 368 39.27 2.19 -28.20
C ILE G 368 39.93 1.46 -29.36
N GLY G 369 39.78 0.14 -29.37
CA GLY G 369 40.21 -0.67 -30.48
C GLY G 369 39.15 -1.69 -30.81
N ASN G 370 38.98 -1.97 -32.09
CA ASN G 370 37.95 -2.90 -32.55
C ASN G 370 38.55 -4.26 -32.84
N SER G 371 37.70 -5.28 -32.88
CA SER G 371 38.23 -6.62 -33.02
C SER G 371 37.35 -7.46 -33.91
N THR G 372 37.94 -8.54 -34.39
CA THR G 372 37.16 -9.63 -34.93
C THR G 372 36.85 -10.66 -33.87
N SER G 373 37.71 -10.79 -32.87
CA SER G 373 37.59 -11.85 -31.88
C SER G 373 36.64 -11.51 -30.76
N ILE G 374 35.68 -10.60 -30.97
CA ILE G 374 34.63 -10.49 -29.99
C ILE G 374 33.62 -11.62 -30.17
N GLN G 375 33.67 -12.33 -31.30
CA GLN G 375 32.98 -13.61 -31.42
C GLN G 375 33.47 -14.63 -30.40
N GLU G 376 34.72 -14.49 -29.91
CA GLU G 376 35.25 -15.38 -28.89
C GLU G 376 34.48 -15.25 -27.58
N ILE G 377 33.81 -14.12 -27.37
CA ILE G 377 32.77 -14.09 -26.36
C ILE G 377 31.63 -15.00 -26.77
N PHE G 378 31.07 -14.75 -27.95
CA PHE G 378 29.75 -15.29 -28.24
C PHE G 378 29.81 -16.77 -28.61
N ARG G 379 30.91 -17.22 -29.21
CA ARG G 379 31.11 -18.66 -29.35
C ARG G 379 31.24 -19.32 -28.00
N ARG G 380 31.97 -18.66 -27.08
CA ARG G 380 31.99 -19.14 -25.71
C ARG G 380 30.62 -18.98 -25.07
N LEU G 381 29.84 -18.00 -25.51
CA LEU G 381 28.47 -17.93 -25.03
C LEU G 381 27.58 -18.97 -25.68
N GLY G 382 27.73 -19.17 -26.99
CA GLY G 382 26.71 -19.91 -27.74
C GLY G 382 26.64 -21.37 -27.38
N ASP G 383 27.78 -22.01 -27.22
CA ASP G 383 27.75 -23.38 -26.76
C ASP G 383 27.53 -23.47 -25.27
N GLN G 384 27.83 -22.40 -24.52
CA GLN G 384 27.33 -22.29 -23.15
C GLN G 384 25.84 -22.06 -23.14
N PHE G 385 25.31 -21.45 -24.19
CA PHE G 385 23.86 -21.27 -24.28
C PHE G 385 23.16 -22.55 -24.68
N SER G 386 23.56 -23.12 -25.82
CA SER G 386 22.77 -24.19 -26.44
C SER G 386 22.82 -25.47 -25.64
N ALA G 387 23.91 -25.71 -24.90
CA ALA G 387 23.97 -26.91 -24.08
C ALA G 387 23.01 -26.84 -22.92
N MET G 388 22.61 -25.65 -22.52
CA MET G 388 21.55 -25.50 -21.55
C MET G 388 20.21 -25.31 -22.23
N PHE G 389 20.10 -25.66 -23.49
CA PHE G 389 18.81 -25.74 -24.15
C PHE G 389 18.41 -27.18 -24.49
N ARG G 390 19.40 -28.08 -24.54
CA ARG G 390 19.20 -29.46 -24.99
C ARG G 390 18.18 -30.19 -24.14
N ARG G 391 18.22 -29.98 -22.84
CA ARG G 391 17.25 -30.55 -21.93
C ARG G 391 16.22 -29.53 -21.50
N LYS G 392 16.18 -28.37 -22.17
CA LYS G 392 15.37 -27.21 -21.78
C LYS G 392 15.62 -26.84 -20.33
N ALA G 393 16.86 -26.48 -20.06
CA ALA G 393 17.29 -26.25 -18.69
C ALA G 393 16.65 -25.00 -18.15
N PHE G 394 15.95 -25.15 -17.02
CA PHE G 394 15.36 -24.06 -16.24
C PHE G 394 14.32 -23.32 -17.06
N LEU G 395 13.70 -24.04 -17.98
CA LEU G 395 12.80 -23.43 -18.95
C LEU G 395 11.51 -22.96 -18.31
N HIS G 396 11.07 -23.57 -17.22
CA HIS G 396 9.79 -23.18 -16.66
C HIS G 396 9.87 -21.89 -15.87
N TRP G 397 11.06 -21.42 -15.54
CA TRP G 397 11.15 -20.09 -14.98
C TRP G 397 11.12 -19.00 -16.04
N TYR G 398 10.92 -19.33 -17.30
CA TYR G 398 10.66 -18.34 -18.31
C TYR G 398 9.29 -18.49 -18.98
N THR G 399 8.97 -19.69 -19.45
CA THR G 399 7.66 -19.92 -20.02
C THR G 399 6.58 -19.95 -18.96
N GLY G 400 6.95 -20.09 -17.69
CA GLY G 400 6.03 -19.82 -16.63
C GLY G 400 5.86 -18.36 -16.32
N GLU G 401 6.15 -17.46 -17.25
CA GLU G 401 6.05 -16.04 -17.00
C GLU G 401 5.50 -15.27 -18.20
N GLY G 402 5.50 -15.87 -19.40
CA GLY G 402 4.80 -15.29 -20.53
C GLY G 402 5.46 -15.27 -21.90
N MET G 403 6.61 -15.93 -22.06
CA MET G 403 7.35 -15.88 -23.30
C MET G 403 7.39 -17.26 -23.94
N ASP G 404 7.19 -17.29 -25.26
CA ASP G 404 7.24 -18.54 -26.02
C ASP G 404 8.67 -19.05 -26.14
N GLU G 405 8.81 -20.37 -26.06
CA GLU G 405 10.13 -20.98 -26.07
C GLU G 405 10.85 -20.81 -27.39
N MET G 406 10.12 -20.70 -28.50
CA MET G 406 10.80 -20.56 -29.78
C MET G 406 11.27 -19.13 -29.98
N GLU G 407 10.68 -18.18 -29.25
CA GLU G 407 11.24 -16.83 -29.19
C GLU G 407 12.62 -16.85 -28.58
N PHE G 408 12.87 -17.76 -27.64
CA PHE G 408 14.21 -17.93 -27.10
C PHE G 408 15.15 -18.55 -28.13
N THR G 409 14.62 -19.35 -29.04
CA THR G 409 15.49 -19.95 -30.04
C THR G 409 15.95 -18.94 -31.07
N GLU G 410 15.18 -17.87 -31.23
CA GLU G 410 15.49 -16.86 -32.25
C GLU G 410 16.78 -16.14 -31.93
N ALA G 411 17.01 -15.85 -30.65
CA ALA G 411 18.19 -15.09 -30.25
C ALA G 411 19.48 -15.87 -30.46
N GLU G 412 19.40 -17.20 -30.57
CA GLU G 412 20.57 -17.98 -30.95
C GLU G 412 21.05 -17.60 -32.33
N SER G 413 20.14 -17.58 -33.31
CA SER G 413 20.51 -17.16 -34.64
C SER G 413 20.90 -15.70 -34.67
N ASN G 414 20.28 -14.88 -33.81
CA ASN G 414 20.72 -13.50 -33.64
C ASN G 414 22.16 -13.43 -33.19
N MET G 415 22.55 -14.32 -32.28
CA MET G 415 23.97 -14.41 -31.97
C MET G 415 24.74 -14.97 -33.14
N ASN G 416 24.18 -15.98 -33.81
CA ASN G 416 24.86 -16.57 -34.96
C ASN G 416 24.87 -15.65 -36.17
N ASP G 417 23.92 -14.71 -36.26
CA ASP G 417 24.01 -13.70 -37.32
C ASP G 417 25.18 -12.76 -37.08
N LEU G 418 25.52 -12.51 -35.82
CA LEU G 418 26.67 -11.67 -35.54
C LEU G 418 27.94 -12.38 -35.92
N VAL G 419 28.07 -13.63 -35.48
CA VAL G 419 29.32 -14.36 -35.62
C VAL G 419 29.61 -14.65 -37.09
N SER G 420 28.56 -14.82 -37.89
CA SER G 420 28.66 -15.09 -39.32
C SER G 420 29.38 -13.98 -40.07
N GLU G 421 29.29 -12.75 -39.59
CA GLU G 421 30.06 -11.68 -40.21
C GLU G 421 31.48 -11.69 -39.69
N TYR G 422 31.64 -11.78 -38.37
CA TYR G 422 32.96 -11.86 -37.78
C TYR G 422 33.67 -13.16 -38.09
N GLN G 423 32.95 -14.19 -38.59
CA GLN G 423 33.63 -15.29 -39.26
C GLN G 423 34.40 -14.81 -40.47
N GLN G 424 33.82 -13.88 -41.23
CA GLN G 424 34.44 -13.46 -42.48
C GLN G 424 35.68 -12.63 -42.22
N TYR G 425 35.51 -11.52 -41.53
CA TYR G 425 36.58 -10.54 -41.44
C TYR G 425 37.68 -10.93 -40.48
N GLN G 426 37.56 -12.08 -39.82
CA GLN G 426 38.75 -12.70 -39.23
C GLN G 426 39.78 -13.02 -40.30
N GLU G 427 39.36 -13.71 -41.37
CA GLU G 427 40.24 -14.06 -42.48
C GLU G 427 39.46 -13.97 -43.78
N ALA G 428 39.48 -12.81 -44.43
CA ALA G 428 38.90 -12.64 -45.76
C ALA G 428 39.56 -11.43 -46.41
N GLY G 429 39.01 -11.02 -47.54
CA GLY G 429 39.45 -9.80 -48.21
C GLY G 429 40.75 -9.88 -48.97
N MET H 1 -7.86 -32.17 29.13
CA MET H 1 -6.42 -32.13 29.25
C MET H 1 -5.82 -33.50 29.40
N ARG H 2 -6.34 -34.44 28.60
CA ARG H 2 -5.71 -35.74 28.35
C ARG H 2 -5.61 -36.58 29.62
N GLU H 3 -6.77 -36.93 30.17
CA GLU H 3 -6.86 -37.37 31.56
C GLU H 3 -7.47 -38.75 31.68
N ILE H 4 -7.21 -39.41 32.81
CA ILE H 4 -7.50 -40.81 33.02
C ILE H 4 -8.37 -40.96 34.27
N VAL H 5 -9.37 -41.82 34.20
CA VAL H 5 -10.17 -42.22 35.35
C VAL H 5 -9.88 -43.67 35.66
N HIS H 6 -9.69 -43.97 36.93
CA HIS H 6 -9.03 -45.18 37.40
C HIS H 6 -10.04 -46.19 37.94
N ILE H 7 -9.82 -47.48 37.63
CA ILE H 7 -10.73 -48.55 38.04
C ILE H 7 -9.92 -49.72 38.57
N GLN H 8 -10.26 -50.17 39.78
CA GLN H 8 -9.71 -51.36 40.39
C GLN H 8 -10.81 -52.38 40.62
N ALA H 9 -10.42 -53.63 40.82
CA ALA H 9 -11.37 -54.69 41.08
C ALA H 9 -10.66 -55.85 41.76
N GLY H 10 -11.27 -56.39 42.81
CA GLY H 10 -10.69 -57.50 43.53
C GLY H 10 -9.84 -57.05 44.70
N GLN H 11 -9.52 -58.02 45.57
CA GLN H 11 -8.85 -57.71 46.84
C GLN H 11 -7.46 -57.17 46.59
N CYS H 12 -6.60 -57.98 45.99
CA CYS H 12 -5.30 -57.49 45.60
C CYS H 12 -5.38 -56.53 44.44
N GLY H 13 -6.46 -56.60 43.67
CA GLY H 13 -6.75 -55.56 42.70
C GLY H 13 -7.04 -54.23 43.34
N ASN H 14 -7.45 -54.22 44.60
CA ASN H 14 -7.52 -52.97 45.33
C ASN H 14 -6.28 -52.70 46.16
N GLN H 15 -5.45 -53.72 46.41
CA GLN H 15 -4.25 -53.52 47.21
C GLN H 15 -3.23 -52.66 46.48
N VAL H 16 -3.25 -52.71 45.15
CA VAL H 16 -2.29 -51.98 44.34
C VAL H 16 -2.52 -50.48 44.35
N GLY H 17 -3.61 -50.01 44.94
CA GLY H 17 -3.87 -48.58 44.97
C GLY H 17 -2.83 -47.85 45.78
N ALA H 18 -2.50 -48.37 46.96
CA ALA H 18 -1.60 -47.65 47.87
C ALA H 18 -0.20 -47.58 47.32
N ALA H 19 0.24 -48.65 46.66
CA ALA H 19 1.52 -48.57 45.97
C ALA H 19 1.42 -47.66 44.77
N PHE H 20 0.26 -47.61 44.12
CA PHE H 20 0.10 -46.63 43.06
C PHE H 20 -0.02 -45.23 43.64
N TRP H 21 -1.06 -45.00 44.44
CA TRP H 21 -1.49 -43.62 44.70
C TRP H 21 -0.56 -42.88 45.64
N SER H 22 0.11 -43.57 46.56
CA SER H 22 1.07 -42.86 47.39
C SER H 22 2.32 -42.51 46.61
N THR H 23 2.64 -43.28 45.57
CA THR H 23 3.76 -42.91 44.72
C THR H 23 3.41 -41.74 43.81
N ILE H 24 2.25 -41.80 43.15
CA ILE H 24 1.89 -40.75 42.20
C ILE H 24 1.64 -39.43 42.91
N ALA H 25 1.25 -39.48 44.18
CA ALA H 25 1.26 -38.25 44.98
C ALA H 25 2.68 -37.80 45.24
N ASP H 26 3.54 -38.74 45.62
CA ASP H 26 4.93 -38.42 45.89
C ASP H 26 5.65 -38.07 44.59
N GLU H 27 5.25 -38.68 43.49
CA GLU H 27 5.78 -38.27 42.20
C GLU H 27 5.28 -36.89 41.81
N HIS H 28 4.14 -36.47 42.33
CA HIS H 28 3.65 -35.12 42.05
C HIS H 28 3.78 -34.19 43.23
N GLY H 29 4.46 -34.62 44.30
CA GLY H 29 4.65 -33.75 45.44
C GLY H 29 3.36 -33.52 46.18
N LEU H 30 2.82 -34.55 46.79
CA LEU H 30 1.51 -34.43 47.39
C LEU H 30 1.45 -35.34 48.60
N ASP H 31 0.82 -34.86 49.65
CA ASP H 31 0.91 -35.48 50.96
C ASP H 31 -0.16 -36.55 51.16
N SER H 32 -0.29 -37.01 52.40
CA SER H 32 -1.41 -37.87 52.75
C SER H 32 -2.70 -37.08 52.86
N ALA H 33 -2.60 -35.82 53.29
CA ALA H 33 -3.81 -35.03 53.52
C ALA H 33 -4.41 -34.48 52.23
N GLY H 34 -3.75 -34.67 51.10
CA GLY H 34 -4.28 -34.19 49.86
C GLY H 34 -3.89 -32.77 49.52
N ILE H 35 -3.54 -31.97 50.52
CA ILE H 35 -3.25 -30.57 50.27
C ILE H 35 -1.81 -30.45 49.78
N TYR H 36 -1.51 -29.37 49.08
CA TYR H 36 -0.37 -29.38 48.20
C TYR H 36 0.94 -29.06 48.93
N HIS H 37 1.97 -29.86 48.63
CA HIS H 37 3.34 -29.59 49.08
C HIS H 37 4.29 -30.07 47.98
N GLY H 38 4.72 -29.18 47.11
CA GLY H 38 5.61 -29.54 46.03
C GLY H 38 6.76 -28.57 45.91
N THR H 39 7.90 -29.07 45.45
CA THR H 39 9.09 -28.26 45.42
C THR H 39 9.20 -27.47 44.12
N SER H 40 9.32 -28.16 43.01
CA SER H 40 9.51 -27.47 41.75
C SER H 40 8.17 -26.98 41.22
N GLU H 41 8.24 -26.09 40.24
CA GLU H 41 7.08 -25.77 39.43
C GLU H 41 6.93 -26.70 38.26
N ALA H 42 7.79 -27.70 38.16
CA ALA H 42 7.74 -28.63 37.04
C ALA H 42 6.57 -29.58 37.14
N GLN H 43 6.10 -29.86 38.36
CA GLN H 43 5.11 -30.89 38.58
C GLN H 43 3.69 -30.36 38.66
N HIS H 44 3.30 -29.48 37.74
CA HIS H 44 1.91 -29.00 37.74
C HIS H 44 1.22 -29.04 36.41
N GLU H 45 1.94 -28.85 35.31
CA GLU H 45 1.31 -28.51 34.05
C GLU H 45 0.51 -29.69 33.49
N ARG H 46 0.84 -30.88 33.95
CA ARG H 46 0.10 -32.08 33.59
C ARG H 46 -0.39 -32.80 34.86
N LEU H 47 -0.57 -32.07 35.95
CA LEU H 47 -1.07 -32.65 37.20
C LEU H 47 -2.51 -33.10 37.09
N ASN H 48 -3.25 -32.58 36.11
CA ASN H 48 -4.70 -32.79 36.03
C ASN H 48 -5.08 -34.19 35.61
N VAL H 49 -4.12 -35.08 35.34
CA VAL H 49 -4.43 -36.35 34.71
C VAL H 49 -5.14 -37.28 35.69
N TYR H 50 -4.45 -37.65 36.76
CA TYR H 50 -4.99 -38.59 37.72
C TYR H 50 -5.68 -37.92 38.88
N PHE H 51 -6.07 -36.67 38.74
CA PHE H 51 -6.64 -35.94 39.85
C PHE H 51 -7.69 -34.96 39.35
N ASN H 52 -8.82 -34.95 40.06
CA ASN H 52 -9.84 -33.94 39.90
C ASN H 52 -9.56 -32.84 40.92
N GLU H 53 -9.60 -31.60 40.44
CA GLU H 53 -9.35 -30.43 41.27
C GLU H 53 -10.44 -30.31 42.33
N ALA H 54 -10.10 -29.70 43.45
CA ALA H 54 -11.06 -29.63 44.53
C ALA H 54 -11.07 -28.24 45.13
N ALA H 55 -11.94 -28.07 46.13
CA ALA H 55 -12.08 -26.81 46.86
C ALA H 55 -11.15 -26.85 48.08
N GLY H 56 -10.17 -25.98 48.08
CA GLY H 56 -9.22 -25.90 49.17
C GLY H 56 -8.05 -26.83 48.96
N GLY H 57 -7.73 -27.11 47.70
CA GLY H 57 -6.48 -27.75 47.38
C GLY H 57 -6.46 -29.24 47.61
N LYS H 58 -7.64 -29.84 47.81
CA LYS H 58 -7.71 -31.22 48.29
C LYS H 58 -7.20 -32.21 47.25
N TYR H 59 -7.53 -31.96 45.98
CA TYR H 59 -7.00 -32.69 44.83
C TYR H 59 -7.29 -34.19 44.93
N VAL H 60 -8.57 -34.48 44.76
CA VAL H 60 -9.07 -35.85 44.98
C VAL H 60 -8.50 -36.79 43.93
N PRO H 61 -8.06 -37.97 44.31
CA PRO H 61 -7.72 -38.99 43.32
C PRO H 61 -8.95 -39.49 42.61
N ARG H 62 -8.96 -39.35 41.30
CA ARG H 62 -10.06 -39.87 40.49
C ARG H 62 -9.97 -41.37 40.46
N ALA H 63 -10.69 -42.05 41.34
CA ALA H 63 -10.59 -43.49 41.37
C ALA H 63 -11.90 -44.04 41.85
N VAL H 64 -12.16 -45.30 41.53
CA VAL H 64 -13.29 -46.03 42.07
C VAL H 64 -12.77 -47.39 42.47
N LEU H 65 -12.68 -47.63 43.77
CA LEU H 65 -12.16 -48.88 44.32
C LEU H 65 -13.33 -49.84 44.45
N VAL H 66 -13.30 -50.94 43.71
CA VAL H 66 -14.46 -51.81 43.56
C VAL H 66 -14.10 -53.19 44.08
N ASP H 67 -15.04 -53.82 44.80
CA ASP H 67 -14.85 -55.16 45.33
C ASP H 67 -16.21 -55.78 45.58
N LEU H 68 -16.22 -57.09 45.76
CA LEU H 68 -17.41 -57.82 46.16
C LEU H 68 -17.46 -58.17 47.63
N GLU H 69 -16.36 -58.10 48.36
CA GLU H 69 -16.48 -58.44 49.76
C GLU H 69 -15.80 -57.42 50.65
N PRO H 70 -16.42 -57.07 51.78
CA PRO H 70 -15.93 -55.95 52.58
C PRO H 70 -14.83 -56.34 53.53
N GLY H 71 -14.14 -57.44 53.25
CA GLY H 71 -12.98 -57.78 54.02
C GLY H 71 -11.91 -56.73 53.90
N THR H 72 -11.28 -56.64 52.73
CA THR H 72 -10.10 -55.82 52.60
C THR H 72 -10.40 -54.38 52.24
N MET H 73 -11.67 -54.03 52.04
CA MET H 73 -12.00 -52.68 51.63
C MET H 73 -11.83 -51.69 52.77
N ASP H 74 -12.22 -52.09 53.98
CA ASP H 74 -12.05 -51.23 55.14
C ASP H 74 -10.60 -51.08 55.54
N ALA H 75 -9.74 -52.01 55.11
CA ALA H 75 -8.35 -52.03 55.56
C ALA H 75 -7.61 -50.77 55.11
N VAL H 76 -7.81 -50.35 53.87
CA VAL H 76 -7.23 -49.09 53.45
C VAL H 76 -8.11 -47.92 53.88
N LYS H 77 -9.39 -48.17 54.18
CA LYS H 77 -10.20 -47.13 54.79
C LYS H 77 -9.75 -46.88 56.21
N SER H 78 -9.77 -47.90 57.06
CA SER H 78 -9.46 -47.71 58.46
C SER H 78 -7.97 -47.54 58.72
N GLY H 79 -7.12 -47.87 57.75
CA GLY H 79 -5.69 -47.64 57.88
C GLY H 79 -5.35 -46.20 57.59
N LYS H 80 -4.11 -45.96 57.20
CA LYS H 80 -3.78 -44.63 56.77
C LYS H 80 -4.29 -44.37 55.37
N PHE H 81 -4.11 -43.11 54.93
CA PHE H 81 -4.60 -42.58 53.66
C PHE H 81 -6.11 -42.69 53.55
N GLY H 82 -6.80 -42.59 54.69
CA GLY H 82 -8.24 -42.68 54.71
C GLY H 82 -8.95 -41.42 54.31
N ASN H 83 -8.20 -40.38 54.00
CA ASN H 83 -8.80 -39.14 53.54
C ASN H 83 -8.38 -38.77 52.14
N LEU H 84 -7.81 -39.71 51.39
CA LEU H 84 -7.54 -39.41 49.99
C LEU H 84 -8.76 -39.64 49.13
N PHE H 85 -9.30 -40.85 49.14
CA PHE H 85 -10.42 -41.14 48.27
C PHE H 85 -11.71 -40.59 48.83
N ARG H 86 -12.58 -40.19 47.93
CA ARG H 86 -13.89 -39.79 48.39
C ARG H 86 -14.81 -41.01 48.48
N PRO H 87 -15.50 -41.17 49.61
CA PRO H 87 -16.20 -42.43 49.88
C PRO H 87 -17.41 -42.65 49.03
N ASP H 88 -17.83 -41.65 48.27
CA ASP H 88 -18.88 -41.86 47.29
C ASP H 88 -18.44 -42.83 46.22
N ASN H 89 -17.15 -42.83 45.91
CA ASN H 89 -16.63 -43.77 44.93
C ASN H 89 -16.20 -45.08 45.55
N ILE H 90 -16.12 -45.16 46.87
CA ILE H 90 -15.90 -46.44 47.52
C ILE H 90 -17.22 -47.20 47.46
N ILE H 91 -17.31 -48.23 46.62
CA ILE H 91 -18.45 -49.13 46.66
C ILE H 91 -17.94 -50.55 46.78
N TYR H 92 -18.76 -51.39 47.41
CA TYR H 92 -18.41 -52.77 47.72
C TYR H 92 -19.64 -53.50 48.20
N GLY H 93 -19.79 -54.73 47.74
CA GLY H 93 -20.87 -55.57 48.20
C GLY H 93 -20.46 -56.35 49.42
N GLN H 94 -21.44 -57.04 50.01
CA GLN H 94 -21.18 -57.78 51.23
C GLN H 94 -21.08 -59.28 51.04
N SER H 95 -21.93 -59.87 50.21
CA SER H 95 -21.91 -61.31 50.03
C SER H 95 -20.65 -61.75 49.30
N GLY H 96 -20.11 -62.90 49.71
CA GLY H 96 -18.85 -63.35 49.18
C GLY H 96 -18.92 -63.69 47.71
N ALA H 97 -17.78 -63.51 47.05
CA ALA H 97 -17.65 -63.87 45.64
C ALA H 97 -17.28 -65.33 45.49
N GLY H 98 -16.63 -65.89 46.50
CA GLY H 98 -16.16 -67.26 46.46
C GLY H 98 -15.09 -67.52 45.43
N ASN H 99 -14.47 -66.45 44.92
CA ASN H 99 -13.61 -66.31 43.74
C ASN H 99 -13.95 -67.30 42.62
N ILE H 100 -15.23 -67.31 42.24
CA ILE H 100 -15.75 -68.09 41.12
C ILE H 100 -16.24 -67.12 40.06
N TRP H 101 -15.84 -67.37 38.81
CA TRP H 101 -15.84 -66.32 37.78
C TRP H 101 -17.25 -65.83 37.47
N ALA H 102 -18.12 -66.73 37.01
CA ALA H 102 -19.46 -66.32 36.63
C ALA H 102 -20.30 -65.89 37.82
N LYS H 103 -19.93 -66.32 39.02
CA LYS H 103 -20.49 -65.72 40.21
C LYS H 103 -20.07 -64.27 40.34
N GLY H 104 -18.83 -63.98 39.95
CA GLY H 104 -18.34 -62.61 40.02
C GLY H 104 -18.56 -61.83 38.73
N HIS H 105 -18.48 -62.51 37.60
CA HIS H 105 -18.75 -61.85 36.33
C HIS H 105 -20.25 -61.68 36.14
N TYR H 106 -20.98 -62.78 36.12
CA TYR H 106 -22.30 -62.72 35.52
C TYR H 106 -23.36 -62.27 36.51
N THR H 107 -23.32 -62.75 37.75
CA THR H 107 -24.51 -62.52 38.59
C THR H 107 -24.32 -61.58 39.78
N GLU H 108 -23.29 -61.72 40.60
CA GLU H 108 -23.22 -60.84 41.76
C GLU H 108 -22.75 -59.44 41.42
N GLY H 109 -21.92 -59.31 40.39
CA GLY H 109 -21.60 -57.99 39.89
C GLY H 109 -22.81 -57.31 39.29
N ALA H 110 -23.73 -58.10 38.74
CA ALA H 110 -24.98 -57.55 38.24
C ALA H 110 -25.85 -57.03 39.36
N GLU H 111 -25.62 -57.46 40.60
CA GLU H 111 -26.23 -56.74 41.71
C GLU H 111 -25.57 -55.37 41.88
N LEU H 112 -24.31 -55.24 41.51
CA LEU H 112 -23.62 -53.99 41.77
C LEU H 112 -23.30 -53.17 40.54
N ALA H 113 -23.52 -53.72 39.34
CA ALA H 113 -23.19 -52.98 38.12
C ALA H 113 -24.04 -51.73 37.96
N ASP H 114 -25.29 -51.77 38.44
CA ASP H 114 -26.19 -50.63 38.33
C ASP H 114 -25.68 -49.47 39.15
N ALA H 115 -24.98 -49.75 40.24
CA ALA H 115 -24.33 -48.68 40.97
C ALA H 115 -22.97 -48.33 40.40
N VAL H 116 -22.41 -49.18 39.55
CA VAL H 116 -21.09 -48.89 39.03
C VAL H 116 -21.15 -47.79 37.99
N LEU H 117 -22.04 -47.94 37.01
CA LEU H 117 -21.93 -47.11 35.81
C LEU H 117 -22.38 -45.69 36.06
N ASP H 118 -23.35 -45.50 36.95
CA ASP H 118 -23.72 -44.15 37.36
C ASP H 118 -22.64 -43.45 38.17
N VAL H 119 -21.66 -44.19 38.65
CA VAL H 119 -20.51 -43.53 39.24
C VAL H 119 -19.56 -43.05 38.16
N VAL H 120 -19.22 -43.91 37.21
CA VAL H 120 -18.18 -43.53 36.28
C VAL H 120 -18.69 -42.59 35.19
N ARG H 121 -20.00 -42.53 34.94
CA ARG H 121 -20.50 -41.62 33.93
C ARG H 121 -20.35 -40.17 34.36
N ARG H 122 -20.88 -39.83 35.55
CA ARG H 122 -20.72 -38.49 36.09
C ARG H 122 -19.25 -38.14 36.37
N GLU H 123 -18.40 -39.15 36.54
CA GLU H 123 -16.99 -38.87 36.58
C GLU H 123 -16.44 -38.57 35.19
N ALA H 124 -17.01 -39.21 34.16
CA ALA H 124 -16.47 -39.08 32.82
C ALA H 124 -16.74 -37.71 32.23
N GLU H 125 -18.00 -37.28 32.26
CA GLU H 125 -18.34 -36.02 31.61
C GLU H 125 -17.95 -34.82 32.46
N ALA H 126 -17.55 -35.02 33.72
CA ALA H 126 -16.93 -33.95 34.47
C ALA H 126 -15.47 -33.76 34.11
N CYS H 127 -14.84 -34.76 33.51
CA CYS H 127 -13.50 -34.58 32.97
C CYS H 127 -13.53 -33.73 31.72
N ASP H 128 -12.40 -33.13 31.39
CA ASP H 128 -12.27 -32.35 30.17
C ASP H 128 -12.31 -33.26 28.96
N ALA H 129 -11.26 -34.05 28.80
CA ALA H 129 -11.19 -35.00 27.70
C ALA H 129 -10.52 -36.24 28.22
N LEU H 130 -11.23 -37.36 28.17
CA LEU H 130 -10.69 -38.61 28.69
C LEU H 130 -9.56 -39.08 27.82
N GLN H 131 -8.44 -39.42 28.46
CA GLN H 131 -7.41 -40.08 27.69
C GLN H 131 -7.65 -41.58 27.68
N GLY H 132 -8.07 -42.14 28.81
CA GLY H 132 -8.41 -43.55 28.84
C GLY H 132 -8.84 -43.99 30.22
N PHE H 133 -8.94 -45.31 30.37
CA PHE H 133 -9.31 -45.95 31.61
C PHE H 133 -8.31 -47.04 31.95
N GLN H 134 -8.03 -47.19 33.23
CA GLN H 134 -7.14 -48.23 33.72
C GLN H 134 -7.95 -49.25 34.48
N LEU H 135 -7.77 -50.52 34.15
CA LEU H 135 -8.31 -51.62 34.94
C LEU H 135 -7.17 -52.43 35.50
N THR H 136 -7.08 -52.47 36.81
CA THR H 136 -6.12 -53.29 37.49
C THR H 136 -6.89 -54.28 38.35
N HIS H 137 -6.58 -55.56 38.19
CA HIS H 137 -7.33 -56.64 38.80
C HIS H 137 -6.45 -57.88 38.80
N SER H 138 -7.08 -59.03 38.94
CA SER H 138 -6.37 -60.28 38.91
C SER H 138 -6.87 -61.12 37.74
N LEU H 139 -6.05 -62.06 37.30
CA LEU H 139 -6.56 -63.07 36.40
C LEU H 139 -7.08 -64.27 37.16
N GLY H 140 -6.56 -64.51 38.36
CA GLY H 140 -6.83 -65.77 39.03
C GLY H 140 -8.09 -65.78 39.86
N GLY H 141 -8.47 -64.64 40.43
CA GLY H 141 -9.54 -64.60 41.40
C GLY H 141 -10.90 -64.62 40.76
N GLY H 142 -11.89 -64.14 41.51
CA GLY H 142 -13.20 -64.02 40.94
C GLY H 142 -13.71 -62.61 40.78
N THR H 143 -13.49 -61.78 41.79
CA THR H 143 -14.02 -60.43 41.79
C THR H 143 -13.34 -59.57 40.74
N GLY H 144 -12.02 -59.44 40.85
CA GLY H 144 -11.27 -58.73 39.84
C GLY H 144 -11.28 -59.40 38.49
N SER H 145 -11.34 -60.72 38.46
CA SER H 145 -11.29 -61.40 37.18
C SER H 145 -12.64 -61.38 36.50
N GLY H 146 -13.70 -61.39 37.28
CA GLY H 146 -15.03 -61.47 36.70
C GLY H 146 -15.73 -60.14 36.58
N MET H 147 -15.80 -59.41 37.70
CA MET H 147 -16.70 -58.27 37.72
C MET H 147 -16.15 -57.12 36.90
N GLY H 148 -14.83 -56.96 36.84
CA GLY H 148 -14.25 -55.91 36.03
C GLY H 148 -14.43 -56.13 34.54
N THR H 149 -14.54 -57.38 34.12
CA THR H 149 -14.71 -57.65 32.70
C THR H 149 -16.09 -57.28 32.22
N LEU H 150 -17.12 -57.66 32.98
CA LEU H 150 -18.47 -57.18 32.68
C LEU H 150 -18.53 -55.67 32.83
N LEU H 151 -17.77 -55.13 33.77
CA LEU H 151 -17.65 -53.69 33.90
C LEU H 151 -16.97 -53.09 32.69
N LEU H 152 -16.01 -53.83 32.12
CA LEU H 152 -15.28 -53.31 30.97
C LEU H 152 -16.16 -53.25 29.74
N SER H 153 -16.90 -54.34 29.48
CA SER H 153 -17.63 -54.47 28.23
C SER H 153 -18.78 -53.48 28.14
N LYS H 154 -19.28 -52.98 29.26
CA LYS H 154 -20.24 -51.88 29.20
C LYS H 154 -19.54 -50.58 28.84
N ILE H 155 -18.34 -50.36 29.36
CA ILE H 155 -17.65 -49.11 29.07
C ILE H 155 -17.17 -49.07 27.64
N ARG H 156 -16.66 -50.20 27.15
CA ARG H 156 -16.28 -50.31 25.75
C ARG H 156 -17.51 -50.25 24.85
N GLU H 157 -18.68 -50.63 25.38
CA GLU H 157 -19.93 -50.30 24.69
C GLU H 157 -20.44 -48.91 24.98
N GLU H 158 -19.71 -48.10 25.74
CA GLU H 158 -20.16 -46.71 25.75
C GLU H 158 -19.20 -45.76 25.09
N TYR H 159 -17.91 -46.00 25.13
CA TYR H 159 -16.94 -45.01 24.68
C TYR H 159 -15.99 -45.63 23.65
N PRO H 160 -16.46 -45.84 22.41
CA PRO H 160 -15.67 -46.63 21.46
C PRO H 160 -14.43 -45.94 20.95
N ASP H 161 -14.31 -44.63 21.12
CA ASP H 161 -13.08 -43.97 20.74
C ASP H 161 -12.07 -43.99 21.87
N ARG H 162 -12.55 -43.95 23.11
CA ARG H 162 -11.67 -43.83 24.26
C ARG H 162 -10.88 -45.11 24.50
N MET H 163 -9.60 -44.97 24.80
CA MET H 163 -8.73 -46.14 24.88
C MET H 163 -8.96 -46.88 26.19
N MET H 164 -8.98 -48.21 26.11
CA MET H 164 -9.12 -49.06 27.28
C MET H 164 -7.80 -49.78 27.48
N ALA H 165 -7.14 -49.52 28.59
CA ALA H 165 -5.83 -50.11 28.90
C ALA H 165 -5.91 -50.79 30.25
N THR H 166 -5.38 -52.01 30.33
CA THR H 166 -5.54 -52.83 31.53
C THR H 166 -4.21 -53.37 32.02
N PHE H 167 -4.09 -53.43 33.34
CA PHE H 167 -3.04 -54.15 34.04
C PHE H 167 -3.65 -55.37 34.70
N SER H 168 -2.94 -56.49 34.65
CA SER H 168 -3.41 -57.66 35.37
C SER H 168 -2.22 -58.52 35.73
N VAL H 169 -2.47 -59.46 36.64
CA VAL H 169 -1.42 -60.30 37.19
C VAL H 169 -1.72 -61.76 36.90
N ALA H 170 -0.68 -62.52 36.67
CA ALA H 170 -0.76 -63.82 36.01
C ALA H 170 -1.04 -64.94 36.99
N PRO H 171 -1.55 -66.07 36.50
CA PRO H 171 -1.44 -67.30 37.28
C PRO H 171 0.00 -67.74 37.34
N ALA H 172 0.30 -68.41 38.35
CA ALA H 172 1.70 -68.78 38.47
C ALA H 172 1.99 -70.10 37.78
N PRO H 173 3.22 -70.27 37.30
CA PRO H 173 3.61 -71.61 36.86
C PRO H 173 3.69 -72.62 37.99
N LYS H 174 4.03 -72.18 39.18
CA LYS H 174 4.19 -73.12 40.28
C LYS H 174 3.50 -72.70 41.56
N SER H 175 3.39 -71.41 41.83
CA SER H 175 2.97 -70.87 43.13
C SER H 175 1.52 -70.43 43.11
N SER H 176 0.65 -71.21 42.47
CA SER H 176 -0.73 -70.83 42.21
C SER H 176 -1.55 -70.62 43.48
N ASP H 177 -2.60 -69.82 43.34
CA ASP H 177 -3.50 -69.54 44.46
C ASP H 177 -4.54 -70.64 44.61
N THR H 178 -5.46 -70.75 43.65
CA THR H 178 -6.56 -71.70 43.76
C THR H 178 -6.56 -72.62 42.55
N VAL H 179 -7.52 -73.54 42.55
CA VAL H 179 -7.56 -74.55 41.49
C VAL H 179 -8.48 -74.15 40.37
N VAL H 180 -9.34 -73.15 40.56
CA VAL H 180 -10.12 -72.63 39.46
C VAL H 180 -9.40 -71.51 38.74
N GLU H 181 -8.26 -71.11 39.25
CA GLU H 181 -7.30 -70.19 38.64
C GLU H 181 -6.95 -70.54 37.19
N PRO H 182 -6.99 -71.81 36.75
CA PRO H 182 -7.08 -72.04 35.31
C PRO H 182 -8.35 -71.52 34.66
N TYR H 183 -9.51 -71.73 35.26
CA TYR H 183 -10.74 -71.32 34.61
C TYR H 183 -10.85 -69.81 34.55
N ASN H 184 -10.50 -69.14 35.65
CA ASN H 184 -10.60 -67.69 35.71
C ASN H 184 -9.67 -67.02 34.72
N ALA H 185 -8.52 -67.63 34.45
CA ALA H 185 -7.56 -67.04 33.51
C ALA H 185 -8.09 -67.11 32.10
N THR H 186 -8.65 -68.25 31.72
CA THR H 186 -9.19 -68.40 30.37
C THR H 186 -10.38 -67.50 30.17
N LEU H 187 -11.25 -67.44 31.17
CA LEU H 187 -12.47 -66.66 31.04
C LEU H 187 -12.19 -65.17 31.07
N SER H 188 -11.13 -64.76 31.75
CA SER H 188 -10.75 -63.36 31.75
C SER H 188 -10.21 -62.94 30.40
N MET H 189 -9.41 -63.81 29.76
CA MET H 189 -8.84 -63.46 28.47
C MET H 189 -9.88 -63.41 27.38
N HIS H 190 -11.04 -64.02 27.60
CA HIS H 190 -12.09 -63.95 26.60
C HIS H 190 -12.68 -62.56 26.48
N GLN H 191 -12.61 -61.78 27.54
CA GLN H 191 -13.10 -60.41 27.48
C GLN H 191 -12.00 -59.38 27.26
N LEU H 192 -10.77 -59.64 27.71
CA LEU H 192 -9.70 -58.68 27.54
C LEU H 192 -9.37 -58.49 26.06
N VAL H 193 -9.28 -59.59 25.32
CA VAL H 193 -8.86 -59.51 23.93
C VAL H 193 -9.97 -58.90 23.09
N GLU H 194 -11.22 -59.22 23.40
CA GLU H 194 -12.30 -58.78 22.55
C GLU H 194 -12.64 -57.31 22.79
N ASN H 195 -12.49 -56.84 24.02
CA ASN H 195 -12.91 -55.49 24.30
C ASN H 195 -11.75 -54.51 24.35
N SER H 196 -10.83 -54.70 25.29
CA SER H 196 -9.79 -53.70 25.47
C SER H 196 -8.63 -53.95 24.53
N ASP H 197 -7.77 -52.94 24.44
CA ASP H 197 -6.62 -53.07 23.57
C ASP H 197 -5.54 -53.90 24.25
N GLU H 198 -4.95 -53.36 25.30
CA GLU H 198 -3.68 -53.87 25.80
C GLU H 198 -3.81 -54.35 27.23
N THR H 199 -3.10 -55.44 27.50
CA THR H 199 -3.05 -56.02 28.83
C THR H 199 -1.64 -56.53 29.05
N PHE H 200 -1.16 -56.39 30.27
CA PHE H 200 0.18 -56.82 30.61
C PHE H 200 0.05 -57.93 31.65
N CYS H 201 1.08 -58.76 31.76
CA CYS H 201 0.98 -59.99 32.53
C CYS H 201 2.14 -60.10 33.50
N ILE H 202 1.82 -60.12 34.79
CA ILE H 202 2.82 -60.04 35.84
C ILE H 202 2.69 -61.29 36.69
N ASP H 203 3.71 -62.13 36.68
CA ASP H 203 3.76 -63.26 37.59
C ASP H 203 4.22 -62.81 38.96
N ASN H 204 3.46 -63.18 39.98
CA ASN H 204 3.92 -62.99 41.34
C ASN H 204 5.13 -63.84 41.64
N GLU H 205 5.18 -65.04 41.06
CA GLU H 205 6.32 -65.91 41.31
C GLU H 205 7.57 -65.37 40.64
N ALA H 206 7.45 -64.83 39.43
CA ALA H 206 8.59 -64.15 38.84
C ALA H 206 8.88 -62.85 39.56
N LEU H 207 7.85 -62.18 40.06
CA LEU H 207 8.06 -61.06 40.95
C LEU H 207 8.76 -61.49 42.24
N SER H 208 8.43 -62.68 42.74
CA SER H 208 9.12 -63.21 43.90
C SER H 208 10.56 -63.55 43.56
N SER H 209 10.85 -63.80 42.29
CA SER H 209 12.23 -64.03 41.90
C SER H 209 13.05 -62.76 41.94
N ILE H 210 12.40 -61.60 41.82
CA ILE H 210 13.12 -60.34 41.66
C ILE H 210 13.85 -59.98 42.94
N PHE H 211 13.13 -59.96 44.06
CA PHE H 211 13.80 -59.73 45.33
C PHE H 211 14.67 -60.91 45.71
N ALA H 212 14.36 -62.10 45.19
CA ALA H 212 15.22 -63.24 45.44
C ALA H 212 16.51 -63.15 44.64
N ASN H 213 16.40 -62.94 43.33
CA ASN H 213 17.61 -62.95 42.52
C ASN H 213 18.35 -61.62 42.60
N THR H 214 17.64 -60.50 42.53
CA THR H 214 18.32 -59.23 42.36
C THR H 214 18.50 -58.47 43.68
N LEU H 215 17.42 -58.19 44.39
CA LEU H 215 17.57 -57.33 45.55
C LEU H 215 18.05 -58.09 46.79
N LYS H 216 18.03 -59.42 46.76
CA LYS H 216 18.53 -60.28 47.84
C LYS H 216 17.83 -59.99 49.18
N ILE H 217 16.54 -60.28 49.21
CA ILE H 217 15.81 -60.34 50.46
C ILE H 217 15.11 -61.68 50.51
N LYS H 218 15.36 -62.44 51.58
CA LYS H 218 14.78 -63.78 51.71
C LYS H 218 13.28 -63.74 51.87
N SER H 219 12.74 -62.70 52.52
CA SER H 219 11.36 -62.67 52.96
C SER H 219 10.69 -61.31 52.73
N PRO H 220 10.41 -60.94 51.48
CA PRO H 220 9.56 -59.76 51.28
C PRO H 220 8.09 -60.12 51.41
N SER H 221 7.30 -59.08 51.60
CA SER H 221 5.86 -59.21 51.63
C SER H 221 5.26 -58.42 50.50
N TYR H 222 3.94 -58.57 50.38
CA TYR H 222 3.20 -58.03 49.25
C TYR H 222 3.26 -56.52 49.18
N ASP H 223 3.41 -55.87 50.33
CA ASP H 223 3.60 -54.43 50.35
C ASP H 223 4.99 -54.03 49.87
N ASP H 224 5.90 -54.98 49.70
CA ASP H 224 7.06 -54.75 48.85
C ASP H 224 6.83 -55.23 47.44
N LEU H 225 5.93 -56.19 47.23
CA LEU H 225 5.70 -56.68 45.88
C LEU H 225 4.97 -55.67 45.03
N ASN H 226 3.84 -55.14 45.53
CA ASN H 226 3.15 -54.13 44.76
C ASN H 226 3.93 -52.84 44.69
N HIS H 227 4.77 -52.59 45.69
CA HIS H 227 5.58 -51.38 45.70
C HIS H 227 6.57 -51.35 44.54
N LEU H 228 7.06 -52.50 44.14
CA LEU H 228 7.95 -52.55 42.99
C LEU H 228 7.16 -52.35 41.70
N VAL H 229 6.17 -53.21 41.45
CA VAL H 229 5.39 -53.12 40.21
C VAL H 229 4.44 -51.93 40.19
N SER H 230 4.39 -51.15 41.26
CA SER H 230 3.74 -49.85 41.20
C SER H 230 4.35 -48.98 40.12
N ALA H 231 5.67 -48.83 40.15
CA ALA H 231 6.34 -47.75 39.45
C ALA H 231 6.31 -47.91 37.94
N VAL H 232 5.80 -49.01 37.41
CA VAL H 232 5.61 -49.08 35.98
C VAL H 232 4.30 -48.41 35.61
N MET H 233 3.31 -48.43 36.51
CA MET H 233 2.16 -47.54 36.32
C MET H 233 2.59 -46.11 36.46
N ALA H 234 3.59 -45.84 37.29
CA ALA H 234 4.25 -44.55 37.21
C ALA H 234 5.05 -44.44 35.92
N GLY H 235 5.69 -45.54 35.52
CA GLY H 235 6.60 -45.48 34.38
C GLY H 235 5.90 -45.30 33.05
N VAL H 236 4.71 -45.84 32.90
CA VAL H 236 4.02 -45.67 31.64
C VAL H 236 3.50 -44.25 31.52
N THR H 237 3.22 -43.59 32.65
CA THR H 237 2.81 -42.20 32.60
C THR H 237 3.94 -41.24 32.94
N THR H 238 5.14 -41.75 33.27
CA THR H 238 6.33 -40.93 33.52
C THR H 238 6.62 -40.00 32.34
N SER H 239 6.54 -40.54 31.13
CA SER H 239 6.65 -39.76 29.91
C SER H 239 5.60 -38.68 29.85
N PHE H 240 4.44 -38.95 30.39
CA PHE H 240 3.26 -38.16 30.12
C PHE H 240 3.07 -37.03 31.13
N ARG H 241 3.22 -37.35 32.41
CA ARG H 241 2.60 -36.57 33.48
C ARG H 241 3.39 -35.33 33.88
N PHE H 242 4.59 -35.11 33.36
CA PHE H 242 5.32 -33.87 33.54
C PHE H 242 6.32 -33.76 32.40
N PRO H 243 6.85 -32.53 32.06
CA PRO H 243 7.46 -32.36 30.73
C PRO H 243 8.76 -33.07 30.50
N GLY H 244 9.27 -32.94 29.29
CA GLY H 244 10.48 -33.61 28.87
C GLY H 244 10.96 -33.06 27.55
N GLU H 245 11.45 -33.93 26.68
CA GLU H 245 11.97 -33.49 25.39
C GLU H 245 11.21 -34.07 24.22
N LEU H 246 10.64 -35.25 24.36
CA LEU H 246 10.15 -36.00 23.21
C LEU H 246 8.81 -36.67 23.40
N ASN H 247 8.38 -36.87 24.65
CA ASN H 247 7.59 -38.04 25.03
C ASN H 247 6.23 -38.13 24.38
N SER H 248 5.77 -39.37 24.24
CA SER H 248 4.47 -39.72 23.69
C SER H 248 3.61 -40.37 24.78
N ASP H 249 2.46 -40.87 24.38
CA ASP H 249 1.41 -41.29 25.29
C ASP H 249 1.11 -42.78 25.06
N LEU H 250 0.24 -43.31 25.91
CA LEU H 250 -0.14 -44.71 25.87
C LEU H 250 -0.89 -45.07 24.59
N ARG H 251 -1.70 -44.15 24.04
CA ARG H 251 -2.25 -44.42 22.72
C ARG H 251 -1.19 -44.37 21.67
N LYS H 252 -0.22 -43.48 21.83
CA LYS H 252 0.92 -43.55 20.94
C LYS H 252 1.81 -44.72 21.29
N LEU H 253 1.74 -45.23 22.52
CA LEU H 253 2.38 -46.50 22.82
C LEU H 253 1.53 -47.70 22.46
N ALA H 254 0.35 -47.49 21.90
CA ALA H 254 -0.47 -48.61 21.47
C ALA H 254 -0.31 -48.90 20.00
N VAL H 255 -0.30 -47.86 19.18
CA VAL H 255 -0.32 -48.05 17.75
C VAL H 255 1.05 -48.44 17.23
N ASN H 256 2.10 -48.08 17.94
CA ASN H 256 3.45 -48.39 17.52
C ASN H 256 3.82 -49.85 17.77
N MET H 257 3.21 -50.46 18.77
CA MET H 257 3.65 -51.77 19.21
C MET H 257 3.25 -52.86 18.23
N VAL H 258 1.95 -53.10 18.07
CA VAL H 258 1.52 -54.36 17.48
C VAL H 258 1.03 -54.13 16.05
N PRO H 259 1.39 -55.01 15.11
CA PRO H 259 0.86 -54.92 13.75
C PRO H 259 -0.50 -55.55 13.55
N PHE H 260 -1.24 -55.86 14.61
CA PHE H 260 -2.48 -56.62 14.54
C PHE H 260 -3.33 -56.15 15.70
N PRO H 261 -4.57 -56.59 15.85
CA PRO H 261 -5.30 -56.28 17.09
C PRO H 261 -4.93 -57.09 18.32
N ARG H 262 -3.74 -57.67 18.39
CA ARG H 262 -3.42 -58.68 19.39
C ARG H 262 -2.32 -58.19 20.31
N HIS H 264 -2.70 -57.63 21.47
CA HIS H 264 -1.82 -56.74 22.24
C HIS H 264 -1.48 -57.31 23.61
N PHE H 265 -0.28 -57.90 23.74
CA PHE H 265 0.29 -58.27 25.03
C PHE H 265 1.80 -58.14 24.91
N PHE H 266 2.45 -57.57 25.93
CA PHE H 266 3.91 -57.43 25.97
C PHE H 266 4.37 -57.19 27.41
N MET H 267 5.67 -57.00 27.58
CA MET H 267 6.35 -57.20 28.86
C MET H 267 6.63 -55.91 29.61
N VAL H 268 7.13 -56.07 30.84
CA VAL H 268 7.34 -55.01 31.82
C VAL H 268 8.67 -55.26 32.54
N GLY H 269 9.50 -54.21 32.64
CA GLY H 269 10.67 -54.29 33.49
C GLY H 269 11.14 -52.92 33.94
N PHE H 270 12.04 -52.92 34.92
CA PHE H 270 12.56 -51.68 35.46
C PHE H 270 14.03 -51.53 35.20
N ALA H 271 14.48 -50.30 35.40
CA ALA H 271 15.88 -49.92 35.37
C ALA H 271 15.98 -48.57 36.06
N PRO H 272 16.90 -48.39 37.01
CA PRO H 272 17.84 -49.39 37.50
C PRO H 272 17.23 -50.21 38.62
N LEU H 273 18.05 -51.02 39.27
CA LEU H 273 17.59 -51.87 40.35
C LEU H 273 18.81 -52.40 41.10
N ALA H 274 18.79 -52.34 42.42
CA ALA H 274 19.91 -52.83 43.21
C ALA H 274 19.43 -53.25 44.59
N ALA H 275 20.36 -53.76 45.39
CA ALA H 275 20.07 -54.19 46.75
C ALA H 275 20.33 -53.05 47.72
N ILE H 276 20.42 -53.38 49.01
CA ILE H 276 20.71 -52.38 50.03
C ILE H 276 22.16 -51.95 49.93
N GLY H 277 23.08 -52.88 50.19
CA GLY H 277 24.49 -52.58 50.10
C GLY H 277 25.01 -52.54 48.69
N SER H 278 24.21 -52.98 47.72
CA SER H 278 24.61 -52.93 46.33
C SER H 278 24.40 -51.57 45.69
N SER H 279 24.05 -50.56 46.49
CA SER H 279 23.65 -49.28 45.94
C SER H 279 24.84 -48.53 45.36
N SER H 280 25.79 -48.16 46.21
CA SER H 280 26.80 -47.22 45.79
C SER H 280 27.94 -47.85 45.02
N PHE H 281 27.99 -49.18 44.92
CA PHE H 281 29.14 -49.82 44.28
C PHE H 281 29.06 -49.84 42.77
N GLN H 282 28.15 -49.09 42.17
CA GLN H 282 28.06 -49.06 40.72
C GLN H 282 28.31 -47.65 40.19
N ALA H 283 28.16 -47.54 38.89
CA ALA H 283 28.14 -46.26 38.20
C ALA H 283 26.82 -46.25 37.46
N VAL H 284 25.81 -45.62 38.05
CA VAL H 284 24.45 -45.71 37.50
C VAL H 284 24.36 -44.81 36.27
N SER H 285 24.05 -45.43 35.13
CA SER H 285 24.06 -44.77 33.84
C SER H 285 23.24 -45.61 32.89
N VAL H 286 23.17 -45.17 31.64
CA VAL H 286 22.43 -45.90 30.61
C VAL H 286 23.04 -47.27 30.27
N PRO H 287 24.36 -47.45 30.15
CA PRO H 287 24.87 -48.82 30.07
C PRO H 287 24.58 -49.65 31.31
N GLU H 288 24.51 -49.01 32.47
CA GLU H 288 23.93 -49.68 33.63
C GLU H 288 22.43 -49.90 33.43
N LEU H 289 21.74 -48.99 32.74
CA LEU H 289 20.30 -49.16 32.55
C LEU H 289 19.99 -50.24 31.53
N THR H 290 20.73 -50.26 30.43
CA THR H 290 20.36 -51.10 29.29
C THR H 290 20.51 -52.58 29.59
N GLN H 291 21.44 -52.95 30.46
CA GLN H 291 21.65 -54.36 30.68
C GLN H 291 20.65 -54.92 31.69
N GLN H 292 20.10 -54.07 32.55
CA GLN H 292 18.89 -54.43 33.27
C GLN H 292 17.63 -54.19 32.46
N MET H 293 17.77 -53.91 31.18
CA MET H 293 16.68 -53.98 30.22
C MET H 293 16.93 -55.05 29.17
N PHE H 294 17.63 -56.10 29.55
CA PHE H 294 17.90 -57.20 28.63
C PHE H 294 17.55 -58.56 29.17
N ASP H 295 17.84 -58.85 30.43
CA ASP H 295 17.68 -60.20 30.95
C ASP H 295 16.21 -60.52 31.11
N ALA H 296 15.92 -61.82 31.14
CA ALA H 296 14.62 -62.25 31.62
C ALA H 296 14.50 -62.02 33.12
N ASN H 297 15.63 -61.89 33.81
CA ASN H 297 15.66 -61.73 35.25
C ASN H 297 15.09 -60.39 35.69
N ASN H 298 15.16 -59.38 34.83
CA ASN H 298 14.52 -58.11 35.13
C ASN H 298 13.16 -57.98 34.49
N MET H 299 12.59 -59.08 34.04
CA MET H 299 11.26 -59.01 33.45
C MET H 299 10.21 -59.32 34.51
N MET H 300 8.98 -59.43 34.05
CA MET H 300 7.89 -59.83 34.93
C MET H 300 7.22 -61.11 34.48
N VAL H 301 7.17 -61.34 33.17
CA VAL H 301 6.49 -62.49 32.62
C VAL H 301 7.32 -63.74 32.90
N ALA H 302 6.66 -64.83 33.27
CA ALA H 302 7.36 -66.09 33.48
C ALA H 302 7.53 -66.84 32.15
N ALA H 303 8.20 -66.18 31.22
CA ALA H 303 8.41 -66.71 29.89
C ALA H 303 9.71 -66.17 29.36
N ASP H 304 10.34 -66.94 28.50
CA ASP H 304 11.69 -66.64 28.06
C ASP H 304 11.62 -65.79 26.80
N PRO H 305 12.17 -64.58 26.80
CA PRO H 305 12.43 -63.91 25.53
C PRO H 305 13.49 -64.61 24.71
N ARG H 306 14.39 -65.36 25.34
CA ARG H 306 15.32 -66.16 24.56
C ARG H 306 14.62 -67.30 23.85
N HIS H 307 13.51 -67.80 24.42
CA HIS H 307 12.64 -68.67 23.64
C HIS H 307 11.81 -67.88 22.65
N GLY H 308 11.67 -66.57 22.87
CA GLY H 308 10.80 -65.76 22.05
C GLY H 308 11.57 -64.93 21.05
N ARG H 309 10.91 -63.88 20.56
CA ARG H 309 11.50 -62.96 19.60
C ARG H 309 10.84 -61.60 19.78
N TYR H 310 11.64 -60.56 19.78
CA TYR H 310 11.14 -59.22 20.07
C TYR H 310 10.45 -58.63 18.86
N LEU H 311 9.13 -58.42 18.96
CA LEU H 311 8.39 -57.73 17.92
C LEU H 311 8.73 -56.25 17.87
N THR H 312 8.40 -55.52 18.93
CA THR H 312 8.70 -54.09 19.00
C THR H 312 9.09 -53.72 20.42
N VAL H 313 9.90 -52.66 20.54
CA VAL H 313 10.45 -52.22 21.81
C VAL H 313 10.22 -50.72 21.96
N ALA H 314 9.65 -50.32 23.09
CA ALA H 314 9.65 -48.92 23.47
C ALA H 314 10.37 -48.75 24.80
N ALA H 315 11.19 -47.70 24.89
CA ALA H 315 11.94 -47.41 26.09
C ALA H 315 11.57 -46.03 26.61
N LEU H 316 11.41 -45.93 27.92
CA LEU H 316 10.92 -44.72 28.55
C LEU H 316 11.93 -44.33 29.63
N PHE H 317 12.79 -43.38 29.33
CA PHE H 317 13.80 -42.94 30.29
C PHE H 317 13.31 -41.71 31.02
N ARG H 318 13.74 -41.56 32.27
CA ARG H 318 13.69 -40.27 32.95
C ARG H 318 15.02 -40.00 33.64
N GLY H 319 15.37 -38.72 33.72
CA GLY H 319 16.66 -38.27 34.18
C GLY H 319 17.41 -37.50 33.12
N LYS H 320 18.57 -36.97 33.50
CA LYS H 320 19.50 -36.44 32.51
C LYS H 320 20.02 -37.59 31.67
N VAL H 321 19.63 -37.61 30.40
CA VAL H 321 20.02 -38.70 29.52
C VAL H 321 20.01 -38.17 28.10
N SER H 322 21.05 -38.50 27.35
CA SER H 322 21.14 -38.14 25.95
C SER H 322 20.30 -39.07 25.09
N MET H 323 20.55 -39.01 23.79
CA MET H 323 20.09 -40.07 22.93
C MET H 323 21.22 -41.00 22.54
N LYS H 324 22.39 -40.43 22.24
CA LYS H 324 23.50 -41.23 21.75
C LYS H 324 24.01 -42.19 22.80
N GLU H 325 23.86 -41.85 24.08
CA GLU H 325 24.16 -42.81 25.11
C GLU H 325 23.21 -43.99 25.05
N VAL H 326 21.99 -43.77 24.59
CA VAL H 326 21.12 -44.91 24.35
C VAL H 326 21.39 -45.49 22.96
N ASP H 327 21.66 -44.62 21.98
CA ASP H 327 21.79 -45.04 20.58
C ASP H 327 22.95 -46.02 20.41
N GLU H 328 24.12 -45.61 20.86
CA GLU H 328 25.30 -46.46 20.77
C GLU H 328 25.13 -47.70 21.62
N GLN H 329 24.30 -47.62 22.66
CA GLN H 329 24.14 -48.77 23.51
C GLN H 329 23.07 -49.72 22.99
N ILE H 330 21.99 -49.18 22.41
CA ILE H 330 20.99 -50.05 21.78
C ILE H 330 21.57 -50.73 20.56
N ARG H 331 22.38 -50.01 19.80
CA ARG H 331 23.09 -50.62 18.70
C ARG H 331 24.11 -51.64 19.17
N SER H 332 24.64 -51.49 20.39
CA SER H 332 25.60 -52.45 20.89
C SER H 332 24.92 -53.76 21.28
N VAL H 333 23.62 -53.73 21.56
CA VAL H 333 22.93 -54.95 21.95
C VAL H 333 21.98 -55.46 20.87
N GLN H 334 21.57 -54.63 19.93
CA GLN H 334 20.76 -55.16 18.86
C GLN H 334 21.59 -55.93 17.84
N THR H 335 22.90 -55.78 17.85
CA THR H 335 23.74 -56.46 16.87
C THR H 335 24.07 -57.87 17.32
N LYS H 336 24.48 -58.02 18.58
CA LYS H 336 24.77 -59.33 19.15
C LYS H 336 23.51 -60.16 19.28
N ASN H 337 22.37 -59.51 19.34
CA ASN H 337 21.08 -60.16 19.50
C ASN H 337 20.17 -59.82 18.34
N SER H 338 20.73 -59.89 17.12
CA SER H 338 19.98 -59.51 15.93
C SER H 338 18.97 -60.58 15.53
N ALA H 339 19.28 -61.85 15.75
CA ALA H 339 18.29 -62.89 15.55
C ALA H 339 17.16 -62.83 16.56
N TYR H 340 17.38 -62.15 17.69
CA TYR H 340 16.32 -61.97 18.67
C TYR H 340 15.29 -60.96 18.25
N PHE H 341 15.57 -60.15 17.24
CA PHE H 341 14.57 -59.21 16.75
C PHE H 341 13.72 -59.87 15.66
N VAL H 342 12.63 -59.19 15.33
CA VAL H 342 11.73 -59.61 14.28
C VAL H 342 12.15 -58.94 12.99
N GLU H 343 12.37 -59.73 11.94
CA GLU H 343 12.78 -59.17 10.67
C GLU H 343 11.64 -58.64 9.84
N TRP H 344 10.39 -58.66 10.33
CA TRP H 344 9.32 -57.93 9.66
C TRP H 344 9.58 -56.44 9.73
N ILE H 345 10.18 -55.98 10.81
CA ILE H 345 10.40 -54.57 11.07
C ILE H 345 11.87 -54.36 11.34
N PRO H 346 12.59 -53.67 10.48
CA PRO H 346 13.86 -53.08 10.90
C PRO H 346 13.61 -51.87 11.79
N ASP H 347 14.36 -51.84 12.88
CA ASP H 347 14.37 -50.76 13.88
C ASP H 347 12.98 -50.57 14.50
N ASN H 348 12.56 -51.59 15.24
CA ASN H 348 11.38 -51.60 16.08
C ASN H 348 11.61 -51.02 17.45
N VAL H 349 12.57 -50.14 17.57
CA VAL H 349 12.94 -49.52 18.82
C VAL H 349 12.18 -48.21 18.93
N LEU H 350 11.56 -47.95 20.09
CA LEU H 350 11.00 -46.63 20.33
C LEU H 350 11.68 -45.95 21.51
N LYS H 351 12.17 -44.75 21.26
CA LYS H 351 12.90 -43.98 22.23
C LYS H 351 12.01 -42.88 22.76
N ALA H 352 11.99 -42.70 24.07
CA ALA H 352 11.27 -41.59 24.67
C ALA H 352 11.97 -41.17 25.95
N VAL H 353 12.27 -39.88 26.03
CA VAL H 353 13.16 -39.32 27.03
C VAL H 353 12.38 -38.34 27.88
N CYS H 354 12.24 -38.63 29.17
CA CYS H 354 11.56 -37.75 30.09
C CYS H 354 12.56 -37.08 31.03
N SER H 355 12.10 -36.01 31.66
CA SER H 355 13.03 -35.06 32.27
C SER H 355 13.47 -35.43 33.68
N VAL H 356 12.54 -35.41 34.64
CA VAL H 356 13.04 -35.31 36.02
C VAL H 356 13.29 -36.71 36.55
N PRO H 357 14.23 -36.89 37.46
CA PRO H 357 14.50 -38.21 38.00
C PRO H 357 13.51 -38.57 39.09
N PRO H 358 13.41 -39.84 39.48
CA PRO H 358 12.64 -40.19 40.68
C PRO H 358 13.37 -39.87 41.97
N LYS H 359 12.79 -40.35 43.06
CA LYS H 359 13.35 -40.12 44.38
C LYS H 359 14.67 -40.86 44.56
N ASP H 360 15.73 -40.09 44.83
CA ASP H 360 17.06 -40.57 45.21
C ASP H 360 17.73 -41.44 44.15
N LEU H 361 17.35 -41.28 42.89
CA LEU H 361 17.99 -42.04 41.82
C LEU H 361 18.21 -41.10 40.65
N LYS H 362 19.42 -41.08 40.10
CA LYS H 362 19.73 -40.08 39.09
C LYS H 362 19.11 -40.39 37.74
N MET H 363 18.86 -41.65 37.44
CA MET H 363 18.20 -42.02 36.20
C MET H 363 17.14 -43.05 36.53
N SER H 364 16.24 -43.26 35.57
CA SER H 364 15.30 -44.37 35.65
C SER H 364 14.77 -44.68 34.26
N ALA H 365 14.49 -45.95 34.03
CA ALA H 365 13.99 -46.41 32.76
C ALA H 365 12.87 -47.42 32.99
N THR H 366 11.96 -47.49 32.03
CA THR H 366 10.82 -48.39 32.08
C THR H 366 10.80 -49.22 30.81
N PHE H 367 10.63 -50.53 30.96
CA PHE H 367 10.84 -51.45 29.85
C PHE H 367 9.52 -51.81 29.21
N ILE H 368 9.45 -51.64 27.89
CA ILE H 368 8.39 -52.22 27.09
C ILE H 368 9.06 -52.97 25.95
N GLY H 369 8.92 -54.29 25.97
CA GLY H 369 9.36 -55.12 24.87
C GLY H 369 8.30 -56.15 24.55
N ASN H 370 8.14 -56.45 23.27
CA ASN H 370 7.12 -57.38 22.82
C ASN H 370 7.72 -58.76 22.56
N SER H 371 6.87 -59.77 22.52
CA SER H 371 7.40 -61.11 22.43
C SER H 371 6.53 -61.96 21.53
N THR H 372 7.13 -63.05 21.07
CA THR H 372 6.36 -64.15 20.55
C THR H 372 6.03 -65.17 21.62
N SER H 373 6.88 -65.28 22.64
CA SER H 373 6.75 -66.32 23.65
C SER H 373 5.78 -65.95 24.74
N ILE H 374 4.83 -65.06 24.51
CA ILE H 374 3.76 -64.92 25.48
C ILE H 374 2.75 -66.06 25.30
N GLN H 375 2.82 -66.79 24.19
CA GLN H 375 2.13 -68.06 24.09
C GLN H 375 2.61 -69.07 25.12
N GLU H 376 3.84 -68.93 25.62
CA GLU H 376 4.36 -69.80 26.68
C GLU H 376 3.59 -69.64 27.97
N ILE H 377 2.91 -68.51 28.16
CA ILE H 377 1.85 -68.46 29.15
C ILE H 377 0.72 -69.37 28.75
N PHE H 378 0.17 -69.14 27.56
CA PHE H 378 -1.14 -69.70 27.26
C PHE H 378 -1.08 -71.17 26.90
N ARG H 379 0.04 -71.64 26.33
CA ARG H 379 0.23 -73.08 26.22
C ARG H 379 0.35 -73.71 27.59
N ARG H 380 1.06 -73.05 28.50
CA ARG H 380 1.07 -73.50 29.89
C ARG H 380 -0.31 -73.32 30.51
N LEU H 381 -1.09 -72.34 30.04
CA LEU H 381 -2.46 -72.26 30.49
C LEU H 381 -3.34 -73.32 29.85
N GLY H 382 -3.19 -73.55 28.55
CA GLY H 382 -4.18 -74.29 27.81
C GLY H 382 -4.27 -75.75 28.20
N ASP H 383 -3.13 -76.38 28.37
CA ASP H 383 -3.16 -77.75 28.85
C ASP H 383 -3.40 -77.82 30.36
N GLN H 384 -3.12 -76.73 31.08
CA GLN H 384 -3.62 -76.60 32.44
C GLN H 384 -5.12 -76.36 32.43
N PHE H 385 -5.64 -75.77 31.36
CA PHE H 385 -7.08 -75.59 31.25
C PHE H 385 -7.78 -76.88 30.86
N SER H 386 -7.37 -77.47 29.74
CA SER H 386 -8.14 -78.55 29.13
C SER H 386 -8.11 -79.82 29.95
N ALA H 387 -7.04 -80.04 30.71
CA ALA H 387 -6.97 -81.22 31.55
C ALA H 387 -7.96 -81.14 32.71
N MET H 388 -8.36 -79.93 33.09
CA MET H 388 -9.44 -79.77 34.02
C MET H 388 -10.77 -79.59 33.34
N PHE H 389 -10.86 -79.96 32.07
CA PHE H 389 -12.14 -80.06 31.40
C PHE H 389 -12.53 -81.49 31.08
N ARG H 390 -11.54 -82.41 31.07
CA ARG H 390 -11.74 -83.78 30.63
C ARG H 390 -12.77 -84.50 31.49
N ARG H 391 -12.74 -84.26 32.78
CA ARG H 391 -13.73 -84.82 33.69
C ARG H 391 -14.77 -83.79 34.09
N LYS H 392 -14.80 -82.64 33.40
CA LYS H 392 -15.61 -81.48 33.75
C LYS H 392 -15.38 -81.08 35.20
N ALA H 393 -14.14 -80.72 35.48
CA ALA H 393 -13.73 -80.47 36.86
C ALA H 393 -14.37 -79.20 37.37
N PHE H 394 -15.08 -79.34 38.49
CA PHE H 394 -15.69 -78.24 39.25
C PHE H 394 -16.71 -77.50 38.40
N LEU H 395 -17.32 -78.23 37.48
CA LEU H 395 -18.20 -77.65 36.50
C LEU H 395 -19.51 -77.16 37.11
N HIS H 396 -19.95 -77.76 38.20
CA HIS H 396 -21.25 -77.35 38.74
C HIS H 396 -21.17 -76.05 39.49
N TRP H 397 -19.99 -75.58 39.84
CA TRP H 397 -19.91 -74.23 40.36
C TRP H 397 -19.92 -73.16 39.30
N TYR H 398 -20.11 -73.52 38.05
CA TYR H 398 -20.35 -72.54 37.00
C TYR H 398 -21.70 -72.71 36.34
N THR H 399 -22.02 -73.91 35.88
CA THR H 399 -23.34 -74.16 35.29
C THR H 399 -24.42 -74.16 36.34
N GLY H 400 -24.06 -74.28 37.61
CA GLY H 400 -25.00 -74.00 38.66
C GLY H 400 -25.18 -72.53 38.95
N GLU H 401 -24.87 -71.64 38.00
CA GLU H 401 -24.97 -70.22 38.22
C GLU H 401 -25.51 -69.47 37.00
N GLY H 402 -25.50 -70.09 35.81
CA GLY H 402 -26.19 -69.54 34.66
C GLY H 402 -25.51 -69.54 33.30
N MET H 403 -24.36 -70.20 33.17
CA MET H 403 -23.59 -70.17 31.93
C MET H 403 -23.55 -71.57 31.31
N ASP H 404 -23.74 -71.63 30.00
CA ASP H 404 -23.67 -72.87 29.26
C ASP H 404 -22.24 -73.40 29.18
N GLU H 405 -22.11 -74.71 29.28
CA GLU H 405 -20.79 -75.34 29.30
C GLU H 405 -20.06 -75.17 27.98
N MET H 406 -20.78 -75.09 26.86
CA MET H 406 -20.07 -74.97 25.59
C MET H 406 -19.60 -73.55 25.36
N GLU H 407 -20.19 -72.58 26.07
CA GLU H 407 -19.64 -71.23 26.10
C GLU H 407 -18.26 -71.23 26.75
N PHE H 408 -18.02 -72.13 27.70
CA PHE H 408 -16.69 -72.30 28.26
C PHE H 408 -15.75 -72.94 27.26
N THR H 409 -16.27 -73.75 26.35
CA THR H 409 -15.39 -74.38 25.36
C THR H 409 -14.92 -73.38 24.33
N GLU H 410 -15.67 -72.30 24.14
CA GLU H 410 -15.35 -71.33 23.11
C GLU H 410 -14.07 -70.59 23.42
N ALA H 411 -13.85 -70.28 24.70
CA ALA H 411 -12.68 -69.52 25.10
C ALA H 411 -11.38 -70.30 24.92
N GLU H 412 -11.46 -71.63 24.83
CA GLU H 412 -10.29 -72.42 24.48
C GLU H 412 -9.78 -72.06 23.10
N SER H 413 -10.68 -72.06 22.12
CA SER H 413 -10.31 -71.67 20.77
C SER H 413 -9.92 -70.21 20.73
N ASN H 414 -10.54 -69.38 21.57
CA ASN H 414 -10.11 -67.99 21.71
C ASN H 414 -8.67 -67.91 22.18
N MET H 415 -8.29 -68.78 23.11
CA MET H 415 -6.88 -68.88 23.44
C MET H 415 -6.09 -69.46 22.29
N ASN H 416 -6.64 -70.48 21.63
CA ASN H 416 -5.95 -71.08 20.50
C ASN H 416 -5.92 -70.19 19.27
N ASP H 417 -6.87 -69.24 19.15
CA ASP H 417 -6.76 -68.27 18.08
C ASP H 417 -5.60 -67.32 18.31
N LEU H 418 -5.28 -67.04 19.58
CA LEU H 418 -4.13 -66.20 19.86
C LEU H 418 -2.86 -66.92 19.51
N VAL H 419 -2.73 -68.16 19.97
CA VAL H 419 -1.48 -68.91 19.85
C VAL H 419 -1.17 -69.20 18.40
N SER H 420 -2.22 -69.40 17.60
CA SER H 420 -2.09 -69.68 16.17
C SER H 420 -1.36 -68.60 15.41
N GLU H 421 -1.46 -67.35 15.85
CA GLU H 421 -0.69 -66.31 15.23
C GLU H 421 0.74 -66.30 15.77
N TYR H 422 0.87 -66.37 17.08
CA TYR H 422 2.19 -66.43 17.70
C TYR H 422 2.90 -67.75 17.42
N GLN H 423 2.19 -68.77 16.92
CA GLN H 423 2.87 -69.89 16.28
C GLN H 423 3.65 -69.43 15.07
N GLN H 424 3.08 -68.51 14.29
CA GLN H 424 3.72 -68.12 13.04
C GLN H 424 4.96 -67.29 13.31
N TYR H 425 4.79 -66.16 13.97
CA TYR H 425 5.85 -65.18 14.05
C TYR H 425 6.94 -65.55 15.04
N GLN H 426 6.82 -66.70 15.72
CA GLN H 426 8.00 -67.30 16.34
C GLN H 426 9.03 -67.65 15.28
N GLU H 427 8.63 -68.35 14.22
CA GLU H 427 9.53 -68.73 13.12
C GLU H 427 8.75 -68.67 11.81
N ALA H 428 8.79 -67.52 11.14
CA ALA H 428 8.22 -67.36 9.80
C ALA H 428 8.89 -66.17 9.14
N GLY H 429 8.35 -65.77 7.99
CA GLY H 429 8.80 -64.58 7.30
C GLY H 429 10.12 -64.66 6.57
N MET I 1 -45.84 -3.93 50.12
CA MET I 1 -44.49 -4.32 49.75
C MET I 1 -44.37 -5.80 49.49
N ARG I 2 -45.38 -6.34 48.80
CA ARG I 2 -45.31 -7.67 48.18
C ARG I 2 -45.16 -8.77 49.23
N GLU I 3 -46.16 -8.91 50.08
CA GLU I 3 -46.00 -9.62 51.35
C GLU I 3 -46.99 -10.78 51.47
N ILE I 4 -46.66 -11.72 52.35
CA ILE I 4 -47.35 -12.99 52.45
C ILE I 4 -47.82 -13.18 53.89
N VAL I 5 -49.04 -13.70 54.04
CA VAL I 5 -49.58 -14.12 55.34
C VAL I 5 -49.71 -15.63 55.32
N HIS I 6 -49.30 -16.27 56.41
CA HIS I 6 -48.98 -17.69 56.46
C HIS I 6 -50.08 -18.47 57.16
N ILE I 7 -50.39 -19.65 56.64
CA ILE I 7 -51.46 -20.50 57.17
C ILE I 7 -50.97 -21.95 57.24
N GLN I 8 -51.10 -22.54 58.42
CA GLN I 8 -50.82 -23.95 58.64
C GLN I 8 -52.10 -24.64 59.08
N ALA I 9 -52.11 -25.98 58.96
CA ALA I 9 -53.26 -26.76 59.40
C ALA I 9 -52.82 -28.20 59.63
N GLY I 10 -53.25 -28.78 60.75
CA GLY I 10 -52.92 -30.14 61.08
C GLY I 10 -51.67 -30.23 61.93
N GLN I 11 -51.47 -31.43 62.50
CA GLN I 11 -50.41 -31.63 63.50
C GLN I 11 -49.04 -31.43 62.88
N CYS I 12 -48.71 -32.29 61.92
CA CYS I 12 -47.48 -32.10 61.18
C CYS I 12 -47.55 -30.90 60.27
N GLY I 13 -48.76 -30.50 59.89
CA GLY I 13 -48.93 -29.23 59.23
C GLY I 13 -48.57 -28.05 60.11
N ASN I 14 -48.60 -28.23 61.42
CA ASN I 14 -48.04 -27.22 62.30
C ASN I 14 -46.60 -27.49 62.69
N GLN I 15 -46.12 -28.73 62.49
CA GLN I 15 -44.76 -29.07 62.87
C GLN I 15 -43.76 -28.37 61.96
N VAL I 16 -44.15 -28.12 60.72
CA VAL I 16 -43.26 -27.50 59.74
C VAL I 16 -42.97 -26.03 60.03
N GLY I 17 -43.63 -25.44 61.01
CA GLY I 17 -43.37 -24.04 61.32
C GLY I 17 -41.96 -23.84 61.83
N ALA I 18 -41.52 -24.69 62.76
CA ALA I 18 -40.23 -24.48 63.38
C ALA I 18 -39.09 -24.68 62.41
N ALA I 19 -39.23 -25.63 61.51
CA ALA I 19 -38.24 -25.75 60.45
C ALA I 19 -38.36 -24.59 59.48
N PHE I 20 -39.56 -24.08 59.28
CA PHE I 20 -39.67 -22.87 58.48
C PHE I 20 -39.15 -21.67 59.24
N TRP I 21 -39.79 -21.34 60.37
CA TRP I 21 -39.64 -20.02 60.94
C TRP I 21 -38.30 -19.79 61.60
N SER I 22 -37.67 -20.84 62.15
CA SER I 22 -36.34 -20.63 62.69
C SER I 22 -35.31 -20.47 61.59
N THR I 23 -35.57 -21.03 60.41
CA THR I 23 -34.66 -20.79 59.29
C THR I 23 -34.84 -19.40 58.72
N ILE I 24 -36.09 -18.97 58.48
CA ILE I 24 -36.33 -17.69 57.86
C ILE I 24 -35.92 -16.54 58.79
N ALA I 25 -35.93 -16.78 60.09
CA ALA I 25 -35.30 -15.83 61.00
C ALA I 25 -33.79 -15.86 60.83
N ASP I 26 -33.22 -17.06 60.77
CA ASP I 26 -31.79 -17.21 60.59
C ASP I 26 -31.38 -16.78 59.19
N GLU I 27 -32.25 -16.98 58.20
CA GLU I 27 -31.99 -16.44 56.89
C GLU I 27 -32.08 -14.92 56.88
N HIS I 28 -32.82 -14.33 57.81
CA HIS I 28 -32.89 -12.89 57.90
C HIS I 28 -32.13 -12.32 59.07
N GLY I 29 -31.38 -13.16 59.79
CA GLY I 29 -30.59 -12.68 60.90
C GLY I 29 -31.48 -12.26 62.05
N LEU I 30 -32.14 -13.24 62.67
CA LEU I 30 -33.12 -12.90 63.67
C LEU I 30 -33.13 -14.01 64.70
N ASP I 31 -33.25 -13.63 65.97
CA ASP I 31 -33.02 -14.55 67.07
C ASP I 31 -34.29 -15.30 67.47
N SER I 32 -34.22 -15.98 68.60
CA SER I 32 -35.42 -16.55 69.19
C SER I 32 -36.28 -15.49 69.83
N ALA I 33 -35.66 -14.45 70.37
CA ALA I 33 -36.42 -13.43 71.10
C ALA I 33 -37.12 -12.45 70.18
N GLY I 34 -36.91 -12.54 68.87
CA GLY I 34 -37.56 -11.65 67.96
C GLY I 34 -36.83 -10.36 67.70
N ILE I 35 -35.97 -9.95 68.62
CA ILE I 35 -35.30 -8.66 68.49
C ILE I 35 -34.11 -8.83 67.57
N TYR I 36 -33.67 -7.73 66.95
CA TYR I 36 -32.88 -7.87 65.74
C TYR I 36 -31.40 -8.11 66.03
N HIS I 37 -30.82 -9.05 65.30
CA HIS I 37 -29.37 -9.28 65.29
C HIS I 37 -28.98 -9.74 63.89
N GLY I 38 -28.54 -8.82 63.05
CA GLY I 38 -28.15 -9.16 61.70
C GLY I 38 -26.83 -8.53 61.33
N THR I 39 -26.10 -9.20 60.45
CA THR I 39 -24.75 -8.77 60.13
C THR I 39 -24.75 -7.76 58.99
N SER I 40 -25.18 -8.17 57.81
CA SER I 40 -25.13 -7.29 56.67
C SER I 40 -26.32 -6.34 56.69
N GLU I 41 -26.23 -5.29 55.88
CA GLU I 41 -27.39 -4.48 55.56
C GLU I 41 -28.17 -5.05 54.39
N ALA I 42 -27.75 -6.20 53.87
CA ALA I 42 -28.41 -6.77 52.72
C ALA I 42 -29.76 -7.37 53.08
N GLN I 43 -29.93 -7.78 54.33
CA GLN I 43 -31.12 -8.53 54.73
C GLN I 43 -32.19 -7.66 55.35
N HIS I 44 -32.50 -6.51 54.75
CA HIS I 44 -33.59 -5.69 55.29
C HIS I 44 -34.60 -5.21 54.27
N GLU I 45 -34.19 -4.99 53.03
CA GLU I 45 -35.00 -4.20 52.11
C GLU I 45 -36.26 -4.94 51.70
N ARG I 46 -36.25 -6.25 51.85
CA ARG I 46 -37.41 -7.09 51.61
C ARG I 46 -37.74 -7.92 52.86
N LEU I 47 -37.34 -7.44 54.04
CA LEU I 47 -37.66 -8.14 55.28
C LEU I 47 -39.15 -8.14 55.60
N ASN I 48 -39.90 -7.21 55.03
CA ASN I 48 -41.29 -7.00 55.39
C ASN I 48 -42.22 -8.11 54.94
N VAL I 49 -41.73 -9.13 54.25
CA VAL I 49 -42.61 -10.08 53.60
C VAL I 49 -43.29 -10.98 54.62
N TYR I 50 -42.50 -11.77 55.34
CA TYR I 50 -43.04 -12.73 56.29
C TYR I 50 -43.11 -12.18 57.69
N PHE I 51 -43.09 -10.87 57.86
CA PHE I 51 -43.05 -10.28 59.18
C PHE I 51 -43.80 -8.97 59.22
N ASN I 52 -44.61 -8.82 60.25
CA ASN I 52 -45.24 -7.56 60.59
C ASN I 52 -44.34 -6.84 61.59
N GLU I 53 -44.08 -5.57 61.32
CA GLU I 53 -43.24 -4.75 62.15
C GLU I 53 -43.88 -4.58 63.53
N ALA I 54 -43.07 -4.37 64.54
CA ALA I 54 -43.62 -4.28 65.88
C ALA I 54 -42.99 -3.14 66.64
N ALA I 55 -43.44 -2.97 67.88
CA ALA I 55 -42.94 -1.93 68.78
C ALA I 55 -41.79 -2.52 69.60
N GLY I 56 -40.61 -1.95 69.38
CA GLY I 56 -39.44 -2.41 70.09
C GLY I 56 -38.74 -3.55 69.39
N GLY I 57 -38.90 -3.60 68.07
CA GLY I 57 -38.06 -4.47 67.26
C GLY I 57 -38.49 -5.91 67.26
N LYS I 58 -39.70 -6.20 67.76
CA LYS I 58 -40.09 -7.58 68.05
C LYS I 58 -40.25 -8.40 66.78
N TYR I 59 -40.82 -7.77 65.73
CA TYR I 59 -40.90 -8.33 64.38
C TYR I 59 -41.65 -9.67 64.38
N VAL I 60 -42.94 -9.56 64.61
CA VAL I 60 -43.79 -10.75 64.81
C VAL I 60 -43.88 -11.53 63.49
N PRO I 61 -43.77 -12.84 63.55
CA PRO I 61 -44.08 -13.65 62.37
C PRO I 61 -45.56 -13.61 62.05
N ARG I 62 -45.88 -13.17 60.85
CA ARG I 62 -47.26 -13.17 60.41
C ARG I 62 -47.71 -14.59 60.14
N ALA I 63 -48.33 -15.22 61.11
CA ALA I 63 -48.71 -16.60 60.91
C ALA I 63 -49.95 -16.87 61.73
N VAL I 64 -50.69 -17.89 61.35
CA VAL I 64 -51.81 -18.38 62.12
C VAL I 64 -51.69 -19.89 62.15
N LEU I 65 -51.32 -20.44 63.29
CA LEU I 65 -51.13 -21.88 63.46
C LEU I 65 -52.46 -22.49 63.85
N VAL I 66 -53.01 -23.35 63.00
CA VAL I 66 -54.39 -23.81 63.13
C VAL I 66 -54.39 -25.31 63.31
N ASP I 67 -55.24 -25.80 64.21
CA ASP I 67 -55.36 -27.23 64.46
C ASP I 67 -56.74 -27.49 65.06
N LEU I 68 -57.13 -28.76 65.07
CA LEU I 68 -58.34 -29.20 65.73
C LEU I 68 -58.11 -29.86 67.09
N GLU I 69 -56.89 -30.28 67.39
CA GLU I 69 -56.72 -30.89 68.69
C GLU I 69 -55.51 -30.33 69.43
N PRO I 70 -55.64 -30.10 70.74
CA PRO I 70 -54.60 -29.37 71.47
C PRO I 70 -53.48 -30.26 71.92
N GLY I 71 -53.31 -31.42 71.29
CA GLY I 71 -52.16 -32.24 71.58
C GLY I 71 -50.89 -31.51 71.24
N THR I 72 -50.61 -31.34 69.95
CA THR I 72 -49.30 -30.87 69.55
C THR I 72 -49.20 -29.35 69.51
N MET I 73 -50.28 -28.63 69.79
CA MET I 73 -50.23 -27.18 69.70
C MET I 73 -49.44 -26.58 70.85
N ASP I 74 -49.59 -27.13 72.05
CA ASP I 74 -48.83 -26.64 73.19
C ASP I 74 -47.35 -27.00 73.10
N ALA I 75 -47.01 -27.99 72.28
CA ALA I 75 -45.64 -28.50 72.23
C ALA I 75 -44.67 -27.43 71.73
N VAL I 76 -45.06 -26.70 70.69
CA VAL I 76 -44.23 -25.57 70.29
C VAL I 76 -44.52 -24.35 71.14
N LYS I 77 -45.66 -24.30 71.81
CA LYS I 77 -45.88 -23.25 72.80
C LYS I 77 -45.00 -23.46 74.01
N SER I 78 -45.13 -24.62 74.66
CA SER I 78 -44.39 -24.85 75.89
C SER I 78 -42.92 -25.15 75.65
N GLY I 79 -42.54 -25.48 74.41
CA GLY I 79 -41.14 -25.69 74.09
C GLY I 79 -40.42 -24.37 73.90
N LYS I 80 -39.33 -24.41 73.15
CA LYS I 80 -38.71 -23.14 72.82
C LYS I 80 -39.47 -22.43 71.72
N PHE I 81 -39.00 -21.21 71.42
CA PHE I 81 -39.61 -20.29 70.48
C PHE I 81 -41.04 -19.95 70.86
N GLY I 82 -41.31 -19.93 72.17
CA GLY I 82 -42.64 -19.63 72.66
C GLY I 82 -42.98 -18.16 72.70
N ASN I 83 -42.03 -17.31 72.30
CA ASN I 83 -42.28 -15.89 72.24
C ASN I 83 -42.17 -15.33 70.84
N LEU I 84 -42.18 -16.19 69.82
CA LEU I 84 -42.22 -15.66 68.46
C LEU I 84 -43.64 -15.33 68.04
N PHE I 85 -44.52 -16.32 68.08
CA PHE I 85 -45.86 -16.08 67.60
C PHE I 85 -46.70 -15.33 68.63
N ARG I 86 -47.58 -14.51 68.14
CA ARG I 86 -48.51 -13.89 69.06
C ARG I 86 -49.72 -14.79 69.29
N PRO I 87 -50.08 -15.02 70.55
CA PRO I 87 -51.06 -16.07 70.87
C PRO I 87 -52.47 -15.74 70.45
N ASP I 88 -52.72 -14.50 70.02
CA ASP I 88 -54.00 -14.18 69.44
C ASP I 88 -54.23 -14.96 68.16
N ASN I 89 -53.15 -15.24 67.43
CA ASN I 89 -53.26 -16.03 66.22
C ASN I 89 -53.14 -17.52 66.49
N ILE I 90 -52.73 -17.92 67.68
CA ILE I 90 -52.78 -19.33 68.03
C ILE I 90 -54.25 -19.66 68.32
N ILE I 91 -54.91 -20.40 67.42
CA ILE I 91 -56.22 -20.94 67.72
C ILE I 91 -56.22 -22.43 67.47
N TYR I 92 -57.05 -23.14 68.22
CA TYR I 92 -57.11 -24.59 68.20
C TYR I 92 -58.34 -25.04 68.96
N GLY I 93 -59.02 -26.04 68.42
CA GLY I 93 -60.15 -26.63 69.10
C GLY I 93 -59.70 -27.75 70.00
N GLN I 94 -60.64 -28.27 70.78
CA GLN I 94 -60.32 -29.32 71.74
C GLN I 94 -60.79 -30.71 71.33
N SER I 95 -61.98 -30.82 70.74
CA SER I 95 -62.50 -32.13 70.38
C SER I 95 -61.70 -32.71 69.23
N GLY I 96 -61.50 -34.02 69.27
CA GLY I 96 -60.66 -34.67 68.29
C GLY I 96 -61.24 -34.62 66.89
N ALA I 97 -60.33 -34.62 65.92
CA ALA I 97 -60.74 -34.65 64.52
C ALA I 97 -60.92 -36.09 64.05
N GLY I 98 -60.25 -37.03 64.70
CA GLY I 98 -60.30 -38.42 64.32
C GLY I 98 -59.71 -38.72 62.97
N ASN I 99 -58.93 -37.77 62.42
CA ASN I 99 -58.43 -37.60 61.05
C ASN I 99 -59.39 -38.16 60.00
N ILE I 100 -60.64 -37.74 60.07
CA ILE I 100 -61.68 -38.06 59.09
C ILE I 100 -62.09 -36.77 58.40
N TRP I 101 -62.16 -36.82 57.06
CA TRP I 101 -62.10 -35.60 56.25
C TRP I 101 -63.28 -34.68 56.49
N ALA I 102 -64.50 -35.17 56.25
CA ALA I 102 -65.68 -34.33 56.39
C ALA I 102 -65.95 -33.98 57.84
N LYS I 103 -65.43 -34.77 58.78
CA LYS I 103 -65.42 -34.34 60.16
C LYS I 103 -64.51 -33.13 60.33
N GLY I 104 -63.40 -33.09 59.59
CA GLY I 104 -62.48 -31.98 59.67
C GLY I 104 -62.78 -30.88 58.66
N HIS I 105 -63.24 -31.28 57.48
CA HIS I 105 -63.62 -30.29 56.48
C HIS I 105 -64.96 -29.68 56.82
N TYR I 106 -66.00 -30.50 56.91
CA TYR I 106 -67.32 -29.93 56.79
C TYR I 106 -67.86 -29.45 58.14
N THR I 107 -67.64 -30.20 59.22
CA THR I 107 -68.40 -29.86 60.43
C THR I 107 -67.59 -29.31 61.59
N GLU I 108 -66.48 -29.92 61.99
CA GLU I 108 -65.80 -29.39 63.18
C GLU I 108 -65.00 -28.14 62.88
N GLY I 109 -64.49 -28.00 61.68
CA GLY I 109 -63.90 -26.73 61.27
C GLY I 109 -64.93 -25.63 61.21
N ALA I 110 -66.18 -25.98 60.89
CA ALA I 110 -67.26 -25.02 60.93
C ALA I 110 -67.55 -24.55 62.34
N GLU I 111 -67.15 -25.31 63.37
CA GLU I 111 -67.15 -24.72 64.70
C GLU I 111 -66.05 -23.67 64.82
N LEU I 112 -64.97 -23.80 64.06
CA LEU I 112 -63.86 -22.89 64.25
C LEU I 112 -63.64 -21.94 63.10
N ALA I 113 -64.35 -22.10 61.98
CA ALA I 113 -64.15 -21.21 60.84
C ALA I 113 -64.54 -19.78 61.14
N ASP I 114 -65.54 -19.59 62.00
CA ASP I 114 -66.00 -18.25 62.35
C ASP I 114 -64.92 -17.49 63.11
N ALA I 115 -64.09 -18.20 63.85
CA ALA I 115 -62.94 -17.56 64.46
C ALA I 115 -61.76 -17.48 63.52
N VAL I 116 -61.78 -18.22 62.41
CA VAL I 116 -60.63 -18.20 61.53
C VAL I 116 -60.60 -16.91 60.73
N LEU I 117 -61.71 -16.57 60.09
CA LEU I 117 -61.68 -15.56 59.06
C LEU I 117 -61.54 -14.16 59.63
N ASP I 118 -62.10 -13.92 60.82
CA ASP I 118 -61.87 -12.65 61.50
C ASP I 118 -60.44 -12.49 61.98
N VAL I 119 -59.66 -13.57 62.01
CA VAL I 119 -58.25 -13.40 62.26
C VAL I 119 -57.53 -12.97 60.99
N VAL I 120 -57.78 -13.64 59.87
CA VAL I 120 -56.97 -13.35 58.71
C VAL I 120 -57.41 -12.08 58.00
N ARG I 121 -58.64 -11.62 58.22
CA ARG I 121 -59.07 -10.38 57.56
C ARG I 121 -58.33 -9.17 58.11
N ARG I 122 -58.36 -8.99 59.43
CA ARG I 122 -57.61 -7.91 60.07
C ARG I 122 -56.10 -8.06 59.89
N GLU I 123 -55.62 -9.27 59.63
CA GLU I 123 -54.24 -9.41 59.22
C GLU I 123 -54.05 -8.95 57.79
N ALA I 124 -55.06 -9.14 56.94
CA ALA I 124 -54.89 -8.86 55.51
C ALA I 124 -54.84 -7.37 55.24
N GLU I 125 -55.82 -6.63 55.74
CA GLU I 125 -55.88 -5.22 55.43
C GLU I 125 -54.89 -4.40 56.25
N ALA I 126 -54.26 -5.00 57.26
CA ALA I 126 -53.13 -4.34 57.91
C ALA I 126 -51.84 -4.49 57.10
N CYS I 127 -51.78 -5.45 56.19
CA CYS I 127 -50.66 -5.53 55.26
C CYS I 127 -50.76 -4.43 54.22
N ASP I 128 -49.61 -4.10 53.63
CA ASP I 128 -49.59 -3.13 52.55
C ASP I 128 -50.26 -3.69 51.31
N ALA I 129 -49.62 -4.67 50.69
CA ALA I 129 -50.19 -5.31 49.52
C ALA I 129 -49.84 -6.79 49.61
N LEU I 130 -50.88 -7.62 49.64
CA LEU I 130 -50.68 -9.05 49.79
C LEU I 130 -50.05 -9.61 48.53
N GLN I 131 -48.98 -10.37 48.70
CA GLN I 131 -48.49 -11.09 47.55
C GLN I 131 -49.20 -12.42 47.42
N GLY I 132 -49.46 -13.09 48.54
CA GLY I 132 -50.23 -14.32 48.49
C GLY I 132 -50.38 -14.94 49.86
N PHE I 133 -50.87 -16.18 49.85
CA PHE I 133 -51.09 -16.95 51.05
C PHE I 133 -50.46 -18.33 50.88
N GLN I 134 -49.90 -18.85 51.96
CA GLN I 134 -49.31 -20.18 51.99
C GLN I 134 -50.17 -21.08 52.83
N LEU I 135 -50.53 -22.24 52.28
CA LEU I 135 -51.16 -23.30 53.05
C LEU I 135 -50.26 -24.51 53.07
N THR I 136 -49.83 -24.87 54.27
CA THR I 136 -49.05 -26.07 54.48
C THR I 136 -49.84 -26.97 55.39
N HIS I 137 -50.03 -28.21 54.97
CA HIS I 137 -50.89 -29.15 55.65
C HIS I 137 -50.52 -30.55 55.19
N SER I 138 -51.44 -31.48 55.37
CA SER I 138 -51.24 -32.85 54.93
C SER I 138 -52.28 -33.21 53.90
N LEU I 139 -51.98 -34.20 53.09
CA LEU I 139 -53.03 -34.80 52.28
C LEU I 139 -53.69 -35.95 53.00
N GLY I 140 -52.97 -36.60 53.91
CA GLY I 140 -53.46 -37.85 54.46
C GLY I 140 -54.36 -37.71 55.65
N GLY I 141 -54.15 -36.68 56.47
CA GLY I 141 -54.83 -36.58 57.74
C GLY I 141 -56.26 -36.07 57.59
N GLY I 142 -56.76 -35.53 58.69
CA GLY I 142 -58.07 -34.92 58.61
C GLY I 142 -58.11 -33.42 58.83
N THR I 143 -57.34 -32.95 59.81
CA THR I 143 -57.38 -31.54 60.17
C THR I 143 -56.76 -30.69 59.08
N GLY I 144 -55.50 -30.95 58.75
CA GLY I 144 -54.87 -30.26 57.66
C GLY I 144 -55.47 -30.57 56.31
N SER I 145 -55.97 -31.78 56.12
CA SER I 145 -56.51 -32.12 54.82
C SER I 145 -57.91 -31.57 54.64
N GLY I 146 -58.66 -31.47 55.73
CA GLY I 146 -60.03 -31.05 55.62
C GLY I 146 -60.25 -29.59 55.93
N MET I 147 -59.77 -29.15 57.09
CA MET I 147 -60.18 -27.84 57.57
C MET I 147 -59.54 -26.72 56.78
N GLY I 148 -58.30 -26.93 56.30
CA GLY I 148 -57.66 -25.92 55.48
C GLY I 148 -58.30 -25.72 54.14
N THR I 149 -58.93 -26.77 53.60
CA THR I 149 -59.57 -26.64 52.31
C THR I 149 -60.83 -25.79 52.37
N LEU I 150 -61.67 -26.05 53.37
CA LEU I 150 -62.80 -25.15 53.61
C LEU I 150 -62.31 -23.77 53.98
N LEU I 151 -61.19 -23.70 54.67
CA LEU I 151 -60.56 -22.41 54.95
C LEU I 151 -60.08 -21.77 53.67
N LEU I 152 -59.62 -22.58 52.72
CA LEU I 152 -59.11 -22.02 51.47
C LEU I 152 -60.22 -21.45 50.62
N SER I 153 -61.31 -22.19 50.49
CA SER I 153 -62.37 -21.81 49.55
C SER I 153 -63.10 -20.55 49.98
N LYS I 154 -63.06 -20.22 51.27
CA LYS I 154 -63.58 -18.91 51.67
C LYS I 154 -62.62 -17.80 51.29
N ILE I 155 -61.32 -18.05 51.39
CA ILE I 155 -60.35 -17.01 51.07
C ILE I 155 -60.31 -16.77 49.57
N ARG I 156 -60.36 -17.85 48.79
CA ARG I 156 -60.45 -17.72 47.34
C ARG I 156 -61.78 -17.13 46.93
N GLU I 157 -62.82 -17.28 47.77
CA GLU I 157 -64.02 -16.48 47.59
C GLU I 157 -63.92 -15.10 48.22
N GLU I 158 -62.78 -14.72 48.79
CA GLU I 158 -62.73 -13.31 49.13
C GLU I 158 -61.73 -12.53 48.32
N TYR I 159 -60.63 -13.12 47.89
CA TYR I 159 -59.55 -12.36 47.29
C TYR I 159 -59.18 -12.95 45.92
N PRO I 160 -60.02 -12.73 44.90
CA PRO I 160 -59.85 -13.46 43.64
C PRO I 160 -58.63 -13.04 42.84
N ASP I 161 -58.04 -11.90 43.14
CA ASP I 161 -56.82 -11.53 42.45
C ASP I 161 -55.60 -12.08 43.17
N ARG I 162 -55.68 -12.21 44.49
CA ARG I 162 -54.52 -12.61 45.28
C ARG I 162 -54.19 -14.08 45.06
N MET I 163 -52.89 -14.37 44.93
CA MET I 163 -52.48 -15.71 44.56
C MET I 163 -52.58 -16.65 45.76
N MET I 164 -53.06 -17.85 45.51
CA MET I 164 -53.15 -18.89 46.52
C MET I 164 -52.15 -19.98 46.18
N ALA I 165 -51.15 -20.17 47.03
CA ALA I 165 -50.09 -21.16 46.79
C ALA I 165 -50.02 -22.10 47.98
N THR I 166 -49.94 -23.40 47.72
CA THR I 166 -50.01 -24.39 48.77
C THR I 166 -48.86 -25.38 48.72
N PHE I 167 -48.41 -25.77 49.90
CA PHE I 167 -47.52 -26.90 50.10
C PHE I 167 -48.29 -28.02 50.77
N SER I 168 -48.04 -29.25 50.33
CA SER I 168 -48.66 -30.38 50.99
C SER I 168 -47.78 -31.60 50.81
N VAL I 169 -48.06 -32.62 51.62
CA VAL I 169 -47.25 -33.82 51.67
C VAL I 169 -48.10 -35.03 51.30
N ALA I 170 -47.47 -35.97 50.64
CA ALA I 170 -48.16 -37.00 49.87
C ALA I 170 -48.52 -38.20 50.73
N PRO I 171 -49.48 -39.00 50.29
CA PRO I 171 -49.59 -40.36 50.81
C PRO I 171 -48.43 -41.18 50.33
N ALA I 172 -48.11 -42.13 51.06
CA ALA I 172 -46.93 -42.88 50.67
C ALA I 172 -47.30 -44.02 49.75
N PRO I 173 -46.38 -44.42 48.86
CA PRO I 173 -46.61 -45.68 48.14
C PRO I 173 -46.55 -46.90 49.03
N LYS I 174 -45.77 -46.86 50.09
CA LYS I 174 -45.64 -48.04 50.92
C LYS I 174 -45.77 -47.76 52.41
N SER I 175 -45.36 -46.58 52.88
CA SER I 175 -45.21 -46.28 54.30
C SER I 175 -46.37 -45.45 54.83
N SER I 176 -47.59 -45.80 54.43
CA SER I 176 -48.77 -45.00 54.68
C SER I 176 -49.09 -44.88 56.16
N ASP I 177 -49.81 -43.81 56.51
CA ASP I 177 -50.21 -43.57 57.89
C ASP I 177 -51.48 -44.35 58.24
N THR I 178 -52.61 -43.97 57.63
CA THR I 178 -53.89 -44.57 57.97
C THR I 178 -54.53 -45.15 56.73
N VAL I 179 -55.70 -45.75 56.91
CA VAL I 179 -56.37 -46.42 55.82
C VAL I 179 -57.38 -45.53 55.13
N VAL I 180 -57.76 -44.40 55.73
CA VAL I 180 -58.60 -43.45 55.04
C VAL I 180 -57.77 -42.43 54.28
N GLU I 181 -56.46 -42.49 54.43
CA GLU I 181 -55.47 -41.76 53.65
C GLU I 181 -55.67 -41.84 52.13
N PRO I 182 -56.25 -42.91 51.57
CA PRO I 182 -56.81 -42.76 50.22
C PRO I 182 -57.95 -41.78 50.11
N TYR I 183 -58.91 -41.80 51.04
CA TYR I 183 -60.07 -40.92 50.91
C TYR I 183 -59.67 -39.47 51.09
N ASN I 184 -58.82 -39.20 52.08
CA ASN I 184 -58.40 -37.83 52.37
C ASN I 184 -57.62 -37.23 51.23
N ALA I 185 -56.85 -38.05 50.51
CA ALA I 185 -56.06 -37.55 49.40
C ALA I 185 -56.95 -37.13 48.25
N THR I 186 -57.94 -37.96 47.91
CA THR I 186 -58.84 -37.64 46.83
C THR I 186 -59.68 -36.42 47.16
N LEU I 187 -60.15 -36.35 48.40
CA LEU I 187 -61.03 -35.25 48.78
C LEU I 187 -60.28 -33.96 48.92
N SER I 188 -58.99 -34.03 49.26
CA SER I 188 -58.19 -32.82 49.31
C SER I 188 -57.93 -32.27 47.93
N MET I 189 -57.68 -33.15 46.96
CA MET I 189 -57.41 -32.68 45.60
C MET I 189 -58.62 -32.09 44.94
N HIS I 190 -59.81 -32.38 45.45
CA HIS I 190 -61.02 -31.80 44.88
C HIS I 190 -61.11 -30.32 45.16
N GLN I 191 -60.49 -29.85 46.23
CA GLN I 191 -60.49 -28.42 46.52
C GLN I 191 -59.22 -27.71 46.10
N LEU I 192 -58.08 -28.40 46.06
CA LEU I 192 -56.84 -27.75 45.66
C LEU I 192 -56.88 -27.33 44.21
N VAL I 193 -57.37 -28.21 43.34
CA VAL I 193 -57.35 -27.92 41.91
C VAL I 193 -58.37 -26.86 41.58
N GLU I 194 -59.52 -26.89 42.25
CA GLU I 194 -60.58 -25.97 41.89
C GLU I 194 -60.33 -24.58 42.42
N ASN I 195 -59.69 -24.47 43.58
CA ASN I 195 -59.55 -23.15 44.16
C ASN I 195 -58.15 -22.57 43.95
N SER I 196 -57.13 -23.22 44.49
CA SER I 196 -55.82 -22.62 44.45
C SER I 196 -55.10 -22.95 43.15
N ASP I 197 -54.02 -22.22 42.91
CA ASP I 197 -53.27 -22.46 41.69
C ASP I 197 -52.39 -23.68 41.84
N GLU I 198 -51.39 -23.59 42.71
CA GLU I 198 -50.28 -24.52 42.67
C GLU I 198 -50.15 -25.27 43.99
N THR I 199 -49.80 -26.55 43.86
CA THR I 199 -49.59 -27.42 44.99
C THR I 199 -48.43 -28.34 44.65
N PHE I 200 -47.61 -28.63 45.66
CA PHE I 200 -46.47 -29.48 45.47
C PHE I 200 -46.67 -30.71 46.32
N CYS I 201 -45.98 -31.80 45.97
CA CYS I 201 -46.28 -33.10 46.55
C CYS I 201 -45.00 -33.75 47.05
N ILE I 202 -44.94 -33.98 48.36
CA ILE I 202 -43.72 -34.42 49.02
C ILE I 202 -44.02 -35.75 49.69
N ASP I 203 -43.38 -36.82 49.21
CA ASP I 203 -43.47 -38.11 49.89
C ASP I 203 -42.51 -38.13 51.07
N ASN I 204 -43.05 -38.50 52.23
CA ASN I 204 -42.20 -38.77 53.39
C ASN I 204 -41.31 -39.97 53.13
N GLU I 205 -41.82 -40.96 52.41
CA GLU I 205 -41.02 -42.15 52.14
C GLU I 205 -39.91 -41.83 51.17
N ALA I 206 -40.17 -41.00 50.16
CA ALA I 206 -39.07 -40.55 49.32
C ALA I 206 -38.17 -39.59 50.06
N LEU I 207 -38.74 -38.80 50.97
CA LEU I 207 -37.92 -38.02 51.88
C LEU I 207 -37.09 -38.91 52.79
N SER I 208 -37.65 -40.05 53.20
CA SER I 208 -36.88 -41.00 53.98
C SER I 208 -35.79 -41.64 53.14
N SER I 209 -35.96 -41.66 51.82
CA SER I 209 -34.91 -42.16 50.96
C SER I 209 -33.73 -41.20 50.90
N ILE I 210 -33.96 -39.91 51.16
CA ILE I 210 -32.94 -38.92 50.93
C ILE I 210 -31.80 -39.07 51.93
N PHE I 211 -32.14 -39.11 53.22
CA PHE I 211 -31.11 -39.39 54.20
C PHE I 211 -30.61 -40.82 54.12
N ALA I 212 -31.43 -41.71 53.57
CA ALA I 212 -30.96 -43.09 53.36
C ALA I 212 -29.99 -43.15 52.20
N ASN I 213 -30.39 -42.62 51.04
CA ASN I 213 -29.53 -42.77 49.88
C ASN I 213 -28.39 -41.76 49.88
N THR I 214 -28.68 -40.51 50.21
CA THR I 214 -27.69 -39.46 49.99
C THR I 214 -26.90 -39.12 51.26
N LEU I 215 -27.59 -38.73 52.33
CA LEU I 215 -26.85 -38.25 53.48
C LEU I 215 -26.32 -39.36 54.37
N LYS I 216 -26.80 -40.59 54.18
CA LYS I 216 -26.33 -41.79 54.88
C LYS I 216 -26.50 -41.65 56.40
N ILE I 217 -27.75 -41.57 56.83
CA ILE I 217 -28.08 -41.71 58.23
C ILE I 217 -29.15 -42.78 58.35
N LYS I 218 -28.88 -43.80 59.15
CA LYS I 218 -29.81 -44.93 59.28
C LYS I 218 -31.11 -44.51 59.95
N SER I 219 -31.07 -43.54 60.87
CA SER I 219 -32.19 -43.23 61.75
C SER I 219 -32.39 -41.74 61.94
N PRO I 220 -32.86 -41.02 60.92
CA PRO I 220 -33.29 -39.65 61.18
C PRO I 220 -34.70 -39.60 61.74
N SER I 221 -35.01 -38.46 62.33
CA SER I 221 -36.34 -38.19 62.82
C SER I 221 -36.93 -37.03 62.08
N TYR I 222 -38.19 -36.77 62.39
CA TYR I 222 -39.00 -35.80 61.66
C TYR I 222 -38.45 -34.40 61.78
N ASP I 223 -37.77 -34.10 62.89
CA ASP I 223 -37.12 -32.82 63.03
C ASP I 223 -35.87 -32.71 62.17
N ASP I 224 -35.41 -33.80 61.58
CA ASP I 224 -34.53 -33.71 60.43
C ASP I 224 -35.29 -33.76 59.12
N LEU I 225 -36.47 -34.36 59.11
CA LEU I 225 -37.23 -34.44 57.86
C LEU I 225 -37.77 -33.10 57.46
N ASN I 226 -38.47 -32.42 58.36
CA ASN I 226 -38.98 -31.10 58.02
C ASN I 226 -37.86 -30.10 57.86
N HIS I 227 -36.74 -30.32 58.54
CA HIS I 227 -35.60 -29.43 58.44
C HIS I 227 -35.03 -29.39 57.04
N LEU I 228 -35.08 -30.52 56.34
CA LEU I 228 -34.61 -30.53 54.96
C LEU I 228 -35.61 -29.83 54.06
N VAL I 229 -36.86 -30.29 54.04
CA VAL I 229 -37.87 -29.71 53.16
C VAL I 229 -38.33 -28.34 53.61
N SER I 230 -37.82 -27.84 54.74
CA SER I 230 -37.99 -26.44 55.07
C SER I 230 -37.45 -25.54 53.99
N ALA I 231 -36.20 -25.77 53.59
CA ALA I 231 -35.44 -24.79 52.85
C ALA I 231 -35.92 -24.57 51.44
N VAL I 232 -36.89 -25.32 50.96
CA VAL I 232 -37.49 -25.01 49.69
C VAL I 232 -38.55 -23.93 49.87
N MET I 233 -39.20 -23.90 51.04
CA MET I 233 -39.98 -22.72 51.38
C MET I 233 -39.07 -21.52 51.55
N ALA I 234 -37.86 -21.75 52.02
CA ALA I 234 -36.86 -20.70 51.90
C ALA I 234 -36.45 -20.52 50.45
N GLY I 235 -36.36 -21.62 49.70
CA GLY I 235 -35.83 -21.55 48.35
C GLY I 235 -36.76 -20.87 47.37
N VAL I 236 -38.07 -21.02 47.56
CA VAL I 236 -38.97 -20.38 46.64
C VAL I 236 -39.00 -18.88 46.90
N THR I 237 -38.72 -18.45 48.12
CA THR I 237 -38.63 -17.04 48.41
C THR I 237 -37.20 -16.53 48.48
N THR I 238 -36.21 -17.42 48.30
CA THR I 238 -34.79 -17.04 48.24
C THR I 238 -34.54 -15.97 47.18
N SER I 239 -35.12 -16.17 46.01
CA SER I 239 -35.11 -15.19 44.93
C SER I 239 -35.70 -13.87 45.38
N PHE I 240 -36.69 -13.94 46.25
CA PHE I 240 -37.56 -12.81 46.49
C PHE I 240 -37.07 -11.95 47.64
N ARG I 241 -36.69 -12.58 48.75
CA ARG I 241 -36.68 -11.93 50.05
C ARG I 241 -35.46 -11.08 50.33
N PHE I 242 -34.44 -11.10 49.47
CA PHE I 242 -33.31 -10.17 49.57
C PHE I 242 -32.69 -10.08 48.18
N PRO I 243 -31.91 -9.00 47.86
CA PRO I 243 -31.67 -8.70 46.43
C PRO I 243 -30.80 -9.68 45.68
N GLY I 244 -30.63 -9.41 44.40
CA GLY I 244 -29.88 -10.26 43.52
C GLY I 244 -29.62 -9.58 42.20
N GLU I 245 -29.71 -10.31 41.10
CA GLU I 245 -29.45 -9.74 39.79
C GLU I 245 -30.66 -9.80 38.86
N LEU I 246 -31.54 -10.78 39.03
CA LEU I 246 -32.54 -11.07 38.02
C LEU I 246 -33.91 -11.37 38.57
N ASN I 247 -34.03 -11.73 39.84
CA ASN I 247 -35.02 -12.70 40.31
C ASN I 247 -36.46 -12.25 40.15
N SER I 248 -37.33 -13.24 40.00
CA SER I 248 -38.77 -13.10 39.88
C SER I 248 -39.45 -13.71 41.10
N ASP I 249 -40.78 -13.78 41.04
CA ASP I 249 -41.61 -14.09 42.18
C ASP I 249 -42.45 -15.34 41.88
N LEU I 250 -43.17 -15.79 42.90
CA LEU I 250 -43.99 -16.98 42.79
C LEU I 250 -45.13 -16.81 41.80
N ARG I 251 -45.70 -15.61 41.68
CA ARG I 251 -46.67 -15.40 40.60
C ARG I 251 -45.99 -15.40 39.27
N LYS I 252 -44.77 -14.87 39.21
CA LYS I 252 -44.01 -15.04 38.00
C LYS I 252 -43.50 -16.46 37.86
N LEU I 253 -43.40 -17.21 38.96
CA LEU I 253 -43.17 -18.64 38.87
C LEU I 253 -44.44 -19.44 38.65
N ALA I 254 -45.58 -18.78 38.55
CA ALA I 254 -46.80 -19.49 38.27
C ALA I 254 -47.17 -19.47 36.81
N VAL I 255 -47.04 -18.30 36.18
CA VAL I 255 -47.52 -18.14 34.83
C VAL I 255 -46.56 -18.75 33.82
N ASN I 256 -45.29 -18.89 34.19
CA ASN I 256 -44.30 -19.45 33.30
C ASN I 256 -44.39 -20.96 33.21
N MET I 257 -44.86 -21.60 34.27
CA MET I 257 -44.78 -23.05 34.35
C MET I 257 -45.79 -23.72 33.43
N VAL I 258 -47.08 -23.55 33.68
CA VAL I 258 -48.04 -24.47 33.11
C VAL I 258 -48.80 -23.80 31.97
N PRO I 259 -49.04 -24.47 30.85
CA PRO I 259 -49.87 -23.94 29.77
C PRO I 259 -51.36 -24.10 29.96
N PHE I 260 -51.84 -24.43 31.15
CA PHE I 260 -53.22 -24.80 31.40
C PHE I 260 -53.51 -24.39 32.84
N PRO I 261 -54.74 -24.49 33.34
CA PRO I 261 -54.94 -24.29 34.78
C PRO I 261 -54.55 -25.44 35.69
N ARG I 262 -53.65 -26.33 35.28
CA ARG I 262 -53.43 -27.58 35.96
C ARG I 262 -52.01 -27.64 36.53
N HIS I 264 -51.85 -27.30 37.80
CA HIS I 264 -50.55 -26.89 38.35
C HIS I 264 -50.05 -27.84 39.43
N PHE I 265 -49.14 -28.73 39.07
CA PHE I 265 -48.38 -29.54 40.03
C PHE I 265 -47.01 -29.81 39.42
N PHE I 266 -45.96 -29.70 40.23
CA PHE I 266 -44.58 -29.98 39.80
C PHE I 266 -43.70 -30.22 41.02
N MET I 267 -42.40 -30.44 40.77
CA MET I 267 -41.51 -31.12 41.70
C MET I 267 -40.62 -30.16 42.49
N VAL I 268 -39.89 -30.75 43.44
CA VAL I 268 -39.07 -30.05 44.42
C VAL I 268 -37.77 -30.80 44.62
N GLY I 269 -36.63 -30.09 44.58
CA GLY I 269 -35.37 -30.68 44.96
C GLY I 269 -34.36 -29.63 45.41
N PHE I 270 -33.28 -30.10 46.02
CA PHE I 270 -32.24 -29.22 46.52
C PHE I 270 -30.94 -29.43 45.80
N ALA I 271 -30.07 -28.45 46.00
CA ALA I 271 -28.69 -28.47 45.56
C ALA I 271 -27.95 -27.40 46.34
N PRO I 272 -26.81 -27.72 46.95
CA PRO I 272 -26.16 -29.03 46.95
C PRO I 272 -26.67 -29.87 48.09
N LEU I 273 -26.03 -31.02 48.31
CA LEU I 273 -26.43 -31.94 49.36
C LEU I 273 -25.30 -32.93 49.57
N ALA I 274 -24.93 -33.19 50.83
CA ALA I 274 -23.87 -34.15 51.12
C ALA I 274 -24.06 -34.73 52.50
N ALA I 275 -23.18 -35.65 52.87
CA ALA I 275 -23.21 -36.29 54.17
C ALA I 275 -22.32 -35.52 55.16
N ILE I 276 -22.01 -36.15 56.28
CA ILE I 276 -21.12 -35.54 57.27
C ILE I 276 -19.70 -35.51 56.74
N GLY I 277 -19.11 -36.69 56.55
CA GLY I 277 -17.76 -36.78 56.03
C GLY I 277 -17.67 -36.56 54.55
N SER I 278 -18.80 -36.51 53.85
CA SER I 278 -18.81 -36.25 52.43
C SER I 278 -18.73 -34.78 52.09
N SER I 279 -18.47 -33.93 53.08
CA SER I 279 -18.55 -32.49 52.88
C SER I 279 -17.39 -31.99 52.03
N SER I 280 -16.19 -32.11 52.56
CA SER I 280 -15.07 -31.41 51.96
C SER I 280 -14.47 -32.14 50.78
N PHE I 281 -14.89 -33.37 50.49
CA PHE I 281 -14.25 -34.12 49.41
C PHE I 281 -14.75 -33.77 48.03
N GLN I 282 -15.48 -32.68 47.87
CA GLN I 282 -15.95 -32.28 46.57
C GLN I 282 -15.39 -30.91 46.18
N ALA I 283 -15.84 -30.46 45.02
CA ALA I 283 -15.64 -29.10 44.56
C ALA I 283 -17.03 -28.56 44.32
N VAL I 284 -17.57 -27.84 45.30
CA VAL I 284 -18.97 -27.42 45.23
C VAL I 284 -19.09 -26.26 44.24
N SER I 285 -19.89 -26.48 43.19
CA SER I 285 -20.01 -25.57 42.07
C SER I 285 -21.30 -25.91 41.35
N VAL I 286 -21.56 -25.19 40.27
CA VAL I 286 -22.76 -25.42 39.45
C VAL I 286 -22.77 -26.77 38.75
N PRO I 287 -21.66 -27.29 38.16
CA PRO I 287 -21.68 -28.69 37.73
C PRO I 287 -21.89 -29.67 38.88
N GLU I 288 -21.42 -29.32 40.08
CA GLU I 288 -21.84 -30.07 41.25
C GLU I 288 -23.32 -29.81 41.55
N LEU I 289 -23.83 -28.61 41.26
CA LEU I 289 -25.23 -28.33 41.55
C LEU I 289 -26.16 -29.01 40.56
N THR I 290 -25.80 -28.97 39.27
CA THR I 290 -26.73 -29.40 38.22
C THR I 290 -27.00 -30.88 38.26
N GLN I 291 -26.04 -31.68 38.69
CA GLN I 291 -26.28 -33.11 38.65
C GLN I 291 -27.08 -33.59 39.84
N GLN I 292 -27.06 -32.85 40.95
CA GLN I 292 -28.07 -33.03 41.98
C GLN I 292 -29.35 -32.25 41.68
N MET I 293 -29.48 -31.73 40.46
CA MET I 293 -30.75 -31.28 39.94
C MET I 293 -31.18 -32.10 38.74
N PHE I 294 -30.80 -33.37 38.71
CA PHE I 294 -31.17 -34.24 37.61
C PHE I 294 -31.81 -35.54 38.04
N ASP I 295 -31.28 -36.18 39.08
CA ASP I 295 -31.74 -37.52 39.43
C ASP I 295 -33.12 -37.46 40.04
N ALA I 296 -33.81 -38.60 39.99
CA ALA I 296 -35.00 -38.75 40.82
C ALA I 296 -34.62 -38.85 42.29
N ASN I 297 -33.36 -39.21 42.57
CA ASN I 297 -32.89 -39.40 43.92
C ASN I 297 -32.82 -38.10 44.70
N ASN I 298 -32.66 -36.97 44.02
CA ASN I 298 -32.72 -35.68 44.69
C ASN I 298 -34.09 -35.04 44.56
N MET I 299 -35.09 -35.80 44.18
CA MET I 299 -36.42 -35.24 44.09
C MET I 299 -37.19 -35.47 45.38
N MET I 300 -38.46 -35.13 45.36
CA MET I 300 -39.33 -35.42 46.49
C MET I 300 -40.49 -36.32 46.12
N VAL I 301 -40.97 -36.21 44.89
CA VAL I 301 -42.12 -36.97 44.45
C VAL I 301 -41.72 -38.42 44.27
N ALA I 302 -42.58 -39.34 44.67
CA ALA I 302 -42.32 -40.77 44.47
C ALA I 302 -42.78 -41.20 43.08
N ALA I 303 -42.20 -40.55 42.08
CA ALA I 303 -42.56 -40.79 40.69
C ALA I 303 -41.36 -40.52 39.83
N ASP I 304 -41.29 -41.21 38.71
CA ASP I 304 -40.10 -41.19 37.89
C ASP I 304 -40.21 -40.10 36.84
N PRO I 305 -39.32 -39.11 36.83
CA PRO I 305 -39.21 -38.27 35.66
C PRO I 305 -38.72 -39.02 34.43
N ARG I 306 -37.98 -40.12 34.61
CA ARG I 306 -37.62 -40.93 33.46
C ARG I 306 -38.85 -41.64 32.89
N HIS I 307 -39.84 -41.93 33.73
CA HIS I 307 -41.14 -42.31 33.18
C HIS I 307 -41.90 -41.12 32.64
N GLY I 308 -41.54 -39.91 33.08
CA GLY I 308 -42.25 -38.73 32.71
C GLY I 308 -41.56 -37.93 31.63
N ARG I 309 -41.93 -36.65 31.54
CA ARG I 309 -41.36 -35.74 30.57
C ARG I 309 -41.46 -34.33 31.13
N TYR I 310 -40.37 -33.58 31.01
CA TYR I 310 -40.30 -32.26 31.64
C TYR I 310 -41.06 -31.23 30.81
N LEU I 311 -42.16 -30.70 31.38
CA LEU I 311 -42.88 -29.61 30.75
C LEU I 311 -42.09 -28.31 30.79
N THR I 312 -41.85 -27.78 31.99
CA THR I 312 -41.08 -26.55 32.15
C THR I 312 -40.20 -26.65 33.39
N VAL I 313 -39.09 -25.91 33.37
CA VAL I 313 -38.09 -25.95 34.42
C VAL I 313 -37.76 -24.52 34.85
N ALA I 314 -37.82 -24.25 36.15
CA ALA I 314 -37.25 -23.04 36.69
C ALA I 314 -36.18 -23.39 37.71
N ALA I 315 -35.07 -22.66 37.66
CA ALA I 315 -33.95 -22.87 38.57
C ALA I 315 -33.68 -21.62 39.36
N LEU I 316 -33.44 -21.78 40.65
CA LEU I 316 -33.29 -20.67 41.57
C LEU I 316 -31.97 -20.84 42.29
N PHE I 317 -30.94 -20.11 41.85
CA PHE I 317 -29.64 -20.21 42.46
C PHE I 317 -29.45 -19.10 43.48
N ARG I 318 -28.66 -19.37 44.51
CA ARG I 318 -28.09 -18.32 45.34
C ARG I 318 -26.61 -18.59 45.58
N GLY I 319 -25.85 -17.51 45.71
CA GLY I 319 -24.40 -17.56 45.77
C GLY I 319 -23.77 -16.79 44.62
N LYS I 320 -22.45 -16.72 44.65
CA LYS I 320 -21.69 -16.24 43.50
C LYS I 320 -21.84 -17.25 42.38
N VAL I 321 -22.55 -16.87 41.33
CA VAL I 321 -22.81 -17.78 40.23
C VAL I 321 -23.04 -16.96 38.97
N SER I 322 -22.42 -17.37 37.88
CA SER I 322 -22.60 -16.73 36.59
C SER I 322 -23.91 -17.17 35.95
N MET I 323 -24.02 -16.88 34.67
CA MET I 323 -25.03 -17.54 33.87
C MET I 323 -24.44 -18.62 33.01
N LYS I 324 -23.28 -18.35 32.41
CA LYS I 324 -22.67 -19.29 31.47
C LYS I 324 -22.25 -20.57 32.15
N GLU I 325 -21.91 -20.50 33.44
CA GLU I 325 -21.68 -21.73 34.17
C GLU I 325 -22.94 -22.56 34.27
N VAL I 326 -24.10 -21.91 34.29
CA VAL I 326 -25.34 -22.67 34.19
C VAL I 326 -25.66 -22.95 32.73
N ASP I 327 -25.41 -21.99 31.84
CA ASP I 327 -25.81 -22.10 30.44
C ASP I 327 -25.15 -23.28 29.76
N GLU I 328 -23.82 -23.33 29.84
CA GLU I 328 -23.07 -24.42 29.25
C GLU I 328 -23.41 -25.73 29.93
N GLN I 329 -23.85 -25.67 31.18
CA GLN I 329 -24.14 -26.91 31.88
C GLN I 329 -25.56 -27.37 31.62
N ILE I 330 -26.52 -26.44 31.51
CA ILE I 330 -27.89 -26.83 31.15
C ILE I 330 -27.93 -27.34 29.73
N ARG I 331 -27.17 -26.70 28.84
CA ARG I 331 -27.03 -27.21 27.49
C ARG I 331 -26.33 -28.56 27.46
N SER I 332 -25.46 -28.83 28.43
CA SER I 332 -24.78 -30.12 28.44
C SER I 332 -25.73 -31.24 28.86
N VAL I 333 -26.81 -30.92 29.56
CA VAL I 333 -27.73 -31.96 29.99
C VAL I 333 -29.06 -31.93 29.25
N GLN I 334 -29.41 -30.82 28.61
CA GLN I 334 -30.62 -30.84 27.82
C GLN I 334 -30.41 -31.55 26.48
N THR I 335 -29.17 -31.77 26.07
CA THR I 335 -28.92 -32.40 24.78
C THR I 335 -28.97 -33.92 24.89
N LYS I 336 -28.30 -34.46 25.92
CA LYS I 336 -28.31 -35.90 26.17
C LYS I 336 -29.69 -36.36 26.61
N ASN I 337 -30.49 -35.45 27.14
CA ASN I 337 -31.82 -35.74 27.63
C ASN I 337 -32.85 -34.90 26.89
N SER I 338 -32.71 -34.83 25.56
CA SER I 338 -33.58 -34.00 24.76
C SER I 338 -34.96 -34.61 24.59
N ALA I 339 -35.05 -35.94 24.52
CA ALA I 339 -36.35 -36.59 24.52
C ALA I 339 -37.06 -36.45 25.85
N TYR I 340 -36.32 -36.15 26.91
CA TYR I 340 -36.95 -35.92 28.21
C TYR I 340 -37.65 -34.59 28.30
N PHE I 341 -37.41 -33.68 27.38
CA PHE I 341 -38.14 -32.42 27.38
C PHE I 341 -39.41 -32.54 26.57
N VAL I 342 -40.26 -31.53 26.71
CA VAL I 342 -41.51 -31.42 25.98
C VAL I 342 -41.25 -30.61 24.73
N GLU I 343 -41.61 -31.17 23.57
CA GLU I 343 -41.40 -30.46 22.32
C GLU I 343 -42.49 -29.45 22.00
N TRP I 344 -43.48 -29.25 22.89
CA TRP I 344 -44.38 -28.12 22.71
C TRP I 344 -43.63 -26.81 22.89
N ILE I 345 -42.64 -26.80 23.76
CA ILE I 345 -41.89 -25.61 24.11
C ILE I 345 -40.43 -25.89 23.89
N PRO I 346 -39.78 -25.23 22.96
CA PRO I 346 -38.34 -25.12 23.00
C PRO I 346 -37.91 -24.15 24.08
N ASP I 347 -36.91 -24.58 24.85
CA ASP I 347 -36.27 -23.81 25.92
C ASP I 347 -37.28 -23.39 26.98
N ASN I 348 -37.79 -24.40 27.68
CA ASN I 348 -38.64 -24.28 28.85
C ASN I 348 -37.85 -24.13 30.14
N VAL I 349 -36.66 -23.60 30.04
CA VAL I 349 -35.77 -23.42 31.17
C VAL I 349 -35.98 -22.02 31.71
N LEU I 350 -36.15 -21.87 33.03
CA LEU I 350 -36.13 -20.53 33.63
C LEU I 350 -34.97 -20.37 34.59
N LYS I 351 -34.19 -19.33 34.35
CA LYS I 351 -33.01 -19.05 35.11
C LYS I 351 -33.30 -17.89 36.05
N ALA I 352 -32.89 -18.03 37.30
CA ALA I 352 -33.01 -16.94 38.26
C ALA I 352 -31.87 -17.04 39.27
N VAL I 353 -31.15 -15.94 39.42
CA VAL I 353 -29.88 -15.89 40.12
C VAL I 353 -30.03 -14.96 41.31
N CYS I 354 -29.89 -15.51 42.51
CA CYS I 354 -29.95 -14.71 43.73
C CYS I 354 -28.57 -14.58 44.36
N SER I 355 -28.44 -13.61 45.25
CA SER I 355 -27.12 -13.12 45.63
C SER I 355 -26.47 -13.90 46.75
N VAL I 356 -27.02 -13.87 47.95
CA VAL I 356 -26.17 -14.23 49.08
C VAL I 356 -26.26 -15.74 49.31
N PRO I 357 -25.22 -16.37 49.82
CA PRO I 357 -25.27 -17.79 50.06
C PRO I 357 -26.00 -18.11 51.34
N PRO I 358 -26.40 -19.37 51.57
CA PRO I 358 -26.88 -19.77 52.91
C PRO I 358 -25.75 -19.97 53.90
N LYS I 359 -26.13 -20.51 55.05
CA LYS I 359 -25.19 -20.76 56.13
C LYS I 359 -24.20 -21.86 55.76
N ASP I 360 -22.91 -21.49 55.75
CA ASP I 360 -21.77 -22.40 55.60
C ASP I 360 -21.76 -23.14 54.26
N LEU I 361 -22.39 -22.59 53.23
CA LEU I 361 -22.36 -23.23 51.92
C LEU I 361 -22.17 -22.13 50.89
N LYS I 362 -21.23 -22.32 49.97
CA LYS I 362 -20.89 -21.24 49.05
C LYS I 362 -21.92 -21.04 47.95
N MET I 363 -22.66 -22.07 47.59
CA MET I 363 -23.72 -21.94 46.63
C MET I 363 -24.93 -22.70 47.13
N SER I 364 -26.07 -22.41 46.52
CA SER I 364 -27.27 -23.21 46.76
C SER I 364 -28.24 -23.02 45.60
N ALA I 365 -28.97 -24.09 45.31
CA ALA I 365 -29.93 -24.07 44.23
C ALA I 365 -31.21 -24.76 44.69
N THR I 366 -32.33 -24.35 44.09
CA THR I 366 -33.64 -24.88 44.40
C THR I 366 -34.29 -25.36 43.10
N PHE I 367 -34.83 -26.57 43.13
CA PHE I 367 -35.26 -27.22 41.91
C PHE I 367 -36.76 -27.05 41.69
N ILE I 368 -37.12 -26.56 40.52
CA ILE I 368 -38.48 -26.62 40.04
C ILE I 368 -38.46 -27.24 38.66
N GLY I 369 -39.02 -28.43 38.55
CA GLY I 369 -39.20 -29.07 37.27
C GLY I 369 -40.59 -29.66 37.18
N ASN I 370 -41.19 -29.61 36.00
CA ASN I 370 -42.55 -30.08 35.79
C ASN I 370 -42.53 -31.47 35.16
N SER I 371 -43.65 -32.17 35.28
CA SER I 371 -43.66 -33.55 34.82
C SER I 371 -44.98 -33.89 34.17
N THR I 372 -44.92 -34.96 33.40
CA THR I 372 -46.13 -35.66 33.02
C THR I 372 -46.46 -36.77 33.99
N SER I 373 -45.47 -37.34 34.64
CA SER I 373 -45.65 -38.51 35.49
C SER I 373 -46.10 -38.16 36.88
N ILE I 374 -46.72 -37.00 37.10
CA ILE I 374 -47.37 -36.81 38.38
C ILE I 374 -48.71 -37.55 38.41
N GLN I 375 -49.20 -37.99 37.25
CA GLN I 375 -50.28 -38.97 37.21
C GLN I 375 -49.90 -40.29 37.88
N GLU I 376 -48.60 -40.59 37.95
CA GLU I 376 -48.14 -41.80 38.64
C GLU I 376 -48.42 -41.74 40.13
N ILE I 377 -48.60 -40.55 40.68
CA ILE I 377 -49.26 -40.44 41.97
C ILE I 377 -50.70 -40.88 41.84
N PHE I 378 -51.45 -40.25 40.96
CA PHE I 378 -52.89 -40.33 41.05
C PHE I 378 -53.43 -41.64 40.49
N ARG I 379 -52.74 -42.24 39.54
CA ARG I 379 -53.08 -43.61 39.16
C ARG I 379 -52.81 -44.55 40.31
N ARG I 380 -51.70 -44.34 41.01
CA ARG I 380 -51.46 -45.09 42.23
C ARG I 380 -52.46 -44.70 43.31
N LEU I 381 -52.97 -43.46 43.26
CA LEU I 381 -54.06 -43.11 44.15
C LEU I 381 -55.37 -43.71 43.71
N GLY I 382 -55.67 -43.66 42.42
CA GLY I 382 -57.03 -43.89 41.96
C GLY I 382 -57.49 -45.33 42.15
N ASP I 383 -56.62 -46.28 41.85
CA ASP I 383 -56.98 -47.66 42.13
C ASP I 383 -56.80 -48.00 43.59
N GLN I 384 -55.98 -47.24 44.32
CA GLN I 384 -56.01 -47.29 45.78
C GLN I 384 -57.28 -46.66 46.30
N PHE I 385 -57.86 -45.71 45.56
CA PHE I 385 -59.12 -45.13 45.97
C PHE I 385 -60.29 -46.04 45.66
N SER I 386 -60.43 -46.45 44.40
CA SER I 386 -61.66 -47.09 43.94
C SER I 386 -61.83 -48.48 44.53
N ALA I 387 -60.72 -49.16 44.85
CA ALA I 387 -60.83 -50.48 45.46
C ALA I 387 -61.37 -50.40 46.87
N MET I 388 -61.22 -49.25 47.51
CA MET I 388 -61.87 -49.02 48.78
C MET I 388 -63.20 -48.32 48.61
N PHE I 389 -63.76 -48.35 47.41
CA PHE I 389 -65.13 -47.93 47.20
C PHE I 389 -66.05 -49.08 46.85
N ARG I 390 -65.47 -50.20 46.38
CA ARG I 390 -66.24 -51.34 45.85
C ARG I 390 -67.17 -51.92 46.90
N ARG I 391 -66.71 -52.01 48.13
CA ARG I 391 -67.54 -52.47 49.23
C ARG I 391 -68.01 -51.31 50.10
N LYS I 392 -67.84 -50.08 49.61
CA LYS I 392 -68.09 -48.85 50.37
C LYS I 392 -67.35 -48.89 51.70
N ALA I 393 -66.03 -48.96 51.60
CA ALA I 393 -65.19 -49.15 52.76
C ALA I 393 -65.20 -47.91 53.63
N PHE I 394 -65.58 -48.10 54.90
CA PHE I 394 -65.54 -47.09 55.94
C PHE I 394 -66.46 -45.93 55.61
N LEU I 395 -67.51 -46.23 54.86
CA LEU I 395 -68.38 -45.21 54.31
C LEU I 395 -69.22 -44.54 55.38
N HIS I 396 -69.52 -45.23 56.49
CA HIS I 396 -70.40 -44.61 57.46
C HIS I 396 -69.69 -43.60 58.33
N TRP I 397 -68.37 -43.56 58.31
CA TRP I 397 -67.70 -42.46 58.96
C TRP I 397 -67.64 -41.21 58.11
N TYR I 398 -68.28 -41.20 56.95
CA TYR I 398 -68.46 -39.97 56.21
C TYR I 398 -69.92 -39.60 56.01
N THR I 399 -70.74 -40.52 55.52
CA THR I 399 -72.16 -40.26 55.39
C THR I 399 -72.85 -40.21 56.73
N GLY I 400 -72.22 -40.72 57.78
CA GLY I 400 -72.68 -40.43 59.12
C GLY I 400 -72.26 -39.08 59.64
N GLU I 401 -71.95 -38.12 58.76
CA GLU I 401 -71.51 -36.82 59.20
C GLU I 401 -72.08 -35.69 58.34
N GLY I 402 -72.60 -35.99 57.15
CA GLY I 402 -73.36 -35.01 56.38
C GLY I 402 -73.11 -34.88 54.89
N MET I 403 -72.35 -35.79 54.29
CA MET I 403 -71.99 -35.68 52.88
C MET I 403 -72.58 -36.85 52.10
N ASP I 404 -73.14 -36.55 50.94
CA ASP I 404 -73.70 -37.56 50.05
C ASP I 404 -72.62 -38.41 49.43
N GLU I 405 -72.91 -39.70 49.30
CA GLU I 405 -71.92 -40.65 48.79
C GLU I 405 -71.57 -40.39 47.33
N MET I 406 -72.50 -39.86 46.54
CA MET I 406 -72.18 -39.64 45.14
C MET I 406 -71.34 -38.38 44.96
N GLU I 407 -71.35 -37.50 45.95
CA GLU I 407 -70.39 -36.40 45.98
C GLU I 407 -68.97 -36.93 46.11
N PHE I 408 -68.80 -38.05 46.80
CA PHE I 408 -67.50 -38.70 46.85
C PHE I 408 -67.14 -39.32 45.51
N THR I 409 -68.13 -39.73 44.73
CA THR I 409 -67.82 -40.32 43.43
C THR I 409 -67.34 -39.28 42.44
N GLU I 410 -67.72 -38.02 42.67
CA GLU I 410 -67.39 -36.97 41.73
C GLU I 410 -65.89 -36.71 41.69
N ALA I 411 -65.25 -36.77 42.85
CA ALA I 411 -63.83 -36.48 42.94
C ALA I 411 -62.97 -37.52 42.22
N GLU I 412 -63.51 -38.72 41.99
CA GLU I 412 -62.82 -39.70 41.16
C GLU I 412 -62.62 -39.18 39.75
N SER I 413 -63.70 -38.70 39.14
CA SER I 413 -63.60 -38.13 37.81
C SER I 413 -62.78 -36.85 37.84
N ASN I 414 -62.82 -36.11 38.94
CA ASN I 414 -61.93 -34.97 39.12
C ASN I 414 -60.48 -35.41 39.08
N MET I 415 -60.18 -36.54 39.70
CA MET I 415 -58.84 -37.09 39.53
C MET I 415 -58.65 -37.57 38.11
N ASN I 416 -59.67 -38.22 37.54
CA ASN I 416 -59.56 -38.71 36.17
C ASN I 416 -59.57 -37.60 35.15
N ASP I 417 -60.14 -36.43 35.48
CA ASP I 417 -60.01 -35.29 34.58
C ASP I 417 -58.58 -34.78 34.53
N LEU I 418 -57.85 -34.91 35.63
CA LEU I 418 -56.46 -34.51 35.62
C LEU I 418 -55.65 -35.45 34.76
N VAL I 419 -55.83 -36.75 34.99
CA VAL I 419 -54.98 -37.75 34.37
C VAL I 419 -55.21 -37.78 32.86
N SER I 420 -56.43 -37.48 32.44
CA SER I 420 -56.82 -37.45 31.03
C SER I 420 -55.99 -36.47 30.22
N GLU I 421 -55.55 -35.39 30.84
CA GLU I 421 -54.67 -34.47 30.13
C GLU I 421 -53.24 -34.98 30.17
N TYR I 422 -52.78 -35.40 31.33
CA TYR I 422 -51.44 -35.97 31.45
C TYR I 422 -51.32 -37.32 30.77
N GLN I 423 -52.44 -37.96 30.41
CA GLN I 423 -52.38 -39.04 29.44
C GLN I 423 -51.85 -38.54 28.10
N GLN I 424 -52.27 -37.35 27.69
CA GLN I 424 -51.92 -36.87 26.37
C GLN I 424 -50.45 -36.49 26.32
N TYR I 425 -50.04 -35.55 27.15
CA TYR I 425 -48.72 -34.95 26.99
C TYR I 425 -47.60 -35.83 27.49
N GLN I 426 -47.90 -37.02 28.01
CA GLN I 426 -46.88 -38.05 28.12
C GLN I 426 -46.36 -38.42 26.74
N GLU I 427 -47.25 -38.71 25.79
CA GLU I 427 -46.87 -39.05 24.42
C GLU I 427 -47.91 -38.46 23.45
N ALA I 428 -47.67 -37.25 22.98
CA ALA I 428 -48.50 -36.64 21.94
C ALA I 428 -47.68 -35.55 21.26
N GLY I 429 -48.35 -34.77 20.43
CA GLY I 429 -47.74 -33.61 19.79
C GLY I 429 -46.78 -33.88 18.65
#